data_6ABU
#
_entry.id   6ABU
#
_cell.length_a   98.353
_cell.length_b   137.663
_cell.length_c   221.969
_cell.angle_alpha   90.00
_cell.angle_beta   90.00
_cell.angle_gamma   90.00
#
_symmetry.space_group_name_H-M   'P 21 21 21'
#
loop_
_entity.id
_entity.type
_entity.pdbx_description
1 polymer 'Xanthine dehydrogenase/oxidase'
2 non-polymer NICOTINAMIDE-ADENINE-DINUCLEOTIDE
3 non-polymer 'URIC ACID'
4 non-polymer 'BICARBONATE ION'
5 non-polymer 'FE2/S2 (INORGANIC) CLUSTER'
6 non-polymer 'FLAVIN-ADENINE DINUCLEOTIDE'
7 water water
#
_entity_poly.entity_id   1
_entity_poly.type   'polypeptide(L)'
_entity_poly.pdbx_seq_one_letter_code
;MTADELVFFVNGKKVVEKNADPETTLLVYLRRKLGLCGTKLGCGEGGCGACTVMISKYDRLQNKIVHFSVNACLAPICSL
HHVAVTTVEGIGNTQKLHPVQERIARSHGSQCGFCTPGIVMSMYTLLRNQPEPTVEEIENAFQGNLCRCTGYRPILQGFR
TFAKDGGCCGGSGNNPNCCMNQTKDQTVSLSPSLFNPEDFKPLDPTQEPIFPPELLRLKDTPQKKLRFEGERVTWIQAST
MEELLDLKAQHPDAKLVVGNTEIGIEMKFKNMLFPLIVCPAWIPELNSVVHGPEGISFGASCPLSLVESVLAEEIAKLPE
QKTEVFRGVMEQLRWFAGKQVKSVASIGGNIITASPISDLNPVFMASGAKLTLVSRGTRRTVRMDHTFFPGYRKTLLRPE
EILLSIEIPYSKEGEFFSAFKQASRREDDIAKVTSGMRVLFKPGTIEVQELSLCFGGMADRTISALKTTPKQLSKSWNEE
LLQSVCAGLAEELQLAPDAPGGMVEFRRTLTLSFFFKFYLTVLQKLGRADLEDMCGKLDPTFASATLLFQKDPPANVQLF
QEVPKDQSEEDMVGRPLPHLAANMQASGEAVYCDDIPRYENELSLRLVTSTRAHAKITSIDTSEAKKVPGFVCFLTAEDV
PNSNATGLFNDETVFAKDEVTCVGHIIGAVVADTPEHAQRAARGVKITYEDLPAIITIQDAINNNSFYGSEIKIEKGDLK
KGFSEADNVVSGELYIGGQEHFYLETNCTIAVPKGEAGEMELFVSTQNTMKTQSFVAKMLGVPDNRIVVRVKRMGGGFGG
KETRSTVVSTALALAAHKTGRPVRCMLDRDEDMLITGGRHPFLAKYKVGFMKTGTVVALEVAHFSNGGNTEDLSRSIMER
ALFHMDNAYKIPNIRGTGRICKTNLPSNTAFRGFGGPQGMLIAEYWMSEVAITCGLPAEEVRRKNMYKEGDLTHFNQKLE
GFTLPRCWDECIASSQYLARKREVEKFNRENCWKKRGLCIIPTKFGISFTLPFLNQGGALVHVYTDGSVLLTHGGTEMGQ
GLHTKMVQVASRALKIPTSKIHISETSTNTVPNTSPTAASASADLNGQGVYEACQTILKRLEPFKKKKPTGPWEAWVMDA
YTSAVSLSATGFYKTPNLGYSFETNSGNPFHYFSYGVACSEVEIDCLTGDHKNLRTDIVMDVGSSLNPAIDIGQVEGAFV
QGLGLFTMEELHYSPEGSLHTRGPSTYKIPAFGSIPIEFRVSLLRDCPNKRAIYASKAVGEPPLFLASSIFFAIKDAIRA
ARAQHGDNAKQLFQLDSPATPEKIRNACVDQFTTLCVTGVPENCKSWSVRI
;
_entity_poly.pdbx_strand_id   A,B
#
loop_
_chem_comp.id
_chem_comp.type
_chem_comp.name
_chem_comp.formula
BCT non-polymer 'BICARBONATE ION' 'C H O3 -1'
FAD non-polymer 'FLAVIN-ADENINE DINUCLEOTIDE' 'C27 H33 N9 O15 P2'
FES non-polymer 'FE2/S2 (INORGANIC) CLUSTER' 'Fe2 S2'
NAD non-polymer NICOTINAMIDE-ADENINE-DINUCLEOTIDE 'C21 H27 N7 O14 P2'
URC non-polymer 'URIC ACID' 'C5 H4 N4 O3'
#
# COMPACT_ATOMS: atom_id res chain seq x y z
N ALA A 3 -27.00 -6.42 31.25
CA ALA A 3 -26.54 -5.76 29.97
C ALA A 3 -25.40 -6.58 29.33
N ASP A 4 -24.96 -6.07 28.17
CA ASP A 4 -23.98 -6.72 27.33
C ASP A 4 -23.27 -5.74 26.36
N GLU A 5 -23.54 -4.41 26.39
CA GLU A 5 -22.60 -3.41 25.77
C GLU A 5 -21.38 -3.20 26.67
N LEU A 6 -20.17 -3.22 26.08
CA LEU A 6 -18.92 -2.92 26.80
C LEU A 6 -18.54 -1.48 26.48
N VAL A 7 -18.35 -0.66 27.53
CA VAL A 7 -18.17 0.77 27.39
C VAL A 7 -16.95 1.20 28.20
N PHE A 8 -15.95 1.75 27.47
CA PHE A 8 -14.75 2.27 28.07
C PHE A 8 -14.24 3.42 27.21
N PHE A 9 -13.18 4.05 27.67
CA PHE A 9 -12.58 5.19 26.99
C PHE A 9 -11.14 4.84 26.61
N VAL A 10 -10.73 5.35 25.44
CA VAL A 10 -9.35 5.27 24.96
C VAL A 10 -8.90 6.67 24.54
N ASN A 11 -7.88 7.17 25.24
CA ASN A 11 -7.34 8.50 25.01
C ASN A 11 -8.50 9.51 24.97
N GLY A 12 -9.46 9.35 25.88
CA GLY A 12 -10.48 10.36 26.09
C GLY A 12 -11.72 10.15 25.22
N LYS A 13 -11.64 9.22 24.26
CA LYS A 13 -12.69 8.94 23.28
C LYS A 13 -13.48 7.71 23.77
N LYS A 14 -14.81 7.83 23.81
CA LYS A 14 -15.65 6.75 24.27
C LYS A 14 -15.67 5.63 23.23
N VAL A 15 -15.54 4.40 23.70
CA VAL A 15 -15.68 3.17 22.91
C VAL A 15 -16.93 2.42 23.41
N VAL A 16 -17.83 2.08 22.48
CA VAL A 16 -18.99 1.29 22.77
C VAL A 16 -18.91 0.05 21.90
N GLU A 17 -18.65 -1.09 22.54
CA GLU A 17 -18.43 -2.30 21.83
C GLU A 17 -19.62 -3.21 22.10
N LYS A 18 -20.43 -3.44 21.06
CA LYS A 18 -21.76 -4.06 21.18
C LYS A 18 -21.68 -5.59 21.18
N ASN A 19 -20.58 -6.14 20.68
CA ASN A 19 -20.39 -7.57 20.69
C ASN A 19 -18.96 -7.92 21.15
N ALA A 20 -18.63 -7.54 22.39
CA ALA A 20 -17.30 -7.85 22.89
C ALA A 20 -17.10 -9.37 22.96
N ASP A 21 -15.97 -9.85 22.43
CA ASP A 21 -15.54 -11.23 22.60
C ASP A 21 -14.61 -11.36 23.80
N PRO A 22 -14.89 -12.22 24.79
CA PRO A 22 -13.99 -12.37 25.94
C PRO A 22 -12.53 -12.74 25.65
N GLU A 23 -12.25 -13.28 24.47
CA GLU A 23 -10.91 -13.66 24.05
C GLU A 23 -10.12 -12.47 23.45
N THR A 24 -10.77 -11.32 23.23
CA THR A 24 -10.13 -10.16 22.67
C THR A 24 -9.31 -9.47 23.77
N THR A 25 -8.00 -9.33 23.53
CA THR A 25 -7.14 -8.56 24.41
C THR A 25 -7.20 -7.07 24.05
N LEU A 26 -6.89 -6.22 25.02
CA LEU A 26 -6.78 -4.80 24.77
C LEU A 26 -5.74 -4.48 23.67
N LEU A 27 -4.62 -5.20 23.61
CA LEU A 27 -3.61 -4.91 22.63
C LEU A 27 -4.20 -5.09 21.22
N VAL A 28 -4.91 -6.20 21.01
CA VAL A 28 -5.53 -6.47 19.71
C VAL A 28 -6.58 -5.41 19.40
N TYR A 29 -7.33 -4.97 20.42
CA TYR A 29 -8.41 -4.03 20.21
C TYR A 29 -7.86 -2.65 19.79
N LEU A 30 -6.85 -2.19 20.54
CA LEU A 30 -6.17 -0.96 20.24
C LEU A 30 -5.63 -1.00 18.81
N ARG A 31 -4.94 -2.09 18.45
CA ARG A 31 -4.16 -2.06 17.23
C ARG A 31 -5.10 -2.26 16.05
N ARG A 32 -5.91 -3.32 16.14
CA ARG A 32 -6.67 -3.81 14.99
C ARG A 32 -8.03 -3.12 14.88
N LYS A 33 -8.71 -2.82 15.98
CA LYS A 33 -10.04 -2.19 15.91
C LYS A 33 -9.90 -0.66 15.83
N LEU A 34 -9.04 -0.08 16.66
CA LEU A 34 -8.95 1.37 16.73
C LEU A 34 -7.79 1.91 15.88
N GLY A 35 -6.91 1.05 15.39
CA GLY A 35 -5.78 1.53 14.56
C GLY A 35 -4.67 2.25 15.33
N LEU A 36 -4.65 2.14 16.66
CA LEU A 36 -3.61 2.81 17.45
C LEU A 36 -2.43 1.84 17.66
N CYS A 37 -1.41 1.96 16.81
CA CYS A 37 -0.35 0.99 16.72
C CYS A 37 0.93 1.41 17.48
N GLY A 38 0.85 2.46 18.31
CA GLY A 38 2.03 2.82 19.14
C GLY A 38 2.33 1.71 20.13
N THR A 39 1.26 1.10 20.66
CA THR A 39 1.35 -0.02 21.62
C THR A 39 1.74 -1.27 20.84
N LYS A 40 2.81 -1.98 21.28
CA LYS A 40 3.47 -3.03 20.49
C LYS A 40 3.26 -4.41 21.12
N LEU A 41 3.29 -5.45 20.26
CA LEU A 41 3.44 -6.80 20.65
C LEU A 41 4.92 -7.19 20.60
N GLY A 42 5.43 -7.59 21.76
CA GLY A 42 6.77 -8.05 21.95
C GLY A 42 6.89 -9.51 22.37
N CYS A 43 5.85 -10.08 22.98
CA CYS A 43 5.95 -11.43 23.57
C CYS A 43 4.60 -12.11 23.84
N GLY A 44 3.55 -11.36 24.17
CA GLY A 44 2.24 -11.98 24.51
C GLY A 44 2.17 -12.67 25.87
N GLU A 45 3.22 -12.61 26.70
CA GLU A 45 3.26 -13.36 27.95
C GLU A 45 3.66 -12.49 29.17
N GLY A 46 3.62 -11.17 29.02
CA GLY A 46 3.72 -10.24 30.15
C GLY A 46 5.16 -9.91 30.54
N GLY A 47 6.16 -10.43 29.83
CA GLY A 47 7.57 -10.27 30.28
C GLY A 47 8.32 -9.10 29.67
N CYS A 48 7.81 -8.43 28.63
CA CYS A 48 8.64 -7.43 27.91
C CYS A 48 8.18 -5.99 28.12
N GLY A 49 6.91 -5.77 28.45
CA GLY A 49 6.30 -4.42 28.62
C GLY A 49 6.15 -3.57 27.36
N ALA A 50 6.43 -4.13 26.17
CA ALA A 50 6.28 -3.35 24.92
C ALA A 50 4.82 -2.89 24.73
N CYS A 51 3.87 -3.63 25.33
CA CYS A 51 2.42 -3.36 25.25
C CYS A 51 1.90 -2.54 26.44
N THR A 52 2.79 -1.90 27.22
CA THR A 52 2.34 -1.19 28.41
C THR A 52 1.42 -0.03 28.05
N VAL A 53 0.29 0.06 28.76
CA VAL A 53 -0.59 1.24 28.71
C VAL A 53 -1.02 1.61 30.13
N MET A 54 -1.60 2.79 30.31
CA MET A 54 -2.08 3.22 31.60
C MET A 54 -3.60 3.04 31.60
N ILE A 55 -4.10 2.61 32.76
CA ILE A 55 -5.53 2.54 33.07
C ILE A 55 -5.84 3.59 34.15
N SER A 56 -6.92 4.36 33.96
CA SER A 56 -7.51 5.18 35.02
C SER A 56 -8.94 4.71 35.31
N LYS A 57 -9.35 4.78 36.57
CA LYS A 57 -10.73 4.56 36.95
C LYS A 57 -11.07 5.30 38.26
N TYR A 58 -12.38 5.46 38.47
CA TYR A 58 -12.84 5.87 39.77
C TYR A 58 -12.87 4.64 40.66
N ASP A 59 -12.07 4.62 41.72
CA ASP A 59 -12.06 3.48 42.65
C ASP A 59 -13.12 3.75 43.72
N ARG A 60 -14.22 3.00 43.66
CA ARG A 60 -15.41 3.16 44.53
C ARG A 60 -15.04 2.90 46.01
N LEU A 61 -14.11 1.96 46.25
CA LEU A 61 -13.71 1.55 47.62
C LEU A 61 -12.82 2.64 48.26
N GLN A 62 -11.86 3.19 47.51
CA GLN A 62 -10.96 4.25 48.02
C GLN A 62 -11.54 5.66 47.75
N ASN A 63 -12.61 5.72 46.96
CA ASN A 63 -13.31 6.97 46.62
C ASN A 63 -12.37 8.04 46.05
N LYS A 64 -11.68 7.71 44.94
CA LYS A 64 -10.79 8.66 44.24
C LYS A 64 -10.43 8.11 42.84
N ILE A 65 -9.98 8.99 41.94
CA ILE A 65 -9.43 8.56 40.65
C ILE A 65 -8.05 7.91 40.88
N VAL A 66 -7.83 6.70 40.34
CA VAL A 66 -6.55 6.06 40.40
C VAL A 66 -6.02 5.83 38.98
N HIS A 67 -4.70 5.64 38.91
CA HIS A 67 -3.93 5.33 37.69
C HIS A 67 -2.95 4.18 37.94
N PHE A 68 -2.95 3.16 37.06
CA PHE A 68 -1.94 2.12 37.09
C PHE A 68 -1.64 1.64 35.67
N SER A 69 -0.51 0.96 35.52
CA SER A 69 -0.06 0.43 34.25
C SER A 69 -0.44 -1.05 34.12
N VAL A 70 -0.78 -1.48 32.90
CA VAL A 70 -1.07 -2.90 32.62
C VAL A 70 -0.36 -3.32 31.36
N ASN A 71 -0.20 -4.63 31.20
CA ASN A 71 0.17 -5.24 29.94
C ASN A 71 -1.09 -5.40 29.08
N ALA A 72 -1.19 -4.62 28.00
CA ALA A 72 -2.35 -4.73 27.09
C ALA A 72 -2.44 -6.13 26.44
N CYS A 73 -1.32 -6.85 26.32
CA CYS A 73 -1.32 -8.20 25.73
C CYS A 73 -2.11 -9.19 26.61
N LEU A 74 -2.24 -8.90 27.92
CA LEU A 74 -2.92 -9.82 28.79
C LEU A 74 -4.24 -9.27 29.35
N ALA A 75 -4.64 -8.05 29.01
CA ALA A 75 -5.83 -7.50 29.61
C ALA A 75 -7.04 -7.84 28.73
N PRO A 76 -8.03 -8.62 29.20
CA PRO A 76 -9.23 -8.86 28.41
C PRO A 76 -10.03 -7.54 28.37
N ILE A 77 -10.50 -7.12 27.18
CA ILE A 77 -11.32 -5.91 27.09
C ILE A 77 -12.57 -6.06 27.96
N CYS A 78 -13.08 -7.29 28.14
CA CYS A 78 -14.25 -7.54 28.97
C CYS A 78 -14.01 -7.27 30.46
N SER A 79 -12.75 -7.06 30.89
CA SER A 79 -12.41 -6.70 32.23
C SER A 79 -12.39 -5.18 32.40
N LEU A 80 -12.59 -4.42 31.32
CA LEU A 80 -12.25 -3.00 31.29
C LEU A 80 -13.50 -2.10 31.25
N HIS A 81 -14.69 -2.61 31.60
CA HIS A 81 -15.90 -1.81 31.53
C HIS A 81 -15.76 -0.63 32.48
N HIS A 82 -16.00 0.57 31.95
CA HIS A 82 -15.99 1.82 32.66
C HIS A 82 -14.61 2.16 33.22
N VAL A 83 -13.53 1.85 32.46
CA VAL A 83 -12.19 2.44 32.73
C VAL A 83 -11.78 3.33 31.55
N ALA A 84 -10.71 4.10 31.76
CA ALA A 84 -10.16 4.97 30.80
C ALA A 84 -8.73 4.53 30.51
N VAL A 85 -8.50 4.08 29.27
CA VAL A 85 -7.17 3.68 28.79
C VAL A 85 -6.43 4.90 28.22
N THR A 86 -5.16 5.03 28.58
CA THR A 86 -4.25 5.95 27.90
C THR A 86 -3.09 5.18 27.26
N THR A 87 -2.84 5.43 25.96
CA THR A 87 -1.73 4.83 25.20
C THR A 87 -0.69 5.91 25.00
N VAL A 88 0.42 5.56 24.39
CA VAL A 88 1.48 6.52 24.04
C VAL A 88 0.90 7.65 23.20
N GLU A 89 -0.08 7.36 22.32
CA GLU A 89 -0.71 8.42 21.49
C GLU A 89 -1.51 9.44 22.35
N GLY A 90 -1.96 9.04 23.52
CA GLY A 90 -2.81 9.84 24.39
C GLY A 90 -2.03 10.87 25.19
N ILE A 91 -0.71 10.76 25.29
CA ILE A 91 0.05 11.69 26.14
C ILE A 91 0.74 12.78 25.31
N GLY A 92 0.89 12.58 23.99
CA GLY A 92 1.65 13.50 23.17
C GLY A 92 2.01 12.95 21.79
N ASN A 93 2.53 13.84 20.94
CA ASN A 93 2.91 13.49 19.59
C ASN A 93 4.07 14.39 19.16
N THR A 94 4.59 14.20 17.95
CA THR A 94 5.76 14.99 17.50
C THR A 94 5.43 16.49 17.41
N GLN A 95 4.15 16.85 17.28
CA GLN A 95 3.70 18.26 17.28
C GLN A 95 3.75 18.86 18.71
N LYS A 96 3.58 18.02 19.72
CA LYS A 96 3.63 18.42 21.11
C LYS A 96 3.95 17.21 21.96
N LEU A 97 5.26 16.99 22.16
CA LEU A 97 5.73 15.85 22.88
C LEU A 97 5.49 16.02 24.40
N HIS A 98 5.03 14.97 25.06
CA HIS A 98 5.05 14.94 26.51
C HIS A 98 6.49 14.98 27.00
N PRO A 99 6.80 15.64 28.13
CA PRO A 99 8.15 15.60 28.65
C PRO A 99 8.80 14.21 28.67
N VAL A 100 8.03 13.15 28.96
CA VAL A 100 8.61 11.81 29.04
C VAL A 100 9.16 11.39 27.66
N GLN A 101 8.37 11.70 26.64
CA GLN A 101 8.73 11.40 25.24
C GLN A 101 9.95 12.21 24.83
N GLU A 102 9.94 13.52 25.16
CA GLU A 102 11.03 14.40 24.80
C GLU A 102 12.36 13.91 25.38
N ARG A 103 12.34 13.54 26.66
CA ARG A 103 13.58 13.28 27.38
C ARG A 103 14.16 11.93 26.94
N ILE A 104 13.31 10.92 26.72
CA ILE A 104 13.88 9.61 26.29
C ILE A 104 14.48 9.76 24.89
N ALA A 105 13.87 10.57 24.03
CA ALA A 105 14.36 10.77 22.65
C ALA A 105 15.67 11.53 22.69
N ARG A 106 15.66 12.67 23.40
CA ARG A 106 16.83 13.58 23.37
C ARG A 106 18.02 12.99 24.10
N SER A 107 17.78 12.12 25.07
CA SER A 107 18.85 11.53 25.85
C SER A 107 19.46 10.28 25.17
N HIS A 108 19.02 9.90 23.96
CA HIS A 108 19.57 8.73 23.21
C HIS A 108 19.09 7.42 23.83
N GLY A 109 17.86 7.46 24.37
CA GLY A 109 17.26 6.31 25.05
C GLY A 109 16.41 5.45 24.13
N SER A 110 16.30 5.85 22.86
CA SER A 110 15.54 5.18 21.84
C SER A 110 16.48 4.90 20.65
N GLN A 111 16.77 3.63 20.41
CA GLN A 111 17.58 3.23 19.27
C GLN A 111 16.62 2.62 18.25
N CYS A 112 16.29 1.31 18.37
CA CYS A 112 15.35 0.67 17.40
C CYS A 112 13.92 1.20 17.59
N GLY A 113 13.58 1.60 18.81
CA GLY A 113 12.37 2.34 19.10
C GLY A 113 11.18 1.47 19.46
N PHE A 114 11.31 0.15 19.33
CA PHE A 114 10.18 -0.75 19.47
C PHE A 114 9.75 -0.84 20.94
N CYS A 115 10.69 -0.69 21.88
CA CYS A 115 10.36 -0.75 23.28
C CYS A 115 9.99 0.63 23.83
N THR A 116 10.21 1.68 23.03
CA THR A 116 10.14 3.03 23.56
C THR A 116 8.73 3.36 24.05
N PRO A 117 7.64 3.10 23.33
CA PRO A 117 6.31 3.40 23.86
C PRO A 117 6.00 2.79 25.23
N GLY A 118 6.32 1.51 25.38
CA GLY A 118 6.10 0.77 26.64
C GLY A 118 6.80 1.44 27.83
N ILE A 119 8.04 1.83 27.60
CA ILE A 119 8.90 2.47 28.63
C ILE A 119 8.38 3.87 28.94
N VAL A 120 8.03 4.62 27.89
CA VAL A 120 7.36 5.85 28.03
C VAL A 120 6.14 5.69 28.95
N MET A 121 5.31 4.67 28.72
CA MET A 121 4.07 4.59 29.45
C MET A 121 4.33 4.16 30.92
N SER A 122 5.36 3.33 31.15
CA SER A 122 5.77 2.99 32.52
C SER A 122 6.20 4.27 33.27
N MET A 123 7.00 5.11 32.61
CA MET A 123 7.50 6.34 33.24
C MET A 123 6.36 7.34 33.44
N TYR A 124 5.47 7.43 32.43
CA TYR A 124 4.33 8.30 32.47
C TYR A 124 3.43 7.94 33.65
N THR A 125 3.14 6.66 33.82
CA THR A 125 2.27 6.20 34.89
C THR A 125 2.91 6.56 36.24
N LEU A 126 4.22 6.32 36.40
CA LEU A 126 4.90 6.63 37.64
C LEU A 126 4.70 8.11 37.98
N LEU A 127 4.85 9.00 36.98
CA LEU A 127 4.70 10.45 37.19
C LEU A 127 3.26 10.85 37.53
N ARG A 128 2.27 10.14 36.99
CA ARG A 128 0.89 10.46 37.32
C ARG A 128 0.60 10.10 38.78
N ASN A 129 1.33 9.15 39.34
CA ASN A 129 1.15 8.69 40.72
C ASN A 129 2.11 9.40 41.67
N GLN A 130 3.27 9.81 41.16
CA GLN A 130 4.33 10.39 41.99
C GLN A 130 5.10 11.40 41.15
N PRO A 131 4.71 12.69 41.18
CA PRO A 131 5.32 13.69 40.29
C PRO A 131 6.79 13.94 40.66
N GLU A 132 7.22 13.57 41.87
CA GLU A 132 8.61 13.72 42.25
C GLU A 132 9.15 12.38 42.73
N PRO A 133 9.39 11.44 41.80
CA PRO A 133 9.91 10.12 42.19
C PRO A 133 11.38 10.14 42.64
N THR A 134 11.80 9.08 43.34
CA THR A 134 13.21 8.81 43.58
C THR A 134 13.83 8.09 42.38
N VAL A 135 15.16 8.15 42.29
CA VAL A 135 15.91 7.35 41.33
C VAL A 135 15.49 5.87 41.45
N GLU A 136 15.33 5.39 42.68
CA GLU A 136 15.02 3.98 42.90
C GLU A 136 13.61 3.68 42.37
N GLU A 137 12.66 4.59 42.58
CA GLU A 137 11.28 4.39 42.10
C GLU A 137 11.27 4.38 40.56
N ILE A 138 12.12 5.20 39.95
CA ILE A 138 12.26 5.24 38.52
C ILE A 138 12.75 3.88 38.00
N GLU A 139 13.85 3.37 38.55
CA GLU A 139 14.34 2.08 38.08
C GLU A 139 13.25 1.01 38.29
N ASN A 140 12.55 1.09 39.42
CA ASN A 140 11.50 0.13 39.76
C ASN A 140 10.35 0.14 38.76
N ALA A 141 10.09 1.29 38.13
CA ALA A 141 9.00 1.43 37.16
C ALA A 141 9.21 0.50 35.97
N PHE A 142 10.46 0.08 35.71
CA PHE A 142 10.78 -0.66 34.51
C PHE A 142 11.16 -2.12 34.79
N GLN A 143 10.76 -2.69 35.94
CA GLN A 143 11.06 -4.13 36.21
C GLN A 143 10.44 -5.00 35.09
N GLY A 144 9.32 -4.55 34.53
CA GLY A 144 8.64 -5.28 33.52
C GLY A 144 8.83 -4.76 32.12
N ASN A 145 9.87 -3.93 31.88
CA ASN A 145 10.18 -3.45 30.54
C ASN A 145 11.58 -3.95 30.10
N LEU A 146 11.66 -4.51 28.90
CA LEU A 146 12.91 -4.94 28.29
C LEU A 146 13.28 -4.05 27.10
N CYS A 147 14.60 -3.80 26.96
CA CYS A 147 15.18 -3.16 25.81
C CYS A 147 16.41 -3.97 25.41
N ARG A 148 16.51 -4.28 24.11
CA ARG A 148 17.56 -5.14 23.62
C ARG A 148 18.72 -4.33 23.01
N CYS A 149 18.49 -3.03 22.75
CA CYS A 149 19.44 -2.19 21.98
C CYS A 149 20.28 -1.26 22.83
N THR A 150 19.67 -0.58 23.81
CA THR A 150 20.30 0.61 24.37
C THR A 150 21.34 0.29 25.46
N GLY A 151 21.23 -0.89 26.09
CA GLY A 151 21.97 -1.14 27.30
C GLY A 151 21.44 -0.36 28.50
N TYR A 152 20.25 0.23 28.38
CA TYR A 152 19.46 0.85 29.45
C TYR A 152 20.03 2.17 30.02
N ARG A 153 21.36 2.34 30.09
CA ARG A 153 22.01 3.47 30.73
C ARG A 153 21.35 4.79 30.32
N PRO A 154 21.22 5.13 29.01
CA PRO A 154 20.69 6.43 28.63
C PRO A 154 19.22 6.66 29.04
N ILE A 155 18.41 5.60 29.08
CA ILE A 155 17.02 5.76 29.49
C ILE A 155 16.96 6.29 30.93
N LEU A 156 17.70 5.62 31.83
CA LEU A 156 17.69 5.98 33.25
C LEU A 156 18.31 7.38 33.39
N GLN A 157 19.38 7.66 32.63
CA GLN A 157 20.10 8.91 32.76
C GLN A 157 19.19 10.07 32.33
N GLY A 158 18.41 9.86 31.27
CA GLY A 158 17.52 10.90 30.83
C GLY A 158 16.38 11.16 31.82
N PHE A 159 15.84 10.08 32.40
CA PHE A 159 14.70 10.13 33.27
C PHE A 159 15.13 10.53 34.70
N ARG A 160 16.43 10.42 35.01
CA ARG A 160 16.99 10.88 36.29
C ARG A 160 16.63 12.35 36.52
N THR A 161 16.38 13.09 35.44
CA THR A 161 16.08 14.51 35.51
C THR A 161 14.72 14.75 36.19
N PHE A 162 13.85 13.73 36.23
CA PHE A 162 12.57 13.84 36.93
C PHE A 162 12.73 13.57 38.43
N ALA A 163 13.86 13.01 38.85
CA ALA A 163 14.00 12.49 40.19
C ALA A 163 14.17 13.63 41.20
N LYS A 164 13.45 13.50 42.31
CA LYS A 164 13.57 14.33 43.50
C LYS A 164 15.02 14.33 43.97
N ASP A 165 15.65 13.14 44.03
CA ASP A 165 17.03 12.91 44.49
C ASP A 165 18.01 12.69 43.32
N GLY A 166 17.78 13.35 42.18
CA GLY A 166 18.67 13.32 41.02
C GLY A 166 19.77 12.27 41.13
N PRO A 192 32.52 17.85 26.64
CA PRO A 192 31.27 17.88 25.86
C PRO A 192 30.32 16.80 26.39
N SER A 193 29.00 17.02 26.27
CA SER A 193 28.01 16.08 26.82
C SER A 193 27.07 15.61 25.71
N LEU A 194 26.39 14.48 25.97
CA LEU A 194 25.61 13.79 24.93
C LEU A 194 24.26 14.49 24.74
N PHE A 195 23.77 15.17 25.78
CA PHE A 195 22.52 15.90 25.71
C PHE A 195 22.49 16.96 26.81
N ASN A 196 21.55 17.89 26.71
CA ASN A 196 21.50 19.06 27.58
C ASN A 196 20.17 19.03 28.33
N PRO A 197 20.12 18.51 29.57
CA PRO A 197 18.89 18.49 30.34
C PRO A 197 18.30 19.89 30.61
N GLU A 198 19.15 20.91 30.54
CA GLU A 198 18.71 22.28 30.78
C GLU A 198 17.66 22.70 29.74
N ASP A 199 17.67 22.09 28.55
CA ASP A 199 16.77 22.44 27.45
C ASP A 199 15.47 21.64 27.48
N PHE A 200 15.29 20.74 28.46
CA PHE A 200 14.08 19.93 28.60
C PHE A 200 12.95 20.80 29.14
N LYS A 201 11.79 20.72 28.50
CA LYS A 201 10.66 21.53 28.93
C LYS A 201 10.08 20.96 30.23
N PRO A 202 9.58 21.84 31.13
CA PRO A 202 9.12 21.41 32.44
C PRO A 202 7.79 20.67 32.33
N LEU A 203 7.51 19.87 33.35
CA LEU A 203 6.26 19.14 33.49
C LEU A 203 5.18 20.10 33.99
N ASP A 204 4.02 20.15 33.33
CA ASP A 204 2.84 20.82 33.91
C ASP A 204 1.71 19.80 34.03
N PRO A 205 1.49 19.17 35.20
CA PRO A 205 0.43 18.19 35.41
C PRO A 205 -1.03 18.66 35.20
N THR A 206 -1.28 19.97 35.19
CA THR A 206 -2.62 20.44 34.85
C THR A 206 -2.96 20.17 33.38
N GLN A 207 -1.95 19.87 32.56
CA GLN A 207 -2.13 19.72 31.12
C GLN A 207 -2.32 18.26 30.72
N GLU A 208 -2.38 17.35 31.70
CA GLU A 208 -2.67 15.92 31.40
C GLU A 208 -4.13 15.75 31.03
N PRO A 209 -4.53 14.67 30.31
CA PRO A 209 -5.92 14.47 29.92
C PRO A 209 -6.87 14.37 31.12
N ILE A 210 -8.02 15.06 31.00
CA ILE A 210 -9.15 14.97 31.90
C ILE A 210 -9.51 13.50 32.11
N PHE A 211 -9.86 13.14 33.35
CA PHE A 211 -10.56 11.91 33.59
C PHE A 211 -11.94 12.03 32.95
N PRO A 212 -12.36 11.15 32.00
CA PRO A 212 -13.67 11.27 31.35
C PRO A 212 -14.84 11.61 32.27
N PRO A 213 -15.46 12.80 32.12
CA PRO A 213 -16.52 13.20 33.05
C PRO A 213 -17.66 12.17 33.17
N GLU A 214 -17.97 11.51 32.06
CA GLU A 214 -19.01 10.51 32.05
C GLU A 214 -18.75 9.42 33.09
N LEU A 215 -17.48 9.02 33.29
CA LEU A 215 -17.18 7.94 34.20
C LEU A 215 -17.42 8.38 35.65
N LEU A 216 -17.16 9.67 35.93
CA LEU A 216 -17.44 10.29 37.23
C LEU A 216 -18.95 10.28 37.47
N ARG A 217 -19.74 10.58 36.44
CA ARG A 217 -21.21 10.55 36.51
C ARG A 217 -21.69 9.13 36.82
N LEU A 218 -21.14 8.14 36.08
CA LEU A 218 -21.53 6.75 36.18
C LEU A 218 -21.10 6.14 37.53
N LYS A 219 -20.13 6.75 38.20
CA LYS A 219 -19.65 6.25 39.49
C LYS A 219 -20.80 6.18 40.50
N ASP A 220 -21.89 6.92 40.25
CA ASP A 220 -23.02 7.04 41.19
C ASP A 220 -24.18 6.10 40.81
N THR A 221 -23.94 5.12 39.93
CA THR A 221 -24.92 4.08 39.62
C THR A 221 -24.44 2.74 40.18
N PRO A 222 -25.33 1.88 40.72
CA PRO A 222 -24.92 0.53 41.09
C PRO A 222 -24.33 -0.15 39.84
N GLN A 223 -23.29 -0.95 40.06
CA GLN A 223 -22.78 -1.84 39.04
C GLN A 223 -23.80 -2.97 38.88
N LYS A 224 -24.16 -3.31 37.64
CA LYS A 224 -24.94 -4.52 37.41
C LYS A 224 -24.07 -5.55 36.71
N LYS A 225 -24.47 -6.81 36.86
CA LYS A 225 -23.85 -7.93 36.27
C LYS A 225 -23.91 -7.79 34.74
N LEU A 226 -22.78 -8.02 34.07
CA LEU A 226 -22.69 -7.93 32.59
C LEU A 226 -22.39 -9.30 32.01
N ARG A 227 -22.85 -9.53 30.77
CA ARG A 227 -22.63 -10.78 30.10
C ARG A 227 -22.16 -10.50 28.69
N PHE A 228 -21.04 -11.13 28.33
CA PHE A 228 -20.40 -11.00 27.03
C PHE A 228 -20.28 -12.39 26.44
N GLU A 229 -20.59 -12.50 25.14
CA GLU A 229 -20.64 -13.74 24.43
C GLU A 229 -19.80 -13.63 23.16
N GLY A 230 -18.79 -14.48 23.07
CA GLY A 230 -17.88 -14.50 21.95
C GLY A 230 -18.09 -15.73 21.09
N GLU A 231 -17.13 -15.98 20.18
CA GLU A 231 -17.16 -17.16 19.33
C GLU A 231 -17.22 -18.42 20.20
N ARG A 232 -16.43 -18.45 21.28
CA ARG A 232 -16.21 -19.69 22.02
C ARG A 232 -16.39 -19.50 23.53
N VAL A 233 -16.44 -18.26 24.00
CA VAL A 233 -16.32 -18.00 25.40
C VAL A 233 -17.43 -17.06 25.89
N THR A 234 -18.02 -17.39 27.04
CA THR A 234 -18.90 -16.52 27.73
C THR A 234 -18.22 -15.96 28.98
N TRP A 235 -18.35 -14.65 29.17
CA TRP A 235 -17.74 -13.89 30.30
C TRP A 235 -18.83 -13.23 31.13
N ILE A 236 -18.87 -13.54 32.42
CA ILE A 236 -19.77 -12.89 33.35
C ILE A 236 -18.97 -12.00 34.29
N GLN A 237 -19.23 -10.69 34.23
CA GLN A 237 -18.71 -9.75 35.17
C GLN A 237 -19.70 -9.63 36.34
N ALA A 238 -19.38 -10.30 37.46
CA ALA A 238 -20.29 -10.41 38.60
C ALA A 238 -20.19 -9.15 39.46
N SER A 239 -21.34 -8.58 39.88
CA SER A 239 -21.38 -7.35 40.66
C SER A 239 -21.47 -7.62 42.17
N THR A 240 -21.94 -8.81 42.58
CA THR A 240 -22.10 -9.08 44.01
C THR A 240 -21.61 -10.48 44.32
N MET A 241 -21.21 -10.66 45.58
CA MET A 241 -20.86 -11.94 46.12
C MET A 241 -21.99 -12.96 45.88
N GLU A 242 -23.25 -12.53 46.07
CA GLU A 242 -24.38 -13.44 45.86
C GLU A 242 -24.35 -14.05 44.45
N GLU A 243 -24.20 -13.20 43.43
CA GLU A 243 -24.23 -13.63 42.01
C GLU A 243 -23.09 -14.61 41.72
N LEU A 244 -21.93 -14.37 42.35
CA LEU A 244 -20.76 -15.20 42.14
C LEU A 244 -21.00 -16.60 42.71
N LEU A 245 -21.45 -16.64 43.97
CA LEU A 245 -21.66 -17.90 44.70
C LEU A 245 -22.81 -18.70 44.05
N ASP A 246 -23.91 -18.02 43.71
CA ASP A 246 -25.02 -18.62 42.92
C ASP A 246 -24.47 -19.27 41.65
N LEU A 247 -23.69 -18.51 40.88
CA LEU A 247 -23.18 -18.98 39.61
C LEU A 247 -22.24 -20.18 39.84
N LYS A 248 -21.41 -20.10 40.86
CA LYS A 248 -20.46 -21.19 41.17
C LYS A 248 -21.21 -22.43 41.67
N ALA A 249 -22.31 -22.24 42.41
CA ALA A 249 -23.17 -23.37 42.86
C ALA A 249 -23.78 -24.09 41.64
N GLN A 250 -24.45 -23.34 40.77
CA GLN A 250 -25.17 -23.88 39.60
C GLN A 250 -24.22 -24.33 38.48
N HIS A 251 -23.03 -23.72 38.38
CA HIS A 251 -22.09 -24.03 37.31
C HIS A 251 -20.68 -24.03 37.87
N PRO A 252 -20.27 -25.06 38.66
CA PRO A 252 -18.95 -25.05 39.30
C PRO A 252 -17.82 -24.88 38.30
N ASP A 253 -18.12 -25.12 37.02
CA ASP A 253 -17.15 -25.11 35.93
C ASP A 253 -16.72 -23.68 35.57
N ALA A 254 -17.56 -22.69 35.86
CA ALA A 254 -17.24 -21.28 35.62
C ALA A 254 -15.84 -20.98 36.15
N LYS A 255 -14.96 -20.47 35.27
CA LYS A 255 -13.55 -20.22 35.59
C LYS A 255 -13.41 -18.78 36.11
N LEU A 256 -12.96 -18.62 37.36
CA LEU A 256 -12.74 -17.29 37.85
C LEU A 256 -11.56 -16.69 37.08
N VAL A 257 -11.71 -15.43 36.68
CA VAL A 257 -10.61 -14.62 36.17
C VAL A 257 -10.62 -13.28 36.90
N VAL A 258 -9.46 -12.89 37.44
CA VAL A 258 -9.26 -11.60 38.08
C VAL A 258 -8.26 -10.82 37.23
N GLY A 259 -6.96 -11.01 37.45
CA GLY A 259 -5.93 -10.28 36.66
C GLY A 259 -5.65 -10.91 35.29
N ASN A 260 -6.00 -12.19 35.10
CA ASN A 260 -5.82 -12.92 33.83
C ASN A 260 -4.32 -13.20 33.54
N THR A 261 -3.45 -12.98 34.51
CA THR A 261 -2.02 -13.07 34.27
C THR A 261 -1.55 -14.54 34.32
N GLU A 262 -2.43 -15.44 34.79
CA GLU A 262 -2.22 -16.91 34.63
C GLU A 262 -3.14 -17.48 33.52
N ILE A 263 -4.46 -17.26 33.65
CA ILE A 263 -5.47 -17.71 32.65
C ILE A 263 -5.08 -17.23 31.23
N GLY A 264 -4.61 -15.99 31.10
CA GLY A 264 -4.20 -15.49 29.80
C GLY A 264 -3.09 -16.31 29.18
N ILE A 265 -2.18 -16.83 30.04
CA ILE A 265 -1.06 -17.65 29.62
C ILE A 265 -1.57 -19.06 29.27
N GLU A 266 -2.41 -19.62 30.13
CA GLU A 266 -2.96 -20.96 29.94
C GLU A 266 -3.64 -21.00 28.57
N MET A 267 -4.39 -19.95 28.24
CA MET A 267 -5.20 -19.86 27.00
C MET A 267 -4.30 -19.73 25.77
N LYS A 268 -3.34 -18.80 25.82
CA LYS A 268 -2.50 -18.43 24.66
C LYS A 268 -1.41 -19.49 24.44
N PHE A 269 -0.84 -20.05 25.50
CA PHE A 269 0.35 -20.87 25.37
C PHE A 269 0.09 -22.36 25.61
N LYS A 270 -0.99 -22.73 26.30
CA LYS A 270 -1.23 -24.15 26.59
C LYS A 270 -2.57 -24.57 25.97
N ASN A 271 -3.12 -23.73 25.10
CA ASN A 271 -4.28 -24.06 24.25
C ASN A 271 -5.48 -24.52 25.09
N MET A 272 -5.63 -23.98 26.30
CA MET A 272 -6.73 -24.33 27.14
C MET A 272 -7.88 -23.34 26.88
N LEU A 273 -9.10 -23.86 26.84
CA LEU A 273 -10.28 -23.06 26.59
C LEU A 273 -11.22 -23.27 27.77
N PHE A 274 -11.63 -22.17 28.40
CA PHE A 274 -12.61 -22.18 29.47
C PHE A 274 -13.81 -21.46 28.92
N PRO A 275 -14.89 -22.19 28.54
CA PRO A 275 -15.98 -21.60 27.77
C PRO A 275 -16.88 -20.70 28.60
N LEU A 276 -16.90 -20.88 29.94
CA LEU A 276 -17.56 -19.93 30.84
C LEU A 276 -16.57 -19.31 31.84
N ILE A 277 -16.44 -17.99 31.82
CA ILE A 277 -15.56 -17.30 32.77
C ILE A 277 -16.42 -16.38 33.61
N VAL A 278 -16.04 -16.24 34.88
CA VAL A 278 -16.65 -15.27 35.70
C VAL A 278 -15.55 -14.36 36.25
N CYS A 279 -15.71 -13.04 36.08
CA CYS A 279 -14.78 -12.07 36.64
C CYS A 279 -15.39 -11.42 37.88
N PRO A 280 -14.85 -11.74 39.09
CA PRO A 280 -15.34 -11.15 40.34
C PRO A 280 -14.69 -9.85 40.86
N ALA A 281 -13.85 -9.21 40.03
CA ALA A 281 -12.99 -8.09 40.46
C ALA A 281 -13.76 -6.96 41.14
N TRP A 282 -15.01 -6.71 40.75
CA TRP A 282 -15.82 -5.61 41.28
C TRP A 282 -16.36 -5.86 42.70
N ILE A 283 -16.39 -7.10 43.17
CA ILE A 283 -17.11 -7.47 44.39
C ILE A 283 -16.37 -6.94 45.61
N PRO A 284 -17.02 -6.07 46.41
CA PRO A 284 -16.34 -5.38 47.50
C PRO A 284 -15.68 -6.33 48.51
N GLU A 285 -16.32 -7.47 48.78
CA GLU A 285 -15.82 -8.37 49.81
C GLU A 285 -14.46 -8.93 49.38
N LEU A 286 -14.25 -9.07 48.07
CA LEU A 286 -12.99 -9.65 47.59
C LEU A 286 -11.87 -8.60 47.48
N ASN A 287 -12.15 -7.34 47.82
CA ASN A 287 -11.17 -6.25 47.63
C ASN A 287 -10.84 -5.52 48.94
N SER A 288 -11.34 -6.07 50.06
CA SER A 288 -11.30 -5.38 51.34
C SER A 288 -9.97 -5.69 52.08
N VAL A 289 -9.58 -4.76 52.94
CA VAL A 289 -8.43 -4.88 53.82
C VAL A 289 -8.92 -4.67 55.25
N VAL A 290 -8.79 -5.70 56.10
CA VAL A 290 -9.28 -5.60 57.47
C VAL A 290 -8.09 -5.86 58.40
N HIS A 291 -7.81 -4.89 59.29
CA HIS A 291 -6.79 -5.04 60.35
C HIS A 291 -7.40 -5.73 61.56
N GLY A 292 -7.00 -7.00 61.80
CA GLY A 292 -7.41 -7.76 62.98
C GLY A 292 -6.27 -7.91 64.00
N PRO A 293 -6.53 -8.52 65.18
CA PRO A 293 -5.47 -8.76 66.18
C PRO A 293 -4.34 -9.72 65.76
N GLU A 294 -4.67 -10.74 64.95
CA GLU A 294 -3.72 -11.79 64.50
C GLU A 294 -2.93 -11.36 63.24
N GLY A 295 -3.38 -10.30 62.56
CA GLY A 295 -2.77 -9.91 61.27
C GLY A 295 -3.72 -9.12 60.39
N ILE A 296 -3.40 -9.08 59.08
CA ILE A 296 -4.14 -8.30 58.12
C ILE A 296 -4.72 -9.25 57.07
N SER A 297 -6.03 -9.13 56.87
CA SER A 297 -6.76 -9.97 55.96
C SER A 297 -7.01 -9.21 54.64
N PHE A 298 -6.63 -9.83 53.52
CA PHE A 298 -6.80 -9.25 52.23
C PHE A 298 -7.88 -10.01 51.48
N GLY A 299 -8.87 -9.28 50.97
CA GLY A 299 -9.74 -9.85 49.95
C GLY A 299 -8.91 -10.58 48.90
N ALA A 300 -9.45 -11.68 48.36
CA ALA A 300 -8.68 -12.57 47.45
C ALA A 300 -8.37 -11.90 46.10
N SER A 301 -9.19 -10.91 45.72
CA SER A 301 -9.02 -10.21 44.43
C SER A 301 -8.18 -8.93 44.60
N CYS A 302 -7.69 -8.64 45.81
CA CYS A 302 -6.77 -7.48 46.00
C CYS A 302 -5.52 -7.68 45.12
N PRO A 303 -5.11 -6.69 44.30
CA PRO A 303 -3.88 -6.82 43.51
C PRO A 303 -2.64 -6.79 44.43
N LEU A 304 -1.53 -7.36 43.99
CA LEU A 304 -0.38 -7.34 44.92
C LEU A 304 0.18 -5.93 45.04
N SER A 305 -0.08 -5.04 44.07
CA SER A 305 0.28 -3.63 44.23
C SER A 305 -0.33 -3.09 45.53
N LEU A 306 -1.60 -3.44 45.80
CA LEU A 306 -2.30 -3.04 47.02
C LEU A 306 -1.72 -3.79 48.21
N VAL A 307 -1.43 -5.08 48.08
CA VAL A 307 -0.80 -5.78 49.20
C VAL A 307 0.53 -5.08 49.58
N GLU A 308 1.35 -4.78 48.57
CA GLU A 308 2.63 -4.09 48.72
C GLU A 308 2.50 -2.77 49.47
N SER A 309 1.57 -1.90 49.05
CA SER A 309 1.43 -0.58 49.68
C SER A 309 0.88 -0.71 51.12
N VAL A 310 0.00 -1.67 51.34
CA VAL A 310 -0.58 -1.89 52.68
C VAL A 310 0.52 -2.42 53.61
N LEU A 311 1.30 -3.41 53.20
CA LEU A 311 2.29 -4.01 54.07
C LEU A 311 3.45 -3.04 54.29
N ALA A 312 3.80 -2.24 53.26
CA ALA A 312 4.86 -1.22 53.36
C ALA A 312 4.55 -0.29 54.54
N GLU A 313 3.34 0.26 54.53
CA GLU A 313 2.96 1.25 55.52
C GLU A 313 2.95 0.59 56.91
N GLU A 314 2.55 -0.68 56.95
CA GLU A 314 2.42 -1.40 58.19
C GLU A 314 3.82 -1.64 58.78
N ILE A 315 4.77 -1.95 57.90
CA ILE A 315 6.17 -2.21 58.25
C ILE A 315 6.82 -0.91 58.73
N ALA A 316 6.47 0.22 58.11
CA ALA A 316 7.07 1.50 58.51
C ALA A 316 6.68 1.84 59.94
N LYS A 317 5.41 1.60 60.32
CA LYS A 317 4.87 2.20 61.55
C LYS A 317 4.81 1.20 62.74
N LEU A 318 4.78 -0.11 62.47
CA LEU A 318 4.71 -1.10 63.54
C LEU A 318 6.11 -1.51 63.98
N PRO A 319 6.26 -2.06 65.19
CA PRO A 319 7.53 -2.61 65.66
C PRO A 319 8.02 -3.81 64.81
N GLU A 320 9.33 -3.83 64.55
CA GLU A 320 10.03 -4.88 63.85
C GLU A 320 9.57 -6.28 64.32
N GLN A 321 9.35 -6.43 65.62
CA GLN A 321 9.03 -7.72 66.22
C GLN A 321 7.77 -8.34 65.58
N LYS A 322 6.82 -7.49 65.14
CA LYS A 322 5.50 -7.91 64.65
C LYS A 322 5.46 -8.06 63.11
N THR A 323 6.48 -7.55 62.38
CA THR A 323 6.37 -7.45 60.92
C THR A 323 7.28 -8.45 60.19
N GLU A 324 7.72 -9.50 60.87
CA GLU A 324 8.67 -10.43 60.27
C GLU A 324 8.06 -11.05 59.00
N VAL A 325 6.79 -11.49 59.10
CA VAL A 325 6.14 -12.16 57.98
C VAL A 325 5.81 -11.11 56.90
N PHE A 326 5.34 -9.94 57.32
CA PHE A 326 5.09 -8.91 56.35
C PHE A 326 6.34 -8.67 55.49
N ARG A 327 7.52 -8.64 56.13
CA ARG A 327 8.75 -8.29 55.41
C ARG A 327 9.12 -9.44 54.47
N GLY A 328 8.80 -10.68 54.85
CA GLY A 328 9.05 -11.83 54.00
C GLY A 328 8.27 -11.72 52.69
N VAL A 329 7.00 -11.33 52.81
CA VAL A 329 6.15 -11.15 51.64
C VAL A 329 6.72 -10.05 50.75
N MET A 330 7.08 -8.90 51.35
CA MET A 330 7.58 -7.75 50.60
C MET A 330 8.86 -8.14 49.86
N GLU A 331 9.73 -8.91 50.50
CA GLU A 331 11.00 -9.35 49.91
C GLU A 331 10.68 -10.10 48.60
N GLN A 332 9.66 -10.98 48.66
CA GLN A 332 9.27 -11.79 47.50
C GLN A 332 8.66 -10.87 46.43
N LEU A 333 7.78 -9.95 46.83
CA LEU A 333 7.12 -9.04 45.88
C LEU A 333 8.13 -8.13 45.15
N ARG A 334 9.30 -7.83 45.75
CA ARG A 334 10.40 -7.08 45.05
C ARG A 334 10.76 -7.74 43.71
N TRP A 335 10.79 -9.07 43.70
CA TRP A 335 11.29 -9.85 42.58
C TRP A 335 10.14 -10.58 41.88
N PHE A 336 8.91 -10.08 42.04
CA PHE A 336 7.71 -10.68 41.48
C PHE A 336 7.28 -9.84 40.26
N ALA A 337 7.58 -10.33 39.05
CA ALA A 337 7.20 -9.64 37.78
C ALA A 337 7.63 -8.15 37.82
N GLY A 338 6.70 -7.26 37.44
CA GLY A 338 6.88 -5.81 37.45
C GLY A 338 5.58 -5.10 37.76
N LYS A 339 5.58 -3.78 37.53
CA LYS A 339 4.46 -2.93 37.94
C LYS A 339 3.20 -3.31 37.16
N GLN A 340 3.36 -3.67 35.88
CA GLN A 340 2.26 -3.97 34.96
C GLN A 340 1.50 -5.19 35.47
N VAL A 341 2.24 -6.24 35.78
CA VAL A 341 1.62 -7.49 36.29
C VAL A 341 1.03 -7.27 37.71
N LYS A 342 1.73 -6.54 38.58
CA LYS A 342 1.35 -6.50 39.99
C LYS A 342 0.14 -5.58 40.21
N SER A 343 -0.16 -4.73 39.21
CA SER A 343 -1.31 -3.90 39.24
C SER A 343 -2.60 -4.70 39.13
N VAL A 344 -2.57 -5.83 38.43
CA VAL A 344 -3.79 -6.57 38.19
C VAL A 344 -3.71 -8.00 38.76
N ALA A 345 -2.51 -8.58 38.93
CA ALA A 345 -2.36 -9.92 39.50
C ALA A 345 -2.87 -9.92 40.95
N SER A 346 -3.73 -10.88 41.30
CA SER A 346 -4.35 -10.92 42.65
C SER A 346 -3.62 -11.92 43.53
N ILE A 347 -3.65 -11.64 44.83
CA ILE A 347 -3.12 -12.50 45.85
C ILE A 347 -3.83 -13.85 45.83
N GLY A 348 -5.17 -13.84 45.70
CA GLY A 348 -5.94 -15.07 45.57
C GLY A 348 -5.54 -15.86 44.34
N GLY A 349 -5.34 -15.17 43.22
CA GLY A 349 -4.94 -15.79 41.96
C GLY A 349 -3.64 -16.57 42.07
N ASN A 350 -2.65 -15.99 42.77
CA ASN A 350 -1.38 -16.67 42.98
C ASN A 350 -1.59 -17.95 43.80
N ILE A 351 -2.39 -17.84 44.85
CA ILE A 351 -2.63 -18.95 45.78
C ILE A 351 -3.29 -20.11 45.02
N ILE A 352 -4.38 -19.80 44.29
CA ILE A 352 -5.23 -20.84 43.71
C ILE A 352 -4.57 -21.39 42.44
N THR A 353 -3.75 -20.60 41.74
CA THR A 353 -2.97 -21.11 40.60
C THR A 353 -2.16 -22.34 41.04
N ALA A 354 -1.59 -22.26 42.24
CA ALA A 354 -0.86 -23.37 42.84
C ALA A 354 0.29 -23.83 41.94
N SER A 355 1.03 -22.87 41.38
CA SER A 355 2.25 -23.18 40.68
C SER A 355 3.23 -23.79 41.68
N PRO A 356 4.01 -24.80 41.23
CA PRO A 356 5.13 -25.31 42.01
C PRO A 356 6.13 -24.19 42.33
N ILE A 357 6.18 -23.13 41.52
CA ILE A 357 7.14 -22.06 41.74
C ILE A 357 6.45 -20.75 42.17
N SER A 358 5.25 -20.82 42.75
CA SER A 358 4.72 -19.69 43.47
C SER A 358 5.78 -19.14 44.42
N ASP A 359 5.96 -17.82 44.44
CA ASP A 359 6.88 -17.18 45.36
C ASP A 359 6.15 -16.84 46.66
N LEU A 360 4.81 -16.83 46.66
CA LEU A 360 4.00 -16.40 47.82
C LEU A 360 3.57 -17.60 48.69
N ASN A 361 3.20 -18.71 48.03
CA ASN A 361 2.65 -19.85 48.70
C ASN A 361 3.65 -20.42 49.71
N PRO A 362 4.95 -20.54 49.41
CA PRO A 362 5.92 -20.95 50.42
C PRO A 362 5.91 -20.07 51.68
N VAL A 363 5.68 -18.76 51.51
CA VAL A 363 5.68 -17.79 52.60
C VAL A 363 4.37 -17.93 53.37
N PHE A 364 3.27 -18.11 52.64
CA PHE A 364 1.96 -18.26 53.27
C PHE A 364 1.90 -19.57 54.07
N MET A 365 2.49 -20.61 53.51
CA MET A 365 2.55 -21.90 54.13
C MET A 365 3.45 -21.83 55.37
N ALA A 366 4.67 -21.29 55.24
CA ALA A 366 5.60 -21.23 56.37
C ALA A 366 5.01 -20.43 57.53
N SER A 367 4.13 -19.45 57.23
CA SER A 367 3.54 -18.60 58.27
C SER A 367 2.14 -19.07 58.69
N GLY A 368 1.70 -20.24 58.20
CA GLY A 368 0.37 -20.79 58.45
C GLY A 368 -0.74 -19.78 58.19
N ALA A 369 -0.66 -19.08 57.07
CA ALA A 369 -1.61 -17.98 56.81
C ALA A 369 -3.04 -18.53 56.73
N LYS A 370 -4.00 -17.74 57.23
CA LYS A 370 -5.39 -18.18 57.39
C LYS A 370 -6.22 -17.79 56.14
N LEU A 371 -6.71 -18.82 55.41
CA LEU A 371 -7.58 -18.71 54.23
C LEU A 371 -9.06 -18.97 54.60
N THR A 372 -9.93 -18.04 54.25
CA THR A 372 -11.37 -18.21 54.33
C THR A 372 -11.93 -18.59 52.97
N LEU A 373 -12.62 -19.75 52.91
CA LEU A 373 -13.26 -20.29 51.71
C LEU A 373 -14.79 -20.16 51.86
N VAL A 374 -15.50 -19.87 50.75
CA VAL A 374 -16.95 -19.78 50.76
C VAL A 374 -17.53 -20.47 49.52
N SER A 375 -18.79 -20.91 49.65
CA SER A 375 -19.71 -21.22 48.55
C SER A 375 -21.13 -20.78 48.97
N ARG A 376 -22.12 -20.92 48.07
CA ARG A 376 -23.50 -20.62 48.46
C ARG A 376 -23.82 -21.44 49.71
N GLY A 377 -24.01 -20.75 50.84
CA GLY A 377 -24.41 -21.32 52.12
C GLY A 377 -23.32 -22.08 52.86
N THR A 378 -22.03 -21.89 52.52
CA THR A 378 -20.94 -22.47 53.36
C THR A 378 -19.81 -21.45 53.55
N ARG A 379 -19.19 -21.50 54.73
CA ARG A 379 -18.02 -20.73 55.12
C ARG A 379 -17.13 -21.64 55.97
N ARG A 380 -15.84 -21.70 55.62
CA ARG A 380 -14.83 -22.40 56.42
C ARG A 380 -13.50 -21.64 56.37
N THR A 381 -12.73 -21.75 57.44
CA THR A 381 -11.40 -21.20 57.56
C THR A 381 -10.39 -22.37 57.64
N VAL A 382 -9.27 -22.28 56.90
CA VAL A 382 -8.17 -23.24 57.03
C VAL A 382 -6.85 -22.48 57.19
N ARG A 383 -5.85 -23.20 57.70
CA ARG A 383 -4.49 -22.74 57.77
C ARG A 383 -3.76 -23.44 56.62
N MET A 384 -3.19 -22.63 55.72
CA MET A 384 -2.35 -23.20 54.68
C MET A 384 -1.25 -24.03 55.35
N ASP A 385 -1.28 -25.33 55.06
CA ASP A 385 -0.25 -26.28 55.39
C ASP A 385 -0.12 -27.23 54.20
N HIS A 386 0.63 -28.32 54.35
CA HIS A 386 0.96 -29.20 53.23
C HIS A 386 -0.32 -29.70 52.53
N THR A 387 -1.40 -29.91 53.29
CA THR A 387 -2.66 -30.51 52.75
C THR A 387 -3.48 -29.53 51.88
N PHE A 388 -3.14 -28.23 51.91
CA PHE A 388 -3.86 -27.25 51.07
C PHE A 388 -3.57 -27.54 49.59
N PHE A 389 -2.36 -28.04 49.31
CA PHE A 389 -1.85 -28.32 47.97
C PHE A 389 -1.64 -29.82 47.85
N PRO A 390 -2.68 -30.61 47.51
CA PRO A 390 -2.54 -32.06 47.40
C PRO A 390 -1.69 -32.48 46.19
N GLY A 391 -2.10 -32.06 44.99
CA GLY A 391 -1.44 -32.50 43.77
C GLY A 391 -1.12 -31.32 42.88
N TYR A 392 -0.47 -31.61 41.75
CA TYR A 392 -0.08 -30.65 40.75
C TYR A 392 -1.25 -29.71 40.42
N ARG A 393 -1.11 -28.45 40.83
CA ARG A 393 -2.01 -27.34 40.51
C ARG A 393 -3.40 -27.56 41.13
N LYS A 394 -3.49 -28.33 42.21
CA LYS A 394 -4.76 -28.53 42.88
C LYS A 394 -4.67 -27.89 44.26
N THR A 395 -5.81 -27.45 44.77
CA THR A 395 -6.00 -27.10 46.15
C THR A 395 -7.14 -27.96 46.70
N LEU A 396 -7.37 -27.82 48.01
CA LEU A 396 -8.43 -28.56 48.67
C LEU A 396 -9.76 -27.78 48.58
N LEU A 397 -9.87 -26.80 47.66
CA LEU A 397 -11.13 -26.12 47.42
C LEU A 397 -12.11 -27.09 46.74
N ARG A 398 -13.37 -27.07 47.18
CA ARG A 398 -14.43 -27.76 46.47
C ARG A 398 -14.71 -27.01 45.16
N PRO A 399 -15.14 -27.71 44.07
CA PRO A 399 -15.37 -27.05 42.79
C PRO A 399 -16.35 -25.86 42.87
N GLU A 400 -17.22 -25.82 43.87
CA GLU A 400 -18.22 -24.74 44.00
C GLU A 400 -17.70 -23.60 44.90
N GLU A 401 -16.49 -23.76 45.47
CA GLU A 401 -15.94 -22.85 46.50
C GLU A 401 -15.02 -21.79 45.85
N ILE A 402 -15.03 -20.57 46.38
CA ILE A 402 -14.04 -19.55 46.02
C ILE A 402 -13.26 -19.19 47.28
N LEU A 403 -12.07 -18.61 47.08
CA LEU A 403 -11.26 -18.04 48.18
C LEU A 403 -11.77 -16.62 48.46
N LEU A 404 -12.16 -16.32 49.71
CA LEU A 404 -12.66 -15.00 50.03
C LEU A 404 -11.51 -14.06 50.42
N SER A 405 -10.60 -14.56 51.28
CA SER A 405 -9.61 -13.72 51.94
C SER A 405 -8.45 -14.58 52.43
N ILE A 406 -7.32 -13.90 52.67
CA ILE A 406 -6.15 -14.47 53.30
C ILE A 406 -5.66 -13.51 54.39
N GLU A 407 -5.51 -14.02 55.62
CA GLU A 407 -4.93 -13.25 56.71
C GLU A 407 -3.43 -13.50 56.73
N ILE A 408 -2.66 -12.45 56.48
CA ILE A 408 -1.23 -12.52 56.64
C ILE A 408 -0.93 -12.13 58.09
N PRO A 409 -0.27 -13.01 58.87
CA PRO A 409 -0.12 -12.79 60.31
C PRO A 409 1.01 -11.87 60.80
N TYR A 410 0.73 -11.19 61.92
CA TYR A 410 1.75 -10.56 62.72
C TYR A 410 2.68 -11.68 63.21
N SER A 411 3.96 -11.35 63.36
CA SER A 411 4.91 -12.22 64.01
C SER A 411 4.90 -11.92 65.52
N LYS A 412 5.16 -12.94 66.31
CA LYS A 412 5.14 -12.84 67.76
C LYS A 412 6.58 -12.66 68.28
N GLU A 413 6.72 -12.30 69.56
CA GLU A 413 8.05 -12.22 70.20
C GLU A 413 8.72 -13.60 70.11
N GLY A 414 9.99 -13.61 69.66
CA GLY A 414 10.79 -14.82 69.51
C GLY A 414 10.51 -15.55 68.20
N GLU A 415 9.76 -14.90 67.29
CA GLU A 415 9.34 -15.46 65.99
C GLU A 415 10.05 -14.70 64.86
N PHE A 416 10.83 -15.41 64.06
CA PHE A 416 11.64 -14.80 63.02
C PHE A 416 11.35 -15.47 61.67
N PHE A 417 11.44 -14.64 60.61
CA PHE A 417 11.04 -15.03 59.26
C PHE A 417 12.06 -14.53 58.22
N SER A 418 12.30 -15.38 57.22
CA SER A 418 13.05 -15.07 56.01
C SER A 418 12.34 -15.70 54.81
N ALA A 419 12.39 -14.98 53.69
CA ALA A 419 11.95 -15.44 52.40
C ALA A 419 13.14 -15.35 51.45
N PHE A 420 13.25 -16.32 50.53
CA PHE A 420 14.34 -16.47 49.59
C PHE A 420 13.76 -16.78 48.21
N LYS A 421 14.44 -16.28 47.17
CA LYS A 421 14.16 -16.61 45.78
C LYS A 421 15.48 -16.57 45.02
N GLN A 422 15.77 -17.60 44.23
CA GLN A 422 16.86 -17.55 43.32
C GLN A 422 16.32 -18.02 41.97
N ALA A 423 16.59 -17.20 40.96
CA ALA A 423 16.15 -17.39 39.61
C ALA A 423 17.37 -17.34 38.70
N SER A 424 17.20 -17.01 37.42
CA SER A 424 18.33 -16.78 36.50
C SER A 424 18.71 -15.29 36.57
N ARG A 425 17.69 -14.43 36.70
CA ARG A 425 17.82 -12.96 36.78
C ARG A 425 16.98 -12.47 37.97
N ARG A 426 17.40 -11.39 38.62
CA ARG A 426 16.74 -10.95 39.85
C ARG A 426 15.31 -10.47 39.57
N GLU A 427 15.16 -9.65 38.54
CA GLU A 427 13.93 -8.89 38.23
C GLU A 427 13.09 -9.69 37.21
N ASP A 428 11.77 -9.76 37.43
CA ASP A 428 10.77 -10.35 36.52
C ASP A 428 11.26 -11.71 35.98
N ASP A 429 11.49 -12.68 36.88
CA ASP A 429 11.91 -14.01 36.55
C ASP A 429 11.14 -15.01 37.42
N ILE A 430 11.21 -16.29 37.04
CA ILE A 430 10.49 -17.36 37.71
C ILE A 430 11.48 -18.16 38.56
N ALA A 431 11.09 -18.48 39.78
CA ALA A 431 11.99 -19.14 40.74
C ALA A 431 12.53 -20.46 40.20
N LYS A 432 13.83 -20.72 40.40
CA LYS A 432 14.37 -22.07 40.38
C LYS A 432 14.13 -22.71 41.75
N VAL A 433 14.46 -21.98 42.82
CA VAL A 433 14.03 -22.37 44.17
C VAL A 433 13.54 -21.12 44.89
N THR A 434 12.43 -21.22 45.61
CA THR A 434 11.85 -20.10 46.36
C THR A 434 11.40 -20.65 47.72
N SER A 435 11.52 -19.86 48.79
CA SER A 435 11.29 -20.43 50.12
C SER A 435 10.78 -19.39 51.12
N GLY A 436 9.99 -19.91 52.06
CA GLY A 436 9.62 -19.23 53.28
C GLY A 436 10.11 -20.03 54.48
N MET A 437 10.71 -19.37 55.46
CA MET A 437 11.28 -20.05 56.64
C MET A 437 10.93 -19.25 57.91
N ARG A 438 10.43 -19.98 58.92
CA ARG A 438 9.94 -19.44 60.17
C ARG A 438 10.45 -20.30 61.34
N VAL A 439 10.84 -19.62 62.41
CA VAL A 439 11.20 -20.27 63.68
C VAL A 439 10.54 -19.48 64.80
N LEU A 440 10.05 -20.20 65.81
CA LEU A 440 9.52 -19.60 67.03
C LEU A 440 10.32 -20.20 68.19
N PHE A 441 10.79 -19.33 69.09
CA PHE A 441 11.60 -19.79 70.20
C PHE A 441 10.73 -19.82 71.46
N LYS A 442 10.95 -20.81 72.31
CA LYS A 442 10.36 -20.82 73.67
C LYS A 442 10.84 -19.57 74.37
N PRO A 443 9.97 -18.80 75.08
CA PRO A 443 10.31 -17.44 75.48
C PRO A 443 11.55 -17.36 76.40
N GLY A 444 12.35 -16.30 76.23
CA GLY A 444 13.61 -16.11 76.93
C GLY A 444 14.68 -17.14 76.56
N THR A 445 14.43 -17.98 75.55
CA THR A 445 15.34 -19.07 75.18
C THR A 445 15.84 -18.92 73.74
N ILE A 446 16.70 -19.90 73.39
CA ILE A 446 17.24 -20.21 72.09
C ILE A 446 16.81 -21.65 71.70
N GLU A 447 15.74 -22.12 72.35
CA GLU A 447 15.18 -23.45 72.07
C GLU A 447 13.99 -23.31 71.11
N VAL A 448 13.94 -24.22 70.14
CA VAL A 448 12.98 -24.17 69.06
C VAL A 448 11.61 -24.65 69.57
N GLN A 449 10.58 -23.79 69.50
CA GLN A 449 9.18 -24.18 69.78
C GLN A 449 8.54 -24.66 68.47
N GLU A 450 8.64 -23.84 67.42
CA GLU A 450 8.14 -24.20 66.06
C GLU A 450 9.24 -23.94 65.02
N LEU A 451 9.31 -24.82 64.00
CA LEU A 451 10.19 -24.63 62.85
C LEU A 451 9.42 -25.00 61.57
N SER A 452 9.36 -24.06 60.59
CA SER A 452 8.72 -24.31 59.29
C SER A 452 9.64 -23.90 58.14
N LEU A 453 9.94 -24.85 57.27
CA LEU A 453 10.80 -24.67 56.10
C LEU A 453 9.99 -25.08 54.87
N CYS A 454 9.50 -24.12 54.07
CA CYS A 454 8.71 -24.45 52.87
C CYS A 454 9.37 -23.91 51.60
N PHE A 455 9.24 -24.69 50.51
CA PHE A 455 9.93 -24.48 49.24
C PHE A 455 8.99 -24.62 48.05
N GLY A 456 9.28 -23.77 47.04
CA GLY A 456 8.85 -23.94 45.69
C GLY A 456 10.01 -24.34 44.81
N GLY A 457 9.69 -24.96 43.68
CA GLY A 457 10.67 -25.36 42.72
C GLY A 457 11.41 -26.61 43.12
N MET A 458 10.88 -27.38 44.08
CA MET A 458 11.52 -28.63 44.55
C MET A 458 10.58 -29.87 44.40
N ALA A 459 9.44 -29.67 43.76
CA ALA A 459 8.40 -30.65 43.72
C ALA A 459 7.30 -30.12 42.78
N ASP A 460 6.29 -30.96 42.51
CA ASP A 460 5.17 -30.59 41.66
C ASP A 460 4.20 -29.68 42.43
N ARG A 461 4.53 -29.33 43.67
CA ARG A 461 3.73 -28.43 44.49
C ARG A 461 4.64 -27.68 45.49
N THR A 462 4.09 -26.63 46.13
CA THR A 462 4.70 -26.02 47.31
C THR A 462 4.77 -27.08 48.42
N ILE A 463 5.97 -27.39 48.93
CA ILE A 463 6.16 -28.48 49.94
C ILE A 463 6.80 -27.91 51.22
N SER A 464 6.51 -28.59 52.34
CA SER A 464 7.09 -28.32 53.67
C SER A 464 8.07 -29.43 53.97
N ALA A 465 9.17 -29.13 54.66
CA ALA A 465 10.19 -30.14 54.98
C ALA A 465 9.79 -30.85 56.28
N LEU A 466 8.66 -31.56 56.22
CA LEU A 466 7.91 -32.13 57.37
C LEU A 466 8.70 -33.24 58.07
N LYS A 467 9.57 -33.95 57.34
CA LYS A 467 10.40 -35.03 57.90
C LYS A 467 11.64 -34.48 58.62
N THR A 468 12.09 -33.28 58.22
CA THR A 468 13.32 -32.67 58.77
C THR A 468 13.01 -31.83 60.01
N THR A 469 11.87 -31.15 59.99
CA THR A 469 11.58 -30.02 60.82
C THR A 469 11.23 -30.47 62.27
N PRO A 470 10.36 -31.47 62.49
CA PRO A 470 10.00 -31.90 63.84
C PRO A 470 11.17 -32.40 64.72
N LYS A 471 12.23 -32.92 64.08
CA LYS A 471 13.42 -33.43 64.80
C LYS A 471 14.19 -32.31 65.51
N GLN A 472 13.91 -31.04 65.16
CA GLN A 472 14.71 -29.92 65.65
C GLN A 472 13.96 -29.22 66.78
N LEU A 473 12.73 -29.69 67.08
CA LEU A 473 11.93 -29.12 68.14
C LEU A 473 12.63 -29.42 69.48
N SER A 474 12.79 -28.37 70.29
CA SER A 474 13.47 -28.36 71.60
C SER A 474 15.00 -28.25 71.49
N LYS A 475 15.59 -28.34 70.28
CA LYS A 475 17.04 -28.13 70.12
C LYS A 475 17.37 -26.66 70.30
N SER A 476 18.64 -26.40 70.64
CA SER A 476 19.15 -25.03 70.73
C SER A 476 19.67 -24.63 69.35
N TRP A 477 19.50 -23.36 69.02
CA TRP A 477 19.92 -22.81 67.73
C TRP A 477 21.44 -22.73 67.68
N ASN A 478 22.08 -23.78 67.15
CA ASN A 478 23.52 -23.92 67.19
C ASN A 478 23.98 -24.81 66.04
N GLU A 479 25.30 -24.96 65.92
CA GLU A 479 25.97 -25.62 64.84
C GLU A 479 25.40 -27.03 64.63
N GLU A 480 24.97 -27.70 65.70
CA GLU A 480 24.41 -29.05 65.59
C GLU A 480 23.09 -29.02 64.80
N LEU A 481 22.23 -28.06 65.14
CA LEU A 481 20.94 -27.88 64.46
C LEU A 481 21.18 -27.56 62.98
N LEU A 482 22.15 -26.68 62.70
CA LEU A 482 22.50 -26.33 61.34
C LEU A 482 22.88 -27.59 60.56
N GLN A 483 23.78 -28.39 61.13
CA GLN A 483 24.29 -29.57 60.46
C GLN A 483 23.17 -30.61 60.31
N SER A 484 22.29 -30.71 61.31
CA SER A 484 21.15 -31.69 61.32
C SER A 484 20.16 -31.36 60.19
N VAL A 485 19.72 -30.10 60.18
CA VAL A 485 18.79 -29.61 59.18
C VAL A 485 19.39 -29.79 57.77
N CYS A 486 20.65 -29.42 57.54
CA CYS A 486 21.24 -29.59 56.20
C CYS A 486 21.27 -31.07 55.81
N ALA A 487 21.66 -31.97 56.72
CA ALA A 487 21.68 -33.39 56.36
C ALA A 487 20.25 -33.84 55.99
N GLY A 488 19.28 -33.43 56.82
CA GLY A 488 17.87 -33.72 56.64
C GLY A 488 17.34 -33.20 55.31
N LEU A 489 17.59 -31.92 55.01
CA LEU A 489 17.09 -31.30 53.78
C LEU A 489 17.62 -32.07 52.58
N ALA A 490 18.89 -32.51 52.63
CA ALA A 490 19.52 -33.16 51.48
C ALA A 490 18.86 -34.51 51.17
N GLU A 491 18.37 -35.20 52.21
CA GLU A 491 17.73 -36.52 52.09
C GLU A 491 16.25 -36.34 51.73
N GLU A 492 15.57 -35.43 52.45
CA GLU A 492 14.12 -35.19 52.28
C GLU A 492 13.83 -34.62 50.89
N LEU A 493 14.59 -33.61 50.43
CA LEU A 493 14.29 -32.90 49.17
C LEU A 493 15.08 -33.50 48.00
N GLN A 494 14.84 -34.79 47.73
CA GLN A 494 15.43 -35.48 46.56
C GLN A 494 14.85 -34.92 45.27
N LEU A 495 15.65 -34.95 44.20
CA LEU A 495 15.17 -34.64 42.86
C LEU A 495 15.60 -35.75 41.89
N ALA A 496 14.64 -36.17 41.06
CA ALA A 496 14.85 -37.12 40.01
C ALA A 496 15.71 -36.48 38.93
N PRO A 497 16.75 -37.18 38.45
CA PRO A 497 17.52 -36.69 37.30
C PRO A 497 16.62 -36.07 36.22
N ASP A 498 15.43 -36.63 36.00
CA ASP A 498 14.55 -36.15 34.94
C ASP A 498 13.65 -35.00 35.43
N ALA A 499 13.91 -34.47 36.63
CA ALA A 499 12.98 -33.53 37.23
C ALA A 499 12.76 -32.32 36.30
N PRO A 500 11.51 -31.92 36.02
CA PRO A 500 11.30 -30.72 35.20
C PRO A 500 12.14 -29.53 35.70
N GLY A 501 12.76 -28.79 34.78
CA GLY A 501 13.64 -27.65 35.09
C GLY A 501 15.11 -28.02 35.16
N GLY A 502 15.43 -29.31 35.34
CA GLY A 502 16.84 -29.72 35.48
C GLY A 502 17.52 -28.94 36.60
N MET A 503 18.83 -28.71 36.44
CA MET A 503 19.65 -28.01 37.42
C MET A 503 19.47 -28.62 38.83
N VAL A 504 19.59 -29.95 38.90
CA VAL A 504 19.23 -30.72 40.10
C VAL A 504 20.19 -30.40 41.25
N GLU A 505 21.49 -30.41 40.97
CA GLU A 505 22.51 -30.15 42.00
C GLU A 505 22.38 -28.71 42.53
N PHE A 506 22.19 -27.76 41.62
CA PHE A 506 22.05 -26.36 41.99
C PHE A 506 20.81 -26.18 42.88
N ARG A 507 19.68 -26.75 42.48
CA ARG A 507 18.43 -26.55 43.24
C ARG A 507 18.59 -27.09 44.66
N ARG A 508 19.21 -28.26 44.80
CA ARG A 508 19.41 -28.92 46.10
C ARG A 508 20.34 -28.06 46.96
N THR A 509 21.43 -27.61 46.35
CA THR A 509 22.38 -26.73 47.01
C THR A 509 21.67 -25.48 47.51
N LEU A 510 20.69 -24.97 46.74
CA LEU A 510 20.04 -23.74 47.12
C LEU A 510 19.20 -23.98 48.38
N THR A 511 18.57 -25.15 48.54
CA THR A 511 17.73 -25.32 49.74
C THR A 511 18.61 -25.23 51.00
N LEU A 512 19.79 -25.84 50.91
CA LEU A 512 20.72 -25.85 52.03
C LEU A 512 21.32 -24.45 52.23
N SER A 513 21.65 -23.80 51.11
CA SER A 513 22.25 -22.50 51.16
C SER A 513 21.26 -21.51 51.76
N PHE A 514 19.98 -21.54 51.33
CA PHE A 514 18.97 -20.67 51.92
C PHE A 514 18.86 -20.92 53.44
N PHE A 515 18.82 -22.19 53.84
CA PHE A 515 18.67 -22.49 55.27
C PHE A 515 19.86 -21.91 56.04
N PHE A 516 21.06 -22.01 55.46
CA PHE A 516 22.25 -21.47 56.10
C PHE A 516 22.09 -19.97 56.34
N LYS A 517 21.57 -19.24 55.34
CA LYS A 517 21.41 -17.79 55.48
C LYS A 517 20.38 -17.50 56.58
N PHE A 518 19.31 -18.31 56.59
CA PHE A 518 18.30 -18.20 57.60
C PHE A 518 18.94 -18.46 58.99
N TYR A 519 19.72 -19.53 59.06
CA TYR A 519 20.43 -19.89 60.29
C TYR A 519 21.25 -18.69 60.80
N LEU A 520 22.13 -18.13 59.97
CA LEU A 520 22.96 -16.99 60.39
C LEU A 520 22.09 -15.78 60.73
N THR A 521 21.00 -15.59 59.98
CA THR A 521 20.16 -14.42 60.15
C THR A 521 19.52 -14.50 61.54
N VAL A 522 19.09 -15.70 61.89
CA VAL A 522 18.41 -15.90 63.15
C VAL A 522 19.42 -15.68 64.28
N LEU A 523 20.67 -16.13 64.09
CA LEU A 523 21.75 -15.84 65.07
C LEU A 523 21.79 -14.32 65.30
N GLN A 524 21.75 -13.56 64.22
CA GLN A 524 21.84 -12.11 64.32
C GLN A 524 20.61 -11.56 65.03
N LYS A 525 19.43 -12.08 64.69
CA LYS A 525 18.18 -11.61 65.27
C LYS A 525 18.14 -11.98 66.77
N LEU A 526 18.61 -13.19 67.11
CA LEU A 526 18.79 -13.58 68.54
C LEU A 526 19.66 -12.56 69.27
N GLY A 527 20.81 -12.24 68.66
CA GLY A 527 21.74 -11.25 69.11
C GLY A 527 21.07 -9.94 69.47
N ARG A 528 20.20 -9.42 68.58
CA ARG A 528 19.56 -8.11 68.80
C ARG A 528 18.47 -8.24 69.87
N ALA A 529 18.15 -9.47 70.28
CA ALA A 529 17.23 -9.75 71.39
C ALA A 529 17.99 -10.03 72.70
N ASP A 530 19.27 -9.62 72.75
CA ASP A 530 20.16 -9.75 73.93
C ASP A 530 20.35 -11.22 74.32
N LEU A 531 20.52 -12.12 73.34
CA LEU A 531 20.78 -13.53 73.64
C LEU A 531 22.08 -13.99 72.96
N GLU A 532 22.96 -13.03 72.64
CA GLU A 532 24.31 -13.31 72.06
C GLU A 532 25.07 -14.31 72.94
N ASP A 533 25.04 -14.08 74.24
CA ASP A 533 25.74 -14.91 75.23
C ASP A 533 25.33 -16.37 75.05
N MET A 534 24.05 -16.60 74.76
CA MET A 534 23.50 -17.95 74.65
C MET A 534 23.85 -18.59 73.30
N CYS A 535 23.59 -17.89 72.18
CA CYS A 535 23.81 -18.47 70.83
C CYS A 535 25.21 -18.17 70.28
N GLY A 536 25.88 -17.12 70.78
CA GLY A 536 27.19 -16.72 70.26
C GLY A 536 27.01 -15.65 69.20
N LYS A 537 28.04 -14.85 68.95
CA LYS A 537 27.92 -13.76 67.97
C LYS A 537 28.34 -14.31 66.61
N LEU A 538 27.94 -13.58 65.57
CA LEU A 538 28.31 -13.92 64.23
C LEU A 538 29.78 -13.51 63.99
N ASP A 539 30.61 -14.46 63.54
CA ASP A 539 31.94 -14.14 63.00
C ASP A 539 31.78 -13.03 61.97
N PRO A 540 32.46 -11.87 62.10
CA PRO A 540 32.16 -10.72 61.23
C PRO A 540 32.45 -10.99 59.74
N THR A 541 33.24 -12.03 59.42
CA THR A 541 33.47 -12.37 58.02
C THR A 541 32.28 -13.17 57.44
N PHE A 542 31.27 -13.45 58.26
CA PHE A 542 30.07 -14.16 57.83
C PHE A 542 28.90 -13.16 57.64
N ALA A 543 29.02 -11.94 58.19
CA ALA A 543 27.89 -11.00 58.23
C ALA A 543 27.33 -10.74 56.83
N SER A 544 28.21 -10.69 55.82
CA SER A 544 27.79 -10.27 54.46
C SER A 544 26.79 -11.27 53.86
N ALA A 545 26.87 -12.54 54.30
CA ALA A 545 25.93 -13.65 53.90
C ALA A 545 24.43 -13.32 54.12
N THR A 546 24.08 -12.53 55.14
CA THR A 546 22.69 -12.34 55.52
C THR A 546 22.11 -11.03 54.97
N LEU A 547 22.92 -10.20 54.28
CA LEU A 547 22.43 -8.90 53.76
C LEU A 547 21.35 -9.17 52.69
N LEU A 548 20.28 -8.41 52.74
CA LEU A 548 19.25 -8.37 51.68
C LEU A 548 19.80 -7.58 50.49
N PHE A 549 19.47 -8.03 49.27
CA PHE A 549 19.97 -7.35 48.07
C PHE A 549 19.70 -5.85 48.15
N GLN A 550 20.75 -5.05 47.94
CA GLN A 550 20.71 -3.61 47.71
C GLN A 550 21.76 -3.30 46.62
N LYS A 551 21.40 -2.44 45.67
CA LYS A 551 22.29 -2.00 44.59
C LYS A 551 22.42 -0.48 44.71
N ASP A 552 23.66 0.02 44.79
CA ASP A 552 23.94 1.47 44.85
C ASP A 552 23.29 2.18 43.65
N PRO A 553 23.03 3.50 43.77
CA PRO A 553 22.57 4.30 42.63
C PRO A 553 23.66 4.32 41.56
N PRO A 554 23.30 4.37 40.26
CA PRO A 554 24.28 4.29 39.19
C PRO A 554 25.14 5.56 39.14
N ALA A 555 26.37 5.42 38.66
CA ALA A 555 27.20 6.53 38.29
C ALA A 555 27.83 6.21 36.92
N ASN A 556 27.58 7.08 35.94
CA ASN A 556 27.90 6.85 34.57
C ASN A 556 28.79 7.99 34.09
N VAL A 557 29.66 7.67 33.13
CA VAL A 557 30.53 8.61 32.51
C VAL A 557 30.50 8.31 31.00
N GLN A 558 30.36 9.34 30.17
CA GLN A 558 30.56 9.18 28.75
C GLN A 558 31.55 10.24 28.25
N LEU A 559 32.71 9.81 27.78
CA LEU A 559 33.73 10.69 27.25
C LEU A 559 33.89 10.47 25.72
N PHE A 560 33.88 11.57 24.98
CA PHE A 560 34.09 11.54 23.54
C PHE A 560 34.80 12.83 23.15
N GLN A 561 35.15 12.99 21.88
CA GLN A 561 35.94 14.10 21.44
C GLN A 561 35.01 15.15 20.80
N GLU A 562 35.18 16.41 21.20
CA GLU A 562 34.65 17.60 20.50
C GLU A 562 35.16 17.68 19.04
N VAL A 563 34.32 18.18 18.14
CA VAL A 563 34.78 18.47 16.79
C VAL A 563 35.60 19.76 16.85
N PRO A 564 36.45 20.02 15.83
CA PRO A 564 37.25 21.25 15.82
C PRO A 564 36.38 22.51 15.97
N LYS A 565 36.96 23.52 16.61
CA LYS A 565 36.29 24.80 16.85
C LYS A 565 35.87 25.44 15.51
N ASP A 566 36.63 25.17 14.45
CA ASP A 566 36.46 25.74 13.11
C ASP A 566 35.23 25.15 12.38
N GLN A 567 34.80 23.95 12.76
CA GLN A 567 33.83 23.19 11.95
C GLN A 567 32.50 23.94 11.92
N SER A 568 31.87 24.03 10.75
CA SER A 568 30.57 24.70 10.61
C SER A 568 29.56 24.08 11.56
N GLU A 569 28.65 24.90 12.06
CA GLU A 569 27.58 24.44 12.93
C GLU A 569 26.59 23.59 12.11
N GLU A 570 26.60 23.73 10.78
CA GLU A 570 25.71 22.92 9.93
C GLU A 570 26.35 21.57 9.55
N ASP A 571 27.67 21.43 9.71
CA ASP A 571 28.38 20.15 9.53
C ASP A 571 28.25 19.34 10.83
N MET A 572 27.38 18.32 10.80
CA MET A 572 27.06 17.52 11.97
C MET A 572 27.95 16.27 12.08
N VAL A 573 28.86 16.04 11.15
CA VAL A 573 29.72 14.84 11.21
C VAL A 573 30.62 14.99 12.46
N GLY A 574 30.49 14.02 13.38
CA GLY A 574 31.27 13.96 14.60
C GLY A 574 30.54 14.59 15.78
N ARG A 575 29.34 15.17 15.52
CA ARG A 575 28.44 15.73 16.54
C ARG A 575 27.43 14.67 17.02
N PRO A 576 27.00 14.78 18.29
CA PRO A 576 26.01 13.85 18.87
C PRO A 576 24.55 14.11 18.48
N LEU A 577 24.27 14.08 17.18
CA LEU A 577 22.95 14.28 16.67
C LEU A 577 22.05 13.12 17.09
N PRO A 578 20.91 13.38 17.77
CA PRO A 578 20.01 12.29 18.12
C PRO A 578 19.51 11.57 16.86
N HIS A 579 19.28 10.27 17.00
CA HIS A 579 18.63 9.43 15.99
C HIS A 579 17.43 10.17 15.40
N LEU A 580 17.40 10.25 14.08
CA LEU A 580 16.40 11.05 13.35
C LEU A 580 14.96 10.64 13.67
N ALA A 581 14.73 9.37 14.03
CA ALA A 581 13.37 8.87 14.31
C ALA A 581 13.05 8.85 15.81
N ALA A 582 13.95 9.37 16.66
CA ALA A 582 13.79 9.22 18.10
C ALA A 582 12.45 9.82 18.58
N ASN A 583 12.08 11.00 18.09
CA ASN A 583 10.89 11.65 18.61
C ASN A 583 9.66 10.81 18.24
N MET A 584 9.62 10.34 16.98
CA MET A 584 8.56 9.52 16.46
C MET A 584 8.46 8.17 17.17
N GLN A 585 9.60 7.65 17.58
CA GLN A 585 9.64 6.37 18.29
C GLN A 585 9.03 6.55 19.69
N ALA A 586 9.40 7.66 20.35
CA ALA A 586 8.88 8.01 21.70
C ALA A 586 7.37 8.26 21.61
N SER A 587 6.85 8.72 20.45
CA SER A 587 5.46 9.10 20.33
C SER A 587 4.61 7.94 19.77
N GLY A 588 5.27 6.87 19.35
CA GLY A 588 4.59 5.73 18.76
C GLY A 588 4.07 6.00 17.37
N GLU A 589 4.59 7.05 16.73
CA GLU A 589 4.22 7.43 15.37
C GLU A 589 5.10 6.68 14.36
N ALA A 590 6.29 6.21 14.78
CA ALA A 590 7.21 5.46 13.91
C ALA A 590 6.53 4.16 13.49
N VAL A 591 6.58 3.89 12.18
CA VAL A 591 5.84 2.75 11.58
C VAL A 591 6.77 1.54 11.36
N TYR A 592 6.48 0.45 12.06
CA TYR A 592 7.06 -0.85 11.88
C TYR A 592 6.07 -1.65 11.03
N CYS A 593 6.55 -2.75 10.46
CA CYS A 593 5.78 -3.52 9.46
C CYS A 593 4.32 -3.76 9.87
N ASP A 594 4.06 -4.35 11.05
CA ASP A 594 2.71 -4.71 11.44
C ASP A 594 1.83 -3.49 11.78
N ASP A 595 2.43 -2.30 11.93
CA ASP A 595 1.69 -1.05 12.17
C ASP A 595 1.05 -0.52 10.87
N ILE A 596 1.52 -1.01 9.71
CA ILE A 596 0.91 -0.67 8.41
C ILE A 596 -0.54 -1.15 8.40
N PRO A 597 -1.50 -0.27 8.02
CA PRO A 597 -2.91 -0.62 7.97
C PRO A 597 -3.10 -1.79 7.00
N ARG A 598 -4.02 -2.68 7.34
CA ARG A 598 -4.40 -3.82 6.48
C ARG A 598 -5.27 -3.31 5.33
N TYR A 599 -5.08 -3.88 4.14
CA TYR A 599 -6.06 -3.75 3.10
C TYR A 599 -7.33 -4.47 3.52
N GLU A 600 -8.46 -3.96 3.03
CA GLU A 600 -9.77 -4.51 3.32
C GLU A 600 -9.82 -6.00 2.95
N ASN A 601 -9.07 -6.45 1.94
CA ASN A 601 -9.10 -7.86 1.45
C ASN A 601 -7.91 -8.68 1.98
N GLU A 602 -7.19 -8.16 2.98
CA GLU A 602 -5.92 -8.75 3.43
C GLU A 602 -6.20 -10.03 4.22
N LEU A 603 -5.36 -11.04 4.03
CA LEU A 603 -5.46 -12.29 4.76
C LEU A 603 -4.26 -12.46 5.68
N SER A 604 -4.40 -13.39 6.63
CA SER A 604 -3.40 -13.72 7.60
C SER A 604 -2.87 -15.13 7.34
N LEU A 605 -1.57 -15.29 7.61
CA LEU A 605 -0.87 -16.58 7.43
C LEU A 605 -0.34 -17.06 8.78
N ARG A 606 -0.42 -18.37 9.00
CA ARG A 606 0.18 -18.97 10.18
C ARG A 606 1.02 -20.16 9.70
N LEU A 607 2.29 -20.22 10.13
CA LEU A 607 3.16 -21.32 9.78
C LEU A 607 2.78 -22.58 10.60
N VAL A 608 2.89 -23.74 9.96
CA VAL A 608 2.73 -25.03 10.64
C VAL A 608 4.07 -25.75 10.62
N THR A 609 4.58 -26.08 11.81
CA THR A 609 5.96 -26.52 11.99
C THR A 609 6.01 -27.93 12.59
N SER A 610 7.12 -28.62 12.28
CA SER A 610 7.42 -29.97 12.76
C SER A 610 7.52 -30.01 14.30
N THR A 611 6.89 -31.01 14.93
CA THR A 611 7.09 -31.31 16.34
C THR A 611 8.04 -32.49 16.56
N ARG A 612 8.82 -32.88 15.54
CA ARG A 612 9.82 -33.99 15.59
C ARG A 612 11.14 -33.52 15.00
N ALA A 613 12.26 -33.93 15.62
CA ALA A 613 13.60 -33.55 15.15
C ALA A 613 13.97 -34.19 13.80
N HIS A 614 13.49 -35.40 13.53
CA HIS A 614 13.83 -36.09 12.30
C HIS A 614 12.81 -37.21 12.11
N ALA A 615 12.00 -37.10 11.05
CA ALA A 615 10.92 -38.03 10.80
C ALA A 615 10.47 -37.89 9.36
N LYS A 616 9.79 -38.94 8.87
CA LYS A 616 9.12 -38.88 7.60
C LYS A 616 7.74 -38.31 7.89
N ILE A 617 7.22 -37.50 6.96
CA ILE A 617 5.84 -37.10 7.09
C ILE A 617 5.03 -38.23 6.45
N THR A 618 4.20 -38.88 7.26
CA THR A 618 3.43 -40.05 6.85
C THR A 618 2.19 -39.55 6.10
N SER A 619 1.54 -38.54 6.68
CA SER A 619 0.33 -37.98 6.13
C SER A 619 0.02 -36.65 6.82
N ILE A 620 -0.81 -35.83 6.17
CA ILE A 620 -1.32 -34.56 6.71
C ILE A 620 -2.84 -34.53 6.58
N ASP A 621 -3.51 -34.31 7.71
CA ASP A 621 -4.94 -34.24 7.78
C ASP A 621 -5.36 -32.79 8.09
N THR A 622 -5.92 -32.12 7.08
CA THR A 622 -6.44 -30.75 7.22
C THR A 622 -7.96 -30.70 7.56
N SER A 623 -8.61 -31.85 7.86
CA SER A 623 -10.07 -31.89 8.08
C SER A 623 -10.53 -30.89 9.16
N GLU A 624 -9.86 -30.85 10.30
CA GLU A 624 -10.31 -29.96 11.40
C GLU A 624 -10.06 -28.48 11.04
N ALA A 625 -8.91 -28.21 10.42
CA ALA A 625 -8.53 -26.86 10.00
C ALA A 625 -9.62 -26.23 9.11
N LYS A 626 -10.21 -27.03 8.19
CA LYS A 626 -11.21 -26.56 7.23
C LYS A 626 -12.51 -26.15 7.93
N LYS A 627 -12.74 -26.61 9.15
CA LYS A 627 -13.94 -26.28 9.88
C LYS A 627 -13.83 -24.89 10.51
N VAL A 628 -12.60 -24.38 10.68
CA VAL A 628 -12.44 -23.09 11.36
C VAL A 628 -13.04 -22.01 10.47
N PRO A 629 -13.89 -21.12 11.02
CA PRO A 629 -14.41 -19.98 10.25
C PRO A 629 -13.27 -19.15 9.63
N GLY A 630 -13.42 -18.78 8.35
CA GLY A 630 -12.52 -17.88 7.63
C GLY A 630 -11.30 -18.60 7.05
N PHE A 631 -11.19 -19.90 7.30
CA PHE A 631 -10.10 -20.72 6.72
C PHE A 631 -10.12 -20.55 5.20
N VAL A 632 -8.94 -20.37 4.57
CA VAL A 632 -8.85 -20.19 3.12
C VAL A 632 -8.16 -21.38 2.48
N CYS A 633 -6.95 -21.72 2.94
CA CYS A 633 -6.23 -22.82 2.36
C CYS A 633 -5.05 -23.20 3.25
N PHE A 634 -4.50 -24.40 2.99
CA PHE A 634 -3.28 -24.87 3.62
C PHE A 634 -2.22 -25.12 2.55
N LEU A 635 -1.16 -24.31 2.60
CA LEU A 635 -0.11 -24.36 1.60
C LEU A 635 0.95 -25.38 2.02
N THR A 636 1.43 -26.17 1.06
CA THR A 636 2.50 -27.20 1.24
C THR A 636 3.43 -27.16 0.04
N ALA A 637 4.42 -28.06 0.01
CA ALA A 637 5.42 -28.05 -1.02
C ALA A 637 4.77 -28.12 -2.42
N GLU A 638 3.64 -28.80 -2.55
CA GLU A 638 3.05 -29.01 -3.89
C GLU A 638 2.55 -27.67 -4.46
N ASP A 639 2.28 -26.69 -3.60
CA ASP A 639 1.72 -25.43 -4.03
C ASP A 639 2.82 -24.48 -4.51
N VAL A 640 4.08 -24.88 -4.35
CA VAL A 640 5.16 -24.02 -4.79
C VAL A 640 5.18 -24.01 -6.31
N PRO A 641 5.08 -22.84 -6.99
CA PRO A 641 5.08 -22.81 -8.46
C PRO A 641 6.37 -23.26 -9.15
N ASN A 642 7.54 -22.85 -8.64
CA ASN A 642 8.78 -23.15 -9.31
C ASN A 642 9.64 -24.05 -8.40
N SER A 643 10.45 -23.47 -7.52
CA SER A 643 11.48 -24.23 -6.82
C SER A 643 11.20 -24.23 -5.31
N ASN A 644 11.31 -25.42 -4.72
CA ASN A 644 11.16 -25.60 -3.28
C ASN A 644 12.53 -25.52 -2.58
N ALA A 645 13.58 -25.21 -3.35
CA ALA A 645 14.95 -25.17 -2.84
C ALA A 645 15.30 -23.70 -2.59
N THR A 646 15.66 -23.39 -1.33
CA THR A 646 15.86 -22.02 -0.88
C THR A 646 17.04 -21.97 0.10
N GLY A 647 17.27 -20.79 0.69
CA GLY A 647 18.33 -20.65 1.67
C GLY A 647 19.62 -20.29 0.97
N LEU A 648 20.59 -19.78 1.73
CA LEU A 648 21.76 -19.18 1.14
C LEU A 648 22.55 -20.21 0.30
N PHE A 649 22.60 -21.48 0.73
CA PHE A 649 23.37 -22.53 -0.03
C PHE A 649 22.42 -23.56 -0.68
N ASN A 650 21.14 -23.17 -0.86
CA ASN A 650 20.17 -23.89 -1.65
C ASN A 650 19.89 -25.29 -1.07
N ASP A 651 20.08 -25.45 0.25
CA ASP A 651 19.97 -26.76 0.88
C ASP A 651 18.74 -26.81 1.80
N GLU A 652 17.84 -25.82 1.70
CA GLU A 652 16.68 -25.70 2.54
C GLU A 652 15.41 -25.85 1.70
N THR A 653 14.32 -26.29 2.33
CA THR A 653 13.03 -26.32 1.71
C THR A 653 12.26 -25.03 2.02
N VAL A 654 11.43 -24.56 1.07
CA VAL A 654 10.43 -23.56 1.43
C VAL A 654 9.44 -24.21 2.40
N PHE A 655 8.95 -25.39 2.02
CA PHE A 655 8.07 -26.20 2.87
C PHE A 655 8.56 -27.65 2.84
N ALA A 656 8.55 -28.32 4.01
CA ALA A 656 8.99 -29.71 4.15
C ALA A 656 8.35 -30.60 3.07
N LYS A 657 9.18 -31.49 2.50
CA LYS A 657 8.85 -32.48 1.47
C LYS A 657 9.37 -33.84 1.93
N ASP A 658 8.46 -34.73 2.36
CA ASP A 658 8.76 -36.15 2.64
C ASP A 658 9.34 -36.33 4.05
N GLU A 659 10.31 -35.49 4.46
CA GLU A 659 10.89 -35.58 5.81
C GLU A 659 11.00 -34.18 6.44
N VAL A 660 10.98 -34.17 7.78
CA VAL A 660 11.27 -32.99 8.65
C VAL A 660 12.61 -33.24 9.33
N THR A 661 13.43 -32.19 9.46
CA THR A 661 14.80 -32.31 9.90
C THR A 661 15.10 -31.44 11.14
N CYS A 662 14.09 -30.87 11.78
CA CYS A 662 14.22 -30.27 13.13
C CYS A 662 12.82 -30.04 13.72
N VAL A 663 12.74 -29.91 15.05
CA VAL A 663 11.57 -29.39 15.67
C VAL A 663 11.58 -27.89 15.33
N GLY A 664 10.56 -27.47 14.60
CA GLY A 664 10.40 -26.12 14.07
C GLY A 664 10.52 -26.08 12.56
N HIS A 665 10.82 -27.20 11.90
CA HIS A 665 10.92 -27.23 10.42
C HIS A 665 9.54 -26.90 9.82
N ILE A 666 9.47 -25.89 8.92
CA ILE A 666 8.21 -25.39 8.40
C ILE A 666 7.68 -26.43 7.41
N ILE A 667 6.49 -26.96 7.69
CA ILE A 667 5.83 -27.97 6.85
C ILE A 667 4.90 -27.28 5.85
N GLY A 668 4.16 -26.28 6.33
CA GLY A 668 3.15 -25.60 5.50
C GLY A 668 2.71 -24.33 6.14
N ALA A 669 1.65 -23.73 5.60
CA ALA A 669 1.15 -22.48 6.13
C ALA A 669 -0.36 -22.42 5.97
N VAL A 670 -1.09 -22.13 7.05
CA VAL A 670 -2.49 -21.84 6.95
C VAL A 670 -2.71 -20.37 6.55
N VAL A 671 -3.67 -20.17 5.64
CA VAL A 671 -4.17 -18.85 5.27
C VAL A 671 -5.63 -18.76 5.75
N ALA A 672 -5.94 -17.70 6.51
CA ALA A 672 -7.30 -17.41 6.98
C ALA A 672 -7.59 -15.90 6.92
N ASP A 673 -8.82 -15.50 7.23
CA ASP A 673 -9.20 -14.08 7.25
C ASP A 673 -8.45 -13.36 8.38
N THR A 674 -8.36 -13.94 9.59
CA THR A 674 -7.74 -13.26 10.74
C THR A 674 -6.62 -14.09 11.36
N PRO A 675 -5.68 -13.50 12.14
CA PRO A 675 -4.66 -14.28 12.85
C PRO A 675 -5.24 -15.31 13.83
N GLU A 676 -6.33 -14.96 14.52
CA GLU A 676 -7.02 -15.86 15.47
C GLU A 676 -7.48 -17.11 14.70
N HIS A 677 -8.11 -16.89 13.53
CA HIS A 677 -8.62 -18.00 12.75
C HIS A 677 -7.48 -18.79 12.10
N ALA A 678 -6.38 -18.12 11.74
CA ALA A 678 -5.22 -18.83 11.20
C ALA A 678 -4.56 -19.69 12.28
N GLN A 679 -4.49 -19.18 13.51
CA GLN A 679 -3.89 -19.94 14.61
C GLN A 679 -4.75 -21.17 14.91
N ARG A 680 -6.06 -20.98 15.03
CA ARG A 680 -6.96 -22.08 15.35
C ARG A 680 -6.89 -23.15 14.24
N ALA A 681 -6.95 -22.72 12.99
CA ALA A 681 -6.90 -23.64 11.84
C ALA A 681 -5.57 -24.42 11.86
N ALA A 682 -4.46 -23.73 12.18
CA ALA A 682 -3.15 -24.35 12.24
C ALA A 682 -3.13 -25.49 13.27
N ARG A 683 -3.85 -25.33 14.38
CA ARG A 683 -3.93 -26.37 15.40
C ARG A 683 -4.73 -27.57 14.86
N GLY A 684 -5.60 -27.34 13.87
CA GLY A 684 -6.37 -28.40 13.22
C GLY A 684 -5.64 -29.05 12.05
N VAL A 685 -4.33 -28.82 11.90
CA VAL A 685 -3.55 -29.52 10.90
C VAL A 685 -2.82 -30.67 11.61
N LYS A 686 -3.35 -31.89 11.47
CA LYS A 686 -2.81 -33.01 12.20
C LYS A 686 -1.80 -33.72 11.30
N ILE A 687 -0.58 -33.90 11.80
CA ILE A 687 0.49 -34.50 11.02
C ILE A 687 0.88 -35.85 11.66
N THR A 688 1.08 -36.86 10.81
CA THR A 688 1.54 -38.16 11.28
C THR A 688 2.97 -38.35 10.83
N TYR A 689 3.81 -38.80 11.77
CA TYR A 689 5.23 -38.94 11.56
C TYR A 689 5.70 -40.40 11.80
N GLU A 690 6.83 -40.73 11.17
CA GLU A 690 7.61 -41.92 11.44
C GLU A 690 9.07 -41.50 11.69
N ASP A 691 9.52 -41.61 12.95
CA ASP A 691 10.85 -41.14 13.37
C ASP A 691 11.97 -41.79 12.56
N LEU A 692 13.01 -40.98 12.35
CA LEU A 692 14.25 -41.31 11.66
C LEU A 692 15.39 -40.97 12.62
N PRO A 693 16.52 -41.72 12.59
CA PRO A 693 17.68 -41.38 13.41
C PRO A 693 18.00 -39.87 13.41
N ALA A 694 18.00 -39.30 14.62
CA ALA A 694 18.20 -37.87 14.92
C ALA A 694 19.63 -37.61 15.40
N ILE A 695 20.25 -36.54 14.88
CA ILE A 695 21.57 -36.07 15.23
C ILE A 695 21.44 -34.68 15.87
N ILE A 696 21.53 -34.60 17.21
CA ILE A 696 21.16 -33.37 17.97
C ILE A 696 22.42 -32.57 18.33
N THR A 697 23.32 -33.20 19.07
CA THR A 697 24.44 -32.54 19.74
C THR A 697 25.69 -32.52 18.85
N ILE A 698 26.64 -31.66 19.22
CA ILE A 698 27.95 -31.61 18.58
C ILE A 698 28.59 -33.01 18.63
N GLN A 699 28.44 -33.71 19.77
CA GLN A 699 29.04 -35.04 19.91
C GLN A 699 28.31 -35.99 18.95
N ASP A 700 26.97 -35.95 18.94
CA ASP A 700 26.20 -36.79 18.01
C ASP A 700 26.80 -36.60 16.61
N ALA A 701 27.16 -35.36 16.27
CA ALA A 701 27.57 -35.04 14.92
C ALA A 701 28.97 -35.59 14.64
N ILE A 702 29.89 -35.43 15.60
CA ILE A 702 31.27 -35.92 15.48
C ILE A 702 31.24 -37.45 15.28
N ASN A 703 30.42 -38.13 16.08
CA ASN A 703 30.31 -39.59 16.03
C ASN A 703 29.70 -40.07 14.70
N ASN A 704 28.78 -39.27 14.13
CA ASN A 704 28.11 -39.64 12.89
C ASN A 704 28.77 -38.99 11.66
N ASN A 705 29.93 -38.35 11.85
CA ASN A 705 30.62 -37.65 10.80
C ASN A 705 29.69 -36.74 9.96
N SER A 706 28.88 -35.93 10.64
CA SER A 706 27.86 -35.13 9.96
C SER A 706 28.22 -33.64 10.05
N PHE A 707 28.71 -33.08 8.95
CA PHE A 707 29.32 -31.78 8.94
C PHE A 707 28.93 -31.03 7.67
N TYR A 708 28.94 -29.70 7.74
CA TYR A 708 28.83 -28.86 6.58
C TYR A 708 30.23 -28.69 6.01
N GLY A 709 30.54 -29.46 4.97
CA GLY A 709 31.77 -29.33 4.26
C GLY A 709 32.95 -29.82 5.08
N SER A 710 34.14 -29.43 4.61
CA SER A 710 35.42 -29.90 5.10
C SER A 710 35.90 -29.02 6.27
N GLU A 711 36.99 -29.46 6.89
CA GLU A 711 37.67 -28.76 7.96
C GLU A 711 38.22 -27.43 7.41
N ILE A 712 38.07 -26.37 8.20
CA ILE A 712 38.70 -25.10 7.90
C ILE A 712 39.94 -24.98 8.80
N LYS A 713 41.04 -24.43 8.30
CA LYS A 713 42.27 -24.44 9.07
C LYS A 713 43.12 -23.22 8.80
N ILE A 714 43.69 -22.66 9.87
CA ILE A 714 44.72 -21.68 9.76
C ILE A 714 45.87 -22.19 10.65
N GLU A 715 47.08 -22.12 10.10
CA GLU A 715 48.26 -22.61 10.74
C GLU A 715 49.46 -21.77 10.31
N LYS A 716 50.35 -21.47 11.27
CA LYS A 716 51.54 -20.66 11.04
C LYS A 716 52.60 -21.15 12.02
N GLY A 717 53.87 -20.99 11.62
CA GLY A 717 55.03 -21.39 12.42
C GLY A 717 55.16 -22.90 12.49
N ASP A 718 55.76 -23.38 13.58
CA ASP A 718 56.09 -24.78 13.81
C ASP A 718 55.57 -25.24 15.17
N LEU A 719 54.53 -26.08 15.15
CA LEU A 719 53.82 -26.42 16.37
C LEU A 719 54.64 -27.40 17.23
N LYS A 720 55.38 -28.32 16.58
CA LYS A 720 56.23 -29.32 17.28
C LYS A 720 57.31 -28.59 18.07
N LYS A 721 58.04 -27.72 17.38
CA LYS A 721 59.07 -26.97 18.01
C LYS A 721 58.50 -26.23 19.23
N GLY A 722 57.42 -25.46 19.02
CA GLY A 722 56.89 -24.60 20.09
C GLY A 722 56.56 -25.36 21.37
N PHE A 723 55.86 -26.49 21.22
CA PHE A 723 55.46 -27.30 22.37
C PHE A 723 56.70 -27.90 23.05
N SER A 724 57.70 -28.27 22.26
CA SER A 724 58.91 -28.88 22.83
C SER A 724 59.68 -27.80 23.62
N GLU A 725 59.62 -26.54 23.16
CA GLU A 725 60.32 -25.42 23.80
C GLU A 725 59.61 -24.91 25.05
N ALA A 726 58.32 -25.24 25.18
CA ALA A 726 57.49 -24.65 26.20
C ALA A 726 57.90 -25.20 27.55
N ASP A 727 58.01 -24.30 28.55
CA ASP A 727 58.17 -24.71 29.95
C ASP A 727 56.91 -25.42 30.44
N ASN A 728 55.72 -24.97 30.01
CA ASN A 728 54.49 -25.60 30.48
C ASN A 728 53.54 -25.79 29.30
N VAL A 729 52.62 -26.76 29.44
CA VAL A 729 51.56 -27.03 28.46
C VAL A 729 50.28 -27.32 29.25
N VAL A 730 49.19 -26.62 28.91
CA VAL A 730 47.89 -26.84 29.54
C VAL A 730 46.89 -27.20 28.44
N SER A 731 46.06 -28.21 28.73
CA SER A 731 44.99 -28.68 27.85
C SER A 731 43.66 -28.56 28.58
N GLY A 732 42.58 -28.41 27.78
CA GLY A 732 41.22 -28.47 28.26
C GLY A 732 40.22 -28.19 27.14
N GLU A 733 38.96 -28.06 27.54
CA GLU A 733 37.84 -27.78 26.65
C GLU A 733 37.06 -26.60 27.21
N LEU A 734 36.28 -25.97 26.33
CA LEU A 734 35.32 -24.94 26.73
C LEU A 734 34.07 -25.13 25.85
N TYR A 735 32.91 -25.10 26.51
CA TYR A 735 31.63 -25.04 25.84
C TYR A 735 31.09 -23.61 25.95
N ILE A 736 30.56 -23.07 24.84
CA ILE A 736 29.93 -21.78 24.81
C ILE A 736 28.48 -21.94 24.31
N GLY A 737 27.52 -21.59 25.14
CA GLY A 737 26.10 -21.71 24.76
C GLY A 737 25.76 -20.71 23.67
N GLY A 738 24.73 -21.02 22.87
CA GLY A 738 24.25 -20.10 21.80
C GLY A 738 23.52 -18.87 22.37
N GLN A 739 22.66 -18.25 21.55
CA GLN A 739 22.00 -16.97 21.93
C GLN A 739 20.83 -16.72 20.98
N GLU A 740 19.67 -16.35 21.56
CA GLU A 740 18.51 -15.84 20.79
C GLU A 740 18.65 -14.31 20.68
N HIS A 741 18.39 -13.76 19.50
CA HIS A 741 18.57 -12.35 19.20
C HIS A 741 17.66 -11.48 20.08
N PHE A 742 16.43 -11.94 20.25
CA PHE A 742 15.38 -11.25 21.00
C PHE A 742 15.33 -9.79 20.52
N TYR A 743 15.36 -9.58 19.20
CA TYR A 743 14.84 -8.32 18.61
C TYR A 743 13.42 -8.14 19.16
N LEU A 744 13.12 -6.93 19.64
CA LEU A 744 11.85 -6.77 20.31
C LEU A 744 10.69 -6.91 19.30
N GLU A 745 10.93 -6.49 18.06
CA GLU A 745 10.02 -6.73 16.92
C GLU A 745 10.39 -8.05 16.23
N THR A 746 9.49 -9.02 16.27
CA THR A 746 9.76 -10.33 15.65
C THR A 746 9.70 -10.19 14.13
N ASN A 747 9.94 -11.31 13.45
CA ASN A 747 9.90 -11.39 11.99
C ASN A 747 8.46 -11.08 11.53
N CYS A 748 8.37 -10.35 10.42
CA CYS A 748 7.11 -9.87 9.89
C CYS A 748 7.29 -9.60 8.40
N THR A 749 6.32 -10.06 7.58
CA THR A 749 6.23 -9.71 6.15
C THR A 749 4.77 -9.44 5.78
N ILE A 750 4.55 -8.40 4.96
CA ILE A 750 3.31 -8.21 4.22
C ILE A 750 3.72 -8.35 2.76
N ALA A 751 3.00 -9.19 2.01
CA ALA A 751 3.21 -9.29 0.59
C ALA A 751 1.92 -8.82 -0.09
N VAL A 752 2.09 -7.93 -1.05
CA VAL A 752 1.01 -7.33 -1.77
C VAL A 752 1.13 -7.69 -3.24
N PRO A 753 0.25 -8.58 -3.78
CA PRO A 753 0.32 -8.97 -5.18
C PRO A 753 -0.30 -7.83 -6.00
N LYS A 754 0.28 -7.54 -7.16
CA LYS A 754 -0.18 -6.41 -7.97
C LYS A 754 -1.09 -6.88 -9.11
N GLY A 755 -1.19 -8.18 -9.39
CA GLY A 755 -2.17 -8.66 -10.39
C GLY A 755 -1.71 -8.54 -11.84
N GLU A 756 -0.58 -7.90 -12.09
CA GLU A 756 0.01 -7.79 -13.41
C GLU A 756 1.40 -8.38 -13.40
N ALA A 757 1.64 -9.24 -14.39
CA ALA A 757 2.97 -9.65 -14.84
C ALA A 757 3.79 -10.27 -13.70
N GLY A 758 3.14 -10.84 -12.68
CA GLY A 758 3.86 -11.44 -11.56
C GLY A 758 4.40 -10.41 -10.56
N GLU A 759 4.02 -9.13 -10.68
CA GLU A 759 4.55 -8.05 -9.81
C GLU A 759 4.05 -8.25 -8.38
N MET A 760 4.96 -8.15 -7.42
CA MET A 760 4.60 -8.20 -6.01
C MET A 760 5.50 -7.23 -5.25
N GLU A 761 4.95 -6.57 -4.23
CA GLU A 761 5.67 -5.66 -3.34
C GLU A 761 5.64 -6.32 -1.94
N LEU A 762 6.79 -6.40 -1.26
CA LEU A 762 6.83 -6.94 0.08
C LEU A 762 7.38 -5.87 1.04
N PHE A 763 6.73 -5.75 2.18
CA PHE A 763 7.11 -4.92 3.32
C PHE A 763 7.60 -5.86 4.40
N VAL A 764 8.87 -5.73 4.78
CA VAL A 764 9.53 -6.80 5.51
C VAL A 764 10.42 -6.18 6.58
N SER A 765 10.42 -6.82 7.75
CA SER A 765 11.41 -6.53 8.77
C SER A 765 12.66 -7.39 8.46
N THR A 766 13.57 -6.90 7.61
CA THR A 766 14.72 -7.69 7.20
C THR A 766 15.94 -6.79 7.02
N GLN A 767 17.11 -7.35 7.30
CA GLN A 767 18.39 -6.70 7.06
C GLN A 767 18.86 -7.00 5.62
N ASN A 768 18.11 -7.84 4.87
CA ASN A 768 18.60 -8.36 3.59
C ASN A 768 17.50 -8.32 2.51
N THR A 769 17.30 -7.14 1.94
CA THR A 769 16.30 -6.97 0.89
C THR A 769 16.62 -7.86 -0.32
N MET A 770 17.89 -7.88 -0.72
CA MET A 770 18.34 -8.59 -1.93
C MET A 770 17.97 -10.08 -1.82
N LYS A 771 18.33 -10.75 -0.73
CA LYS A 771 18.08 -12.19 -0.62
C LYS A 771 16.57 -12.45 -0.49
N THR A 772 15.86 -11.54 0.18
CA THR A 772 14.42 -11.67 0.27
C THR A 772 13.85 -11.69 -1.16
N GLN A 773 14.28 -10.72 -1.96
CA GLN A 773 13.80 -10.54 -3.34
C GLN A 773 14.08 -11.80 -4.17
N SER A 774 15.36 -12.23 -4.16
CA SER A 774 15.87 -13.41 -4.91
C SER A 774 15.09 -14.67 -4.55
N PHE A 775 14.89 -14.90 -3.25
CA PHE A 775 14.29 -16.11 -2.77
C PHE A 775 12.80 -16.15 -3.13
N VAL A 776 12.10 -15.01 -3.04
CA VAL A 776 10.72 -14.93 -3.42
C VAL A 776 10.61 -15.19 -4.94
N ALA A 777 11.41 -14.50 -5.74
CA ALA A 777 11.41 -14.61 -7.18
C ALA A 777 11.63 -16.07 -7.62
N LYS A 778 12.65 -16.71 -7.03
CA LYS A 778 12.98 -18.09 -7.43
C LYS A 778 11.84 -19.05 -7.09
N MET A 779 11.20 -18.84 -5.93
CA MET A 779 10.13 -19.70 -5.46
C MET A 779 8.94 -19.58 -6.45
N LEU A 780 8.66 -18.34 -6.90
CA LEU A 780 7.51 -18.03 -7.77
C LEU A 780 7.79 -18.40 -9.24
N GLY A 781 9.07 -18.46 -9.61
CA GLY A 781 9.52 -18.63 -10.98
C GLY A 781 9.35 -17.35 -11.81
N VAL A 782 9.48 -16.18 -11.18
CA VAL A 782 9.43 -14.91 -11.93
C VAL A 782 10.79 -14.24 -11.84
N PRO A 783 11.11 -13.34 -12.77
CA PRO A 783 12.39 -12.63 -12.72
C PRO A 783 12.46 -11.64 -11.52
N ASP A 784 13.68 -11.32 -11.10
CA ASP A 784 13.86 -10.46 -9.92
C ASP A 784 13.17 -9.11 -10.14
N ASN A 785 13.07 -8.64 -11.40
CA ASN A 785 12.56 -7.29 -11.74
C ASN A 785 11.07 -7.14 -11.44
N ARG A 786 10.40 -8.24 -11.10
CA ARG A 786 8.98 -8.24 -10.75
C ARG A 786 8.74 -8.04 -9.25
N ILE A 787 9.78 -8.24 -8.44
CA ILE A 787 9.67 -8.30 -7.00
C ILE A 787 10.36 -7.08 -6.37
N VAL A 788 9.61 -6.34 -5.54
CA VAL A 788 10.12 -5.21 -4.83
C VAL A 788 10.03 -5.54 -3.35
N VAL A 789 11.13 -5.32 -2.64
CA VAL A 789 11.21 -5.47 -1.23
C VAL A 789 11.55 -4.12 -0.60
N ARG A 790 10.72 -3.73 0.38
CA ARG A 790 10.83 -2.43 1.01
C ARG A 790 11.02 -2.62 2.52
N VAL A 791 11.96 -1.86 3.09
CA VAL A 791 12.19 -1.86 4.52
C VAL A 791 12.26 -0.40 4.96
N LYS A 792 11.33 -0.02 5.81
CA LYS A 792 11.34 1.28 6.40
C LYS A 792 12.28 1.24 7.62
N ARG A 793 12.00 0.31 8.54
CA ARG A 793 12.81 0.08 9.77
C ARG A 793 12.44 -1.25 10.44
N MET A 794 13.40 -1.75 11.21
CA MET A 794 13.22 -2.95 12.00
C MET A 794 13.31 -2.57 13.48
N GLY A 795 12.53 -3.25 14.32
CA GLY A 795 12.67 -3.17 15.76
C GLY A 795 13.74 -4.13 16.23
N GLY A 796 14.97 -3.89 15.74
CA GLY A 796 16.11 -4.78 16.00
C GLY A 796 16.25 -5.91 14.98
N GLY A 797 17.51 -6.29 14.74
CA GLY A 797 17.85 -7.43 13.88
C GLY A 797 19.04 -8.25 14.39
N PHE A 798 20.21 -7.61 14.50
CA PHE A 798 21.35 -8.18 15.24
C PHE A 798 21.93 -9.41 14.54
N GLY A 799 21.66 -9.60 13.24
CA GLY A 799 22.06 -10.78 12.45
C GLY A 799 20.92 -11.76 12.24
N GLY A 800 19.93 -11.76 13.15
CA GLY A 800 18.81 -12.66 13.11
C GLY A 800 17.92 -12.43 11.91
N LYS A 801 18.05 -11.28 11.25
CA LYS A 801 17.24 -10.96 10.11
C LYS A 801 18.13 -10.74 8.89
N GLU A 802 19.37 -11.24 8.97
CA GLU A 802 20.25 -11.23 7.81
C GLU A 802 19.80 -12.27 6.75
N THR A 803 19.36 -13.43 7.20
CA THR A 803 18.84 -14.45 6.29
C THR A 803 17.51 -15.05 6.75
N ARG A 804 17.32 -15.28 8.06
CA ARG A 804 16.27 -16.21 8.49
C ARG A 804 14.88 -15.55 8.36
N SER A 805 14.84 -14.26 8.00
CA SER A 805 13.58 -13.55 7.77
C SER A 805 12.87 -14.15 6.55
N THR A 806 13.65 -14.75 5.62
CA THR A 806 13.10 -15.18 4.33
C THR A 806 12.16 -16.39 4.50
N VAL A 807 12.27 -17.14 5.61
CA VAL A 807 11.42 -18.32 5.80
C VAL A 807 9.97 -17.82 5.97
N VAL A 808 9.76 -16.63 6.52
CA VAL A 808 8.41 -16.04 6.59
C VAL A 808 8.09 -15.38 5.26
N SER A 809 9.03 -14.61 4.70
CA SER A 809 8.75 -13.82 3.47
C SER A 809 8.26 -14.72 2.34
N THR A 810 8.92 -15.85 2.12
CA THR A 810 8.59 -16.74 0.98
C THR A 810 7.20 -17.36 1.16
N ALA A 811 6.89 -17.80 2.38
CA ALA A 811 5.58 -18.35 2.71
C ALA A 811 4.47 -17.35 2.39
N LEU A 812 4.65 -16.14 2.89
CA LEU A 812 3.68 -15.10 2.69
C LEU A 812 3.53 -14.71 1.22
N ALA A 813 4.66 -14.57 0.52
CA ALA A 813 4.65 -14.28 -0.90
C ALA A 813 3.81 -15.31 -1.62
N LEU A 814 3.99 -16.58 -1.26
CA LEU A 814 3.28 -17.63 -1.98
C LEU A 814 1.77 -17.49 -1.76
N ALA A 815 1.36 -17.25 -0.50
CA ALA A 815 -0.04 -17.04 -0.14
C ALA A 815 -0.64 -15.91 -0.99
N ALA A 816 0.12 -14.82 -1.10
CA ALA A 816 -0.35 -13.66 -1.84
C ALA A 816 -0.51 -14.01 -3.32
N HIS A 817 0.51 -14.66 -3.89
CA HIS A 817 0.47 -15.09 -5.27
C HIS A 817 -0.77 -15.95 -5.50
N LYS A 818 -0.99 -16.93 -4.64
CA LYS A 818 -2.03 -17.95 -4.84
C LYS A 818 -3.45 -17.32 -4.77
N THR A 819 -3.65 -16.38 -3.84
CA THR A 819 -4.97 -15.85 -3.52
C THR A 819 -5.24 -14.58 -4.33
N GLY A 820 -4.20 -13.92 -4.82
CA GLY A 820 -4.35 -12.63 -5.46
C GLY A 820 -4.69 -11.51 -4.46
N ARG A 821 -4.49 -11.77 -3.16
CA ARG A 821 -4.81 -10.82 -2.05
C ARG A 821 -3.55 -10.55 -1.21
N PRO A 822 -3.44 -9.35 -0.58
CA PRO A 822 -2.34 -9.05 0.33
C PRO A 822 -2.46 -10.10 1.43
N VAL A 823 -1.32 -10.54 1.97
CA VAL A 823 -1.28 -11.49 3.09
C VAL A 823 -0.21 -11.00 4.08
N ARG A 824 -0.48 -11.16 5.39
CA ARG A 824 0.43 -10.71 6.45
C ARG A 824 0.71 -11.87 7.43
N CYS A 825 1.95 -11.92 7.95
CA CYS A 825 2.34 -12.78 9.02
C CYS A 825 3.38 -12.02 9.88
N MET A 826 3.04 -11.82 11.15
CA MET A 826 4.04 -11.47 12.14
C MET A 826 4.17 -12.66 13.08
N LEU A 827 5.40 -13.08 13.41
CA LEU A 827 5.58 -14.24 14.30
C LEU A 827 5.30 -13.83 15.74
N ASP A 828 4.58 -14.71 16.45
CA ASP A 828 4.57 -14.69 17.90
C ASP A 828 6.00 -14.97 18.40
N ARG A 829 6.31 -14.51 19.61
CA ARG A 829 7.67 -14.72 20.13
C ARG A 829 8.02 -16.21 20.15
N ASP A 830 7.08 -17.08 20.53
CA ASP A 830 7.43 -18.52 20.68
C ASP A 830 7.76 -19.11 19.32
N GLU A 831 6.95 -18.76 18.31
CA GLU A 831 7.21 -19.13 16.96
C GLU A 831 8.61 -18.67 16.54
N ASP A 832 8.89 -17.38 16.79
CA ASP A 832 10.12 -16.77 16.25
C ASP A 832 11.33 -17.48 16.83
N MET A 833 11.30 -17.65 18.15
CA MET A 833 12.41 -18.22 18.89
C MET A 833 12.65 -19.67 18.45
N LEU A 834 11.57 -20.40 18.13
CA LEU A 834 11.67 -21.82 17.70
C LEU A 834 12.23 -21.94 16.25
N ILE A 835 11.72 -21.13 15.32
CA ILE A 835 12.01 -21.33 13.89
C ILE A 835 13.35 -20.73 13.46
N THR A 836 13.67 -19.51 13.94
CA THR A 836 14.62 -18.60 13.24
C THR A 836 16.09 -18.82 13.67
N GLY A 837 16.32 -19.68 14.66
CA GLY A 837 17.67 -20.00 15.11
C GLY A 837 18.39 -18.82 15.79
N GLY A 838 19.66 -19.05 16.10
CA GLY A 838 20.41 -18.25 17.05
C GLY A 838 21.90 -18.25 16.74
N ARG A 839 22.67 -17.73 17.71
CA ARG A 839 24.13 -17.79 17.69
C ARG A 839 24.53 -19.27 17.75
N HIS A 840 25.66 -19.58 17.14
CA HIS A 840 26.14 -20.94 17.15
C HIS A 840 26.75 -21.30 18.50
N PRO A 841 26.27 -22.37 19.17
CA PRO A 841 27.01 -22.98 20.27
C PRO A 841 28.35 -23.43 19.71
N PHE A 842 29.40 -23.30 20.54
CA PHE A 842 30.74 -23.75 20.20
C PHE A 842 31.29 -24.70 21.28
N LEU A 843 32.01 -25.73 20.84
CA LEU A 843 32.82 -26.60 21.70
C LEU A 843 34.25 -26.44 21.22
N ALA A 844 35.18 -26.13 22.14
CA ALA A 844 36.58 -25.96 21.84
C ALA A 844 37.41 -26.94 22.68
N LYS A 845 38.42 -27.52 22.02
CA LYS A 845 39.47 -28.37 22.63
C LYS A 845 40.81 -27.71 22.34
N TYR A 846 41.51 -27.24 23.39
CA TYR A 846 42.71 -26.42 23.23
C TYR A 846 43.89 -27.06 23.95
N LYS A 847 45.06 -26.69 23.49
CA LYS A 847 46.30 -27.03 24.09
C LYS A 847 47.25 -25.85 23.91
N VAL A 848 47.74 -25.27 25.00
CA VAL A 848 48.56 -24.10 24.90
C VAL A 848 49.91 -24.38 25.59
N GLY A 849 50.99 -23.95 24.92
CA GLY A 849 52.36 -24.01 25.45
C GLY A 849 52.90 -22.61 25.72
N PHE A 850 53.55 -22.46 26.88
CA PHE A 850 54.01 -21.17 27.34
C PHE A 850 55.19 -21.32 28.28
N MET A 851 55.95 -20.22 28.41
CA MET A 851 57.12 -20.13 29.28
C MET A 851 56.65 -19.73 30.69
N LYS A 852 57.57 -19.80 31.66
CA LYS A 852 57.26 -19.49 33.05
C LYS A 852 56.94 -18.01 33.21
N THR A 853 57.43 -17.19 32.27
CA THR A 853 57.20 -15.76 32.21
C THR A 853 55.77 -15.41 31.75
N GLY A 854 55.01 -16.39 31.26
CA GLY A 854 53.66 -16.19 30.74
C GLY A 854 53.59 -15.96 29.24
N THR A 855 54.75 -15.90 28.58
CA THR A 855 54.82 -15.79 27.12
C THR A 855 54.33 -17.11 26.50
N VAL A 856 53.38 -16.99 25.58
CA VAL A 856 52.77 -18.11 24.87
C VAL A 856 53.60 -18.41 23.62
N VAL A 857 54.01 -19.68 23.45
CA VAL A 857 54.88 -20.06 22.34
C VAL A 857 54.19 -21.08 21.42
N ALA A 858 53.09 -21.68 21.84
CA ALA A 858 52.42 -22.66 21.00
C ALA A 858 50.93 -22.73 21.38
N LEU A 859 50.08 -22.93 20.36
CA LEU A 859 48.65 -23.03 20.56
C LEU A 859 48.02 -23.87 19.43
N GLU A 860 47.20 -24.83 19.86
CA GLU A 860 46.40 -25.65 18.99
C GLU A 860 44.96 -25.65 19.52
N VAL A 861 43.98 -25.27 18.66
CA VAL A 861 42.59 -25.22 19.08
C VAL A 861 41.72 -25.89 18.01
N ALA A 862 40.94 -26.89 18.42
CA ALA A 862 39.91 -27.42 17.54
C ALA A 862 38.56 -26.84 17.93
N HIS A 863 37.89 -26.19 16.97
CA HIS A 863 36.56 -25.62 17.17
C HIS A 863 35.51 -26.49 16.47
N PHE A 864 34.40 -26.66 17.16
CA PHE A 864 33.19 -27.28 16.67
C PHE A 864 31.99 -26.36 16.94
N SER A 865 31.15 -26.14 15.92
CA SER A 865 29.93 -25.35 16.09
C SER A 865 28.72 -26.22 15.74
N ASN A 866 27.59 -25.97 16.39
CA ASN A 866 26.35 -26.65 16.07
C ASN A 866 25.53 -25.77 15.09
N GLY A 867 25.47 -26.16 13.81
CA GLY A 867 24.91 -25.29 12.74
C GLY A 867 23.42 -25.47 12.49
N GLY A 868 22.88 -26.59 12.99
CA GLY A 868 21.52 -26.99 12.74
C GLY A 868 21.35 -27.53 11.33
N ASN A 869 20.14 -27.37 10.79
CA ASN A 869 19.66 -28.23 9.69
C ASN A 869 19.78 -27.60 8.30
N THR A 870 20.40 -26.41 8.15
CA THR A 870 20.79 -25.87 6.84
C THR A 870 22.15 -25.24 7.01
N GLU A 871 22.87 -24.97 5.92
CA GLU A 871 24.21 -24.43 6.07
C GLU A 871 24.10 -22.98 6.60
N ASP A 872 23.30 -22.18 5.89
CA ASP A 872 23.18 -20.77 6.15
C ASP A 872 24.59 -20.18 6.24
N LEU A 873 24.85 -19.34 7.26
CA LEU A 873 26.12 -18.55 7.26
C LEU A 873 27.20 -19.27 8.09
N SER A 874 26.89 -20.50 8.51
CA SER A 874 27.69 -21.27 9.47
C SER A 874 29.20 -21.28 9.14
N ARG A 875 29.54 -21.45 7.86
CA ARG A 875 30.93 -21.65 7.47
C ARG A 875 31.72 -20.32 7.59
N SER A 876 31.06 -19.21 7.22
CA SER A 876 31.63 -17.90 7.34
C SER A 876 31.82 -17.53 8.82
N ILE A 877 30.90 -17.98 9.67
CA ILE A 877 30.95 -17.74 11.12
C ILE A 877 32.17 -18.50 11.67
N MET A 878 32.40 -19.72 11.19
CA MET A 878 33.60 -20.49 11.63
C MET A 878 34.90 -19.80 11.16
N GLU A 879 34.93 -19.30 9.93
CA GLU A 879 36.08 -18.57 9.46
C GLU A 879 36.36 -17.36 10.36
N ARG A 880 35.32 -16.59 10.70
CA ARG A 880 35.58 -15.40 11.50
C ARG A 880 36.05 -15.84 12.90
N ALA A 881 35.55 -16.97 13.41
CA ALA A 881 36.01 -17.44 14.72
C ALA A 881 37.52 -17.76 14.64
N LEU A 882 37.94 -18.45 13.57
CA LEU A 882 39.34 -18.75 13.36
C LEU A 882 40.14 -17.47 13.16
N PHE A 883 39.56 -16.48 12.47
CA PHE A 883 40.32 -15.28 12.22
C PHE A 883 40.58 -14.53 13.55
N HIS A 884 39.83 -14.87 14.62
CA HIS A 884 39.92 -14.14 15.88
C HIS A 884 40.39 -15.03 17.03
N MET A 885 40.98 -16.20 16.73
CA MET A 885 41.42 -17.12 17.81
C MET A 885 42.68 -16.60 18.52
N ASP A 886 43.38 -15.61 17.91
CA ASP A 886 44.51 -14.84 18.49
C ASP A 886 44.04 -13.84 19.56
N ASN A 887 42.77 -13.39 19.50
CA ASN A 887 42.32 -12.12 20.07
C ASN A 887 43.37 -11.02 19.88
N ALA A 888 44.03 -10.58 20.97
CA ALA A 888 44.95 -9.48 20.91
C ALA A 888 46.42 -9.97 20.91
N TYR A 889 46.64 -11.29 20.76
CA TYR A 889 47.92 -11.91 21.16
C TYR A 889 48.67 -12.51 19.96
N LYS A 890 49.97 -12.15 19.90
CA LYS A 890 50.95 -12.65 18.94
C LYS A 890 51.38 -14.04 19.40
N ILE A 891 51.13 -15.04 18.56
CA ILE A 891 51.46 -16.41 18.89
C ILE A 891 52.25 -17.01 17.72
N PRO A 892 53.59 -17.20 17.86
CA PRO A 892 54.46 -17.50 16.71
C PRO A 892 54.19 -18.86 16.06
N ASN A 893 53.69 -19.83 16.83
CA ASN A 893 53.35 -21.19 16.39
C ASN A 893 51.90 -21.52 16.77
N ILE A 894 51.03 -21.63 15.76
CA ILE A 894 49.61 -21.70 16.02
C ILE A 894 48.88 -22.52 14.96
N ARG A 895 47.85 -23.21 15.42
CA ARG A 895 47.01 -23.99 14.56
C ARG A 895 45.59 -24.02 15.12
N GLY A 896 44.63 -23.57 14.29
CA GLY A 896 43.24 -23.68 14.62
C GLY A 896 42.50 -24.42 13.53
N THR A 897 41.58 -25.28 13.97
CA THR A 897 40.65 -25.91 13.09
C THR A 897 39.22 -25.59 13.53
N GLY A 898 38.34 -25.55 12.53
CA GLY A 898 36.90 -25.52 12.77
C GLY A 898 36.17 -26.56 11.94
N ARG A 899 35.10 -27.11 12.51
CA ARG A 899 34.22 -28.03 11.87
C ARG A 899 32.80 -27.58 12.24
N ILE A 900 31.92 -27.47 11.22
CA ILE A 900 30.53 -27.11 11.43
C ILE A 900 29.69 -28.40 11.42
N CYS A 901 29.07 -28.69 12.57
CA CYS A 901 28.23 -29.79 12.74
C CYS A 901 26.88 -29.52 12.03
N LYS A 902 26.36 -30.58 11.40
CA LYS A 902 25.06 -30.63 10.74
C LYS A 902 24.12 -31.47 11.61
N THR A 903 23.10 -30.83 12.17
CA THR A 903 22.26 -31.45 13.14
C THR A 903 20.80 -31.21 12.79
N ASN A 904 19.92 -31.96 13.48
CA ASN A 904 18.48 -31.82 13.43
C ASN A 904 18.00 -30.83 14.50
N LEU A 905 18.46 -29.59 14.34
CA LEU A 905 18.02 -28.47 15.13
C LEU A 905 17.74 -27.32 14.17
N PRO A 906 16.98 -26.29 14.56
CA PRO A 906 16.85 -25.12 13.71
C PRO A 906 18.25 -24.62 13.28
N SER A 907 18.33 -24.06 12.07
CA SER A 907 19.56 -23.58 11.49
C SER A 907 20.02 -22.35 12.26
N ASN A 908 21.26 -22.40 12.76
CA ASN A 908 21.83 -21.23 13.44
C ASN A 908 22.43 -20.29 12.39
N THR A 909 22.55 -19.02 12.77
CA THR A 909 22.82 -17.95 11.80
C THR A 909 23.72 -16.83 12.38
N ALA A 910 23.73 -15.69 11.69
CA ALA A 910 24.45 -14.48 12.16
C ALA A 910 23.85 -14.02 13.49
N PHE A 911 24.73 -13.70 14.43
CA PHE A 911 24.42 -12.91 15.58
C PHE A 911 25.63 -12.01 15.82
N ARG A 912 25.39 -10.69 15.82
CA ARG A 912 26.35 -9.65 16.18
C ARG A 912 27.63 -10.25 16.78
N GLY A 913 28.70 -10.25 15.99
CA GLY A 913 29.97 -10.87 16.39
C GLY A 913 30.38 -11.99 15.45
N PHE A 914 29.39 -12.80 15.04
CA PHE A 914 29.49 -13.67 13.89
C PHE A 914 30.71 -14.58 14.06
N GLY A 915 30.80 -15.24 15.23
CA GLY A 915 31.90 -16.21 15.48
C GLY A 915 33.10 -15.58 16.20
N GLY A 916 33.28 -14.27 16.06
CA GLY A 916 34.37 -13.58 16.76
C GLY A 916 34.30 -13.75 18.28
N PRO A 917 33.13 -13.47 18.89
CA PRO A 917 33.01 -13.61 20.34
C PRO A 917 33.40 -15.02 20.83
N GLN A 918 32.98 -16.05 20.09
CA GLN A 918 33.23 -17.43 20.47
C GLN A 918 34.74 -17.70 20.37
N GLY A 919 35.34 -17.33 19.22
CA GLY A 919 36.77 -17.47 19.01
C GLY A 919 37.58 -16.84 20.13
N MET A 920 37.18 -15.62 20.52
CA MET A 920 37.98 -14.79 21.39
C MET A 920 37.77 -15.22 22.85
N LEU A 921 36.58 -15.72 23.20
CA LEU A 921 36.38 -16.21 24.56
C LEU A 921 37.29 -17.40 24.83
N ILE A 922 37.30 -18.36 23.92
CA ILE A 922 38.26 -19.50 23.99
C ILE A 922 39.68 -18.95 24.23
N ALA A 923 40.11 -17.98 23.42
CA ALA A 923 41.47 -17.41 23.59
C ALA A 923 41.65 -16.87 25.02
N GLU A 924 40.70 -16.05 25.50
CA GLU A 924 40.84 -15.49 26.83
C GLU A 924 40.76 -16.58 27.92
N TYR A 925 40.08 -17.69 27.64
CA TYR A 925 39.90 -18.77 28.62
C TYR A 925 41.24 -19.50 28.85
N TRP A 926 41.92 -19.89 27.77
CA TRP A 926 43.25 -20.54 27.96
C TRP A 926 44.24 -19.50 28.48
N MET A 927 44.07 -18.22 28.08
CA MET A 927 44.92 -17.13 28.52
C MET A 927 44.80 -16.97 30.04
N SER A 928 43.59 -17.17 30.58
CA SER A 928 43.32 -17.05 32.02
C SER A 928 44.09 -18.14 32.77
N GLU A 929 44.21 -19.30 32.14
CA GLU A 929 44.87 -20.48 32.72
C GLU A 929 46.40 -20.36 32.59
N VAL A 930 46.89 -19.73 31.52
CA VAL A 930 48.31 -19.43 31.43
C VAL A 930 48.71 -18.59 32.64
N ALA A 931 47.96 -17.50 32.90
CA ALA A 931 48.32 -16.59 33.97
C ALA A 931 48.34 -17.36 35.30
N ILE A 932 47.29 -18.14 35.59
CA ILE A 932 47.15 -18.83 36.86
C ILE A 932 48.31 -19.84 37.01
N THR A 933 48.65 -20.53 35.92
CA THR A 933 49.68 -21.58 35.96
C THR A 933 51.04 -20.94 36.25
N CYS A 934 51.32 -19.78 35.66
CA CYS A 934 52.55 -19.06 35.94
C CYS A 934 52.56 -18.38 37.32
N GLY A 935 51.41 -18.26 37.98
CA GLY A 935 51.31 -17.46 39.19
C GLY A 935 51.71 -16.01 38.92
N LEU A 936 51.29 -15.44 37.79
CA LEU A 936 51.60 -14.05 37.52
C LEU A 936 50.30 -13.27 37.33
N PRO A 937 50.30 -11.95 37.56
CA PRO A 937 49.09 -11.14 37.36
C PRO A 937 48.59 -11.23 35.90
N ALA A 938 47.28 -11.46 35.70
CA ALA A 938 46.74 -11.74 34.35
C ALA A 938 46.98 -10.57 33.40
N GLU A 939 46.90 -9.34 33.93
CA GLU A 939 47.04 -8.17 33.09
C GLU A 939 48.47 -8.10 32.54
N GLU A 940 49.45 -8.56 33.34
CA GLU A 940 50.87 -8.51 32.92
C GLU A 940 51.09 -9.52 31.81
N VAL A 941 50.46 -10.69 31.97
CA VAL A 941 50.58 -11.79 31.04
C VAL A 941 49.89 -11.41 29.73
N ARG A 942 48.71 -10.77 29.82
CA ARG A 942 48.05 -10.34 28.60
C ARG A 942 48.91 -9.29 27.88
N ARG A 943 49.37 -8.28 28.62
CA ARG A 943 50.09 -7.17 28.02
C ARG A 943 51.34 -7.67 27.28
N LYS A 944 52.08 -8.60 27.88
CA LYS A 944 53.38 -8.97 27.31
C LYS A 944 53.19 -9.93 26.14
N ASN A 945 51.97 -10.45 25.94
CA ASN A 945 51.66 -11.31 24.81
C ASN A 945 51.02 -10.49 23.68
N MET A 946 50.65 -9.24 23.97
CA MET A 946 49.89 -8.44 23.03
C MET A 946 50.72 -8.18 21.77
N TYR A 947 50.08 -8.19 20.61
CA TYR A 947 50.69 -7.75 19.37
C TYR A 947 51.32 -6.37 19.58
N LYS A 948 52.29 -6.01 18.70
CA LYS A 948 52.69 -4.61 18.51
C LYS A 948 52.46 -4.16 17.06
N GLU A 949 52.49 -2.86 16.86
CA GLU A 949 52.31 -2.20 15.56
C GLU A 949 53.25 -2.89 14.55
N GLY A 950 52.71 -3.25 13.38
CA GLY A 950 53.49 -3.84 12.29
C GLY A 950 53.54 -5.36 12.37
N ASP A 951 53.10 -5.95 13.48
CA ASP A 951 53.07 -7.39 13.53
C ASP A 951 52.07 -7.92 12.49
N LEU A 952 52.32 -9.14 12.03
CA LEU A 952 51.38 -9.93 11.23
C LEU A 952 50.59 -10.85 12.19
N THR A 953 49.29 -10.99 11.90
CA THR A 953 48.44 -11.95 12.54
C THR A 953 48.81 -13.37 12.09
N HIS A 954 48.18 -14.36 12.73
CA HIS A 954 48.29 -15.73 12.35
C HIS A 954 47.84 -15.96 10.89
N PHE A 955 47.00 -15.07 10.35
CA PHE A 955 46.59 -15.19 8.95
C PHE A 955 47.37 -14.19 8.08
N ASN A 956 48.47 -13.63 8.58
CA ASN A 956 49.44 -12.87 7.79
C ASN A 956 48.93 -11.49 7.34
N GLN A 957 47.98 -10.88 8.07
CA GLN A 957 47.64 -9.51 7.82
C GLN A 957 48.39 -8.62 8.80
N LYS A 958 48.94 -7.51 8.28
CA LYS A 958 49.75 -6.56 9.04
C LYS A 958 48.85 -5.62 9.85
N LEU A 959 49.20 -5.41 11.13
CA LEU A 959 48.43 -4.56 12.02
C LEU A 959 48.98 -3.14 11.96
N GLU A 960 48.32 -2.29 11.15
CA GLU A 960 48.71 -0.89 11.02
C GLU A 960 47.70 -0.02 11.77
N GLY A 961 48.14 1.13 12.28
CA GLY A 961 47.26 1.98 13.08
C GLY A 961 46.72 1.21 14.27
N PHE A 962 47.65 0.51 14.94
CA PHE A 962 47.34 -0.43 15.98
C PHE A 962 47.14 0.34 17.28
N THR A 963 45.91 0.70 17.61
CA THR A 963 45.65 1.61 18.74
C THR A 963 45.46 0.85 20.05
N LEU A 964 45.48 -0.49 20.04
CA LEU A 964 45.08 -1.29 21.18
C LEU A 964 45.90 -0.90 22.42
N PRO A 965 47.23 -0.77 22.32
CA PRO A 965 48.03 -0.38 23.48
C PRO A 965 47.59 0.95 24.14
N ARG A 966 47.27 1.95 23.31
CA ARG A 966 46.67 3.20 23.82
C ARG A 966 45.35 2.92 24.57
N CYS A 967 44.44 2.14 23.97
CA CYS A 967 43.20 1.75 24.62
C CYS A 967 43.52 1.09 25.97
N TRP A 968 44.55 0.24 25.99
CA TRP A 968 44.88 -0.53 27.18
C TRP A 968 45.35 0.39 28.32
N ASP A 969 46.34 1.23 28.03
CA ASP A 969 46.93 2.16 28.98
C ASP A 969 45.88 3.15 29.50
N GLU A 970 44.98 3.64 28.64
CA GLU A 970 43.99 4.62 29.07
C GLU A 970 43.00 3.95 30.04
N CYS A 971 42.53 2.77 29.67
CA CYS A 971 41.59 2.02 30.46
C CYS A 971 42.19 1.60 31.81
N ILE A 972 43.41 1.05 31.76
CA ILE A 972 44.04 0.58 32.98
C ILE A 972 44.22 1.77 33.95
N ALA A 973 44.53 2.97 33.40
CA ALA A 973 44.74 4.18 34.19
C ALA A 973 43.39 4.76 34.66
N SER A 974 42.43 4.94 33.77
CA SER A 974 41.21 5.63 34.17
C SER A 974 40.35 4.75 35.10
N SER A 975 40.49 3.42 34.99
CA SER A 975 39.71 2.53 35.80
C SER A 975 40.42 2.31 37.16
N GLN A 976 41.63 2.85 37.32
CA GLN A 976 42.50 2.67 38.50
C GLN A 976 42.59 1.17 38.83
N TYR A 977 42.86 0.37 37.81
CA TYR A 977 42.81 -1.08 37.91
C TYR A 977 43.66 -1.57 39.10
N LEU A 978 44.86 -1.03 39.26
CA LEU A 978 45.82 -1.57 40.30
C LEU A 978 45.33 -1.29 41.73
N ALA A 979 44.87 -0.07 41.99
CA ALA A 979 44.32 0.26 43.31
C ALA A 979 43.09 -0.61 43.57
N ARG A 980 42.31 -0.89 42.53
CA ARG A 980 41.10 -1.62 42.70
C ARG A 980 41.42 -3.09 43.03
N LYS A 981 42.47 -3.65 42.41
CA LYS A 981 42.99 -4.99 42.76
C LYS A 981 43.12 -5.15 44.29
N ARG A 982 43.73 -4.14 44.91
CA ARG A 982 44.02 -4.12 46.35
C ARG A 982 42.70 -4.21 47.12
N GLU A 983 41.67 -3.43 46.72
CA GLU A 983 40.38 -3.43 47.39
C GLU A 983 39.71 -4.80 47.26
N VAL A 984 39.86 -5.42 46.08
CA VAL A 984 39.23 -6.69 45.84
C VAL A 984 39.89 -7.72 46.77
N GLU A 985 41.21 -7.73 46.81
CA GLU A 985 41.96 -8.69 47.67
C GLU A 985 41.50 -8.54 49.11
N LYS A 986 41.42 -7.30 49.61
CA LYS A 986 40.97 -6.99 50.98
C LYS A 986 39.54 -7.47 51.22
N PHE A 987 38.62 -7.20 50.28
CA PHE A 987 37.23 -7.64 50.44
C PHE A 987 37.18 -9.17 50.65
N ASN A 988 37.98 -9.88 49.85
CA ASN A 988 37.98 -11.32 49.81
C ASN A 988 38.56 -11.90 51.10
N ARG A 989 39.53 -11.20 51.71
CA ARG A 989 40.09 -11.69 53.00
C ARG A 989 39.10 -11.48 54.15
N GLU A 990 38.16 -10.53 54.01
CA GLU A 990 37.26 -10.08 55.05
C GLU A 990 35.83 -10.63 54.93
N ASN A 991 35.53 -11.38 53.86
CA ASN A 991 34.19 -11.92 53.64
C ASN A 991 34.28 -13.38 53.19
N CYS A 992 33.57 -14.27 53.88
CA CYS A 992 33.66 -15.70 53.59
C CYS A 992 32.66 -16.13 52.51
N TRP A 993 31.52 -15.42 52.38
CA TRP A 993 30.37 -15.96 51.58
C TRP A 993 29.99 -15.03 50.42
N LYS A 994 30.73 -13.95 50.24
CA LYS A 994 30.66 -13.07 49.09
C LYS A 994 32.11 -12.89 48.64
N LYS A 995 32.33 -12.81 47.32
CA LYS A 995 33.67 -12.55 46.80
C LYS A 995 33.59 -11.59 45.63
N ARG A 996 34.65 -10.79 45.50
CA ARG A 996 34.79 -9.89 44.38
C ARG A 996 35.82 -10.47 43.41
N GLY A 997 35.69 -10.08 42.13
CA GLY A 997 36.67 -10.32 41.09
C GLY A 997 36.77 -9.10 40.17
N LEU A 998 37.89 -9.02 39.45
CA LEU A 998 38.26 -7.87 38.66
C LEU A 998 39.07 -8.36 37.46
N CYS A 999 38.67 -7.99 36.24
CA CYS A 999 39.45 -8.39 35.09
C CYS A 999 39.43 -7.30 34.01
N ILE A 1000 40.56 -7.19 33.31
CA ILE A 1000 40.68 -6.29 32.16
C ILE A 1000 41.00 -7.13 30.91
N ILE A 1001 40.17 -6.97 29.87
CA ILE A 1001 40.20 -7.77 28.63
C ILE A 1001 40.33 -6.82 27.46
N PRO A 1002 41.23 -7.13 26.49
CA PRO A 1002 41.33 -6.39 25.25
C PRO A 1002 40.56 -7.08 24.11
N THR A 1003 40.42 -6.38 22.98
CA THR A 1003 39.89 -7.03 21.77
C THR A 1003 40.44 -6.37 20.52
N LYS A 1004 40.61 -7.21 19.50
CA LYS A 1004 40.87 -6.86 18.12
C LYS A 1004 39.74 -7.46 17.29
N PHE A 1005 39.06 -6.63 16.45
CA PHE A 1005 37.91 -7.17 15.59
C PHE A 1005 38.09 -6.72 14.13
N GLY A 1006 38.25 -7.68 13.20
CA GLY A 1006 38.48 -7.39 11.79
C GLY A 1006 37.21 -6.88 11.11
N ILE A 1007 37.31 -5.75 10.43
CA ILE A 1007 36.15 -5.11 9.76
C ILE A 1007 36.17 -5.40 8.26
N SER A 1008 35.09 -6.07 7.81
CA SER A 1008 34.73 -6.34 6.41
C SER A 1008 34.09 -7.72 6.38
N PHE A 1009 33.15 -7.92 5.43
CA PHE A 1009 32.59 -9.23 5.25
C PHE A 1009 33.72 -10.23 4.86
N THR A 1010 33.61 -11.45 5.38
CA THR A 1010 34.58 -12.57 5.09
C THR A 1010 34.51 -12.96 3.61
N LEU A 1011 33.34 -12.75 2.99
CA LEU A 1011 33.12 -12.92 1.56
C LEU A 1011 33.38 -11.57 0.90
N PRO A 1012 34.54 -11.40 0.21
CA PRO A 1012 34.97 -10.09 -0.28
C PRO A 1012 33.93 -9.26 -1.06
N PHE A 1013 33.27 -9.87 -2.04
CA PHE A 1013 32.38 -9.14 -2.95
C PHE A 1013 31.17 -8.54 -2.20
N LEU A 1014 30.81 -9.04 -1.00
CA LEU A 1014 29.76 -8.35 -0.20
C LEU A 1014 30.20 -6.97 0.30
N ASN A 1015 31.48 -6.62 0.14
CA ASN A 1015 32.00 -5.32 0.57
C ASN A 1015 31.73 -4.28 -0.52
N GLN A 1016 30.42 -4.02 -0.75
CA GLN A 1016 29.99 -3.04 -1.76
C GLN A 1016 28.68 -2.40 -1.29
N GLY A 1017 28.44 -1.16 -1.70
CA GLY A 1017 27.12 -0.54 -1.49
C GLY A 1017 26.81 0.54 -2.49
N GLY A 1018 25.51 0.86 -2.55
CA GLY A 1018 24.99 1.81 -3.51
C GLY A 1018 24.08 2.81 -2.83
N ALA A 1019 23.94 3.96 -3.48
CA ALA A 1019 23.03 4.98 -3.09
C ALA A 1019 22.41 5.59 -4.36
N LEU A 1020 21.28 6.25 -4.13
CA LEU A 1020 20.61 7.03 -5.13
C LEU A 1020 20.18 8.34 -4.46
N VAL A 1021 20.48 9.47 -5.11
CA VAL A 1021 20.08 10.72 -4.56
C VAL A 1021 19.31 11.54 -5.59
N HIS A 1022 18.24 12.22 -5.15
CA HIS A 1022 17.56 13.21 -5.98
C HIS A 1022 17.56 14.55 -5.27
N VAL A 1023 17.78 15.63 -6.03
CA VAL A 1023 17.48 16.95 -5.62
C VAL A 1023 16.25 17.46 -6.37
N TYR A 1024 15.19 17.78 -5.64
CA TYR A 1024 13.99 18.34 -6.20
C TYR A 1024 14.18 19.86 -6.37
N THR A 1025 13.28 20.49 -7.13
CA THR A 1025 13.47 21.89 -7.54
C THR A 1025 13.20 22.87 -6.39
N ASP A 1026 12.72 22.39 -5.25
CA ASP A 1026 12.62 23.20 -4.08
C ASP A 1026 13.96 23.17 -3.31
N GLY A 1027 14.95 22.42 -3.78
CA GLY A 1027 16.23 22.30 -3.06
C GLY A 1027 16.28 21.12 -2.08
N SER A 1028 15.14 20.49 -1.78
CA SER A 1028 15.13 19.38 -0.83
C SER A 1028 15.70 18.12 -1.52
N VAL A 1029 16.34 17.28 -0.72
CA VAL A 1029 17.09 16.15 -1.17
C VAL A 1029 16.45 14.87 -0.65
N LEU A 1030 16.20 13.92 -1.55
CA LEU A 1030 15.69 12.64 -1.13
C LEU A 1030 16.80 11.63 -1.40
N LEU A 1031 17.28 11.01 -0.33
CA LEU A 1031 18.40 10.09 -0.35
C LEU A 1031 17.88 8.69 -0.01
N THR A 1032 18.48 7.70 -0.63
CA THR A 1032 18.28 6.31 -0.22
C THR A 1032 19.61 5.58 -0.46
N HIS A 1033 19.83 4.49 0.27
CA HIS A 1033 21.00 3.65 0.09
C HIS A 1033 20.61 2.21 0.42
N GLY A 1034 21.53 1.26 0.19
CA GLY A 1034 21.26 -0.19 0.44
C GLY A 1034 21.03 -0.60 1.90
N GLY A 1035 21.53 0.19 2.87
CA GLY A 1035 21.41 -0.15 4.31
C GLY A 1035 19.99 0.00 4.85
N THR A 1036 19.68 -0.82 5.86
CA THR A 1036 18.41 -0.81 6.51
C THR A 1036 18.62 -0.29 7.94
N GLU A 1037 17.60 0.40 8.47
CA GLU A 1037 17.65 0.94 9.80
C GLU A 1037 17.04 -0.10 10.74
N MET A 1038 17.81 -0.48 11.78
CA MET A 1038 17.34 -1.46 12.76
C MET A 1038 17.59 -0.96 14.19
N GLY A 1039 17.90 0.34 14.30
CA GLY A 1039 18.07 1.04 15.55
C GLY A 1039 19.48 1.50 15.76
N GLN A 1040 20.39 1.20 14.82
CA GLN A 1040 21.83 1.49 14.94
C GLN A 1040 22.12 2.94 14.47
N GLY A 1041 21.10 3.63 14.00
CA GLY A 1041 21.21 5.00 13.59
C GLY A 1041 21.93 5.14 12.27
N LEU A 1042 21.77 4.14 11.38
CA LEU A 1042 22.43 4.19 10.08
C LEU A 1042 21.91 5.37 9.25
N HIS A 1043 20.58 5.59 9.18
CA HIS A 1043 20.07 6.69 8.35
C HIS A 1043 20.57 8.03 8.87
N THR A 1044 20.60 8.18 10.19
CA THR A 1044 21.09 9.41 10.82
C THR A 1044 22.51 9.71 10.33
N LYS A 1045 23.37 8.68 10.40
CA LYS A 1045 24.74 8.83 9.94
C LYS A 1045 24.86 9.20 8.46
N MET A 1046 24.00 8.63 7.61
CA MET A 1046 24.07 8.88 6.17
C MET A 1046 23.58 10.30 5.87
N VAL A 1047 22.63 10.78 6.68
CA VAL A 1047 22.21 12.15 6.54
C VAL A 1047 23.35 13.08 6.98
N GLN A 1048 24.05 12.75 8.05
CA GLN A 1048 25.18 13.57 8.50
C GLN A 1048 26.23 13.66 7.39
N VAL A 1049 26.55 12.51 6.78
CA VAL A 1049 27.51 12.36 5.72
C VAL A 1049 27.08 13.21 4.51
N ALA A 1050 25.82 13.08 4.08
CA ALA A 1050 25.34 13.80 2.88
C ALA A 1050 25.35 15.33 3.10
N SER A 1051 25.02 15.75 4.32
CA SER A 1051 24.99 17.14 4.70
C SER A 1051 26.39 17.75 4.61
N ARG A 1052 27.39 17.01 5.09
CA ARG A 1052 28.76 17.48 4.96
C ARG A 1052 29.15 17.52 3.47
N ALA A 1053 28.91 16.41 2.77
CA ALA A 1053 29.31 16.27 1.39
C ALA A 1053 28.70 17.37 0.50
N LEU A 1054 27.40 17.66 0.67
CA LEU A 1054 26.71 18.69 -0.15
C LEU A 1054 26.87 20.12 0.40
N LYS A 1055 27.32 20.22 1.66
CA LYS A 1055 27.40 21.47 2.42
C LYS A 1055 26.03 22.17 2.51
N ILE A 1056 25.03 21.42 2.97
CA ILE A 1056 23.73 21.95 3.25
C ILE A 1056 23.33 21.38 4.60
N PRO A 1057 22.37 22.01 5.31
CA PRO A 1057 21.91 21.51 6.60
C PRO A 1057 21.26 20.13 6.45
N THR A 1058 21.40 19.29 7.47
CA THR A 1058 20.71 18.00 7.55
C THR A 1058 19.19 18.15 7.33
N SER A 1059 18.62 19.29 7.70
CA SER A 1059 17.18 19.55 7.61
C SER A 1059 16.68 19.42 6.16
N LYS A 1060 17.54 19.69 5.16
CA LYS A 1060 17.11 19.65 3.75
C LYS A 1060 17.25 18.25 3.12
N ILE A 1061 17.73 17.26 3.88
CA ILE A 1061 17.95 15.89 3.38
C ILE A 1061 17.05 14.93 4.16
N HIS A 1062 16.44 13.98 3.43
CA HIS A 1062 15.51 13.04 4.01
C HIS A 1062 15.76 11.65 3.43
N ILE A 1063 15.70 10.67 4.32
CA ILE A 1063 15.66 9.31 3.95
C ILE A 1063 14.32 8.75 4.45
N SER A 1064 13.55 8.13 3.53
CA SER A 1064 12.27 7.54 3.85
C SER A 1064 12.35 6.03 4.02
N GLU A 1065 13.07 5.31 3.18
CA GLU A 1065 13.09 3.86 3.27
C GLU A 1065 14.24 3.29 2.41
N THR A 1066 14.39 1.99 2.52
CA THR A 1066 15.26 1.19 1.73
C THR A 1066 14.40 0.34 0.78
N SER A 1067 14.80 0.25 -0.48
CA SER A 1067 14.03 -0.50 -1.47
C SER A 1067 14.93 -1.09 -2.57
N THR A 1068 14.62 -2.33 -2.98
CA THR A 1068 15.32 -3.02 -4.08
C THR A 1068 15.11 -2.30 -5.43
N ASN A 1069 14.06 -1.49 -5.59
CA ASN A 1069 13.84 -0.79 -6.85
C ASN A 1069 14.41 0.63 -6.84
N THR A 1070 15.13 1.04 -5.77
CA THR A 1070 15.91 2.28 -5.82
C THR A 1070 17.44 1.99 -5.86
N VAL A 1071 17.90 1.03 -5.06
CA VAL A 1071 19.30 0.56 -5.04
C VAL A 1071 19.28 -0.97 -5.10
N PRO A 1072 19.77 -1.56 -6.21
CA PRO A 1072 19.67 -3.01 -6.43
C PRO A 1072 20.91 -3.72 -5.89
N ASN A 1073 20.82 -5.04 -5.69
CA ASN A 1073 21.99 -5.92 -5.46
C ASN A 1073 22.79 -5.48 -4.23
N THR A 1074 22.06 -5.14 -3.17
CA THR A 1074 22.65 -4.66 -1.93
C THR A 1074 23.06 -5.82 -1.03
N SER A 1075 24.22 -5.66 -0.37
CA SER A 1075 24.62 -6.63 0.65
C SER A 1075 23.70 -6.45 1.83
N PRO A 1076 23.59 -7.44 2.71
CA PRO A 1076 22.84 -7.27 3.96
C PRO A 1076 23.47 -6.17 4.82
N THR A 1077 22.64 -5.50 5.61
CA THR A 1077 23.08 -4.63 6.68
C THR A 1077 23.65 -5.53 7.78
N ALA A 1078 24.94 -5.76 7.71
CA ALA A 1078 25.63 -6.73 8.50
C ALA A 1078 27.13 -6.40 8.50
N ALA A 1079 27.89 -7.19 9.27
CA ALA A 1079 29.36 -7.13 9.42
C ALA A 1079 29.83 -5.74 9.87
N SER A 1080 28.96 -5.00 10.56
CA SER A 1080 29.30 -3.68 11.17
C SER A 1080 29.69 -2.66 10.09
N ALA A 1081 29.47 -3.06 8.82
CA ALA A 1081 30.12 -2.44 7.66
C ALA A 1081 29.28 -1.33 7.01
N SER A 1082 28.00 -1.23 7.38
CA SER A 1082 26.98 -0.59 6.52
C SER A 1082 27.18 0.93 6.43
N ALA A 1083 27.66 1.56 7.51
CA ALA A 1083 27.96 3.00 7.46
C ALA A 1083 29.17 3.22 6.55
N ASP A 1084 30.17 2.34 6.66
CA ASP A 1084 31.38 2.44 5.82
C ASP A 1084 30.98 2.38 4.33
N LEU A 1085 30.20 1.37 3.97
CA LEU A 1085 29.94 1.10 2.55
C LEU A 1085 28.96 2.14 2.00
N ASN A 1086 27.83 2.33 2.69
CA ASN A 1086 26.77 3.22 2.22
C ASN A 1086 27.22 4.69 2.37
N GLY A 1087 28.04 4.98 3.40
CA GLY A 1087 28.63 6.31 3.56
C GLY A 1087 29.43 6.75 2.35
N GLN A 1088 30.26 5.84 1.82
CA GLN A 1088 31.04 6.11 0.63
C GLN A 1088 30.13 6.29 -0.60
N GLY A 1089 29.13 5.40 -0.72
CA GLY A 1089 28.15 5.49 -1.83
C GLY A 1089 27.42 6.83 -1.83
N VAL A 1090 26.96 7.22 -0.64
CA VAL A 1090 26.25 8.46 -0.47
C VAL A 1090 27.17 9.63 -0.84
N TYR A 1091 28.40 9.55 -0.35
CA TYR A 1091 29.41 10.59 -0.59
C TYR A 1091 29.60 10.73 -2.11
N GLU A 1092 29.67 9.60 -2.84
CA GLU A 1092 29.98 9.69 -4.28
C GLU A 1092 28.80 10.27 -5.05
N ALA A 1093 27.61 9.84 -4.67
CA ALA A 1093 26.40 10.34 -5.28
C ALA A 1093 26.35 11.86 -5.08
N CYS A 1094 26.73 12.30 -3.89
CA CYS A 1094 26.69 13.70 -3.53
C CYS A 1094 27.73 14.48 -4.36
N GLN A 1095 28.91 13.88 -4.55
CA GLN A 1095 30.00 14.50 -5.33
C GLN A 1095 29.54 14.70 -6.79
N THR A 1096 28.80 13.74 -7.35
CA THR A 1096 28.30 13.88 -8.70
C THR A 1096 27.37 15.10 -8.83
N ILE A 1097 26.41 15.25 -7.89
CA ILE A 1097 25.52 16.37 -7.89
C ILE A 1097 26.35 17.67 -7.79
N LEU A 1098 27.33 17.70 -6.89
CA LEU A 1098 28.11 18.93 -6.74
C LEU A 1098 28.83 19.27 -8.05
N LYS A 1099 29.36 18.26 -8.75
CA LYS A 1099 30.05 18.49 -10.05
C LYS A 1099 29.11 19.15 -11.05
N ARG A 1100 27.82 18.77 -11.00
CA ARG A 1100 26.83 19.29 -11.90
C ARG A 1100 26.47 20.72 -11.54
N LEU A 1101 26.42 21.05 -10.24
CA LEU A 1101 26.06 22.39 -9.85
C LEU A 1101 27.24 23.37 -9.92
N GLU A 1102 28.48 22.89 -10.00
CA GLU A 1102 29.71 23.77 -10.04
C GLU A 1102 29.53 25.01 -10.92
N PRO A 1103 29.13 24.89 -12.21
CA PRO A 1103 29.04 26.07 -13.06
C PRO A 1103 28.04 27.11 -12.53
N PHE A 1104 26.99 26.66 -11.81
CA PHE A 1104 26.00 27.60 -11.25
C PHE A 1104 26.52 28.22 -9.97
N LYS A 1105 27.32 27.46 -9.21
CA LYS A 1105 28.00 27.91 -8.00
C LYS A 1105 28.94 29.06 -8.38
N LYS A 1106 29.69 28.83 -9.46
CA LYS A 1106 30.72 29.76 -9.97
C LYS A 1106 30.06 31.09 -10.40
N LYS A 1107 28.90 31.02 -11.06
CA LYS A 1107 28.19 32.23 -11.52
C LYS A 1107 27.56 32.97 -10.35
N LYS A 1108 27.10 32.29 -9.30
CA LYS A 1108 26.46 32.97 -8.16
C LYS A 1108 27.00 32.41 -6.85
N PRO A 1109 28.26 32.74 -6.44
CA PRO A 1109 28.92 31.98 -5.39
C PRO A 1109 28.29 32.15 -3.98
N THR A 1110 27.53 33.22 -3.74
CA THR A 1110 26.91 33.41 -2.43
C THR A 1110 25.40 33.11 -2.54
N GLY A 1111 24.77 33.39 -3.71
CA GLY A 1111 23.34 33.05 -3.98
C GLY A 1111 23.04 31.64 -3.47
N PRO A 1112 21.86 31.38 -2.84
CA PRO A 1112 21.70 30.19 -2.01
C PRO A 1112 21.59 28.91 -2.82
N TRP A 1113 21.61 27.78 -2.10
CA TRP A 1113 21.50 26.46 -2.64
C TRP A 1113 20.27 26.36 -3.55
N GLU A 1114 19.15 26.93 -3.10
CA GLU A 1114 17.85 26.83 -3.81
C GLU A 1114 18.01 27.46 -5.20
N ALA A 1115 18.76 28.57 -5.29
CA ALA A 1115 18.95 29.27 -6.57
C ALA A 1115 19.81 28.43 -7.53
N TRP A 1116 20.90 27.82 -7.04
CA TRP A 1116 21.72 26.93 -7.92
C TRP A 1116 20.86 25.80 -8.48
N VAL A 1117 20.02 25.22 -7.62
CA VAL A 1117 19.26 24.05 -8.00
C VAL A 1117 18.23 24.44 -9.09
N MET A 1118 17.48 25.51 -8.85
CA MET A 1118 16.47 25.95 -9.81
C MET A 1118 17.17 26.32 -11.13
N ASP A 1119 18.37 26.91 -11.05
CA ASP A 1119 19.13 27.27 -12.22
C ASP A 1119 19.54 26.03 -13.00
N ALA A 1120 20.01 25.00 -12.29
CA ALA A 1120 20.41 23.77 -12.94
C ALA A 1120 19.19 23.14 -13.63
N TYR A 1121 18.05 23.14 -12.94
CA TYR A 1121 16.85 22.54 -13.47
C TYR A 1121 16.42 23.27 -14.77
N THR A 1122 16.36 24.60 -14.73
CA THR A 1122 15.93 25.36 -15.90
C THR A 1122 17.01 25.37 -16.98
N SER A 1123 18.22 24.88 -16.68
CA SER A 1123 19.27 24.68 -17.66
C SER A 1123 19.27 23.25 -18.16
N ALA A 1124 18.30 22.42 -17.74
CA ALA A 1124 18.19 21.01 -18.15
C ALA A 1124 19.46 20.25 -17.76
N VAL A 1125 19.79 20.32 -16.47
CA VAL A 1125 20.87 19.54 -15.89
C VAL A 1125 20.23 18.51 -14.96
N SER A 1126 20.67 17.26 -15.07
CA SER A 1126 20.16 16.17 -14.20
C SER A 1126 20.46 16.48 -12.72
N LEU A 1127 19.44 16.30 -11.87
CA LEU A 1127 19.58 16.41 -10.42
C LEU A 1127 19.36 15.07 -9.74
N SER A 1128 19.76 13.99 -10.41
CA SER A 1128 19.64 12.66 -9.89
C SER A 1128 20.96 11.93 -10.14
N ALA A 1129 21.46 11.18 -9.15
CA ALA A 1129 22.72 10.44 -9.34
C ALA A 1129 22.71 9.15 -8.52
N THR A 1130 23.36 8.12 -9.06
CA THR A 1130 23.69 6.98 -8.29
C THR A 1130 25.08 7.21 -7.69
N GLY A 1131 25.39 6.46 -6.64
CA GLY A 1131 26.75 6.37 -6.10
C GLY A 1131 27.01 4.95 -5.70
N PHE A 1132 28.29 4.58 -5.66
CA PHE A 1132 28.69 3.24 -5.44
C PHE A 1132 30.09 3.22 -4.83
N TYR A 1133 30.35 2.20 -4.01
CA TYR A 1133 31.67 1.96 -3.45
C TYR A 1133 31.90 0.47 -3.32
N LYS A 1134 33.15 0.05 -3.60
CA LYS A 1134 33.63 -1.29 -3.22
C LYS A 1134 34.91 -1.13 -2.38
N THR A 1135 34.98 -1.88 -1.28
CA THR A 1135 36.15 -1.88 -0.42
C THR A 1135 37.29 -2.50 -1.21
N PRO A 1136 38.41 -1.77 -1.38
CA PRO A 1136 39.50 -2.25 -2.24
C PRO A 1136 40.44 -3.24 -1.53
N ASN A 1137 41.15 -4.04 -2.33
CA ASN A 1137 42.36 -4.75 -1.89
C ASN A 1137 42.03 -5.90 -0.92
N LEU A 1138 40.82 -6.47 -1.00
CA LEU A 1138 40.41 -7.56 -0.10
C LEU A 1138 40.46 -8.92 -0.82
N GLY A 1139 40.79 -9.96 -0.06
CA GLY A 1139 40.66 -11.33 -0.52
C GLY A 1139 41.72 -12.22 0.10
N TYR A 1140 41.30 -13.01 1.09
CA TYR A 1140 42.13 -13.94 1.78
C TYR A 1140 41.99 -15.33 1.14
N SER A 1141 43.09 -16.07 1.10
CA SER A 1141 43.09 -17.47 0.68
C SER A 1141 43.53 -18.39 1.84
N PHE A 1142 42.67 -19.35 2.18
CA PHE A 1142 42.96 -20.35 3.16
C PHE A 1142 44.06 -21.29 2.64
N GLU A 1143 44.14 -21.49 1.32
CA GLU A 1143 45.15 -22.38 0.71
C GLU A 1143 46.55 -21.82 0.98
N THR A 1144 46.67 -20.50 0.87
CA THR A 1144 47.94 -19.89 0.86
C THR A 1144 48.19 -18.98 2.08
N ASN A 1145 47.18 -18.81 2.96
CA ASN A 1145 47.32 -17.99 4.19
C ASN A 1145 47.90 -16.63 3.82
N SER A 1146 47.32 -16.03 2.79
CA SER A 1146 47.73 -14.73 2.25
C SER A 1146 46.51 -13.99 1.72
N GLY A 1147 46.68 -12.68 1.55
CA GLY A 1147 45.60 -11.78 1.25
C GLY A 1147 44.95 -11.27 2.52
N ASN A 1148 44.45 -10.03 2.44
CA ASN A 1148 43.76 -9.33 3.54
C ASN A 1148 42.27 -9.67 3.56
N PRO A 1149 41.75 -10.38 4.60
CA PRO A 1149 40.30 -10.49 4.77
C PRO A 1149 39.67 -9.14 5.19
N PHE A 1150 40.42 -8.28 5.90
CA PHE A 1150 39.81 -7.12 6.55
C PHE A 1150 40.42 -5.84 5.99
N HIS A 1151 39.61 -4.77 5.99
CA HIS A 1151 40.01 -3.44 5.53
C HIS A 1151 40.80 -2.72 6.64
N TYR A 1152 40.41 -2.96 7.87
CA TYR A 1152 41.05 -2.37 9.04
C TYR A 1152 40.51 -3.12 10.25
N PHE A 1153 41.01 -2.80 11.46
CA PHE A 1153 40.53 -3.49 12.67
C PHE A 1153 40.02 -2.46 13.67
N SER A 1154 38.99 -2.87 14.43
CA SER A 1154 38.52 -2.17 15.60
C SER A 1154 39.28 -2.70 16.83
N TYR A 1155 39.46 -1.82 17.79
CA TYR A 1155 40.21 -2.12 19.01
C TYR A 1155 39.46 -1.55 20.21
N GLY A 1156 39.59 -2.22 21.36
CA GLY A 1156 39.05 -1.70 22.57
C GLY A 1156 39.39 -2.57 23.76
N VAL A 1157 39.17 -2.01 24.94
CA VAL A 1157 39.49 -2.64 26.22
C VAL A 1157 38.36 -2.37 27.20
N ALA A 1158 38.04 -3.37 28.01
CA ALA A 1158 37.14 -3.17 29.13
C ALA A 1158 37.72 -3.80 30.40
N CYS A 1159 37.53 -3.09 31.50
CA CYS A 1159 37.85 -3.54 32.84
C CYS A 1159 36.53 -3.64 33.60
N SER A 1160 36.22 -4.84 34.13
CA SER A 1160 34.95 -5.07 34.85
C SER A 1160 35.23 -5.67 36.23
N GLU A 1161 34.44 -5.21 37.21
CA GLU A 1161 34.44 -5.69 38.59
C GLU A 1161 33.07 -6.27 38.92
N VAL A 1162 33.08 -7.42 39.61
CA VAL A 1162 31.86 -8.10 40.06
C VAL A 1162 31.93 -8.45 41.56
N GLU A 1163 30.75 -8.64 42.18
CA GLU A 1163 30.66 -9.26 43.51
C GLU A 1163 29.66 -10.41 43.43
N ILE A 1164 30.13 -11.63 43.70
CA ILE A 1164 29.29 -12.80 43.67
C ILE A 1164 28.80 -13.14 45.07
N ASP A 1165 27.60 -13.73 45.09
CA ASP A 1165 27.00 -14.42 46.22
C ASP A 1165 27.38 -15.90 46.12
N CYS A 1166 28.28 -16.32 47.02
CA CYS A 1166 28.83 -17.66 46.98
C CYS A 1166 27.77 -18.72 47.37
N LEU A 1167 26.69 -18.27 48.00
CA LEU A 1167 25.65 -19.20 48.51
C LEU A 1167 24.50 -19.34 47.50
N THR A 1168 24.31 -18.38 46.57
CA THR A 1168 23.14 -18.37 45.66
C THR A 1168 23.59 -18.39 44.19
N GLY A 1169 24.79 -17.88 43.90
CA GLY A 1169 25.27 -17.78 42.53
C GLY A 1169 24.86 -16.49 41.83
N ASP A 1170 24.04 -15.66 42.48
CA ASP A 1170 23.74 -14.30 42.06
C ASP A 1170 25.04 -13.47 42.10
N HIS A 1171 25.08 -12.39 41.32
CA HIS A 1171 26.20 -11.47 41.38
C HIS A 1171 25.75 -10.06 41.00
N LYS A 1172 26.54 -9.07 41.41
CA LYS A 1172 26.35 -7.71 41.00
C LYS A 1172 27.47 -7.35 40.05
N ASN A 1173 27.14 -6.61 38.99
CA ASN A 1173 28.13 -6.02 38.11
C ASN A 1173 28.46 -4.63 38.68
N LEU A 1174 29.57 -4.51 39.41
CA LEU A 1174 29.80 -3.31 40.20
C LEU A 1174 30.24 -2.15 39.30
N ARG A 1175 31.14 -2.43 38.36
CA ARG A 1175 31.69 -1.38 37.58
C ARG A 1175 32.30 -1.96 36.31
N THR A 1176 32.14 -1.20 35.22
CA THR A 1176 32.78 -1.47 33.94
C THR A 1176 33.25 -0.15 33.34
N ASP A 1177 34.50 -0.15 32.86
CA ASP A 1177 35.12 0.96 32.15
C ASP A 1177 35.59 0.43 30.79
N ILE A 1178 35.17 1.12 29.75
CA ILE A 1178 35.45 0.75 28.35
C ILE A 1178 36.14 1.93 27.68
N VAL A 1179 37.24 1.61 27.02
CA VAL A 1179 37.85 2.52 26.05
C VAL A 1179 37.75 1.87 24.68
N MET A 1180 37.09 2.56 23.73
CA MET A 1180 36.81 2.02 22.43
C MET A 1180 37.36 2.95 21.34
N ASP A 1181 38.03 2.33 20.37
CA ASP A 1181 38.53 3.01 19.17
C ASP A 1181 37.43 2.97 18.12
N VAL A 1182 36.77 4.10 17.89
CA VAL A 1182 35.79 4.18 16.83
C VAL A 1182 36.29 5.13 15.74
N GLY A 1183 37.61 5.28 15.64
CA GLY A 1183 38.18 6.27 14.78
C GLY A 1183 37.67 7.67 15.12
N SER A 1184 37.52 8.51 14.09
CA SER A 1184 36.83 9.77 14.26
C SER A 1184 35.32 9.51 14.16
N SER A 1185 34.64 9.35 15.30
CA SER A 1185 33.22 8.98 15.31
C SER A 1185 32.40 9.87 14.36
N LEU A 1186 31.58 9.25 13.48
CA LEU A 1186 30.58 10.03 12.70
C LEU A 1186 29.54 10.67 13.64
N ASN A 1187 29.27 10.01 14.78
CA ASN A 1187 28.20 10.42 15.70
C ASN A 1187 28.46 9.78 17.07
N PRO A 1188 29.10 10.52 17.99
CA PRO A 1188 29.49 9.96 19.29
C PRO A 1188 28.32 9.49 20.17
N ALA A 1189 27.15 10.11 20.01
CA ALA A 1189 26.02 9.68 20.77
C ALA A 1189 25.57 8.28 20.32
N ILE A 1190 25.45 8.08 19.00
CA ILE A 1190 25.05 6.80 18.42
C ILE A 1190 26.16 5.78 18.73
N ASP A 1191 27.41 6.20 18.61
CA ASP A 1191 28.51 5.22 18.76
C ASP A 1191 28.66 4.71 20.20
N ILE A 1192 28.52 5.59 21.17
CA ILE A 1192 28.47 5.20 22.58
C ILE A 1192 27.29 4.28 22.87
N GLY A 1193 26.12 4.59 22.28
CA GLY A 1193 24.94 3.75 22.37
C GLY A 1193 25.21 2.35 21.83
N GLN A 1194 25.95 2.26 20.72
CA GLN A 1194 26.32 0.98 20.10
C GLN A 1194 27.32 0.22 21.00
N VAL A 1195 28.29 0.95 21.59
CA VAL A 1195 29.18 0.32 22.54
C VAL A 1195 28.37 -0.27 23.71
N GLU A 1196 27.47 0.51 24.31
CA GLU A 1196 26.74 0.07 25.48
C GLU A 1196 25.80 -1.09 25.12
N GLY A 1197 25.10 -0.96 23.98
CA GLY A 1197 24.16 -1.97 23.54
C GLY A 1197 24.85 -3.30 23.27
N ALA A 1198 25.92 -3.24 22.49
CA ALA A 1198 26.72 -4.38 22.16
C ALA A 1198 27.25 -5.05 23.44
N PHE A 1199 27.80 -4.22 24.34
CA PHE A 1199 28.41 -4.73 25.59
C PHE A 1199 27.37 -5.52 26.40
N VAL A 1200 26.15 -4.97 26.49
CA VAL A 1200 25.13 -5.59 27.28
C VAL A 1200 24.59 -6.86 26.62
N GLN A 1201 24.57 -6.92 25.28
CA GLN A 1201 24.24 -8.18 24.61
C GLN A 1201 25.31 -9.23 24.93
N GLY A 1202 26.57 -8.81 25.02
CA GLY A 1202 27.66 -9.75 25.42
C GLY A 1202 27.55 -10.20 26.87
N LEU A 1203 27.20 -9.26 27.73
CA LEU A 1203 26.87 -9.51 29.13
C LEU A 1203 25.79 -10.60 29.23
N GLY A 1204 24.75 -10.52 28.40
CA GLY A 1204 23.72 -11.55 28.39
C GLY A 1204 24.27 -12.90 27.94
N LEU A 1205 25.00 -12.89 26.82
CA LEU A 1205 25.61 -14.08 26.20
C LEU A 1205 26.46 -14.87 27.18
N PHE A 1206 27.32 -14.15 27.92
CA PHE A 1206 28.32 -14.80 28.78
C PHE A 1206 27.83 -15.05 30.21
N THR A 1207 26.71 -14.48 30.64
CA THR A 1207 26.34 -14.60 32.07
C THR A 1207 24.85 -14.87 32.34
N MET A 1208 23.97 -14.73 31.37
CA MET A 1208 22.52 -14.79 31.70
C MET A 1208 21.71 -15.68 30.76
N GLU A 1209 22.01 -15.60 29.48
CA GLU A 1209 21.14 -16.08 28.42
C GLU A 1209 21.47 -17.55 28.16
N GLU A 1210 20.44 -18.41 28.25
CA GLU A 1210 20.63 -19.82 28.12
C GLU A 1210 19.40 -20.45 27.47
N LEU A 1211 19.65 -21.21 26.39
CA LEU A 1211 18.62 -21.98 25.70
C LEU A 1211 18.73 -23.43 26.15
N HIS A 1212 17.60 -24.07 26.44
CA HIS A 1212 17.57 -25.47 26.85
C HIS A 1212 16.71 -26.24 25.84
N TYR A 1213 17.18 -27.44 25.45
CA TYR A 1213 16.51 -28.36 24.54
C TYR A 1213 16.24 -29.72 25.21
N SER A 1214 15.05 -30.27 24.96
CA SER A 1214 14.79 -31.70 25.32
C SER A 1214 15.87 -32.60 24.70
N PRO A 1215 16.07 -33.84 25.21
CA PRO A 1215 16.97 -34.79 24.56
C PRO A 1215 16.59 -35.09 23.09
N GLU A 1216 15.31 -34.86 22.72
CA GLU A 1216 14.76 -35.10 21.38
C GLU A 1216 14.83 -33.82 20.51
N GLY A 1217 15.55 -32.78 20.98
CA GLY A 1217 15.85 -31.60 20.16
C GLY A 1217 14.72 -30.57 20.07
N SER A 1218 13.77 -30.63 21.01
CA SER A 1218 12.70 -29.63 21.10
C SER A 1218 13.15 -28.47 21.99
N LEU A 1219 13.15 -27.25 21.44
CA LEU A 1219 13.49 -26.06 22.22
C LEU A 1219 12.48 -25.92 23.36
N HIS A 1220 12.95 -25.92 24.63
CA HIS A 1220 12.07 -25.60 25.77
C HIS A 1220 11.91 -24.07 25.92
N THR A 1221 12.98 -23.34 25.62
CA THR A 1221 13.10 -21.93 25.95
C THR A 1221 12.49 -21.06 24.82
N ARG A 1222 11.26 -20.56 24.99
CA ARG A 1222 10.52 -19.95 23.84
C ARG A 1222 9.89 -18.58 24.19
N GLY A 1223 10.34 -17.95 25.29
CA GLY A 1223 9.81 -16.63 25.65
C GLY A 1223 10.61 -15.95 26.75
N PRO A 1224 10.32 -14.67 27.04
CA PRO A 1224 11.04 -13.95 28.09
C PRO A 1224 10.89 -14.58 29.49
N SER A 1225 9.85 -15.38 29.73
CA SER A 1225 9.67 -16.06 31.03
C SER A 1225 10.89 -16.94 31.34
N THR A 1226 11.43 -17.62 30.32
CA THR A 1226 12.52 -18.62 30.48
C THR A 1226 13.82 -18.12 29.87
N TYR A 1227 13.74 -17.17 28.92
CA TYR A 1227 14.93 -16.62 28.28
C TYR A 1227 15.20 -15.21 28.82
N LYS A 1228 16.22 -15.12 29.67
CA LYS A 1228 16.37 -13.94 30.47
C LYS A 1228 17.47 -13.04 29.89
N ILE A 1229 17.09 -12.08 29.04
CA ILE A 1229 18.04 -11.09 28.50
C ILE A 1229 18.32 -10.08 29.62
N PRO A 1230 19.37 -9.25 29.50
CA PRO A 1230 19.61 -8.24 30.52
C PRO A 1230 18.42 -7.29 30.71
N ALA A 1231 18.17 -6.97 31.98
CA ALA A 1231 17.13 -6.10 32.45
C ALA A 1231 17.78 -4.77 32.87
N PHE A 1232 16.93 -3.79 33.18
CA PHE A 1232 17.43 -2.47 33.65
C PHE A 1232 18.42 -2.67 34.80
N GLY A 1233 18.11 -3.63 35.70
CA GLY A 1233 18.89 -3.89 36.92
C GLY A 1233 20.13 -4.76 36.72
N SER A 1234 20.42 -5.15 35.46
CA SER A 1234 21.55 -6.05 35.13
C SER A 1234 22.85 -5.30 34.84
N ILE A 1235 22.78 -4.01 34.51
CA ILE A 1235 23.92 -3.35 33.86
C ILE A 1235 24.90 -2.93 34.94
N PRO A 1236 26.17 -2.67 34.59
CA PRO A 1236 27.14 -2.27 35.60
C PRO A 1236 26.66 -0.98 36.29
N ILE A 1237 26.75 -0.95 37.61
CA ILE A 1237 26.22 0.14 38.41
C ILE A 1237 26.98 1.41 38.02
N GLU A 1238 28.29 1.23 37.90
CA GLU A 1238 29.17 2.27 37.43
C GLU A 1238 29.61 1.89 36.02
N PHE A 1239 29.23 2.71 35.05
CA PHE A 1239 29.33 2.30 33.63
C PHE A 1239 29.97 3.47 32.89
N ARG A 1240 31.27 3.33 32.58
CA ARG A 1240 32.08 4.36 31.91
C ARG A 1240 32.51 3.91 30.51
N VAL A 1241 32.25 4.79 29.54
CA VAL A 1241 32.58 4.57 28.16
C VAL A 1241 33.33 5.81 27.67
N SER A 1242 34.53 5.59 27.13
CA SER A 1242 35.32 6.62 26.45
C SER A 1242 35.59 6.17 25.01
N LEU A 1243 35.35 7.08 24.07
CA LEU A 1243 35.81 6.89 22.71
C LEU A 1243 37.24 7.43 22.59
N LEU A 1244 38.13 6.64 22.00
CA LEU A 1244 39.52 7.02 21.92
C LEU A 1244 39.65 8.34 21.16
N ARG A 1245 40.48 9.24 21.69
CA ARG A 1245 40.71 10.56 21.10
C ARG A 1245 41.80 10.44 20.03
N ASP A 1246 41.69 11.25 18.97
CA ASP A 1246 42.80 11.53 18.06
C ASP A 1246 43.32 10.23 17.42
N CYS A 1247 42.43 9.50 16.72
CA CYS A 1247 42.76 8.24 16.06
C CYS A 1247 41.98 8.14 14.74
N PRO A 1248 42.13 9.12 13.82
CA PRO A 1248 41.44 9.09 12.52
C PRO A 1248 41.83 7.82 11.74
N ASN A 1249 40.87 7.26 11.03
CA ASN A 1249 41.01 6.06 10.25
C ASN A 1249 40.78 6.46 8.80
N LYS A 1250 41.86 6.91 8.16
CA LYS A 1250 41.96 7.40 6.75
C LYS A 1250 41.00 6.65 5.78
N ARG A 1251 41.03 5.33 5.84
CA ARG A 1251 40.45 4.46 4.82
C ARG A 1251 38.97 4.10 5.08
N ALA A 1252 38.26 4.85 5.93
CA ALA A 1252 36.81 4.77 5.96
C ALA A 1252 36.24 6.18 6.02
N ILE A 1253 34.95 6.25 5.75
CA ILE A 1253 34.23 7.48 5.51
C ILE A 1253 34.48 8.49 6.64
N TYR A 1254 35.05 9.64 6.25
CA TYR A 1254 35.36 10.76 7.15
C TYR A 1254 36.11 10.29 8.40
N ALA A 1255 36.98 9.29 8.21
CA ALA A 1255 38.00 8.86 9.15
C ALA A 1255 37.38 8.14 10.35
N SER A 1256 36.15 7.63 10.15
CA SER A 1256 35.41 6.85 11.18
C SER A 1256 35.85 5.40 11.18
N LYS A 1257 35.34 4.63 12.14
CA LYS A 1257 35.41 3.18 12.12
C LYS A 1257 34.02 2.60 12.44
N ALA A 1258 33.79 1.40 11.93
CA ALA A 1258 32.61 0.63 12.24
C ALA A 1258 32.59 0.33 13.75
N VAL A 1259 31.39 0.21 14.33
CA VAL A 1259 31.25 0.06 15.78
C VAL A 1259 30.34 -1.09 16.21
N GLY A 1260 29.41 -1.59 15.37
CA GLY A 1260 28.31 -2.43 15.89
C GLY A 1260 28.73 -3.66 16.71
N GLU A 1261 29.64 -4.47 16.17
CA GLU A 1261 29.96 -5.79 16.70
C GLU A 1261 31.16 -5.78 17.65
N PRO A 1262 32.26 -5.07 17.36
CA PRO A 1262 33.48 -5.19 18.17
C PRO A 1262 33.35 -5.06 19.69
N PRO A 1263 32.51 -4.15 20.23
CA PRO A 1263 32.40 -4.01 21.70
C PRO A 1263 31.80 -5.24 22.41
N LEU A 1264 31.09 -6.09 21.67
CA LEU A 1264 30.29 -7.10 22.32
C LEU A 1264 31.20 -8.04 23.12
N PHE A 1265 32.34 -8.42 22.56
CA PHE A 1265 33.17 -9.38 23.22
C PHE A 1265 33.74 -8.85 24.56
N LEU A 1266 33.81 -7.53 24.73
CA LEU A 1266 34.44 -6.89 25.92
C LEU A 1266 33.65 -7.20 27.20
N ALA A 1267 32.39 -7.64 27.05
CA ALA A 1267 31.63 -8.15 28.22
C ALA A 1267 32.26 -9.44 28.78
N SER A 1268 33.15 -10.09 28.03
CA SER A 1268 33.98 -11.19 28.62
C SER A 1268 34.69 -10.72 29.89
N SER A 1269 34.92 -9.41 30.04
CA SER A 1269 35.54 -8.89 31.25
C SER A 1269 34.72 -9.31 32.49
N ILE A 1270 33.40 -9.36 32.35
CA ILE A 1270 32.50 -9.73 33.46
C ILE A 1270 32.61 -11.24 33.71
N PHE A 1271 32.62 -12.00 32.62
CA PHE A 1271 32.86 -13.45 32.70
C PHE A 1271 34.16 -13.77 33.49
N PHE A 1272 35.28 -13.16 33.09
CA PHE A 1272 36.56 -13.46 33.75
C PHE A 1272 36.63 -12.84 35.15
N ALA A 1273 35.91 -11.74 35.41
CA ALA A 1273 35.84 -11.21 36.76
C ALA A 1273 35.09 -12.19 37.66
N ILE A 1274 34.01 -12.79 37.16
CA ILE A 1274 33.28 -13.84 37.87
C ILE A 1274 34.22 -15.02 38.14
N LYS A 1275 34.99 -15.37 37.11
CA LYS A 1275 35.90 -16.53 37.20
C LYS A 1275 36.93 -16.30 38.31
N ASP A 1276 37.46 -15.08 38.38
CA ASP A 1276 38.37 -14.65 39.48
C ASP A 1276 37.70 -14.76 40.85
N ALA A 1277 36.46 -14.27 40.99
CA ALA A 1277 35.76 -14.33 42.27
C ALA A 1277 35.52 -15.77 42.71
N ILE A 1278 35.13 -16.63 41.74
CA ILE A 1278 34.91 -18.04 42.01
C ILE A 1278 36.23 -18.64 42.50
N ARG A 1279 37.35 -18.33 41.84
CA ARG A 1279 38.65 -18.84 42.28
C ARG A 1279 38.85 -18.48 43.77
N ALA A 1280 38.57 -17.23 44.15
CA ALA A 1280 38.67 -16.80 45.56
C ALA A 1280 37.75 -17.66 46.45
N ALA A 1281 36.54 -17.96 45.98
CA ALA A 1281 35.59 -18.72 46.79
C ALA A 1281 36.10 -20.14 47.00
N ARG A 1282 36.76 -20.70 46.00
CA ARG A 1282 37.27 -22.07 46.06
C ARG A 1282 38.47 -22.15 47.03
N ALA A 1283 39.33 -21.13 47.00
CA ALA A 1283 40.43 -21.07 47.96
C ALA A 1283 39.86 -21.02 49.39
N GLN A 1284 38.75 -20.30 49.58
CA GLN A 1284 38.10 -20.10 50.87
C GLN A 1284 37.57 -21.44 51.45
N HIS A 1285 36.76 -22.20 50.70
CA HIS A 1285 35.98 -23.34 51.26
C HIS A 1285 36.31 -24.67 50.56
N GLY A 1286 37.14 -24.65 49.51
CA GLY A 1286 37.43 -25.84 48.69
C GLY A 1286 37.98 -27.04 49.47
N ASP A 1287 39.27 -27.02 49.80
CA ASP A 1287 40.02 -28.24 50.21
C ASP A 1287 40.24 -29.16 48.99
N ASN A 1288 41.50 -29.28 48.54
CA ASN A 1288 41.86 -30.11 47.37
C ASN A 1288 41.63 -29.32 46.08
N ALA A 1289 40.68 -28.38 46.10
CA ALA A 1289 39.96 -27.88 44.91
C ALA A 1289 40.86 -27.93 43.68
N LYS A 1290 40.32 -28.51 42.61
CA LYS A 1290 40.95 -28.46 41.31
C LYS A 1290 41.28 -26.98 41.02
N GLN A 1291 42.57 -26.72 40.80
CA GLN A 1291 43.03 -25.49 40.17
C GLN A 1291 42.67 -25.64 38.68
N LEU A 1292 42.48 -24.54 37.97
CA LEU A 1292 42.00 -24.62 36.56
C LEU A 1292 40.64 -25.34 36.53
N PHE A 1293 39.73 -24.95 37.41
CA PHE A 1293 38.36 -25.46 37.42
C PHE A 1293 37.66 -25.04 36.14
N GLN A 1294 36.56 -25.75 35.83
CA GLN A 1294 35.83 -25.49 34.61
C GLN A 1294 34.81 -24.36 34.85
N LEU A 1295 34.76 -23.39 33.92
CA LEU A 1295 33.63 -22.46 33.86
C LEU A 1295 33.21 -22.32 32.39
N ASP A 1296 32.16 -23.05 32.01
CA ASP A 1296 31.57 -22.90 30.68
C ASP A 1296 30.78 -21.59 30.59
N SER A 1297 30.45 -21.16 29.36
CA SER A 1297 29.61 -19.98 29.10
C SER A 1297 28.24 -20.46 28.65
N PRO A 1298 27.15 -19.87 29.15
CA PRO A 1298 27.13 -18.74 30.06
C PRO A 1298 27.42 -19.10 31.51
N ALA A 1299 28.14 -18.20 32.22
CA ALA A 1299 28.36 -18.31 33.65
C ALA A 1299 27.13 -17.75 34.37
N THR A 1300 26.11 -18.60 34.44
CA THR A 1300 24.82 -18.38 35.12
C THR A 1300 24.93 -18.57 36.62
N PRO A 1301 23.89 -18.19 37.38
CA PRO A 1301 23.84 -18.54 38.80
C PRO A 1301 24.09 -20.03 39.05
N GLU A 1302 23.53 -20.89 38.20
CA GLU A 1302 23.75 -22.32 38.35
C GLU A 1302 25.26 -22.62 38.31
N LYS A 1303 25.93 -22.20 37.25
CA LYS A 1303 27.33 -22.57 37.07
C LYS A 1303 28.19 -21.91 38.17
N ILE A 1304 27.85 -20.68 38.56
CA ILE A 1304 28.67 -19.96 39.53
C ILE A 1304 28.55 -20.72 40.86
N ARG A 1305 27.31 -20.98 41.28
CA ARG A 1305 27.03 -21.59 42.57
C ARG A 1305 27.66 -22.99 42.66
N ASN A 1306 27.54 -23.78 41.58
CA ASN A 1306 28.01 -25.17 41.55
C ASN A 1306 29.53 -25.19 41.69
N ALA A 1307 30.19 -24.15 41.15
CA ALA A 1307 31.65 -24.07 41.15
C ALA A 1307 32.21 -23.62 42.51
N CYS A 1308 31.39 -22.93 43.32
CA CYS A 1308 31.78 -22.48 44.70
C CYS A 1308 31.61 -23.64 45.69
N VAL A 1309 32.47 -24.65 45.54
CA VAL A 1309 32.32 -25.87 46.31
C VAL A 1309 32.50 -25.57 47.79
N ASP A 1310 31.73 -26.27 48.63
CA ASP A 1310 31.71 -25.99 50.04
C ASP A 1310 31.06 -27.15 50.78
N GLN A 1311 30.80 -26.96 52.08
CA GLN A 1311 30.21 -28.00 52.89
C GLN A 1311 28.76 -28.28 52.45
N PHE A 1312 28.12 -27.32 51.73
CA PHE A 1312 26.72 -27.49 51.26
C PHE A 1312 26.66 -28.26 49.94
N THR A 1313 27.49 -27.89 48.96
CA THR A 1313 27.52 -28.62 47.67
C THR A 1313 27.96 -30.06 47.86
N THR A 1314 28.91 -30.27 48.77
CA THR A 1314 29.47 -31.58 49.03
C THR A 1314 28.33 -32.52 49.46
N LEU A 1315 27.39 -32.04 50.29
CA LEU A 1315 26.25 -32.87 50.76
C LEU A 1315 25.13 -33.04 49.72
N CYS A 1316 25.24 -32.41 48.54
CA CYS A 1316 24.15 -32.38 47.52
C CYS A 1316 24.56 -33.05 46.20
N VAL A 1317 25.84 -33.35 46.02
CA VAL A 1317 26.35 -33.81 44.72
C VAL A 1317 26.13 -35.34 44.61
N THR A 1318 26.33 -35.88 43.40
CA THR A 1318 26.25 -37.31 43.01
C THR A 1318 24.96 -37.54 42.21
N GLY A 1319 24.95 -38.62 41.43
CA GLY A 1319 23.86 -38.98 40.53
C GLY A 1319 24.33 -39.12 39.10
N VAL A 1320 23.52 -38.61 38.17
CA VAL A 1320 23.53 -38.97 36.73
C VAL A 1320 23.69 -40.49 36.63
N PRO A 1321 22.73 -41.28 37.16
CA PRO A 1321 22.77 -42.74 37.06
C PRO A 1321 22.79 -43.21 35.59
N GLU A 1322 24.00 -43.28 35.02
CA GLU A 1322 24.29 -43.87 33.71
C GLU A 1322 23.63 -43.00 32.63
N ASN A 1323 22.99 -43.64 31.65
CA ASN A 1323 22.24 -42.98 30.56
C ASN A 1323 20.75 -43.00 30.89
N CYS A 1324 20.36 -42.21 31.91
CA CYS A 1324 18.94 -42.01 32.26
C CYS A 1324 18.37 -40.85 31.44
N LYS A 1325 17.03 -40.72 31.48
CA LYS A 1325 16.31 -39.58 30.88
C LYS A 1325 16.52 -38.33 31.75
N SER A 1326 16.80 -37.18 31.09
CA SER A 1326 16.87 -35.87 31.79
C SER A 1326 16.13 -34.80 30.97
N TRP A 1327 15.67 -33.74 31.67
CA TRP A 1327 14.83 -32.64 31.11
C TRP A 1327 15.47 -32.03 29.85
N SER A 1328 16.81 -31.88 29.87
CA SER A 1328 17.57 -31.14 28.83
C SER A 1328 18.88 -31.86 28.47
N VAL A 1329 19.39 -31.61 27.27
CA VAL A 1329 20.72 -32.06 26.85
C VAL A 1329 21.52 -30.85 26.34
N ARG A 1330 22.82 -30.79 26.70
CA ARG A 1330 23.78 -29.80 26.14
C ARG A 1330 23.97 -30.14 24.67
N ILE A 1331 23.70 -29.17 23.77
CA ILE A 1331 23.70 -29.42 22.28
C ILE A 1331 25.10 -29.14 21.70
N ALA B 3 -39.32 -13.63 1.09
CA ALA B 3 -38.01 -13.68 1.83
C ALA B 3 -37.31 -12.31 1.76
N ASP B 4 -36.00 -12.34 2.07
CA ASP B 4 -35.13 -11.19 2.19
C ASP B 4 -33.64 -11.52 1.92
N GLU B 5 -33.22 -12.77 1.64
CA GLU B 5 -31.89 -13.01 1.05
C GLU B 5 -31.91 -12.76 -0.46
N LEU B 6 -30.85 -12.11 -0.98
CA LEU B 6 -30.62 -11.93 -2.43
C LEU B 6 -29.57 -12.96 -2.88
N VAL B 7 -29.95 -13.83 -3.82
CA VAL B 7 -29.08 -14.93 -4.25
C VAL B 7 -28.89 -14.88 -5.76
N PHE B 8 -27.65 -14.76 -6.23
CA PHE B 8 -27.28 -14.73 -7.65
C PHE B 8 -25.88 -15.30 -7.82
N PHE B 9 -25.44 -15.46 -9.07
CA PHE B 9 -24.14 -16.11 -9.37
C PHE B 9 -23.27 -15.09 -10.08
N VAL B 10 -21.98 -15.11 -9.78
CA VAL B 10 -20.98 -14.29 -10.47
C VAL B 10 -19.82 -15.20 -10.88
N ASN B 11 -19.57 -15.27 -12.20
CA ASN B 11 -18.51 -16.09 -12.75
C ASN B 11 -18.65 -17.54 -12.23
N GLY B 12 -19.88 -18.03 -12.13
CA GLY B 12 -20.09 -19.45 -11.78
C GLY B 12 -20.21 -19.70 -10.28
N LYS B 13 -19.92 -18.68 -9.46
CA LYS B 13 -19.84 -18.74 -8.01
C LYS B 13 -21.12 -18.15 -7.39
N LYS B 14 -21.73 -18.87 -6.44
CA LYS B 14 -22.94 -18.40 -5.72
C LYS B 14 -22.62 -17.24 -4.77
N VAL B 15 -23.44 -16.20 -4.83
CA VAL B 15 -23.39 -15.02 -3.99
C VAL B 15 -24.69 -14.99 -3.19
N VAL B 16 -24.57 -14.94 -1.86
CA VAL B 16 -25.70 -14.80 -0.95
C VAL B 16 -25.51 -13.49 -0.22
N GLU B 17 -26.36 -12.53 -0.55
CA GLU B 17 -26.30 -11.24 0.07
C GLU B 17 -27.50 -11.13 1.02
N LYS B 18 -27.22 -11.07 2.32
CA LYS B 18 -28.28 -11.17 3.32
C LYS B 18 -28.92 -9.79 3.60
N ASN B 19 -28.30 -8.68 3.17
CA ASN B 19 -28.81 -7.35 3.46
C ASN B 19 -28.58 -6.43 2.26
N ALA B 20 -29.18 -6.81 1.13
CA ALA B 20 -29.12 -6.04 -0.10
C ALA B 20 -29.74 -4.67 0.11
N ASP B 21 -29.02 -3.64 -0.30
CA ASP B 21 -29.53 -2.30 -0.32
C ASP B 21 -30.05 -2.02 -1.72
N PRO B 22 -31.33 -1.61 -1.89
CA PRO B 22 -31.85 -1.29 -3.22
C PRO B 22 -31.02 -0.27 -4.00
N GLU B 23 -30.25 0.60 -3.33
CA GLU B 23 -29.46 1.60 -4.02
C GLU B 23 -28.15 1.04 -4.59
N THR B 24 -27.79 -0.21 -4.27
CA THR B 24 -26.52 -0.76 -4.66
C THR B 24 -26.59 -1.25 -6.12
N THR B 25 -25.72 -0.71 -6.97
CA THR B 25 -25.65 -1.18 -8.36
C THR B 25 -24.75 -2.40 -8.43
N LEU B 26 -24.92 -3.17 -9.50
CA LEU B 26 -24.08 -4.34 -9.75
C LEU B 26 -22.62 -3.88 -9.89
N LEU B 27 -22.38 -2.73 -10.52
CA LEU B 27 -20.99 -2.24 -10.72
C LEU B 27 -20.29 -2.08 -9.37
N VAL B 28 -20.94 -1.38 -8.44
CA VAL B 28 -20.37 -1.18 -7.07
C VAL B 28 -20.19 -2.52 -6.34
N TYR B 29 -21.19 -3.41 -6.43
CA TYR B 29 -21.11 -4.72 -5.80
C TYR B 29 -19.93 -5.54 -6.34
N LEU B 30 -19.77 -5.58 -7.66
CA LEU B 30 -18.66 -6.34 -8.25
C LEU B 30 -17.31 -5.79 -7.75
N ARG B 31 -17.16 -4.47 -7.84
CA ARG B 31 -15.89 -3.84 -7.61
C ARG B 31 -15.60 -3.81 -6.09
N ARG B 32 -16.52 -3.26 -5.32
CA ARG B 32 -16.23 -2.97 -3.86
C ARG B 32 -16.54 -4.20 -2.98
N LYS B 33 -17.56 -4.97 -3.30
CA LYS B 33 -17.84 -6.13 -2.48
C LYS B 33 -17.04 -7.36 -2.90
N LEU B 34 -16.98 -7.65 -4.19
CA LEU B 34 -16.35 -8.88 -4.62
C LEU B 34 -14.92 -8.66 -5.10
N GLY B 35 -14.50 -7.41 -5.27
CA GLY B 35 -13.10 -7.17 -5.58
C GLY B 35 -12.77 -7.40 -7.05
N LEU B 36 -13.78 -7.54 -7.90
CA LEU B 36 -13.62 -7.84 -9.34
C LEU B 36 -13.61 -6.52 -10.12
N CYS B 37 -12.43 -5.93 -10.33
CA CYS B 37 -12.34 -4.53 -10.82
C CYS B 37 -12.08 -4.49 -12.33
N GLY B 38 -12.27 -5.62 -13.04
CA GLY B 38 -12.23 -5.63 -14.51
C GLY B 38 -13.29 -4.74 -15.15
N THR B 39 -14.46 -4.74 -14.52
CA THR B 39 -15.63 -3.99 -14.92
C THR B 39 -15.41 -2.57 -14.41
N LYS B 40 -15.44 -1.59 -15.32
CA LYS B 40 -15.06 -0.20 -15.00
C LYS B 40 -16.28 0.74 -14.95
N LEU B 41 -16.09 1.86 -14.25
CA LEU B 41 -16.94 3.01 -14.25
C LEU B 41 -16.36 4.03 -15.24
N GLY B 42 -17.15 4.39 -16.25
CA GLY B 42 -16.75 5.40 -17.22
C GLY B 42 -17.70 6.58 -17.31
N CYS B 43 -18.98 6.42 -16.88
CA CYS B 43 -19.96 7.54 -16.91
C CYS B 43 -21.10 7.44 -15.88
N GLY B 44 -21.50 6.22 -15.54
CA GLY B 44 -22.62 5.99 -14.59
C GLY B 44 -24.01 6.25 -15.18
N GLU B 45 -24.06 6.49 -16.50
CA GLU B 45 -25.17 7.11 -17.23
C GLU B 45 -25.66 6.21 -18.40
N GLY B 46 -25.04 5.05 -18.59
CA GLY B 46 -25.45 4.06 -19.61
C GLY B 46 -24.90 4.29 -21.01
N GLY B 47 -24.13 5.34 -21.21
CA GLY B 47 -23.69 5.76 -22.56
C GLY B 47 -22.34 5.21 -23.01
N CYS B 48 -21.51 4.57 -22.17
CA CYS B 48 -20.11 4.33 -22.53
C CYS B 48 -19.78 2.84 -22.64
N GLY B 49 -20.51 1.97 -21.95
CA GLY B 49 -20.31 0.53 -22.02
C GLY B 49 -19.09 0.02 -21.27
N ALA B 50 -18.35 0.89 -20.55
CA ALA B 50 -17.13 0.42 -19.81
C ALA B 50 -17.47 -0.63 -18.74
N CYS B 51 -18.72 -0.59 -18.25
CA CYS B 51 -19.27 -1.39 -17.18
C CYS B 51 -20.05 -2.62 -17.70
N THR B 52 -19.89 -2.94 -18.98
CA THR B 52 -20.69 -3.99 -19.62
C THR B 52 -20.31 -5.37 -19.04
N VAL B 53 -21.35 -6.10 -18.65
CA VAL B 53 -21.25 -7.47 -18.22
C VAL B 53 -22.35 -8.29 -18.92
N MET B 54 -22.22 -9.61 -18.86
CA MET B 54 -23.28 -10.49 -19.40
C MET B 54 -24.12 -11.08 -18.27
N ILE B 55 -25.42 -11.19 -18.54
CA ILE B 55 -26.40 -11.84 -17.67
C ILE B 55 -26.94 -13.08 -18.38
N SER B 56 -27.01 -14.19 -17.65
CA SER B 56 -27.60 -15.45 -18.10
C SER B 56 -28.78 -15.77 -17.16
N LYS B 57 -29.91 -16.20 -17.71
CA LYS B 57 -31.01 -16.64 -16.84
C LYS B 57 -31.87 -17.63 -17.59
N TYR B 58 -32.63 -18.39 -16.82
CA TYR B 58 -33.57 -19.29 -17.35
C TYR B 58 -34.86 -18.50 -17.60
N ASP B 59 -35.31 -18.43 -18.84
CA ASP B 59 -36.54 -17.73 -19.18
C ASP B 59 -37.70 -18.74 -19.05
N ARG B 60 -38.48 -18.57 -17.98
CA ARG B 60 -39.59 -19.46 -17.60
C ARG B 60 -40.63 -19.52 -18.72
N LEU B 61 -40.84 -18.39 -19.42
CA LEU B 61 -41.84 -18.25 -20.48
C LEU B 61 -41.36 -18.87 -21.81
N GLN B 62 -40.11 -19.37 -21.89
CA GLN B 62 -39.62 -20.05 -23.10
C GLN B 62 -38.91 -21.38 -22.82
N ASN B 63 -38.72 -21.77 -21.57
CA ASN B 63 -37.99 -22.99 -21.24
C ASN B 63 -36.65 -22.98 -21.98
N LYS B 64 -35.92 -21.84 -21.91
CA LYS B 64 -34.55 -21.83 -22.40
C LYS B 64 -33.67 -20.88 -21.61
N ILE B 65 -32.37 -21.09 -21.76
CA ILE B 65 -31.39 -20.28 -21.13
C ILE B 65 -31.09 -19.13 -22.08
N VAL B 66 -31.12 -17.87 -21.58
CA VAL B 66 -30.86 -16.70 -22.42
C VAL B 66 -29.64 -15.95 -21.89
N HIS B 67 -29.01 -15.18 -22.77
CA HIS B 67 -27.79 -14.45 -22.45
C HIS B 67 -27.95 -13.05 -23.02
N PHE B 68 -27.62 -12.01 -22.25
CA PHE B 68 -27.67 -10.65 -22.79
C PHE B 68 -26.71 -9.76 -22.02
N SER B 69 -26.36 -8.65 -22.63
CA SER B 69 -25.43 -7.72 -21.97
C SER B 69 -26.24 -6.64 -21.21
N VAL B 70 -25.66 -6.04 -20.15
CA VAL B 70 -26.28 -4.95 -19.39
C VAL B 70 -25.16 -4.02 -18.97
N ASN B 71 -25.54 -2.78 -18.70
CA ASN B 71 -24.66 -1.80 -18.05
C ASN B 71 -24.70 -2.06 -16.54
N ALA B 72 -23.58 -2.48 -15.98
CA ALA B 72 -23.57 -2.79 -14.54
C ALA B 72 -23.80 -1.51 -13.71
N CYS B 73 -23.48 -0.34 -14.26
CA CYS B 73 -23.65 0.93 -13.56
C CYS B 73 -25.12 1.25 -13.34
N LEU B 74 -26.05 0.64 -14.10
CA LEU B 74 -27.46 0.98 -13.97
C LEU B 74 -28.30 -0.20 -13.46
N ALA B 75 -27.68 -1.34 -13.20
CA ALA B 75 -28.42 -2.57 -12.80
C ALA B 75 -28.51 -2.68 -11.28
N PRO B 76 -29.70 -2.51 -10.65
CA PRO B 76 -29.80 -2.74 -9.22
C PRO B 76 -29.51 -4.23 -8.94
N ILE B 77 -28.62 -4.51 -7.99
CA ILE B 77 -28.47 -5.89 -7.58
C ILE B 77 -29.82 -6.48 -7.13
N CYS B 78 -30.76 -5.67 -6.63
CA CYS B 78 -32.00 -6.23 -6.12
C CYS B 78 -32.88 -6.76 -7.26
N SER B 79 -32.54 -6.40 -8.50
CA SER B 79 -33.26 -6.87 -9.69
C SER B 79 -32.71 -8.21 -10.19
N LEU B 80 -31.62 -8.71 -9.57
CA LEU B 80 -30.83 -9.80 -10.18
C LEU B 80 -31.01 -11.13 -9.42
N HIS B 81 -32.03 -11.26 -8.56
CA HIS B 81 -32.22 -12.53 -7.84
C HIS B 81 -32.32 -13.67 -8.87
N HIS B 82 -31.51 -14.70 -8.69
CA HIS B 82 -31.52 -15.91 -9.50
C HIS B 82 -31.14 -15.64 -10.97
N VAL B 83 -30.14 -14.78 -11.20
CA VAL B 83 -29.48 -14.73 -12.47
C VAL B 83 -28.00 -15.05 -12.25
N ALA B 84 -27.28 -15.26 -13.35
CA ALA B 84 -25.88 -15.52 -13.38
C ALA B 84 -25.17 -14.43 -14.21
N VAL B 85 -24.26 -13.72 -13.54
CA VAL B 85 -23.44 -12.66 -14.06
C VAL B 85 -22.12 -13.25 -14.55
N THR B 86 -21.68 -12.79 -15.72
CA THR B 86 -20.34 -13.05 -16.23
C THR B 86 -19.64 -11.69 -16.47
N THR B 87 -18.48 -11.53 -15.83
CA THR B 87 -17.62 -10.37 -16.09
C THR B 87 -16.42 -10.78 -16.97
N VAL B 88 -15.56 -9.81 -17.33
CA VAL B 88 -14.36 -10.06 -18.08
C VAL B 88 -13.52 -11.17 -17.40
N GLU B 89 -13.47 -11.17 -16.05
CA GLU B 89 -12.68 -12.20 -15.31
C GLU B 89 -13.27 -13.61 -15.52
N GLY B 90 -14.54 -13.69 -15.89
CA GLY B 90 -15.20 -14.96 -15.99
C GLY B 90 -14.96 -15.71 -17.30
N ILE B 91 -14.42 -15.05 -18.33
CA ILE B 91 -14.28 -15.70 -19.65
C ILE B 91 -12.83 -16.13 -19.90
N GLY B 92 -11.89 -15.55 -19.15
CA GLY B 92 -10.48 -15.83 -19.34
C GLY B 92 -9.56 -14.87 -18.57
N ASN B 93 -8.27 -15.19 -18.61
CA ASN B 93 -7.25 -14.40 -17.93
C ASN B 93 -5.97 -14.57 -18.74
N THR B 94 -4.88 -13.95 -18.30
CA THR B 94 -3.64 -14.01 -19.06
C THR B 94 -3.08 -15.45 -19.14
N GLN B 95 -3.45 -16.34 -18.20
CA GLN B 95 -2.97 -17.74 -18.27
C GLN B 95 -3.75 -18.50 -19.38
N LYS B 96 -4.98 -18.06 -19.66
CA LYS B 96 -5.77 -18.66 -20.74
C LYS B 96 -6.78 -17.64 -21.26
N LEU B 97 -6.39 -16.90 -22.29
CA LEU B 97 -7.23 -15.84 -22.82
C LEU B 97 -8.36 -16.46 -23.64
N HIS B 98 -9.56 -15.90 -23.47
CA HIS B 98 -10.65 -16.22 -24.36
C HIS B 98 -10.28 -15.67 -25.73
N PRO B 99 -10.63 -16.34 -26.85
CA PRO B 99 -10.43 -15.78 -28.18
C PRO B 99 -10.81 -14.29 -28.30
N VAL B 100 -11.91 -13.82 -27.71
CA VAL B 100 -12.26 -12.40 -27.78
C VAL B 100 -11.16 -11.53 -27.20
N GLN B 101 -10.66 -11.92 -26.00
CA GLN B 101 -9.53 -11.25 -25.32
C GLN B 101 -8.25 -11.29 -26.15
N GLU B 102 -7.89 -12.47 -26.66
CA GLU B 102 -6.69 -12.61 -27.46
C GLU B 102 -6.74 -11.70 -28.71
N ARG B 103 -7.87 -11.67 -29.42
CA ARG B 103 -7.94 -11.04 -30.71
C ARG B 103 -7.94 -9.52 -30.55
N ILE B 104 -8.61 -8.99 -29.53
CA ILE B 104 -8.61 -7.53 -29.36
C ILE B 104 -7.19 -7.09 -28.97
N ALA B 105 -6.51 -7.89 -28.16
CA ALA B 105 -5.13 -7.55 -27.73
C ALA B 105 -4.15 -7.64 -28.91
N ARG B 106 -4.17 -8.76 -29.65
CA ARG B 106 -3.17 -8.97 -30.70
C ARG B 106 -3.42 -8.11 -31.93
N SER B 107 -4.63 -7.58 -32.09
CA SER B 107 -4.95 -6.74 -33.26
C SER B 107 -4.74 -5.24 -32.98
N HIS B 108 -4.16 -4.91 -31.82
CA HIS B 108 -3.85 -3.52 -31.42
C HIS B 108 -5.16 -2.74 -31.18
N GLY B 109 -6.21 -3.44 -30.70
CA GLY B 109 -7.49 -2.83 -30.38
C GLY B 109 -7.58 -2.38 -28.92
N SER B 110 -6.47 -2.40 -28.19
CA SER B 110 -6.39 -1.92 -26.80
C SER B 110 -5.17 -0.99 -26.67
N GLN B 111 -5.44 0.29 -26.41
CA GLN B 111 -4.45 1.29 -26.18
C GLN B 111 -4.49 1.55 -24.68
N CYS B 112 -5.33 2.48 -24.20
CA CYS B 112 -5.29 2.82 -22.74
C CYS B 112 -5.87 1.66 -21.93
N GLY B 113 -6.73 0.86 -22.59
CA GLY B 113 -7.21 -0.39 -22.08
C GLY B 113 -8.45 -0.27 -21.19
N PHE B 114 -8.89 0.95 -20.87
CA PHE B 114 -9.95 1.13 -19.90
C PHE B 114 -11.32 0.71 -20.46
N CYS B 115 -11.54 0.84 -21.78
CA CYS B 115 -12.77 0.39 -22.41
C CYS B 115 -12.70 -1.07 -22.85
N THR B 116 -11.54 -1.70 -22.73
CA THR B 116 -11.37 -3.03 -23.30
C THR B 116 -12.33 -4.02 -22.65
N PRO B 117 -12.41 -4.18 -21.31
CA PRO B 117 -13.29 -5.20 -20.72
C PRO B 117 -14.72 -5.06 -21.23
N GLY B 118 -15.19 -3.80 -21.36
CA GLY B 118 -16.56 -3.55 -21.82
C GLY B 118 -16.81 -4.03 -23.23
N ILE B 119 -15.84 -3.77 -24.11
CA ILE B 119 -15.95 -4.14 -25.52
C ILE B 119 -15.82 -5.66 -25.65
N VAL B 120 -14.96 -6.26 -24.85
CA VAL B 120 -14.82 -7.69 -24.78
C VAL B 120 -16.14 -8.34 -24.38
N MET B 121 -16.83 -7.78 -23.37
CA MET B 121 -18.07 -8.41 -22.91
C MET B 121 -19.20 -8.21 -23.93
N SER B 122 -19.23 -7.09 -24.66
CA SER B 122 -20.23 -6.91 -25.73
C SER B 122 -20.01 -7.95 -26.83
N MET B 123 -18.74 -8.19 -27.19
CA MET B 123 -18.38 -9.14 -28.28
C MET B 123 -18.65 -10.57 -27.81
N TYR B 124 -18.22 -10.87 -26.59
CA TYR B 124 -18.46 -12.16 -25.97
C TYR B 124 -19.95 -12.49 -25.93
N THR B 125 -20.77 -11.51 -25.48
CA THR B 125 -22.22 -11.75 -25.38
C THR B 125 -22.80 -12.05 -26.77
N LEU B 126 -22.39 -11.27 -27.77
CA LEU B 126 -22.82 -11.49 -29.16
C LEU B 126 -22.52 -12.95 -29.55
N LEU B 127 -21.30 -13.42 -29.26
CA LEU B 127 -20.89 -14.78 -29.68
C LEU B 127 -21.68 -15.86 -28.94
N ARG B 128 -22.15 -15.58 -27.72
CA ARG B 128 -22.98 -16.55 -26.97
C ARG B 128 -24.37 -16.66 -27.60
N ASN B 129 -24.82 -15.60 -28.26
CA ASN B 129 -26.11 -15.58 -28.93
C ASN B 129 -25.99 -16.02 -30.40
N GLN B 130 -24.88 -15.68 -31.05
CA GLN B 130 -24.70 -15.93 -32.48
C GLN B 130 -23.23 -16.29 -32.70
N PRO B 131 -22.91 -17.60 -32.71
CA PRO B 131 -21.51 -18.03 -32.81
C PRO B 131 -20.83 -17.63 -34.12
N GLU B 132 -21.61 -17.37 -35.17
CA GLU B 132 -21.09 -16.87 -36.45
C GLU B 132 -21.85 -15.63 -36.90
N PRO B 133 -21.55 -14.46 -36.33
CA PRO B 133 -22.26 -13.23 -36.68
C PRO B 133 -21.73 -12.61 -37.98
N THR B 134 -22.56 -11.76 -38.56
CA THR B 134 -22.19 -11.01 -39.71
C THR B 134 -21.37 -9.79 -39.26
N VAL B 135 -20.67 -9.16 -40.19
CA VAL B 135 -19.94 -7.96 -39.93
C VAL B 135 -20.88 -6.89 -39.35
N GLU B 136 -22.10 -6.80 -39.90
CA GLU B 136 -23.07 -5.82 -39.42
C GLU B 136 -23.42 -6.07 -37.95
N GLU B 137 -23.66 -7.33 -37.58
CA GLU B 137 -24.04 -7.71 -36.20
C GLU B 137 -22.90 -7.37 -35.24
N ILE B 138 -21.65 -7.62 -35.67
CA ILE B 138 -20.47 -7.25 -34.86
C ILE B 138 -20.47 -5.72 -34.57
N GLU B 139 -20.65 -4.89 -35.60
CA GLU B 139 -20.60 -3.45 -35.37
C GLU B 139 -21.74 -3.05 -34.42
N ASN B 140 -22.90 -3.68 -34.60
CA ASN B 140 -24.07 -3.31 -33.85
C ASN B 140 -23.90 -3.70 -32.39
N ALA B 141 -23.04 -4.69 -32.11
CA ALA B 141 -22.82 -5.14 -30.72
C ALA B 141 -22.21 -4.00 -29.89
N PHE B 142 -21.63 -2.99 -30.58
CA PHE B 142 -20.92 -1.89 -29.88
C PHE B 142 -21.65 -0.52 -29.96
N GLN B 143 -22.96 -0.48 -30.22
CA GLN B 143 -23.62 0.82 -30.28
C GLN B 143 -23.53 1.55 -28.93
N GLY B 144 -23.41 0.79 -27.84
CA GLY B 144 -23.29 1.32 -26.47
C GLY B 144 -21.89 1.27 -25.85
N ASN B 145 -20.84 1.18 -26.66
CA ASN B 145 -19.47 1.13 -26.18
C ASN B 145 -18.69 2.26 -26.86
N LEU B 146 -18.00 3.08 -26.05
CA LEU B 146 -17.15 4.15 -26.54
C LEU B 146 -15.70 3.79 -26.24
N CYS B 147 -14.85 4.16 -27.19
CA CYS B 147 -13.41 4.13 -27.06
C CYS B 147 -12.86 5.48 -27.53
N ARG B 148 -11.99 6.08 -26.72
CA ARG B 148 -11.45 7.44 -26.99
C ARG B 148 -10.07 7.38 -27.68
N CYS B 149 -9.40 6.23 -27.62
CA CYS B 149 -7.99 6.13 -28.02
C CYS B 149 -7.76 5.50 -29.38
N THR B 150 -8.50 4.43 -29.71
CA THR B 150 -8.05 3.54 -30.80
C THR B 150 -8.54 4.02 -32.16
N GLY B 151 -9.60 4.83 -32.18
CA GLY B 151 -10.28 5.15 -33.44
C GLY B 151 -10.98 3.93 -34.04
N TYR B 152 -11.23 2.90 -33.21
CA TYR B 152 -12.19 1.82 -33.44
C TYR B 152 -11.79 0.78 -34.51
N ARG B 153 -11.12 1.22 -35.60
CA ARG B 153 -10.76 0.40 -36.77
C ARG B 153 -10.14 -0.94 -36.37
N PRO B 154 -9.08 -0.99 -35.53
CA PRO B 154 -8.45 -2.26 -35.21
C PRO B 154 -9.35 -3.21 -34.40
N ILE B 155 -10.27 -2.68 -33.58
CA ILE B 155 -11.18 -3.55 -32.81
C ILE B 155 -12.05 -4.33 -33.80
N LEU B 156 -12.62 -3.62 -34.79
CA LEU B 156 -13.57 -4.21 -35.75
C LEU B 156 -12.81 -5.19 -36.65
N GLN B 157 -11.60 -4.80 -37.03
CA GLN B 157 -10.79 -5.58 -37.94
C GLN B 157 -10.35 -6.88 -37.28
N GLY B 158 -9.98 -6.83 -35.99
CA GLY B 158 -9.59 -8.03 -35.30
C GLY B 158 -10.77 -8.98 -35.08
N PHE B 159 -11.94 -8.39 -34.88
CA PHE B 159 -13.16 -9.11 -34.56
C PHE B 159 -13.83 -9.66 -35.84
N ARG B 160 -13.52 -9.03 -36.97
CA ARG B 160 -14.00 -9.43 -38.30
C ARG B 160 -13.68 -10.92 -38.51
N THR B 161 -12.64 -11.43 -37.85
CA THR B 161 -12.25 -12.81 -37.98
C THR B 161 -13.32 -13.77 -37.48
N PHE B 162 -14.25 -13.30 -36.63
CA PHE B 162 -15.33 -14.13 -36.12
C PHE B 162 -16.51 -14.19 -37.10
N ALA B 163 -16.54 -13.29 -38.10
CA ALA B 163 -17.71 -13.12 -39.01
C ALA B 163 -17.88 -14.30 -39.98
N LYS B 164 -19.14 -14.62 -40.30
CA LYS B 164 -19.56 -15.50 -41.43
C LYS B 164 -19.26 -16.95 -41.04
N PRO B 192 3.57 -6.20 -45.64
CA PRO B 192 3.99 -6.17 -44.19
C PRO B 192 2.74 -5.97 -43.32
N SER B 193 2.45 -6.83 -42.32
CA SER B 193 1.10 -6.78 -41.68
C SER B 193 1.17 -6.59 -40.16
N LEU B 194 0.10 -6.01 -39.60
CA LEU B 194 0.13 -5.53 -38.21
C LEU B 194 -0.16 -6.68 -37.25
N PHE B 195 -0.94 -7.65 -37.69
CA PHE B 195 -1.21 -8.86 -36.90
C PHE B 195 -1.43 -10.07 -37.81
N ASN B 196 -1.32 -11.28 -37.25
CA ASN B 196 -1.48 -12.52 -38.02
C ASN B 196 -2.69 -13.29 -37.51
N PRO B 197 -3.87 -13.12 -38.17
CA PRO B 197 -5.09 -13.80 -37.76
C PRO B 197 -5.01 -15.34 -37.84
N GLU B 198 -4.02 -15.87 -38.60
CA GLU B 198 -3.79 -17.30 -38.70
C GLU B 198 -3.30 -17.86 -37.37
N ASP B 199 -2.66 -17.04 -36.53
CA ASP B 199 -2.10 -17.51 -35.25
C ASP B 199 -3.14 -17.44 -34.13
N PHE B 200 -4.38 -17.00 -34.42
CA PHE B 200 -5.41 -16.84 -33.37
C PHE B 200 -5.91 -18.23 -32.98
N LYS B 201 -6.08 -18.46 -31.67
CA LYS B 201 -6.66 -19.70 -31.25
C LYS B 201 -8.12 -19.74 -31.70
N PRO B 202 -8.58 -20.90 -32.21
CA PRO B 202 -9.97 -21.04 -32.61
C PRO B 202 -10.93 -21.11 -31.42
N LEU B 203 -12.16 -20.73 -31.71
CA LEU B 203 -13.24 -20.66 -30.74
C LEU B 203 -14.01 -21.99 -30.73
N ASP B 204 -14.07 -22.62 -29.55
CA ASP B 204 -14.89 -23.75 -29.32
C ASP B 204 -16.02 -23.34 -28.38
N PRO B 205 -17.24 -23.11 -28.90
CA PRO B 205 -18.38 -22.72 -28.07
C PRO B 205 -18.75 -23.65 -26.92
N THR B 206 -18.43 -24.94 -27.01
CA THR B 206 -18.80 -25.91 -25.95
C THR B 206 -17.99 -25.70 -24.65
N GLN B 207 -16.90 -24.92 -24.75
CA GLN B 207 -15.97 -24.66 -23.65
C GLN B 207 -16.36 -23.40 -22.84
N GLU B 208 -17.55 -22.83 -23.05
CA GLU B 208 -18.00 -21.68 -22.23
C GLU B 208 -18.50 -22.18 -20.87
N PRO B 209 -18.55 -21.32 -19.82
CA PRO B 209 -19.03 -21.77 -18.52
C PRO B 209 -20.47 -22.31 -18.55
N ILE B 210 -20.73 -23.36 -17.78
CA ILE B 210 -22.04 -23.97 -17.67
C ILE B 210 -23.01 -22.96 -17.05
N PHE B 211 -24.27 -23.02 -17.43
CA PHE B 211 -25.29 -22.36 -16.70
C PHE B 211 -25.35 -23.02 -15.33
N PRO B 212 -25.18 -22.27 -14.20
CA PRO B 212 -25.16 -22.86 -12.87
C PRO B 212 -26.30 -23.84 -12.65
N PRO B 213 -25.99 -25.13 -12.46
CA PRO B 213 -27.04 -26.15 -12.23
C PRO B 213 -28.05 -25.79 -11.13
N GLU B 214 -27.60 -25.13 -10.06
CA GLU B 214 -28.46 -24.64 -8.97
C GLU B 214 -29.64 -23.82 -9.53
N LEU B 215 -29.41 -23.03 -10.58
CA LEU B 215 -30.45 -22.12 -11.09
C LEU B 215 -31.50 -22.88 -11.88
N LEU B 216 -31.08 -23.98 -12.53
CA LEU B 216 -32.02 -24.87 -13.18
C LEU B 216 -32.83 -25.64 -12.11
N ARG B 217 -32.19 -26.08 -11.01
CA ARG B 217 -32.96 -26.70 -9.90
C ARG B 217 -33.99 -25.67 -9.40
N LEU B 218 -33.53 -24.44 -9.13
CA LEU B 218 -34.30 -23.39 -8.40
C LEU B 218 -35.50 -22.92 -9.22
N LYS B 219 -35.52 -23.18 -10.52
CA LYS B 219 -36.62 -22.72 -11.37
C LYS B 219 -37.85 -23.61 -11.21
N ASP B 220 -37.72 -24.73 -10.48
CA ASP B 220 -38.83 -25.65 -10.16
C ASP B 220 -39.51 -25.21 -8.85
N THR B 221 -38.91 -24.22 -8.16
CA THR B 221 -39.57 -23.49 -7.09
C THR B 221 -40.35 -22.33 -7.69
N PRO B 222 -41.59 -22.03 -7.25
CA PRO B 222 -42.30 -20.85 -7.74
C PRO B 222 -41.64 -19.61 -7.13
N GLN B 223 -41.71 -18.51 -7.87
CA GLN B 223 -41.22 -17.25 -7.41
C GLN B 223 -42.11 -16.78 -6.26
N LYS B 224 -41.47 -16.39 -5.18
CA LYS B 224 -42.08 -15.76 -4.05
C LYS B 224 -41.74 -14.26 -4.11
N LYS B 225 -42.65 -13.39 -3.67
CA LYS B 225 -42.39 -11.95 -3.48
C LYS B 225 -41.18 -11.76 -2.54
N LEU B 226 -40.30 -10.80 -2.83
CA LEU B 226 -39.13 -10.49 -1.99
C LEU B 226 -39.16 -9.03 -1.53
N ARG B 227 -38.55 -8.76 -0.38
CA ARG B 227 -38.47 -7.41 0.19
C ARG B 227 -37.04 -7.15 0.64
N PHE B 228 -36.45 -6.06 0.14
CA PHE B 228 -35.09 -5.61 0.50
C PHE B 228 -35.18 -4.22 1.14
N GLU B 229 -34.48 -4.02 2.27
CA GLU B 229 -34.54 -2.73 2.98
C GLU B 229 -33.12 -2.16 3.04
N GLY B 230 -32.95 -0.96 2.49
CA GLY B 230 -31.67 -0.25 2.48
C GLY B 230 -31.62 0.84 3.55
N GLU B 231 -30.60 1.70 3.50
CA GLU B 231 -30.53 2.84 4.40
C GLU B 231 -31.72 3.77 4.17
N ARG B 232 -32.18 3.89 2.92
CA ARG B 232 -33.18 4.86 2.58
C ARG B 232 -34.34 4.26 1.76
N VAL B 233 -34.13 3.12 1.11
CA VAL B 233 -35.06 2.64 0.06
C VAL B 233 -35.44 1.21 0.39
N THR B 234 -36.74 0.92 0.21
CA THR B 234 -37.31 -0.40 0.28
C THR B 234 -37.71 -0.82 -1.15
N TRP B 235 -37.36 -2.05 -1.50
CA TRP B 235 -37.65 -2.62 -2.81
C TRP B 235 -38.44 -3.92 -2.63
N ILE B 236 -39.58 -3.97 -3.31
CA ILE B 236 -40.40 -5.14 -3.39
C ILE B 236 -40.27 -5.74 -4.79
N GLN B 237 -39.84 -7.00 -4.86
CA GLN B 237 -39.82 -7.74 -6.10
C GLN B 237 -41.15 -8.51 -6.19
N ALA B 238 -42.09 -7.99 -6.98
CA ALA B 238 -43.44 -8.53 -6.97
C ALA B 238 -43.47 -9.81 -7.83
N SER B 239 -44.18 -10.85 -7.35
CA SER B 239 -44.25 -12.12 -8.02
C SER B 239 -45.51 -12.22 -8.85
N THR B 240 -46.60 -11.54 -8.46
CA THR B 240 -47.87 -11.68 -9.22
C THR B 240 -48.49 -10.31 -9.45
N MET B 241 -49.39 -10.26 -10.45
CA MET B 241 -50.17 -9.12 -10.75
C MET B 241 -50.96 -8.68 -9.51
N GLU B 242 -51.51 -9.66 -8.75
CA GLU B 242 -52.26 -9.29 -7.55
C GLU B 242 -51.38 -8.52 -6.55
N GLU B 243 -50.16 -9.00 -6.32
CA GLU B 243 -49.21 -8.34 -5.42
C GLU B 243 -48.93 -6.91 -5.87
N LEU B 244 -48.68 -6.75 -7.17
CA LEU B 244 -48.35 -5.46 -7.70
C LEU B 244 -49.53 -4.49 -7.50
N LEU B 245 -50.74 -4.95 -7.85
CA LEU B 245 -51.90 -4.06 -7.88
C LEU B 245 -52.33 -3.73 -6.46
N ASP B 246 -52.21 -4.70 -5.55
CA ASP B 246 -52.54 -4.47 -4.14
C ASP B 246 -51.57 -3.43 -3.57
N LEU B 247 -50.27 -3.56 -3.92
CA LEU B 247 -49.30 -2.62 -3.40
C LEU B 247 -49.63 -1.22 -3.90
N LYS B 248 -49.95 -1.11 -5.20
CA LYS B 248 -50.24 0.20 -5.80
C LYS B 248 -51.57 0.78 -5.31
N ALA B 249 -52.53 -0.07 -4.92
CA ALA B 249 -53.82 0.41 -4.30
C ALA B 249 -53.55 1.02 -2.91
N GLN B 250 -52.87 0.27 -2.05
CA GLN B 250 -52.50 0.70 -0.69
C GLN B 250 -51.48 1.83 -0.73
N HIS B 251 -50.49 1.73 -1.63
CA HIS B 251 -49.37 2.68 -1.63
C HIS B 251 -49.12 3.23 -3.04
N PRO B 252 -50.00 4.12 -3.57
CA PRO B 252 -49.91 4.56 -4.96
C PRO B 252 -48.55 5.18 -5.29
N ASP B 253 -47.81 5.62 -4.25
CA ASP B 253 -46.52 6.28 -4.43
C ASP B 253 -45.41 5.25 -4.69
N ALA B 254 -45.67 3.96 -4.44
CA ALA B 254 -44.67 2.93 -4.79
C ALA B 254 -44.24 3.15 -6.25
N LYS B 255 -42.93 3.28 -6.46
CA LYS B 255 -42.40 3.60 -7.77
C LYS B 255 -42.03 2.33 -8.52
N LEU B 256 -42.64 2.11 -9.69
CA LEU B 256 -42.30 0.94 -10.51
C LEU B 256 -40.91 1.14 -11.07
N VAL B 257 -40.11 0.08 -11.04
CA VAL B 257 -38.81 0.05 -11.66
C VAL B 257 -38.72 -1.25 -12.45
N VAL B 258 -38.38 -1.14 -13.74
CA VAL B 258 -38.19 -2.34 -14.53
C VAL B 258 -36.73 -2.40 -14.95
N GLY B 259 -36.31 -1.67 -15.98
CA GLY B 259 -34.91 -1.73 -16.39
C GLY B 259 -34.01 -0.75 -15.65
N ASN B 260 -34.63 0.24 -14.99
CA ASN B 260 -33.92 1.24 -14.17
C ASN B 260 -33.14 2.23 -15.04
N THR B 261 -33.39 2.26 -16.37
CA THR B 261 -32.56 3.05 -17.30
C THR B 261 -33.06 4.50 -17.30
N GLU B 262 -34.22 4.76 -16.68
CA GLU B 262 -34.65 6.12 -16.38
C GLU B 262 -34.52 6.43 -14.87
N ILE B 263 -35.08 5.57 -14.01
CA ILE B 263 -35.05 5.82 -12.55
C ILE B 263 -33.60 5.89 -12.05
N GLY B 264 -32.70 5.06 -12.61
CA GLY B 264 -31.26 5.10 -12.23
C GLY B 264 -30.65 6.48 -12.45
N ILE B 265 -31.05 7.11 -13.55
CA ILE B 265 -30.57 8.46 -13.89
C ILE B 265 -31.22 9.49 -12.94
N GLU B 266 -32.52 9.36 -12.70
CA GLU B 266 -33.22 10.30 -11.82
C GLU B 266 -32.59 10.27 -10.42
N MET B 267 -32.24 9.08 -9.92
CA MET B 267 -31.70 8.89 -8.58
C MET B 267 -30.26 9.41 -8.53
N LYS B 268 -29.46 9.06 -9.53
CA LYS B 268 -28.02 9.35 -9.45
C LYS B 268 -27.74 10.82 -9.81
N PHE B 269 -28.44 11.36 -10.81
CA PHE B 269 -28.10 12.66 -11.40
C PHE B 269 -29.08 13.76 -10.99
N LYS B 270 -30.34 13.44 -10.68
CA LYS B 270 -31.30 14.48 -10.38
C LYS B 270 -31.63 14.46 -8.88
N ASN B 271 -30.86 13.67 -8.13
CA ASN B 271 -31.00 13.39 -6.69
C ASN B 271 -32.50 13.28 -6.34
N MET B 272 -33.21 12.42 -7.08
CA MET B 272 -34.57 12.06 -6.76
C MET B 272 -34.47 10.81 -5.88
N LEU B 273 -35.30 10.73 -4.83
CA LEU B 273 -35.30 9.56 -3.99
C LEU B 273 -36.73 9.01 -3.90
N PHE B 274 -36.87 7.74 -4.27
CA PHE B 274 -38.11 7.02 -4.24
C PHE B 274 -38.01 6.04 -3.07
N PRO B 275 -38.53 6.37 -1.87
CA PRO B 275 -38.30 5.53 -0.71
C PRO B 275 -38.92 4.12 -0.87
N LEU B 276 -39.94 3.96 -1.73
CA LEU B 276 -40.51 2.64 -1.94
C LEU B 276 -40.56 2.36 -3.45
N ILE B 277 -39.94 1.23 -3.85
CA ILE B 277 -39.82 0.77 -5.24
C ILE B 277 -40.49 -0.59 -5.34
N VAL B 278 -41.22 -0.82 -6.43
CA VAL B 278 -41.66 -2.14 -6.73
C VAL B 278 -41.18 -2.50 -8.13
N CYS B 279 -40.54 -3.65 -8.24
CA CYS B 279 -40.09 -4.16 -9.48
C CYS B 279 -41.03 -5.28 -9.91
N PRO B 280 -41.75 -5.11 -11.04
CA PRO B 280 -42.68 -6.12 -11.53
C PRO B 280 -42.18 -7.05 -12.64
N ALA B 281 -40.85 -7.07 -12.87
CA ALA B 281 -40.26 -7.65 -14.04
C ALA B 281 -40.54 -9.16 -14.13
N TRP B 282 -40.80 -9.82 -12.99
CA TRP B 282 -41.10 -11.24 -12.96
C TRP B 282 -42.53 -11.57 -13.40
N ILE B 283 -43.46 -10.62 -13.38
CA ILE B 283 -44.89 -10.95 -13.50
C ILE B 283 -45.17 -11.41 -14.94
N PRO B 284 -45.70 -12.62 -15.17
CA PRO B 284 -45.90 -13.12 -16.53
C PRO B 284 -46.72 -12.21 -17.46
N GLU B 285 -47.82 -11.64 -16.95
CA GLU B 285 -48.76 -10.87 -17.79
C GLU B 285 -48.04 -9.62 -18.34
N LEU B 286 -47.03 -9.10 -17.59
CA LEU B 286 -46.25 -7.91 -18.03
C LEU B 286 -45.14 -8.28 -19.02
N ASN B 287 -44.97 -9.58 -19.32
CA ASN B 287 -43.91 -10.09 -20.18
C ASN B 287 -44.44 -10.85 -21.39
N SER B 288 -45.75 -10.89 -21.58
CA SER B 288 -46.35 -11.73 -22.63
C SER B 288 -46.36 -11.00 -23.98
N VAL B 289 -46.47 -11.79 -25.03
CA VAL B 289 -46.56 -11.36 -26.39
C VAL B 289 -47.72 -12.12 -27.01
N VAL B 290 -48.75 -11.40 -27.43
CA VAL B 290 -50.02 -11.98 -27.84
C VAL B 290 -50.34 -11.47 -29.24
N HIS B 291 -50.52 -12.39 -30.20
CA HIS B 291 -50.94 -12.05 -31.55
C HIS B 291 -52.46 -11.91 -31.59
N GLY B 292 -52.96 -10.77 -32.06
CA GLY B 292 -54.36 -10.46 -32.13
C GLY B 292 -54.76 -10.10 -33.55
N PRO B 293 -56.07 -9.95 -33.84
CA PRO B 293 -56.52 -9.58 -35.18
C PRO B 293 -55.92 -8.26 -35.63
N GLU B 294 -55.71 -7.32 -34.69
CA GLU B 294 -55.36 -5.91 -35.02
C GLU B 294 -53.84 -5.67 -34.94
N GLY B 295 -53.10 -6.57 -34.28
CA GLY B 295 -51.67 -6.39 -34.11
C GLY B 295 -51.10 -7.23 -33.00
N ILE B 296 -49.93 -6.84 -32.50
CA ILE B 296 -49.22 -7.63 -31.55
C ILE B 296 -49.15 -6.85 -30.23
N SER B 297 -49.64 -7.49 -29.16
CA SER B 297 -49.61 -6.97 -27.81
C SER B 297 -48.35 -7.41 -27.09
N PHE B 298 -47.61 -6.41 -26.56
CA PHE B 298 -46.49 -6.65 -25.67
C PHE B 298 -46.85 -6.22 -24.25
N GLY B 299 -46.56 -7.11 -23.31
CA GLY B 299 -46.59 -6.75 -21.92
C GLY B 299 -45.62 -5.59 -21.67
N ALA B 300 -46.04 -4.70 -20.76
CA ALA B 300 -45.40 -3.43 -20.56
C ALA B 300 -43.96 -3.58 -20.06
N SER B 301 -43.61 -4.74 -19.50
CA SER B 301 -42.25 -4.94 -18.98
C SER B 301 -41.36 -5.67 -19.98
N CYS B 302 -41.87 -6.00 -21.19
CA CYS B 302 -41.04 -6.61 -22.20
C CYS B 302 -39.88 -5.67 -22.55
N PRO B 303 -38.64 -6.18 -22.57
CA PRO B 303 -37.51 -5.36 -22.97
C PRO B 303 -37.59 -5.02 -24.46
N LEU B 304 -36.99 -3.89 -24.81
CA LEU B 304 -36.96 -3.46 -26.19
C LEU B 304 -36.25 -4.51 -27.07
N SER B 305 -35.28 -5.25 -26.52
CA SER B 305 -34.63 -6.27 -27.34
C SER B 305 -35.64 -7.35 -27.75
N LEU B 306 -36.64 -7.63 -26.91
CA LEU B 306 -37.67 -8.63 -27.20
C LEU B 306 -38.66 -8.05 -28.21
N VAL B 307 -39.07 -6.78 -28.04
CA VAL B 307 -39.87 -6.11 -29.03
C VAL B 307 -39.15 -6.25 -30.39
N GLU B 308 -37.84 -5.96 -30.43
CA GLU B 308 -37.04 -6.03 -31.67
C GLU B 308 -37.06 -7.44 -32.28
N SER B 309 -36.79 -8.47 -31.49
CA SER B 309 -36.69 -9.84 -32.04
C SER B 309 -38.06 -10.31 -32.54
N VAL B 310 -39.14 -9.99 -31.81
CA VAL B 310 -40.46 -10.40 -32.21
C VAL B 310 -40.83 -9.68 -33.52
N LEU B 311 -40.66 -8.35 -33.58
CA LEU B 311 -41.07 -7.56 -34.75
C LEU B 311 -40.23 -7.96 -35.96
N ALA B 312 -38.93 -8.26 -35.75
CA ALA B 312 -38.07 -8.72 -36.82
C ALA B 312 -38.64 -9.98 -37.49
N GLU B 313 -39.11 -10.95 -36.71
CA GLU B 313 -39.64 -12.23 -37.27
C GLU B 313 -40.93 -11.93 -38.04
N GLU B 314 -41.81 -11.09 -37.48
CA GLU B 314 -43.04 -10.72 -38.12
C GLU B 314 -42.75 -10.01 -39.45
N ILE B 315 -41.77 -9.11 -39.45
CA ILE B 315 -41.40 -8.40 -40.67
C ILE B 315 -40.88 -9.40 -41.73
N ALA B 316 -40.15 -10.43 -41.29
CA ALA B 316 -39.55 -11.34 -42.24
C ALA B 316 -40.63 -12.21 -42.88
N LYS B 317 -41.75 -12.50 -42.17
CA LYS B 317 -42.70 -13.49 -42.67
C LYS B 317 -44.00 -12.86 -43.18
N LEU B 318 -44.44 -11.72 -42.67
CA LEU B 318 -45.73 -11.14 -43.11
C LEU B 318 -45.52 -10.31 -44.36
N PRO B 319 -46.56 -10.08 -45.17
CA PRO B 319 -46.44 -9.17 -46.31
C PRO B 319 -46.09 -7.74 -45.85
N GLU B 320 -45.35 -7.04 -46.70
CA GLU B 320 -44.88 -5.67 -46.51
C GLU B 320 -46.08 -4.76 -46.18
N GLN B 321 -47.23 -4.99 -46.83
CA GLN B 321 -48.45 -4.20 -46.67
C GLN B 321 -48.91 -4.17 -45.19
N LYS B 322 -48.63 -5.23 -44.42
CA LYS B 322 -49.12 -5.35 -43.01
C LYS B 322 -48.11 -4.84 -41.97
N THR B 323 -46.86 -4.52 -42.36
CA THR B 323 -45.79 -4.33 -41.36
C THR B 323 -45.18 -2.92 -41.41
N GLU B 324 -45.94 -1.94 -41.90
CA GLU B 324 -45.49 -0.53 -42.02
C GLU B 324 -45.16 0.03 -40.63
N VAL B 325 -46.06 -0.16 -39.68
CA VAL B 325 -45.82 0.32 -38.30
C VAL B 325 -44.69 -0.49 -37.64
N PHE B 326 -44.68 -1.82 -37.79
CA PHE B 326 -43.60 -2.60 -37.24
C PHE B 326 -42.23 -2.05 -37.73
N ARG B 327 -42.10 -1.76 -39.02
CA ARG B 327 -40.83 -1.31 -39.58
C ARG B 327 -40.47 0.06 -39.02
N GLY B 328 -41.45 0.92 -38.79
CA GLY B 328 -41.23 2.22 -38.09
C GLY B 328 -40.61 2.04 -36.70
N VAL B 329 -41.16 1.10 -35.94
CA VAL B 329 -40.65 0.85 -34.61
C VAL B 329 -39.20 0.34 -34.74
N MET B 330 -38.97 -0.63 -35.66
CA MET B 330 -37.66 -1.20 -35.80
C MET B 330 -36.65 -0.11 -36.19
N GLU B 331 -37.05 0.82 -37.07
CA GLU B 331 -36.15 1.92 -37.52
C GLU B 331 -35.70 2.80 -36.32
N GLN B 332 -36.66 3.20 -35.47
CA GLN B 332 -36.34 3.93 -34.23
C GLN B 332 -35.45 3.08 -33.31
N LEU B 333 -35.68 1.77 -33.22
CA LEU B 333 -34.92 0.98 -32.28
C LEU B 333 -33.47 0.76 -32.75
N ARG B 334 -33.21 0.85 -34.06
CA ARG B 334 -31.85 0.89 -34.56
C ARG B 334 -30.99 1.96 -33.88
N TRP B 335 -31.61 3.11 -33.56
CA TRP B 335 -30.89 4.28 -33.09
C TRP B 335 -31.23 4.56 -31.61
N PHE B 336 -31.77 3.54 -30.92
CA PHE B 336 -32.22 3.65 -29.52
C PHE B 336 -31.14 3.05 -28.63
N ALA B 337 -30.30 3.91 -28.08
CA ALA B 337 -29.29 3.50 -27.10
C ALA B 337 -28.39 2.46 -27.75
N GLY B 338 -28.03 1.38 -27.01
CA GLY B 338 -27.32 0.23 -27.55
C GLY B 338 -27.80 -1.08 -26.94
N LYS B 339 -27.05 -2.17 -27.17
CA LYS B 339 -27.53 -3.53 -26.78
C LYS B 339 -27.77 -3.63 -25.27
N GLN B 340 -26.89 -3.00 -24.51
CA GLN B 340 -26.91 -3.03 -23.02
C GLN B 340 -28.20 -2.42 -22.48
N VAL B 341 -28.58 -1.24 -22.97
CA VAL B 341 -29.77 -0.58 -22.52
C VAL B 341 -31.00 -1.33 -23.05
N LYS B 342 -30.99 -1.73 -24.33
CA LYS B 342 -32.19 -2.37 -24.95
C LYS B 342 -32.56 -3.74 -24.36
N SER B 343 -31.60 -4.44 -23.77
CA SER B 343 -31.83 -5.71 -23.07
C SER B 343 -32.64 -5.58 -21.77
N VAL B 344 -32.65 -4.42 -21.12
CA VAL B 344 -33.38 -4.24 -19.85
C VAL B 344 -34.43 -3.12 -19.97
N ALA B 345 -34.24 -2.14 -20.86
CA ALA B 345 -35.23 -1.05 -21.04
C ALA B 345 -36.55 -1.63 -21.51
N SER B 346 -37.64 -1.33 -20.79
CA SER B 346 -38.99 -1.85 -21.11
C SER B 346 -39.73 -0.90 -22.03
N ILE B 347 -40.59 -1.47 -22.87
CA ILE B 347 -41.42 -0.70 -23.74
C ILE B 347 -42.34 0.19 -22.89
N GLY B 348 -42.86 -0.36 -21.79
CA GLY B 348 -43.73 0.41 -20.89
C GLY B 348 -42.96 1.53 -20.19
N GLY B 349 -41.70 1.27 -19.84
CA GLY B 349 -40.85 2.30 -19.23
C GLY B 349 -40.72 3.53 -20.11
N ASN B 350 -40.56 3.32 -21.41
CA ASN B 350 -40.39 4.43 -22.35
C ASN B 350 -41.69 5.23 -22.41
N ILE B 351 -42.83 4.54 -22.48
CA ILE B 351 -44.11 5.20 -22.65
C ILE B 351 -44.37 6.07 -21.41
N ILE B 352 -44.22 5.49 -20.22
CA ILE B 352 -44.62 6.17 -18.98
C ILE B 352 -43.57 7.23 -18.56
N THR B 353 -42.29 7.07 -18.92
CA THR B 353 -41.32 8.16 -18.66
C THR B 353 -41.85 9.46 -19.27
N ALA B 354 -42.49 9.34 -20.44
CA ALA B 354 -43.10 10.47 -21.17
C ALA B 354 -42.08 11.62 -21.38
N SER B 355 -40.86 11.29 -21.76
CA SER B 355 -39.89 12.31 -22.10
C SER B 355 -40.38 13.06 -23.33
N PRO B 356 -40.21 14.40 -23.43
CA PRO B 356 -40.44 15.09 -24.69
C PRO B 356 -39.72 14.50 -25.90
N ILE B 357 -38.61 13.78 -25.67
CA ILE B 357 -37.80 13.26 -26.75
C ILE B 357 -37.79 11.74 -26.80
N SER B 358 -38.77 11.08 -26.17
CA SER B 358 -39.04 9.65 -26.47
C SER B 358 -39.03 9.47 -27.98
N ASP B 359 -38.33 8.44 -28.44
CA ASP B 359 -38.33 8.10 -29.83
C ASP B 359 -39.50 7.19 -30.17
N LEU B 360 -40.14 6.57 -29.18
CA LEU B 360 -41.19 5.57 -29.47
C LEU B 360 -42.59 6.17 -29.35
N ASN B 361 -42.79 7.10 -28.41
CA ASN B 361 -44.10 7.73 -28.18
C ASN B 361 -44.61 8.37 -29.47
N PRO B 362 -43.80 9.08 -30.28
CA PRO B 362 -44.31 9.62 -31.53
C PRO B 362 -44.85 8.56 -32.50
N VAL B 363 -44.22 7.40 -32.46
CA VAL B 363 -44.59 6.31 -33.33
C VAL B 363 -45.88 5.66 -32.83
N PHE B 364 -45.95 5.44 -31.52
CA PHE B 364 -47.12 4.89 -30.89
C PHE B 364 -48.30 5.85 -31.06
N MET B 365 -48.05 7.16 -30.95
CA MET B 365 -49.09 8.16 -31.08
C MET B 365 -49.58 8.21 -32.54
N ALA B 366 -48.64 8.11 -33.50
CA ALA B 366 -49.01 8.30 -34.90
C ALA B 366 -49.79 7.08 -35.41
N SER B 367 -49.50 5.89 -34.88
CA SER B 367 -50.19 4.63 -35.19
C SER B 367 -51.42 4.36 -34.29
N GLY B 368 -51.67 5.23 -33.32
CA GLY B 368 -52.80 5.09 -32.38
C GLY B 368 -52.76 3.80 -31.58
N ALA B 369 -51.57 3.40 -31.13
CA ALA B 369 -51.38 2.12 -30.45
C ALA B 369 -52.32 2.05 -29.23
N LYS B 370 -52.91 0.87 -29.03
CA LYS B 370 -53.88 0.65 -27.95
C LYS B 370 -53.11 0.25 -26.68
N LEU B 371 -53.34 1.01 -25.62
CA LEU B 371 -52.71 0.82 -24.31
C LEU B 371 -53.77 0.26 -23.38
N THR B 372 -53.42 -0.76 -22.59
CA THR B 372 -54.29 -1.25 -21.55
C THR B 372 -53.74 -0.87 -20.17
N LEU B 373 -54.61 -0.24 -19.36
CA LEU B 373 -54.30 0.29 -18.04
C LEU B 373 -55.12 -0.49 -17.00
N VAL B 374 -54.48 -0.97 -15.94
CA VAL B 374 -55.21 -1.75 -14.93
C VAL B 374 -54.84 -1.18 -13.56
N SER B 375 -55.78 -1.36 -12.63
CA SER B 375 -55.57 -1.23 -11.20
C SER B 375 -56.20 -2.47 -10.56
N ARG B 376 -56.08 -2.61 -9.25
CA ARG B 376 -56.94 -3.54 -8.55
C ARG B 376 -58.38 -3.07 -8.82
N GLY B 377 -59.20 -3.87 -9.44
CA GLY B 377 -60.61 -3.46 -9.59
C GLY B 377 -60.93 -2.58 -10.80
N THR B 378 -59.94 -2.14 -11.63
CA THR B 378 -60.30 -1.48 -12.95
C THR B 378 -59.36 -1.93 -14.09
N ARG B 379 -59.94 -1.91 -15.30
CA ARG B 379 -59.26 -2.17 -16.58
C ARG B 379 -59.87 -1.26 -17.65
N ARG B 380 -59.02 -0.50 -18.34
CA ARG B 380 -59.49 0.37 -19.42
C ARG B 380 -58.41 0.41 -20.50
N THR B 381 -58.83 0.75 -21.72
CA THR B 381 -57.95 0.87 -22.82
C THR B 381 -58.06 2.30 -23.37
N VAL B 382 -56.95 2.82 -23.88
CA VAL B 382 -56.95 4.06 -24.61
C VAL B 382 -56.05 3.87 -25.84
N ARG B 383 -56.46 4.48 -26.95
CA ARG B 383 -55.62 4.62 -28.15
C ARG B 383 -54.73 5.81 -27.84
N MET B 384 -53.40 5.65 -27.98
CA MET B 384 -52.55 6.78 -27.64
C MET B 384 -52.82 7.92 -28.65
N ASP B 385 -53.06 9.12 -28.12
CA ASP B 385 -53.32 10.30 -28.90
C ASP B 385 -52.78 11.48 -28.07
N HIS B 386 -53.07 12.71 -28.48
CA HIS B 386 -52.47 13.89 -27.81
C HIS B 386 -52.87 13.98 -26.33
N THR B 387 -54.09 13.55 -25.99
CA THR B 387 -54.62 13.63 -24.61
C THR B 387 -53.90 12.66 -23.65
N PHE B 388 -53.15 11.68 -24.17
CA PHE B 388 -52.46 10.71 -23.29
C PHE B 388 -51.33 11.38 -22.50
N PHE B 389 -50.78 12.46 -23.06
CA PHE B 389 -49.68 13.22 -22.43
C PHE B 389 -50.19 14.62 -22.12
N PRO B 390 -50.78 14.88 -20.94
CA PRO B 390 -51.43 16.17 -20.69
C PRO B 390 -50.51 17.28 -20.15
N GLY B 391 -49.22 17.00 -20.02
CA GLY B 391 -48.26 17.95 -19.48
C GLY B 391 -46.89 17.31 -19.35
N TYR B 392 -45.91 18.11 -18.93
CA TYR B 392 -44.52 17.72 -18.89
C TYR B 392 -44.36 16.44 -18.03
N ARG B 393 -43.90 15.37 -18.68
CA ARG B 393 -43.60 14.06 -18.09
C ARG B 393 -44.81 13.43 -17.39
N LYS B 394 -46.02 13.78 -17.82
CA LYS B 394 -47.24 13.28 -17.25
C LYS B 394 -47.92 12.38 -18.28
N THR B 395 -48.64 11.37 -17.79
CA THR B 395 -49.64 10.69 -18.60
C THR B 395 -51.01 10.76 -17.92
N LEU B 396 -52.02 10.18 -18.59
CA LEU B 396 -53.36 10.14 -17.99
C LEU B 396 -53.52 8.99 -16.98
N LEU B 397 -52.45 8.23 -16.69
CA LEU B 397 -52.56 7.17 -15.68
C LEU B 397 -52.92 7.81 -14.34
N ARG B 398 -53.78 7.11 -13.61
CA ARG B 398 -54.08 7.47 -12.22
C ARG B 398 -52.99 6.89 -11.33
N PRO B 399 -52.77 7.45 -10.12
CA PRO B 399 -51.69 7.01 -9.23
C PRO B 399 -51.63 5.50 -9.00
N GLU B 400 -52.79 4.84 -8.95
CA GLU B 400 -52.89 3.41 -8.58
C GLU B 400 -52.89 2.49 -9.83
N GLU B 401 -52.89 3.07 -11.02
CA GLU B 401 -52.91 2.28 -12.26
C GLU B 401 -51.48 1.97 -12.70
N ILE B 402 -51.33 0.89 -13.47
CA ILE B 402 -50.07 0.57 -14.14
C ILE B 402 -50.43 0.30 -15.61
N LEU B 403 -49.43 0.38 -16.50
CA LEU B 403 -49.64 0.02 -17.89
C LEU B 403 -49.40 -1.49 -18.02
N LEU B 404 -50.39 -2.21 -18.55
CA LEU B 404 -50.31 -3.64 -18.66
C LEU B 404 -49.64 -4.03 -19.98
N SER B 405 -50.07 -3.39 -21.07
CA SER B 405 -49.73 -3.83 -22.42
C SER B 405 -49.90 -2.71 -23.44
N ILE B 406 -49.18 -2.85 -24.54
CA ILE B 406 -49.35 -2.03 -25.68
C ILE B 406 -49.49 -2.94 -26.91
N GLU B 407 -50.48 -2.59 -27.74
CA GLU B 407 -50.73 -3.29 -29.00
C GLU B 407 -50.19 -2.45 -30.15
N ILE B 408 -49.13 -2.93 -30.79
CA ILE B 408 -48.59 -2.29 -31.97
C ILE B 408 -49.35 -2.85 -33.18
N PRO B 409 -50.04 -2.00 -33.96
CA PRO B 409 -50.93 -2.48 -35.01
C PRO B 409 -50.23 -2.97 -36.28
N TYR B 410 -50.85 -3.98 -36.92
CA TYR B 410 -50.67 -4.22 -38.33
C TYR B 410 -51.10 -2.97 -39.10
N SER B 411 -50.39 -2.72 -40.22
CA SER B 411 -50.85 -1.75 -41.17
C SER B 411 -51.89 -2.39 -42.11
N LYS B 412 -52.82 -1.57 -42.56
CA LYS B 412 -53.83 -1.98 -43.54
C LYS B 412 -53.35 -1.69 -44.97
N GLU B 413 -54.10 -2.21 -45.95
CA GLU B 413 -53.94 -1.83 -47.36
C GLU B 413 -54.10 -0.32 -47.49
N GLY B 414 -53.15 0.30 -48.20
CA GLY B 414 -53.19 1.72 -48.45
C GLY B 414 -52.80 2.55 -47.25
N GLU B 415 -52.17 1.90 -46.27
CA GLU B 415 -51.69 2.57 -45.06
C GLU B 415 -50.16 2.52 -45.01
N PHE B 416 -49.53 3.69 -44.89
CA PHE B 416 -48.06 3.77 -44.95
C PHE B 416 -47.52 4.52 -43.74
N PHE B 417 -46.31 4.11 -43.28
CA PHE B 417 -45.73 4.64 -42.08
C PHE B 417 -44.24 4.88 -42.31
N SER B 418 -43.73 6.02 -41.81
CA SER B 418 -42.28 6.26 -41.62
C SER B 418 -42.01 6.74 -40.18
N ALA B 419 -40.80 6.44 -39.68
CA ALA B 419 -40.29 7.04 -38.45
C ALA B 419 -38.99 7.77 -38.76
N PHE B 420 -38.69 8.85 -38.03
CA PHE B 420 -37.46 9.62 -38.22
C PHE B 420 -36.85 9.97 -36.86
N LYS B 421 -35.53 10.08 -36.84
CA LYS B 421 -34.81 10.62 -35.71
C LYS B 421 -33.56 11.33 -36.23
N GLN B 422 -33.34 12.57 -35.78
CA GLN B 422 -32.06 13.28 -35.99
C GLN B 422 -31.60 13.83 -34.65
N ALA B 423 -30.39 13.41 -34.30
CA ALA B 423 -29.71 13.78 -33.05
C ALA B 423 -28.40 14.50 -33.41
N SER B 424 -27.34 14.33 -32.60
CA SER B 424 -25.99 14.82 -32.94
C SER B 424 -25.20 13.69 -33.61
N ARG B 425 -25.42 12.47 -33.10
CA ARG B 425 -24.76 11.28 -33.54
C ARG B 425 -25.85 10.22 -33.82
N ARG B 426 -25.61 9.35 -34.80
CA ARG B 426 -26.61 8.37 -35.18
C ARG B 426 -26.87 7.41 -34.00
N GLU B 427 -25.79 6.88 -33.41
CA GLU B 427 -25.90 5.78 -32.46
C GLU B 427 -25.85 6.36 -31.05
N ASP B 428 -26.70 5.77 -30.19
CA ASP B 428 -26.76 6.02 -28.77
C ASP B 428 -26.79 7.54 -28.49
N ASP B 429 -27.83 8.21 -29.00
CA ASP B 429 -27.99 9.63 -28.75
C ASP B 429 -29.45 9.98 -28.46
N ILE B 430 -29.62 11.19 -27.96
CA ILE B 430 -30.90 11.81 -27.61
C ILE B 430 -31.43 12.55 -28.87
N ALA B 431 -32.70 12.36 -29.24
CA ALA B 431 -33.24 13.05 -30.44
C ALA B 431 -33.23 14.57 -30.26
N LYS B 432 -32.93 15.30 -31.33
CA LYS B 432 -33.28 16.71 -31.37
C LYS B 432 -34.74 16.82 -31.81
N VAL B 433 -35.07 16.14 -32.90
CA VAL B 433 -36.43 15.97 -33.38
C VAL B 433 -36.60 14.48 -33.73
N THR B 434 -37.74 13.91 -33.34
CA THR B 434 -38.07 12.54 -33.61
C THR B 434 -39.54 12.48 -34.00
N SER B 435 -39.87 11.56 -34.93
CA SER B 435 -41.20 11.62 -35.53
C SER B 435 -41.71 10.24 -35.91
N GLY B 436 -43.04 10.13 -35.82
CA GLY B 436 -43.78 9.09 -36.46
C GLY B 436 -44.79 9.71 -37.40
N MET B 437 -44.92 9.14 -38.60
CA MET B 437 -45.88 9.68 -39.60
C MET B 437 -46.63 8.52 -40.28
N ARG B 438 -47.96 8.69 -40.38
CA ARG B 438 -48.87 7.68 -40.92
C ARG B 438 -49.88 8.40 -41.83
N VAL B 439 -50.17 7.73 -42.94
CA VAL B 439 -51.23 8.07 -43.85
C VAL B 439 -52.02 6.80 -44.18
N LEU B 440 -53.35 6.97 -44.20
CA LEU B 440 -54.30 5.96 -44.66
C LEU B 440 -55.10 6.60 -45.80
N PHE B 441 -55.10 5.89 -46.93
CA PHE B 441 -55.75 6.32 -48.16
C PHE B 441 -57.11 5.63 -48.27
N LYS B 442 -58.13 6.38 -48.68
CA LYS B 442 -59.42 5.79 -49.14
C LYS B 442 -59.09 4.67 -50.12
N PRO B 443 -59.69 3.45 -50.00
CA PRO B 443 -59.20 2.28 -50.73
C PRO B 443 -59.25 2.53 -52.25
N GLY B 444 -58.24 1.98 -52.94
CA GLY B 444 -57.98 2.12 -54.36
C GLY B 444 -57.54 3.50 -54.81
N THR B 445 -57.44 4.50 -53.92
CA THR B 445 -57.21 5.91 -54.34
C THR B 445 -55.86 6.42 -53.82
N ILE B 446 -55.54 7.67 -54.17
CA ILE B 446 -54.43 8.40 -53.58
C ILE B 446 -54.98 9.55 -52.73
N GLU B 447 -56.25 9.39 -52.28
CA GLU B 447 -56.93 10.42 -51.52
C GLU B 447 -56.84 10.08 -50.03
N VAL B 448 -56.53 11.09 -49.23
CA VAL B 448 -56.22 10.87 -47.83
C VAL B 448 -57.52 10.56 -47.07
N GLN B 449 -57.54 9.44 -46.35
CA GLN B 449 -58.60 9.15 -45.34
C GLN B 449 -58.18 9.61 -43.93
N GLU B 450 -56.96 9.20 -43.51
CA GLU B 450 -56.37 9.66 -42.28
C GLU B 450 -54.91 10.12 -42.53
N LEU B 451 -54.49 11.13 -41.76
CA LEU B 451 -53.11 11.61 -41.69
C LEU B 451 -52.76 11.95 -40.23
N SER B 452 -51.63 11.41 -39.76
CA SER B 452 -51.10 11.66 -38.41
C SER B 452 -49.58 11.92 -38.47
N LEU B 453 -49.20 13.10 -37.96
CA LEU B 453 -47.83 13.56 -37.90
C LEU B 453 -47.54 13.94 -36.44
N CYS B 454 -46.74 13.10 -35.77
CA CYS B 454 -46.40 13.25 -34.36
C CYS B 454 -44.90 13.46 -34.17
N PHE B 455 -44.54 14.25 -33.16
CA PHE B 455 -43.16 14.73 -32.97
C PHE B 455 -42.78 14.78 -31.49
N GLY B 456 -41.55 14.34 -31.24
CA GLY B 456 -40.78 14.62 -30.05
C GLY B 456 -39.79 15.73 -30.35
N GLY B 457 -39.45 16.49 -29.32
CA GLY B 457 -38.41 17.49 -29.36
C GLY B 457 -38.91 18.81 -29.92
N MET B 458 -40.23 18.96 -30.01
CA MET B 458 -40.86 20.21 -30.49
C MET B 458 -41.77 20.86 -29.43
N ALA B 459 -41.79 20.34 -28.19
CA ALA B 459 -42.65 20.86 -27.11
C ALA B 459 -42.24 20.16 -25.83
N ASP B 460 -42.97 20.43 -24.74
CA ASP B 460 -42.66 19.78 -23.44
C ASP B 460 -43.31 18.40 -23.35
N ARG B 461 -43.73 17.84 -24.48
CA ARG B 461 -44.38 16.53 -24.55
C ARG B 461 -44.38 16.10 -26.01
N THR B 462 -44.71 14.83 -26.24
CA THR B 462 -44.93 14.30 -27.58
C THR B 462 -46.19 14.97 -28.13
N ILE B 463 -46.16 15.53 -29.34
CA ILE B 463 -47.33 16.23 -29.90
C ILE B 463 -47.71 15.69 -31.27
N SER B 464 -48.96 15.92 -31.63
CA SER B 464 -49.53 15.67 -32.94
C SER B 464 -49.78 17.04 -33.61
N ALA B 465 -49.49 17.15 -34.90
CA ALA B 465 -49.75 18.36 -35.67
C ALA B 465 -51.24 18.45 -36.05
N LEU B 466 -52.07 18.66 -35.02
CA LEU B 466 -53.52 18.52 -35.08
C LEU B 466 -54.19 19.67 -35.83
N LYS B 467 -53.54 20.83 -35.94
CA LYS B 467 -54.06 21.94 -36.71
C LYS B 467 -53.83 21.67 -38.20
N THR B 468 -52.70 21.04 -38.52
CA THR B 468 -52.25 20.86 -39.92
C THR B 468 -52.93 19.66 -40.57
N THR B 469 -52.99 18.50 -39.91
CA THR B 469 -53.38 17.26 -40.59
C THR B 469 -54.85 17.22 -41.01
N PRO B 470 -55.83 17.70 -40.22
CA PRO B 470 -57.24 17.54 -40.59
C PRO B 470 -57.62 18.22 -41.91
N LYS B 471 -57.02 19.37 -42.24
CA LYS B 471 -57.39 20.01 -43.48
C LYS B 471 -56.79 19.30 -44.70
N GLN B 472 -56.03 18.20 -44.55
CA GLN B 472 -55.56 17.44 -45.70
C GLN B 472 -56.51 16.28 -46.03
N LEU B 473 -57.51 16.02 -45.17
CA LEU B 473 -58.37 14.85 -45.41
C LEU B 473 -59.10 15.04 -46.75
N SER B 474 -59.14 13.97 -47.55
CA SER B 474 -59.76 13.93 -48.88
C SER B 474 -58.89 14.50 -50.01
N LYS B 475 -57.83 15.25 -49.68
CA LYS B 475 -56.89 15.69 -50.70
C LYS B 475 -56.12 14.51 -51.30
N SER B 476 -55.72 14.70 -52.55
CA SER B 476 -54.86 13.79 -53.23
C SER B 476 -53.41 14.00 -52.77
N TRP B 477 -52.62 12.93 -52.81
CA TRP B 477 -51.21 12.95 -52.43
C TRP B 477 -50.38 13.48 -53.60
N ASN B 478 -50.21 14.81 -53.62
CA ASN B 478 -49.62 15.55 -54.71
C ASN B 478 -48.90 16.78 -54.15
N GLU B 479 -48.30 17.55 -55.06
CA GLU B 479 -47.49 18.71 -54.73
C GLU B 479 -48.28 19.72 -53.89
N GLU B 480 -49.57 19.88 -54.15
CA GLU B 480 -50.33 20.86 -53.41
C GLU B 480 -50.42 20.43 -51.93
N LEU B 481 -50.53 19.12 -51.68
CA LEU B 481 -50.63 18.60 -50.29
C LEU B 481 -49.28 18.84 -49.58
N LEU B 482 -48.19 18.52 -50.27
CA LEU B 482 -46.82 18.74 -49.73
C LEU B 482 -46.67 20.19 -49.25
N GLN B 483 -47.08 21.11 -50.12
CA GLN B 483 -46.95 22.53 -49.85
C GLN B 483 -47.86 22.95 -48.69
N SER B 484 -49.11 22.45 -48.71
CA SER B 484 -50.05 22.76 -47.63
C SER B 484 -49.51 22.26 -46.28
N VAL B 485 -49.03 21.01 -46.24
CA VAL B 485 -48.53 20.42 -44.98
C VAL B 485 -47.31 21.22 -44.50
N CYS B 486 -46.38 21.53 -45.42
CA CYS B 486 -45.17 22.25 -45.01
C CYS B 486 -45.53 23.62 -44.43
N ALA B 487 -46.46 24.34 -45.05
CA ALA B 487 -46.88 25.65 -44.54
C ALA B 487 -47.53 25.48 -43.18
N GLY B 488 -48.36 24.44 -43.07
CA GLY B 488 -49.07 24.11 -41.85
C GLY B 488 -48.09 23.90 -40.68
N LEU B 489 -47.07 23.07 -40.94
CA LEU B 489 -46.07 22.72 -39.91
C LEU B 489 -45.24 23.94 -39.51
N ALA B 490 -44.87 24.79 -40.47
CA ALA B 490 -44.02 25.94 -40.15
C ALA B 490 -44.78 26.93 -39.24
N GLU B 491 -46.11 27.01 -39.44
CA GLU B 491 -46.97 27.89 -38.63
C GLU B 491 -47.27 27.21 -37.29
N GLU B 492 -47.59 25.91 -37.31
CA GLU B 492 -48.11 25.23 -36.13
C GLU B 492 -47.00 24.92 -35.12
N LEU B 493 -45.86 24.44 -35.60
CA LEU B 493 -44.78 24.01 -34.69
C LEU B 493 -43.81 25.17 -34.45
N GLN B 494 -44.31 26.22 -33.80
CA GLN B 494 -43.46 27.38 -33.50
C GLN B 494 -42.63 27.08 -32.24
N LEU B 495 -41.47 27.73 -32.18
CA LEU B 495 -40.58 27.64 -31.06
C LEU B 495 -40.18 29.07 -30.73
N ALA B 496 -40.33 29.43 -29.46
CA ALA B 496 -39.82 30.65 -28.97
C ALA B 496 -38.31 30.67 -29.19
N PRO B 497 -37.72 31.86 -29.34
CA PRO B 497 -36.27 32.00 -29.47
C PRO B 497 -35.48 31.39 -28.30
N ASP B 498 -36.11 31.27 -27.13
CA ASP B 498 -35.46 30.77 -25.92
C ASP B 498 -36.02 29.39 -25.54
N ALA B 499 -36.71 28.73 -26.49
CA ALA B 499 -37.28 27.39 -26.28
C ALA B 499 -36.22 26.44 -25.72
N PRO B 500 -36.53 25.58 -24.73
CA PRO B 500 -35.58 24.58 -24.27
C PRO B 500 -35.01 23.79 -25.45
N GLY B 501 -33.70 23.55 -25.40
CA GLY B 501 -33.00 22.72 -26.39
C GLY B 501 -32.30 23.56 -27.46
N GLY B 502 -32.72 24.81 -27.65
CA GLY B 502 -32.12 25.67 -28.64
C GLY B 502 -32.35 25.13 -30.05
N MET B 503 -31.42 25.44 -30.95
CA MET B 503 -31.39 24.96 -32.33
C MET B 503 -32.79 25.05 -32.96
N VAL B 504 -33.42 26.20 -32.76
CA VAL B 504 -34.77 26.42 -33.12
C VAL B 504 -34.98 26.33 -34.65
N GLU B 505 -34.11 26.97 -35.45
CA GLU B 505 -34.19 26.96 -36.92
C GLU B 505 -34.08 25.49 -37.39
N PHE B 506 -33.08 24.79 -36.85
CA PHE B 506 -32.78 23.40 -37.23
C PHE B 506 -33.96 22.46 -36.96
N ARG B 507 -34.50 22.55 -35.75
CA ARG B 507 -35.60 21.68 -35.33
C ARG B 507 -36.80 21.89 -36.26
N ARG B 508 -37.12 23.16 -36.54
CA ARG B 508 -38.28 23.45 -37.35
C ARG B 508 -38.09 22.90 -38.77
N THR B 509 -36.93 23.14 -39.35
CA THR B 509 -36.50 22.65 -40.67
C THR B 509 -36.58 21.13 -40.74
N LEU B 510 -36.18 20.46 -39.64
CA LEU B 510 -36.26 19.00 -39.57
C LEU B 510 -37.72 18.53 -39.70
N THR B 511 -38.66 19.18 -39.01
CA THR B 511 -40.08 18.76 -39.11
C THR B 511 -40.53 18.76 -40.57
N LEU B 512 -40.23 19.84 -41.32
CA LEU B 512 -40.60 19.92 -42.74
C LEU B 512 -39.80 18.89 -43.53
N SER B 513 -38.49 18.74 -43.23
CA SER B 513 -37.63 17.87 -43.98
C SER B 513 -38.07 16.41 -43.82
N PHE B 514 -38.47 16.04 -42.60
CA PHE B 514 -38.95 14.72 -42.35
C PHE B 514 -40.26 14.51 -43.15
N PHE B 515 -41.14 15.49 -43.10
CA PHE B 515 -42.39 15.33 -43.80
C PHE B 515 -42.10 15.16 -45.30
N PHE B 516 -41.15 15.92 -45.85
CA PHE B 516 -40.80 15.80 -47.28
C PHE B 516 -40.35 14.35 -47.57
N LYS B 517 -39.52 13.78 -46.70
CA LYS B 517 -39.02 12.43 -46.94
C LYS B 517 -40.20 11.45 -46.95
N PHE B 518 -41.10 11.64 -45.98
CA PHE B 518 -42.33 10.87 -45.87
C PHE B 518 -43.17 11.02 -47.15
N TYR B 519 -43.36 12.25 -47.58
CA TYR B 519 -44.12 12.55 -48.81
C TYR B 519 -43.60 11.74 -50.00
N LEU B 520 -42.29 11.80 -50.21
CA LEU B 520 -41.66 11.11 -51.32
C LEU B 520 -41.75 9.61 -51.12
N THR B 521 -41.65 9.18 -49.87
CA THR B 521 -41.57 7.70 -49.62
C THR B 521 -42.94 7.08 -49.95
N VAL B 522 -43.98 7.82 -49.60
CA VAL B 522 -45.34 7.41 -49.87
C VAL B 522 -45.59 7.37 -51.39
N LEU B 523 -45.06 8.34 -52.15
CA LEU B 523 -45.20 8.30 -53.60
C LEU B 523 -44.59 7.00 -54.15
N GLN B 524 -43.42 6.61 -53.64
CA GLN B 524 -42.77 5.42 -54.07
C GLN B 524 -43.65 4.18 -53.73
N LYS B 525 -44.22 4.16 -52.52
CA LYS B 525 -45.05 3.07 -52.07
C LYS B 525 -46.35 3.00 -52.91
N LEU B 526 -46.99 4.13 -53.14
CA LEU B 526 -48.16 4.18 -54.05
C LEU B 526 -47.78 3.65 -55.44
N GLY B 527 -46.60 4.04 -55.94
CA GLY B 527 -46.09 3.59 -57.27
C GLY B 527 -46.03 2.08 -57.40
N ARG B 528 -45.85 1.36 -56.29
CA ARG B 528 -45.78 -0.08 -56.30
C ARG B 528 -47.16 -0.73 -56.25
N ALA B 529 -48.22 0.06 -56.00
CA ALA B 529 -49.56 -0.42 -55.58
C ALA B 529 -50.43 -0.90 -56.75
N ASP B 530 -50.31 -0.27 -57.93
CA ASP B 530 -51.14 -0.58 -59.12
C ASP B 530 -52.55 0.02 -58.94
N LEU B 531 -52.59 1.36 -58.87
CA LEU B 531 -53.81 2.12 -58.67
C LEU B 531 -54.36 2.52 -60.04
N GLU B 532 -55.68 2.75 -60.12
CA GLU B 532 -56.32 3.24 -61.32
C GLU B 532 -55.90 4.69 -61.61
N ASP B 533 -55.66 5.48 -60.55
CA ASP B 533 -55.20 6.88 -60.66
C ASP B 533 -53.66 6.90 -60.60
N MET B 534 -53.02 7.58 -61.55
CA MET B 534 -51.55 7.74 -61.60
C MET B 534 -51.11 8.76 -60.55
N CYS B 535 -50.08 8.42 -59.75
CA CYS B 535 -49.84 9.11 -58.44
C CYS B 535 -48.86 10.31 -58.51
N GLY B 536 -47.87 10.24 -59.39
CA GLY B 536 -46.70 11.10 -59.26
C GLY B 536 -45.46 10.24 -59.09
N LYS B 537 -44.42 10.47 -59.91
CA LYS B 537 -43.19 9.65 -59.90
C LYS B 537 -42.02 10.50 -59.42
N LEU B 538 -41.07 9.89 -58.72
CA LEU B 538 -39.88 10.62 -58.34
C LEU B 538 -38.98 10.76 -59.57
N ASP B 539 -38.41 11.94 -59.74
CA ASP B 539 -37.19 12.06 -60.55
C ASP B 539 -36.12 11.13 -59.97
N PRO B 540 -35.30 10.46 -60.80
CA PRO B 540 -34.15 9.72 -60.29
C PRO B 540 -33.31 10.52 -59.27
N THR B 541 -33.27 11.87 -59.37
CA THR B 541 -32.39 12.71 -58.50
C THR B 541 -32.92 12.89 -57.07
N PHE B 542 -34.15 12.41 -56.83
CA PHE B 542 -34.89 12.59 -55.57
C PHE B 542 -34.90 11.25 -54.83
N ALA B 543 -34.57 10.15 -55.53
CA ALA B 543 -34.72 8.79 -55.01
C ALA B 543 -33.88 8.59 -53.73
N SER B 544 -32.68 9.16 -53.69
CA SER B 544 -31.74 8.90 -52.56
C SER B 544 -32.27 9.58 -51.29
N ALA B 545 -33.22 10.51 -51.42
CA ALA B 545 -33.83 11.19 -50.27
C ALA B 545 -34.61 10.20 -49.40
N THR B 546 -35.16 9.11 -49.98
CA THR B 546 -36.05 8.15 -49.25
C THR B 546 -35.29 6.94 -48.67
N LEU B 547 -34.02 6.77 -49.00
CA LEU B 547 -33.22 5.63 -48.56
C LEU B 547 -33.11 5.59 -47.02
N LEU B 548 -33.28 4.41 -46.42
CA LEU B 548 -33.00 4.24 -44.98
C LEU B 548 -31.49 4.16 -44.82
N PHE B 549 -30.98 4.63 -43.69
CA PHE B 549 -29.54 4.68 -43.51
C PHE B 549 -28.95 3.26 -43.61
N GLN B 550 -27.84 3.17 -44.35
CA GLN B 550 -27.10 1.94 -44.63
C GLN B 550 -25.65 2.32 -44.96
N LYS B 551 -24.69 1.51 -44.49
CA LYS B 551 -23.26 1.67 -44.79
C LYS B 551 -22.70 0.38 -45.40
N ASP B 552 -21.87 0.51 -46.45
CA ASP B 552 -21.08 -0.62 -46.93
C ASP B 552 -20.17 -1.10 -45.79
N PRO B 553 -19.69 -2.36 -45.80
CA PRO B 553 -18.76 -2.82 -44.77
C PRO B 553 -17.37 -2.18 -44.88
N PRO B 554 -16.60 -2.09 -43.77
CA PRO B 554 -15.27 -1.46 -43.80
C PRO B 554 -14.30 -2.10 -44.83
N ALA B 555 -13.40 -1.29 -45.37
CA ALA B 555 -12.25 -1.77 -46.19
C ALA B 555 -11.02 -0.93 -45.84
N ASN B 556 -10.14 -1.49 -45.00
CA ASN B 556 -9.05 -0.77 -44.39
C ASN B 556 -7.72 -1.22 -45.01
N VAL B 557 -6.74 -0.31 -45.00
CA VAL B 557 -5.40 -0.61 -45.44
C VAL B 557 -4.44 0.09 -44.47
N GLN B 558 -3.48 -0.67 -43.96
CA GLN B 558 -2.40 -0.11 -43.17
C GLN B 558 -1.08 -0.47 -43.87
N LEU B 559 -0.31 0.56 -44.24
CA LEU B 559 0.95 0.36 -44.92
C LEU B 559 2.07 0.97 -44.07
N PHE B 560 3.12 0.17 -43.86
CA PHE B 560 4.30 0.58 -43.14
C PHE B 560 5.51 -0.19 -43.69
N GLN B 561 6.69 0.12 -43.14
CA GLN B 561 7.93 -0.34 -43.71
C GLN B 561 8.46 -1.50 -42.87
N GLU B 562 8.86 -2.57 -43.54
CA GLU B 562 9.61 -3.68 -42.98
C GLU B 562 10.97 -3.19 -42.49
N VAL B 563 11.47 -3.78 -41.41
CA VAL B 563 12.76 -3.43 -40.89
C VAL B 563 13.81 -4.08 -41.79
N PRO B 564 15.07 -3.63 -41.78
CA PRO B 564 16.11 -4.31 -42.57
C PRO B 564 16.16 -5.84 -42.32
N LYS B 565 16.38 -6.58 -43.42
CA LYS B 565 16.45 -8.06 -43.40
C LYS B 565 17.55 -8.58 -42.46
N ASP B 566 18.64 -7.84 -42.30
CA ASP B 566 19.77 -8.27 -41.48
C ASP B 566 19.57 -7.86 -39.99
N GLN B 567 18.43 -7.27 -39.63
CA GLN B 567 18.15 -6.87 -38.26
C GLN B 567 17.81 -8.15 -37.48
N SER B 568 18.45 -8.32 -36.33
CA SER B 568 18.20 -9.38 -35.38
C SER B 568 16.70 -9.49 -35.06
N GLU B 569 16.23 -10.74 -34.93
CA GLU B 569 14.86 -11.05 -34.53
C GLU B 569 14.59 -10.58 -33.09
N GLU B 570 15.63 -10.30 -32.29
CA GLU B 570 15.45 -9.82 -30.90
C GLU B 570 15.47 -8.28 -30.84
N ASP B 571 15.88 -7.61 -31.91
CA ASP B 571 15.82 -6.16 -31.99
C ASP B 571 14.41 -5.83 -32.48
N MET B 572 13.57 -5.30 -31.59
CA MET B 572 12.14 -5.09 -31.85
C MET B 572 11.86 -3.67 -32.37
N VAL B 573 12.90 -2.84 -32.48
CA VAL B 573 12.72 -1.45 -32.85
C VAL B 573 12.30 -1.43 -34.31
N GLY B 574 11.19 -0.76 -34.60
CA GLY B 574 10.63 -0.68 -35.94
C GLY B 574 9.69 -1.81 -36.23
N ARG B 575 9.53 -2.73 -35.28
CA ARG B 575 8.61 -3.87 -35.45
C ARG B 575 7.28 -3.63 -34.74
N PRO B 576 6.18 -4.22 -35.26
CA PRO B 576 4.84 -4.02 -34.71
C PRO B 576 4.54 -4.81 -33.42
N LEU B 577 5.36 -4.58 -32.39
CA LEU B 577 5.16 -5.33 -31.13
C LEU B 577 3.87 -4.82 -30.45
N PRO B 578 2.90 -5.69 -30.09
CA PRO B 578 1.72 -5.25 -29.36
C PRO B 578 2.10 -4.53 -28.05
N HIS B 579 1.29 -3.54 -27.71
CA HIS B 579 1.32 -2.90 -26.38
C HIS B 579 1.55 -3.98 -25.31
N LEU B 580 2.57 -3.80 -24.49
CA LEU B 580 2.95 -4.79 -23.50
C LEU B 580 1.81 -5.13 -22.51
N ALA B 581 0.87 -4.21 -22.27
CA ALA B 581 -0.18 -4.49 -21.32
C ALA B 581 -1.47 -4.93 -22.04
N ALA B 582 -1.45 -5.12 -23.37
CA ALA B 582 -2.75 -5.43 -24.09
C ALA B 582 -3.47 -6.67 -23.54
N ASN B 583 -2.75 -7.78 -23.30
CA ASN B 583 -3.40 -9.00 -22.82
C ASN B 583 -4.10 -8.75 -21.47
N MET B 584 -3.39 -8.05 -20.57
CA MET B 584 -3.90 -7.77 -19.25
C MET B 584 -5.07 -6.81 -19.30
N GLN B 585 -5.06 -5.90 -20.27
CA GLN B 585 -6.14 -4.95 -20.44
C GLN B 585 -7.38 -5.67 -20.97
N ALA B 586 -7.16 -6.60 -21.91
CA ALA B 586 -8.26 -7.43 -22.45
C ALA B 586 -8.89 -8.30 -21.34
N SER B 587 -8.08 -8.68 -20.32
CA SER B 587 -8.49 -9.65 -19.31
C SER B 587 -9.06 -8.94 -18.08
N GLY B 588 -8.93 -7.62 -18.04
CA GLY B 588 -9.35 -6.87 -16.86
C GLY B 588 -8.40 -7.02 -15.68
N GLU B 589 -7.18 -7.54 -15.92
CA GLU B 589 -6.19 -7.69 -14.85
C GLU B 589 -5.33 -6.43 -14.68
N ALA B 590 -5.24 -5.61 -15.72
CA ALA B 590 -4.53 -4.35 -15.64
C ALA B 590 -5.15 -3.49 -14.53
N VAL B 591 -4.29 -2.90 -13.68
CA VAL B 591 -4.76 -2.13 -12.52
C VAL B 591 -4.68 -0.61 -12.83
N TYR B 592 -5.83 0.05 -12.77
CA TYR B 592 -5.94 1.49 -12.80
C TYR B 592 -6.19 1.94 -11.36
N CYS B 593 -6.06 3.23 -11.14
CA CYS B 593 -6.00 3.76 -9.81
C CYS B 593 -7.12 3.22 -8.91
N ASP B 594 -8.39 3.35 -9.33
CA ASP B 594 -9.52 2.95 -8.46
C ASP B 594 -9.61 1.43 -8.29
N ASP B 595 -8.92 0.66 -9.12
CA ASP B 595 -8.88 -0.80 -8.96
C ASP B 595 -7.96 -1.23 -7.80
N ILE B 596 -7.12 -0.32 -7.29
CA ILE B 596 -6.28 -0.64 -6.13
C ILE B 596 -7.18 -0.94 -4.94
N PRO B 597 -6.96 -2.04 -4.19
CA PRO B 597 -7.76 -2.32 -3.00
C PRO B 597 -7.72 -1.14 -2.02
N ARG B 598 -8.83 -0.88 -1.31
CA ARG B 598 -8.87 0.12 -0.23
C ARG B 598 -8.24 -0.48 1.03
N TYR B 599 -7.59 0.38 1.82
CA TYR B 599 -7.22 0.06 3.14
C TYR B 599 -8.49 -0.07 3.99
N GLU B 600 -8.46 -0.89 5.02
CA GLU B 600 -9.63 -1.04 5.89
C GLU B 600 -9.97 0.32 6.55
N ASN B 601 -9.01 1.25 6.69
CA ASN B 601 -9.28 2.54 7.33
C ASN B 601 -9.43 3.69 6.30
N GLU B 602 -9.63 3.36 5.03
CA GLU B 602 -9.61 4.35 3.96
C GLU B 602 -10.93 5.12 3.99
N LEU B 603 -10.82 6.43 3.73
CA LEU B 603 -11.94 7.34 3.63
C LEU B 603 -12.13 7.75 2.15
N SER B 604 -13.31 8.32 1.88
CA SER B 604 -13.74 8.83 0.60
C SER B 604 -13.91 10.35 0.66
N LEU B 605 -13.58 11.04 -0.44
CA LEU B 605 -13.68 12.46 -0.55
C LEU B 605 -14.62 12.83 -1.71
N ARG B 606 -15.36 13.93 -1.56
CA ARG B 606 -16.22 14.49 -2.61
C ARG B 606 -16.08 16.01 -2.59
N LEU B 607 -15.76 16.57 -3.74
CA LEU B 607 -15.57 17.98 -3.91
C LEU B 607 -16.94 18.67 -3.89
N VAL B 608 -16.96 19.85 -3.28
CA VAL B 608 -18.11 20.75 -3.29
C VAL B 608 -17.74 21.98 -4.15
N THR B 609 -18.52 22.23 -5.21
CA THR B 609 -18.18 23.21 -6.23
C THR B 609 -19.24 24.34 -6.30
N SER B 610 -18.83 25.47 -6.84
CA SER B 610 -19.69 26.66 -7.03
C SER B 610 -20.77 26.37 -8.07
N THR B 611 -21.99 26.81 -7.75
CA THR B 611 -23.09 26.81 -8.72
C THR B 611 -23.27 28.21 -9.33
N ARG B 612 -22.32 29.14 -9.09
CA ARG B 612 -22.36 30.50 -9.67
C ARG B 612 -21.08 30.84 -10.43
N ALA B 613 -21.21 31.55 -11.55
CA ALA B 613 -20.03 31.96 -12.37
C ALA B 613 -19.15 32.96 -11.61
N HIS B 614 -19.76 33.92 -10.90
CA HIS B 614 -18.99 34.93 -10.18
C HIS B 614 -19.84 35.45 -9.02
N ALA B 615 -19.38 35.22 -7.79
CA ALA B 615 -20.10 35.60 -6.62
C ALA B 615 -19.16 35.61 -5.41
N LYS B 616 -19.56 36.41 -4.42
CA LYS B 616 -19.12 36.30 -3.06
C LYS B 616 -19.78 35.09 -2.41
N ILE B 617 -18.99 34.32 -1.67
CA ILE B 617 -19.54 33.34 -0.73
C ILE B 617 -19.96 34.13 0.53
N THR B 618 -21.27 34.15 0.82
CA THR B 618 -21.80 34.89 1.95
C THR B 618 -21.74 34.02 3.21
N SER B 619 -22.10 32.74 3.08
CA SER B 619 -22.05 31.77 4.18
C SER B 619 -22.07 30.34 3.65
N ILE B 620 -21.61 29.42 4.50
CA ILE B 620 -21.62 27.99 4.25
C ILE B 620 -22.25 27.31 5.47
N ASP B 621 -23.28 26.50 5.22
CA ASP B 621 -23.95 25.75 6.26
C ASP B 621 -23.75 24.25 6.01
N THR B 622 -23.08 23.59 6.95
CA THR B 622 -22.78 22.18 6.86
C THR B 622 -23.69 21.35 7.78
N SER B 623 -24.79 21.95 8.27
CA SER B 623 -25.58 21.34 9.32
C SER B 623 -26.26 20.06 8.80
N GLU B 624 -26.68 20.02 7.52
CA GLU B 624 -27.32 18.78 6.99
C GLU B 624 -26.25 17.72 6.66
N ALA B 625 -25.11 18.18 6.13
CA ALA B 625 -23.98 17.28 5.85
C ALA B 625 -23.58 16.48 7.11
N LYS B 626 -23.53 17.14 8.27
CA LYS B 626 -23.11 16.53 9.54
C LYS B 626 -24.06 15.41 9.98
N LYS B 627 -25.28 15.40 9.44
CA LYS B 627 -26.26 14.40 9.78
C LYS B 627 -26.08 13.11 8.97
N VAL B 628 -25.26 13.15 7.94
CA VAL B 628 -25.16 11.97 7.08
C VAL B 628 -24.35 10.93 7.83
N PRO B 629 -24.79 9.66 7.88
CA PRO B 629 -23.97 8.61 8.47
C PRO B 629 -22.58 8.58 7.79
N GLY B 630 -21.54 8.39 8.60
CA GLY B 630 -20.17 8.24 8.15
C GLY B 630 -19.48 9.57 7.84
N PHE B 631 -20.18 10.70 8.02
CA PHE B 631 -19.58 11.99 7.73
C PHE B 631 -18.39 12.22 8.67
N VAL B 632 -17.27 12.74 8.15
CA VAL B 632 -16.07 12.99 8.94
C VAL B 632 -15.78 14.50 9.05
N CYS B 633 -15.61 15.19 7.93
CA CYS B 633 -15.35 16.63 7.97
C CYS B 633 -15.61 17.26 6.60
N PHE B 634 -15.73 18.59 6.61
CA PHE B 634 -15.80 19.39 5.39
C PHE B 634 -14.56 20.28 5.34
N LEU B 635 -13.67 20.05 4.39
CA LEU B 635 -12.49 20.86 4.26
C LEU B 635 -12.79 22.14 3.48
N THR B 636 -12.22 23.26 3.94
CA THR B 636 -12.27 24.52 3.21
C THR B 636 -10.89 25.17 3.24
N ALA B 637 -10.80 26.38 2.68
CA ALA B 637 -9.56 27.11 2.60
C ALA B 637 -8.88 27.21 3.97
N GLU B 638 -9.68 27.31 5.04
CA GLU B 638 -9.12 27.53 6.38
C GLU B 638 -8.36 26.30 6.88
N ASP B 639 -8.57 25.13 6.25
CA ASP B 639 -7.93 23.88 6.62
C ASP B 639 -6.55 23.72 5.95
N VAL B 640 -6.23 24.56 5.00
CA VAL B 640 -4.98 24.42 4.31
C VAL B 640 -3.84 24.77 5.26
N PRO B 641 -2.88 23.85 5.52
CA PRO B 641 -1.81 24.14 6.47
C PRO B 641 -0.93 25.31 6.05
N ASN B 642 -0.52 25.35 4.76
CA ASN B 642 0.43 26.33 4.31
C ASN B 642 -0.18 27.30 3.29
N SER B 643 -0.17 26.97 1.98
CA SER B 643 -0.53 27.93 0.94
C SER B 643 -1.81 27.47 0.24
N ASN B 644 -2.76 28.41 0.09
CA ASN B 644 -3.99 28.22 -0.70
C ASN B 644 -3.77 28.59 -2.16
N ALA B 645 -2.56 29.06 -2.49
CA ALA B 645 -2.24 29.51 -3.84
C ALA B 645 -1.60 28.35 -4.62
N THR B 646 -2.20 28.02 -5.78
CA THR B 646 -1.79 26.83 -6.53
C THR B 646 -1.91 27.13 -8.04
N GLY B 647 -1.66 26.09 -8.85
CA GLY B 647 -1.80 26.15 -10.30
C GLY B 647 -0.48 26.54 -10.92
N LEU B 648 -0.39 26.37 -12.23
CA LEU B 648 0.84 26.54 -12.92
C LEU B 648 1.40 27.95 -12.71
N PHE B 649 0.55 28.99 -12.72
CA PHE B 649 1.00 30.39 -12.56
C PHE B 649 0.53 30.97 -11.22
N ASN B 650 0.19 30.10 -10.28
CA ASN B 650 -0.01 30.50 -8.87
C ASN B 650 -1.20 31.45 -8.70
N ASP B 651 -2.21 31.34 -9.58
CA ASP B 651 -3.31 32.28 -9.60
C ASP B 651 -4.61 31.53 -9.31
N GLU B 652 -4.51 30.32 -8.77
CA GLU B 652 -5.65 29.48 -8.48
C GLU B 652 -5.72 29.23 -6.97
N THR B 653 -6.93 29.04 -6.44
CA THR B 653 -7.12 28.57 -5.07
C THR B 653 -7.12 27.04 -5.02
N VAL B 654 -6.60 26.46 -3.94
CA VAL B 654 -6.87 25.06 -3.63
C VAL B 654 -8.37 24.95 -3.31
N PHE B 655 -8.82 25.84 -2.41
CA PHE B 655 -10.23 25.99 -2.10
C PHE B 655 -10.63 27.47 -2.18
N ALA B 656 -11.81 27.75 -2.75
CA ALA B 656 -12.31 29.13 -2.88
C ALA B 656 -12.26 29.83 -1.52
N LYS B 657 -11.81 31.09 -1.52
CA LYS B 657 -11.85 31.94 -0.34
C LYS B 657 -12.59 33.24 -0.70
N ASP B 658 -13.75 33.44 -0.09
CA ASP B 658 -14.54 34.69 -0.16
C ASP B 658 -15.23 34.87 -1.52
N GLU B 659 -14.65 34.42 -2.63
CA GLU B 659 -15.36 34.52 -3.91
C GLU B 659 -15.11 33.27 -4.79
N VAL B 660 -16.10 32.99 -5.64
CA VAL B 660 -16.05 31.98 -6.64
C VAL B 660 -16.03 32.67 -8.02
N THR B 661 -15.36 32.03 -8.99
CA THR B 661 -15.06 32.66 -10.23
C THR B 661 -15.40 31.77 -11.42
N CYS B 662 -16.05 30.62 -11.18
CA CYS B 662 -16.72 29.88 -12.23
C CYS B 662 -17.70 28.91 -11.60
N VAL B 663 -18.66 28.44 -12.40
CA VAL B 663 -19.44 27.31 -12.07
C VAL B 663 -18.53 26.10 -12.19
N GLY B 664 -18.31 25.44 -11.07
CA GLY B 664 -17.34 24.35 -10.92
C GLY B 664 -16.14 24.70 -10.04
N HIS B 665 -15.99 25.97 -9.62
CA HIS B 665 -14.89 26.38 -8.72
C HIS B 665 -15.01 25.60 -7.41
N ILE B 666 -13.93 24.90 -7.03
CA ILE B 666 -13.97 24.04 -5.87
C ILE B 666 -13.95 24.91 -4.61
N ILE B 667 -15.00 24.76 -3.78
CA ILE B 667 -15.15 25.51 -2.55
C ILE B 667 -14.58 24.69 -1.39
N GLY B 668 -14.75 23.37 -1.45
CA GLY B 668 -14.34 22.53 -0.35
C GLY B 668 -14.47 21.06 -0.69
N ALA B 669 -14.37 20.20 0.34
CA ALA B 669 -14.38 18.76 0.12
C ALA B 669 -14.95 18.04 1.34
N VAL B 670 -15.93 17.18 1.10
CA VAL B 670 -16.48 16.36 2.11
C VAL B 670 -15.62 15.11 2.23
N VAL B 671 -15.34 14.71 3.47
CA VAL B 671 -14.73 13.41 3.77
C VAL B 671 -15.74 12.57 4.55
N ALA B 672 -15.94 11.34 4.12
CA ALA B 672 -16.81 10.43 4.78
C ALA B 672 -16.27 9.02 4.58
N ASP B 673 -16.93 8.02 5.16
CA ASP B 673 -16.45 6.65 5.05
C ASP B 673 -16.59 6.11 3.63
N THR B 674 -17.73 6.32 2.98
CA THR B 674 -17.99 5.74 1.67
C THR B 674 -18.25 6.84 0.65
N PRO B 675 -18.15 6.54 -0.67
CA PRO B 675 -18.47 7.52 -1.70
C PRO B 675 -19.93 7.98 -1.66
N GLU B 676 -20.83 7.05 -1.33
CA GLU B 676 -22.28 7.37 -1.33
C GLU B 676 -22.55 8.32 -0.16
N HIS B 677 -21.87 8.09 0.97
CA HIS B 677 -22.07 8.96 2.13
C HIS B 677 -21.41 10.31 1.88
N ALA B 678 -20.33 10.32 1.10
CA ALA B 678 -19.67 11.57 0.75
C ALA B 678 -20.57 12.36 -0.19
N GLN B 679 -21.22 11.67 -1.15
CA GLN B 679 -22.11 12.35 -2.09
C GLN B 679 -23.31 12.92 -1.32
N ARG B 680 -23.92 12.13 -0.44
CA ARG B 680 -25.08 12.61 0.31
C ARG B 680 -24.69 13.83 1.16
N ALA B 681 -23.52 13.78 1.80
CA ALA B 681 -23.09 14.87 2.69
C ALA B 681 -22.78 16.13 1.87
N ALA B 682 -22.17 15.96 0.69
CA ALA B 682 -21.86 17.11 -0.17
C ALA B 682 -23.13 17.90 -0.55
N ARG B 683 -24.23 17.18 -0.75
CA ARG B 683 -25.54 17.81 -1.01
C ARG B 683 -26.04 18.60 0.21
N GLY B 684 -25.60 18.23 1.41
CA GLY B 684 -25.99 18.91 2.62
C GLY B 684 -25.10 20.12 2.93
N VAL B 685 -24.18 20.48 2.03
CA VAL B 685 -23.42 21.68 2.17
C VAL B 685 -24.15 22.76 1.39
N LYS B 686 -24.69 23.74 2.12
CA LYS B 686 -25.53 24.79 1.51
C LYS B 686 -24.74 26.08 1.52
N ILE B 687 -24.53 26.59 0.30
CA ILE B 687 -23.80 27.77 0.10
C ILE B 687 -24.79 28.90 -0.21
N THR B 688 -24.57 30.07 0.39
CA THR B 688 -25.29 31.30 0.01
C THR B 688 -24.29 32.25 -0.69
N TYR B 689 -24.77 32.89 -1.75
CA TYR B 689 -23.94 33.64 -2.66
C TYR B 689 -24.49 35.06 -2.84
N GLU B 690 -23.61 35.99 -3.20
CA GLU B 690 -23.99 37.30 -3.70
C GLU B 690 -23.33 37.49 -5.06
N ASP B 691 -24.11 37.47 -6.14
CA ASP B 691 -23.56 37.51 -7.50
C ASP B 691 -22.70 38.76 -7.73
N LEU B 692 -21.71 38.60 -8.62
CA LEU B 692 -20.83 39.66 -9.09
C LEU B 692 -20.87 39.63 -10.62
N PRO B 693 -20.64 40.77 -11.31
CA PRO B 693 -20.66 40.80 -12.77
C PRO B 693 -19.71 39.71 -13.31
N ALA B 694 -20.26 38.86 -14.19
CA ALA B 694 -19.54 37.73 -14.78
C ALA B 694 -19.10 38.10 -16.20
N ILE B 695 -17.95 37.59 -16.61
CA ILE B 695 -17.44 37.70 -17.94
C ILE B 695 -17.36 36.27 -18.50
N ILE B 696 -18.19 35.93 -19.50
CA ILE B 696 -18.39 34.52 -19.91
C ILE B 696 -17.73 34.25 -21.26
N THR B 697 -18.15 34.99 -22.28
CA THR B 697 -17.74 34.73 -23.64
C THR B 697 -16.44 35.48 -23.96
N ILE B 698 -15.81 35.11 -25.07
CA ILE B 698 -14.72 35.89 -25.65
C ILE B 698 -15.15 37.36 -25.83
N GLN B 699 -16.35 37.61 -26.38
CA GLN B 699 -16.78 38.99 -26.61
C GLN B 699 -16.92 39.73 -25.27
N ASP B 700 -17.46 39.10 -24.23
CA ASP B 700 -17.54 39.80 -22.93
C ASP B 700 -16.14 40.20 -22.45
N ALA B 701 -15.14 39.34 -22.69
CA ALA B 701 -13.75 39.57 -22.26
C ALA B 701 -13.15 40.74 -23.05
N ILE B 702 -13.30 40.72 -24.38
CA ILE B 702 -12.83 41.83 -25.23
C ILE B 702 -13.42 43.12 -24.68
N ASN B 703 -14.74 43.14 -24.54
CA ASN B 703 -15.49 44.29 -24.08
C ASN B 703 -14.97 44.85 -22.75
N ASN B 704 -14.47 43.98 -21.86
CA ASN B 704 -14.06 44.37 -20.54
C ASN B 704 -12.54 44.39 -20.39
N ASN B 705 -11.79 44.21 -21.48
CA ASN B 705 -10.32 44.20 -21.43
C ASN B 705 -9.85 43.16 -20.40
N SER B 706 -10.48 41.99 -20.41
CA SER B 706 -10.18 40.89 -19.47
C SER B 706 -9.32 39.82 -20.14
N PHE B 707 -8.00 39.94 -20.02
CA PHE B 707 -7.05 39.06 -20.68
C PHE B 707 -5.99 38.55 -19.71
N TYR B 708 -5.37 37.42 -20.10
CA TYR B 708 -4.16 36.94 -19.43
C TYR B 708 -2.94 37.53 -20.13
N GLY B 709 -2.37 38.57 -19.52
CA GLY B 709 -1.18 39.20 -20.03
C GLY B 709 -1.43 39.95 -21.33
N SER B 710 -0.38 40.20 -22.09
CA SER B 710 -0.50 41.10 -23.21
C SER B 710 -0.66 40.30 -24.51
N GLU B 711 -0.96 41.02 -25.58
CA GLU B 711 -1.02 40.50 -26.95
C GLU B 711 0.28 39.75 -27.27
N ILE B 712 0.16 38.60 -27.93
CA ILE B 712 1.33 37.86 -28.50
C ILE B 712 1.27 38.08 -30.01
N LYS B 713 2.43 38.26 -30.64
CA LYS B 713 2.44 38.68 -32.04
C LYS B 713 3.66 38.11 -32.77
N ILE B 714 3.42 37.64 -34.00
CA ILE B 714 4.46 37.32 -34.93
C ILE B 714 4.14 38.04 -36.22
N GLU B 715 5.11 38.82 -36.72
CA GLU B 715 4.92 39.50 -37.99
C GLU B 715 6.23 39.53 -38.79
N LYS B 716 6.06 39.35 -40.10
CA LYS B 716 7.12 39.29 -41.04
C LYS B 716 6.65 39.93 -42.34
N GLY B 717 7.58 40.55 -43.05
CA GLY B 717 7.33 41.24 -44.29
C GLY B 717 6.58 42.56 -44.08
N ASP B 718 5.84 42.93 -45.12
CA ASP B 718 5.26 44.25 -45.28
C ASP B 718 3.78 44.12 -45.66
N LEU B 719 2.92 44.26 -44.66
CA LEU B 719 1.48 44.02 -44.79
C LEU B 719 0.81 45.01 -45.77
N LYS B 720 1.12 46.29 -45.63
CA LYS B 720 0.52 47.36 -46.43
C LYS B 720 0.82 47.10 -47.92
N LYS B 721 2.08 46.86 -48.25
CA LYS B 721 2.57 46.46 -49.57
C LYS B 721 1.83 45.20 -50.08
N GLY B 722 1.86 44.12 -49.30
CA GLY B 722 1.19 42.86 -49.68
C GLY B 722 -0.27 43.04 -50.11
N PHE B 723 -1.04 43.73 -49.28
CA PHE B 723 -2.45 43.92 -49.51
C PHE B 723 -2.67 44.84 -50.71
N SER B 724 -1.91 45.93 -50.83
CA SER B 724 -2.19 46.88 -51.92
C SER B 724 -1.64 46.34 -53.25
N GLU B 725 -0.81 45.27 -53.22
CA GLU B 725 -0.37 44.54 -54.45
C GLU B 725 -1.27 43.33 -54.80
N ALA B 726 -2.17 42.93 -53.87
CA ALA B 726 -3.04 41.78 -54.09
C ALA B 726 -4.05 42.07 -55.19
N ASP B 727 -4.44 41.01 -55.92
CA ASP B 727 -5.57 41.03 -56.86
C ASP B 727 -6.89 41.03 -56.08
N ASN B 728 -6.96 40.26 -54.97
CA ASN B 728 -8.21 40.01 -54.24
C ASN B 728 -7.94 40.08 -52.73
N VAL B 729 -8.93 40.58 -51.97
CA VAL B 729 -8.89 40.56 -50.55
C VAL B 729 -10.15 39.86 -50.04
N VAL B 730 -9.97 38.89 -49.14
CA VAL B 730 -11.09 38.25 -48.45
C VAL B 730 -10.91 38.37 -46.93
N SER B 731 -11.95 38.90 -46.26
CA SER B 731 -11.98 38.94 -44.80
C SER B 731 -13.08 38.03 -44.27
N GLY B 732 -13.03 37.74 -42.97
CA GLY B 732 -13.96 36.80 -42.39
C GLY B 732 -13.66 36.55 -40.93
N GLU B 733 -14.54 35.82 -40.27
CA GLU B 733 -14.35 35.44 -38.89
C GLU B 733 -14.67 33.96 -38.83
N LEU B 734 -14.08 33.27 -37.85
CA LEU B 734 -14.36 31.85 -37.59
C LEU B 734 -14.42 31.65 -36.07
N TYR B 735 -15.42 30.88 -35.62
CA TYR B 735 -15.51 30.40 -34.27
C TYR B 735 -15.22 28.90 -34.33
N ILE B 736 -14.37 28.45 -33.40
CA ILE B 736 -14.03 27.05 -33.22
C ILE B 736 -14.34 26.65 -31.77
N GLY B 737 -15.31 25.74 -31.60
CA GLY B 737 -15.71 25.26 -30.28
C GLY B 737 -14.60 24.49 -29.59
N GLY B 738 -14.70 24.42 -28.26
CA GLY B 738 -13.84 23.65 -27.39
C GLY B 738 -13.99 22.15 -27.54
N GLN B 739 -13.53 21.41 -26.52
CA GLN B 739 -13.49 19.98 -26.57
C GLN B 739 -13.20 19.45 -25.17
N GLU B 740 -14.01 18.47 -24.76
CA GLU B 740 -13.80 17.71 -23.54
C GLU B 740 -12.99 16.46 -23.89
N HIS B 741 -11.95 16.19 -23.09
CA HIS B 741 -11.02 15.05 -23.28
C HIS B 741 -11.76 13.72 -23.33
N PHE B 742 -12.68 13.53 -22.39
CA PHE B 742 -13.41 12.26 -22.27
C PHE B 742 -12.41 11.08 -22.33
N TYR B 743 -11.30 11.20 -21.58
CA TYR B 743 -10.53 10.03 -21.17
C TYR B 743 -11.51 9.07 -20.50
N LEU B 744 -11.44 7.77 -20.79
CA LEU B 744 -12.51 6.91 -20.29
C LEU B 744 -12.39 6.71 -18.78
N GLU B 745 -11.16 6.80 -18.25
CA GLU B 745 -10.87 6.91 -16.82
C GLU B 745 -10.80 8.38 -16.40
N THR B 746 -11.72 8.79 -15.53
CA THR B 746 -11.76 10.13 -14.99
C THR B 746 -10.57 10.31 -14.03
N ASN B 747 -10.41 11.55 -13.56
CA ASN B 747 -9.39 11.89 -12.57
C ASN B 747 -9.60 11.11 -11.28
N CYS B 748 -8.49 10.68 -10.67
CA CYS B 748 -8.55 9.78 -9.51
C CYS B 748 -7.23 9.93 -8.76
N THR B 749 -7.33 10.14 -7.43
CA THR B 749 -6.18 10.15 -6.53
C THR B 749 -6.50 9.30 -5.31
N ILE B 750 -5.55 8.45 -4.92
CA ILE B 750 -5.44 7.89 -3.57
C ILE B 750 -4.21 8.52 -2.87
N ALA B 751 -4.40 9.04 -1.65
CA ALA B 751 -3.32 9.60 -0.89
C ALA B 751 -3.22 8.79 0.39
N VAL B 752 -2.00 8.30 0.64
CA VAL B 752 -1.69 7.43 1.77
C VAL B 752 -0.71 8.18 2.66
N PRO B 753 -1.17 8.62 3.85
CA PRO B 753 -0.27 9.30 4.80
C PRO B 753 0.56 8.21 5.50
N LYS B 754 1.84 8.47 5.69
CA LYS B 754 2.72 7.50 6.37
C LYS B 754 2.92 7.84 7.85
N GLY B 755 2.45 9.01 8.32
CA GLY B 755 2.47 9.33 9.76
C GLY B 755 3.86 9.69 10.30
N GLU B 756 4.91 9.63 9.46
CA GLU B 756 6.27 10.03 9.80
C GLU B 756 6.73 11.19 8.95
N ALA B 757 7.11 12.29 9.61
CA ALA B 757 7.88 13.33 9.00
C ALA B 757 7.13 13.92 7.79
N GLY B 758 5.79 13.91 7.83
CA GLY B 758 4.99 14.50 6.77
C GLY B 758 4.99 13.69 5.48
N GLU B 759 5.52 12.46 5.52
CA GLU B 759 5.63 11.61 4.35
C GLU B 759 4.25 11.19 3.85
N MET B 760 4.10 11.19 2.53
CA MET B 760 2.82 10.85 1.92
C MET B 760 3.09 10.25 0.55
N GLU B 761 2.34 9.20 0.21
CA GLU B 761 2.47 8.52 -1.07
C GLU B 761 1.15 8.74 -1.81
N LEU B 762 1.17 9.12 -3.10
CA LEU B 762 -0.05 9.32 -3.85
C LEU B 762 -0.04 8.44 -5.10
N PHE B 763 -1.16 7.74 -5.32
CA PHE B 763 -1.42 6.98 -6.52
C PHE B 763 -2.39 7.83 -7.35
N VAL B 764 -1.97 8.26 -8.55
CA VAL B 764 -2.67 9.30 -9.30
C VAL B 764 -2.76 8.93 -10.77
N SER B 765 -3.93 9.18 -11.38
CA SER B 765 -4.10 9.19 -12.81
C SER B 765 -3.67 10.56 -13.36
N THR B 766 -2.36 10.72 -13.57
CA THR B 766 -1.84 11.99 -14.00
C THR B 766 -0.69 11.84 -14.99
N GLN B 767 -0.63 12.80 -15.92
CA GLN B 767 0.49 12.90 -16.85
C GLN B 767 1.66 13.66 -16.21
N ASN B 768 1.46 14.22 -14.99
CA ASN B 768 2.39 15.17 -14.41
C ASN B 768 2.68 14.87 -12.93
N THR B 769 3.57 13.92 -12.70
CA THR B 769 3.95 13.55 -11.36
C THR B 769 4.64 14.71 -10.63
N MET B 770 5.48 15.44 -11.35
CA MET B 770 6.28 16.51 -10.78
C MET B 770 5.37 17.62 -10.23
N LYS B 771 4.41 18.10 -11.03
CA LYS B 771 3.59 19.21 -10.55
C LYS B 771 2.63 18.69 -9.47
N THR B 772 2.23 17.41 -9.56
CA THR B 772 1.41 16.85 -8.50
C THR B 772 2.15 16.96 -7.15
N GLN B 773 3.36 16.41 -7.11
CA GLN B 773 4.27 16.46 -5.96
C GLN B 773 4.42 17.90 -5.46
N SER B 774 4.83 18.81 -6.36
CA SER B 774 5.07 20.22 -6.02
C SER B 774 3.86 20.87 -5.37
N PHE B 775 2.66 20.62 -5.92
CA PHE B 775 1.47 21.33 -5.47
C PHE B 775 0.97 20.77 -4.14
N VAL B 776 1.10 19.44 -3.96
CA VAL B 776 0.78 18.82 -2.72
C VAL B 776 1.71 19.35 -1.64
N ALA B 777 3.01 19.36 -1.91
CA ALA B 777 4.03 19.76 -0.90
C ALA B 777 3.87 21.24 -0.50
N LYS B 778 3.56 22.11 -1.45
CA LYS B 778 3.40 23.54 -1.16
C LYS B 778 2.15 23.76 -0.31
N MET B 779 1.07 23.05 -0.65
CA MET B 779 -0.19 23.17 0.05
C MET B 779 -0.01 22.74 1.52
N LEU B 780 0.74 21.66 1.76
CA LEU B 780 0.95 21.09 3.11
C LEU B 780 2.04 21.85 3.87
N GLY B 781 2.94 22.51 3.15
CA GLY B 781 4.06 23.20 3.77
C GLY B 781 5.18 22.24 4.13
N VAL B 782 5.38 21.19 3.31
CA VAL B 782 6.47 20.25 3.51
C VAL B 782 7.40 20.21 2.29
N PRO B 783 8.67 19.78 2.44
CA PRO B 783 9.55 19.67 1.28
C PRO B 783 9.10 18.58 0.28
N ASP B 784 9.47 18.78 -0.98
CA ASP B 784 9.19 17.85 -2.06
C ASP B 784 9.62 16.43 -1.66
N ASN B 785 10.72 16.31 -0.89
CA ASN B 785 11.33 15.01 -0.55
C ASN B 785 10.44 14.14 0.34
N ARG B 786 9.34 14.68 0.88
CA ARG B 786 8.42 13.88 1.72
C ARG B 786 7.29 13.25 0.88
N ILE B 787 7.11 13.73 -0.36
CA ILE B 787 5.93 13.45 -1.17
C ILE B 787 6.34 12.58 -2.38
N VAL B 788 5.73 11.40 -2.51
CA VAL B 788 5.99 10.51 -3.62
C VAL B 788 4.70 10.38 -4.45
N VAL B 789 4.82 10.61 -5.75
CA VAL B 789 3.68 10.40 -6.69
C VAL B 789 4.02 9.26 -7.64
N ARG B 790 3.06 8.29 -7.74
CA ARG B 790 3.24 7.04 -8.44
C ARG B 790 2.09 6.92 -9.46
N VAL B 791 2.48 6.64 -10.71
CA VAL B 791 1.54 6.39 -11.77
C VAL B 791 1.89 5.05 -12.40
N LYS B 792 0.99 4.07 -12.30
CA LYS B 792 1.17 2.85 -13.09
C LYS B 792 0.73 3.10 -14.53
N ARG B 793 -0.54 3.53 -14.70
CA ARG B 793 -1.11 3.87 -16.00
C ARG B 793 -2.39 4.70 -15.79
N MET B 794 -2.75 5.39 -16.86
CA MET B 794 -3.95 6.18 -16.94
C MET B 794 -4.84 5.52 -17.99
N GLY B 795 -6.16 5.53 -17.75
CA GLY B 795 -7.13 5.25 -18.84
C GLY B 795 -7.36 6.47 -19.73
N GLY B 796 -6.30 6.97 -20.38
CA GLY B 796 -6.33 8.17 -21.21
C GLY B 796 -6.00 9.44 -20.45
N GLY B 797 -5.43 10.41 -21.19
CA GLY B 797 -5.10 11.70 -20.65
C GLY B 797 -5.32 12.80 -21.65
N PHE B 798 -4.59 12.73 -22.76
CA PHE B 798 -4.84 13.60 -23.91
C PHE B 798 -4.56 15.08 -23.59
N GLY B 799 -3.83 15.35 -22.50
CA GLY B 799 -3.55 16.70 -22.09
C GLY B 799 -4.41 17.16 -20.92
N GLY B 800 -5.54 16.50 -20.69
CA GLY B 800 -6.44 16.94 -19.61
C GLY B 800 -5.92 16.56 -18.22
N LYS B 801 -4.82 15.78 -18.15
CA LYS B 801 -4.22 15.38 -16.89
C LYS B 801 -2.76 15.83 -16.86
N GLU B 802 -2.40 16.78 -17.73
CA GLU B 802 -1.11 17.47 -17.67
C GLU B 802 -1.07 18.47 -16.49
N THR B 803 -2.19 19.13 -16.13
CA THR B 803 -2.25 20.03 -14.93
C THR B 803 -3.52 19.80 -14.10
N ARG B 804 -4.67 19.59 -14.73
CA ARG B 804 -5.95 19.75 -14.00
C ARG B 804 -6.21 18.58 -13.05
N SER B 805 -5.46 17.46 -13.13
CA SER B 805 -5.52 16.37 -12.16
C SER B 805 -5.21 16.86 -10.73
N THR B 806 -4.39 17.90 -10.59
CA THR B 806 -3.88 18.35 -9.29
C THR B 806 -5.00 18.94 -8.40
N VAL B 807 -6.11 19.39 -9.00
CA VAL B 807 -7.15 19.98 -8.17
C VAL B 807 -7.80 18.87 -7.36
N VAL B 808 -7.74 17.63 -7.85
CA VAL B 808 -8.21 16.49 -7.09
C VAL B 808 -7.14 16.06 -6.09
N SER B 809 -5.91 15.87 -6.58
CA SER B 809 -4.79 15.37 -5.79
C SER B 809 -4.61 16.20 -4.51
N THR B 810 -4.70 17.52 -4.64
CA THR B 810 -4.38 18.40 -3.54
C THR B 810 -5.46 18.24 -2.45
N ALA B 811 -6.73 18.17 -2.87
CA ALA B 811 -7.82 17.99 -1.91
C ALA B 811 -7.68 16.68 -1.15
N LEU B 812 -7.33 15.61 -1.89
CA LEU B 812 -7.26 14.32 -1.26
C LEU B 812 -6.07 14.27 -0.30
N ALA B 813 -4.96 14.88 -0.71
CA ALA B 813 -3.77 14.91 0.14
C ALA B 813 -4.10 15.61 1.46
N LEU B 814 -4.84 16.70 1.38
CA LEU B 814 -5.18 17.43 2.60
C LEU B 814 -5.99 16.54 3.50
N ALA B 815 -6.95 15.82 2.94
CA ALA B 815 -7.82 14.95 3.71
C ALA B 815 -6.98 13.88 4.45
N ALA B 816 -6.04 13.29 3.71
CA ALA B 816 -5.14 12.30 4.24
C ALA B 816 -4.28 12.86 5.40
N HIS B 817 -3.74 14.06 5.20
CA HIS B 817 -2.93 14.72 6.24
C HIS B 817 -3.77 14.99 7.50
N LYS B 818 -4.97 15.56 7.32
CA LYS B 818 -5.83 15.93 8.43
C LYS B 818 -6.28 14.68 9.20
N THR B 819 -6.65 13.61 8.50
CA THR B 819 -7.24 12.49 9.18
C THR B 819 -6.20 11.48 9.63
N GLY B 820 -5.05 11.49 8.97
CA GLY B 820 -4.03 10.48 9.13
C GLY B 820 -4.44 9.13 8.57
N ARG B 821 -5.47 9.12 7.73
CA ARG B 821 -6.00 7.90 7.08
C ARG B 821 -5.85 8.04 5.57
N PRO B 822 -5.73 6.93 4.82
CA PRO B 822 -5.71 6.97 3.36
C PRO B 822 -7.08 7.53 2.95
N VAL B 823 -7.10 8.32 1.87
CA VAL B 823 -8.30 8.86 1.33
C VAL B 823 -8.23 8.68 -0.19
N ARG B 824 -9.40 8.42 -0.80
CA ARG B 824 -9.58 8.19 -2.22
C ARG B 824 -10.64 9.14 -2.78
N CYS B 825 -10.42 9.62 -4.00
CA CYS B 825 -11.45 10.29 -4.78
C CYS B 825 -11.24 9.98 -6.26
N MET B 826 -12.28 9.40 -6.86
CA MET B 826 -12.42 9.28 -8.32
C MET B 826 -13.62 10.10 -8.75
N LEU B 827 -13.42 11.00 -9.68
CA LEU B 827 -14.52 11.90 -10.08
C LEU B 827 -15.53 11.11 -10.90
N ASP B 828 -16.80 11.40 -10.65
CA ASP B 828 -17.85 10.98 -11.57
C ASP B 828 -17.70 11.80 -12.85
N ARG B 829 -18.23 11.28 -13.95
CA ARG B 829 -18.07 11.93 -15.25
C ARG B 829 -18.59 13.37 -15.20
N ASP B 830 -19.75 13.60 -14.59
CA ASP B 830 -20.36 14.95 -14.58
C ASP B 830 -19.44 15.96 -13.84
N GLU B 831 -18.88 15.54 -12.72
CA GLU B 831 -17.90 16.34 -11.96
C GLU B 831 -16.66 16.68 -12.79
N ASP B 832 -16.10 15.63 -13.42
CA ASP B 832 -14.87 15.74 -14.17
C ASP B 832 -15.07 16.72 -15.33
N MET B 833 -16.15 16.54 -16.07
CA MET B 833 -16.42 17.37 -17.22
C MET B 833 -16.68 18.82 -16.78
N LEU B 834 -17.27 19.02 -15.60
CA LEU B 834 -17.50 20.38 -15.09
C LEU B 834 -16.21 21.07 -14.61
N ILE B 835 -15.44 20.36 -13.78
CA ILE B 835 -14.33 20.96 -13.03
C ILE B 835 -13.11 21.15 -13.93
N THR B 836 -12.78 20.19 -14.80
CA THR B 836 -11.40 20.06 -15.23
C THR B 836 -11.10 20.73 -16.58
N GLY B 837 -12.08 21.41 -17.20
CA GLY B 837 -11.81 22.20 -18.40
C GLY B 837 -11.50 21.35 -19.63
N GLY B 838 -11.19 22.03 -20.74
CA GLY B 838 -11.06 21.38 -22.01
C GLY B 838 -10.14 22.16 -22.93
N ARG B 839 -10.25 21.83 -24.22
CA ARG B 839 -9.62 22.59 -25.28
C ARG B 839 -10.15 24.04 -25.26
N HIS B 840 -9.27 24.97 -25.63
CA HIS B 840 -9.61 26.38 -25.77
C HIS B 840 -10.52 26.59 -26.98
N PRO B 841 -11.73 27.17 -26.81
CA PRO B 841 -12.45 27.72 -27.96
C PRO B 841 -11.60 28.88 -28.53
N PHE B 842 -11.63 29.08 -29.85
CA PHE B 842 -10.98 30.20 -30.48
C PHE B 842 -12.00 30.98 -31.30
N LEU B 843 -11.80 32.30 -31.27
CA LEU B 843 -12.40 33.23 -32.24
C LEU B 843 -11.27 33.83 -33.07
N ALA B 844 -11.40 33.82 -34.40
CA ALA B 844 -10.42 34.44 -35.27
C ALA B 844 -11.08 35.44 -36.21
N LYS B 845 -10.38 36.55 -36.44
CA LYS B 845 -10.71 37.53 -37.47
C LYS B 845 -9.56 37.57 -38.47
N TYR B 846 -9.83 37.27 -39.76
CA TYR B 846 -8.76 37.13 -40.77
C TYR B 846 -9.04 38.03 -41.99
N LYS B 847 -7.94 38.50 -42.59
CA LYS B 847 -7.94 39.14 -43.90
C LYS B 847 -6.78 38.56 -44.70
N VAL B 848 -7.08 38.03 -45.89
CA VAL B 848 -6.11 37.43 -46.73
C VAL B 848 -6.15 38.14 -48.10
N GLY B 849 -4.95 38.43 -48.62
CA GLY B 849 -4.74 39.00 -49.95
C GLY B 849 -3.98 38.02 -50.82
N PHE B 850 -4.41 37.87 -52.06
CA PHE B 850 -3.90 36.87 -52.94
C PHE B 850 -4.05 37.32 -54.38
N MET B 851 -3.35 36.59 -55.26
CA MET B 851 -3.35 36.89 -56.68
C MET B 851 -4.42 36.03 -57.34
N LYS B 852 -4.69 36.29 -58.63
CA LYS B 852 -5.73 35.56 -59.36
C LYS B 852 -5.28 34.11 -59.57
N THR B 853 -3.97 33.87 -59.44
CA THR B 853 -3.40 32.54 -59.52
C THR B 853 -3.65 31.72 -58.23
N GLY B 854 -4.14 32.38 -57.19
CA GLY B 854 -4.32 31.76 -55.88
C GLY B 854 -3.06 31.85 -55.01
N THR B 855 -2.00 32.53 -55.47
CA THR B 855 -0.80 32.75 -54.62
C THR B 855 -1.14 33.76 -53.52
N VAL B 856 -0.92 33.36 -52.28
CA VAL B 856 -1.24 34.22 -51.17
C VAL B 856 -0.07 35.20 -50.96
N VAL B 857 -0.39 36.50 -50.81
CA VAL B 857 0.66 37.52 -50.70
C VAL B 857 0.55 38.32 -49.40
N ALA B 858 -0.56 38.23 -48.66
CA ALA B 858 -0.68 38.93 -47.42
C ALA B 858 -1.69 38.21 -46.54
N LEU B 859 -1.41 38.15 -45.23
CA LEU B 859 -2.32 37.53 -44.26
C LEU B 859 -2.25 38.27 -42.93
N GLU B 860 -3.41 38.65 -42.41
CA GLU B 860 -3.53 39.25 -41.10
C GLU B 860 -4.59 38.47 -40.32
N VAL B 861 -4.21 37.89 -39.18
CA VAL B 861 -5.15 37.07 -38.37
C VAL B 861 -5.05 37.53 -36.93
N ALA B 862 -6.18 37.93 -36.36
CA ALA B 862 -6.27 38.17 -34.92
C ALA B 862 -6.97 36.97 -34.26
N HIS B 863 -6.30 36.34 -33.29
CA HIS B 863 -6.83 35.19 -32.56
C HIS B 863 -7.18 35.60 -31.13
N PHE B 864 -8.31 35.07 -30.64
CA PHE B 864 -8.75 35.13 -29.24
C PHE B 864 -9.15 33.73 -28.78
N SER B 865 -8.66 33.34 -27.60
CA SER B 865 -8.99 32.09 -26.97
C SER B 865 -9.76 32.36 -25.67
N ASN B 866 -10.62 31.42 -25.26
CA ASN B 866 -11.33 31.52 -24.00
C ASN B 866 -10.57 30.67 -22.97
N GLY B 867 -9.83 31.34 -22.09
CA GLY B 867 -8.94 30.65 -21.17
C GLY B 867 -9.61 30.16 -19.90
N GLY B 868 -10.80 30.71 -19.58
CA GLY B 868 -11.47 30.53 -18.25
C GLY B 868 -10.73 31.19 -17.10
N ASN B 869 -10.91 30.64 -15.89
CA ASN B 869 -10.67 31.40 -14.64
C ASN B 869 -9.27 31.19 -14.02
N THR B 870 -8.35 30.44 -14.64
CA THR B 870 -6.93 30.52 -14.25
C THR B 870 -6.11 30.53 -15.53
N GLU B 871 -4.85 30.98 -15.42
CA GLU B 871 -4.02 31.08 -16.61
C GLU B 871 -3.72 29.66 -17.14
N ASP B 872 -3.25 28.79 -16.25
CA ASP B 872 -2.84 27.42 -16.64
C ASP B 872 -1.93 27.54 -17.88
N LEU B 873 -2.17 26.72 -18.92
CA LEU B 873 -1.28 26.60 -20.09
C LEU B 873 -1.72 27.50 -21.26
N SER B 874 -2.69 28.38 -21.03
CA SER B 874 -3.43 29.15 -22.07
C SER B 874 -2.47 29.98 -22.92
N ARG B 875 -1.44 30.57 -22.32
CA ARG B 875 -0.50 31.43 -23.09
C ARG B 875 0.36 30.58 -24.03
N SER B 876 0.86 29.44 -23.54
CA SER B 876 1.67 28.56 -24.39
C SER B 876 0.83 27.96 -25.53
N ILE B 877 -0.44 27.70 -25.26
CA ILE B 877 -1.36 27.22 -26.28
C ILE B 877 -1.51 28.28 -27.39
N MET B 878 -1.63 29.56 -27.00
CA MET B 878 -1.80 30.64 -27.98
C MET B 878 -0.50 30.80 -28.77
N GLU B 879 0.66 30.64 -28.10
CA GLU B 879 1.94 30.65 -28.83
C GLU B 879 1.94 29.57 -29.91
N ARG B 880 1.51 28.36 -29.57
CA ARG B 880 1.55 27.26 -30.54
C ARG B 880 0.56 27.49 -31.67
N ALA B 881 -0.62 28.07 -31.37
CA ALA B 881 -1.56 28.47 -32.42
C ALA B 881 -0.85 29.43 -33.39
N LEU B 882 -0.16 30.43 -32.85
CA LEU B 882 0.51 31.42 -33.71
C LEU B 882 1.64 30.76 -34.49
N PHE B 883 2.38 29.83 -33.86
CA PHE B 883 3.46 29.11 -34.58
C PHE B 883 2.94 28.27 -35.76
N HIS B 884 1.63 27.99 -35.81
CA HIS B 884 1.05 27.10 -36.88
C HIS B 884 0.00 27.83 -37.72
N MET B 885 -0.08 29.17 -37.64
CA MET B 885 -1.08 29.92 -38.37
C MET B 885 -0.77 29.88 -39.87
N ASP B 886 0.45 29.42 -40.23
CA ASP B 886 0.87 29.21 -41.62
C ASP B 886 0.36 27.88 -42.18
N ASN B 887 -0.01 26.93 -41.30
CA ASN B 887 -0.06 25.48 -41.60
C ASN B 887 1.10 25.07 -42.51
N ALA B 888 0.84 24.78 -43.79
CA ALA B 888 1.86 24.25 -44.71
C ALA B 888 2.38 25.31 -45.68
N TYR B 889 1.99 26.57 -45.51
CA TYR B 889 2.08 27.55 -46.60
C TYR B 889 3.03 28.70 -46.25
N LYS B 890 3.81 29.10 -47.27
CA LYS B 890 4.75 30.20 -47.26
C LYS B 890 3.98 31.49 -47.55
N ILE B 891 4.00 32.42 -46.61
CA ILE B 891 3.30 33.66 -46.80
C ILE B 891 4.26 34.83 -46.56
N PRO B 892 4.64 35.59 -47.60
CA PRO B 892 5.71 36.58 -47.47
C PRO B 892 5.39 37.73 -46.52
N ASN B 893 4.14 38.18 -46.48
CA ASN B 893 3.73 39.32 -45.67
C ASN B 893 2.64 38.82 -44.73
N ILE B 894 2.90 38.78 -43.42
CA ILE B 894 2.07 37.98 -42.48
C ILE B 894 2.14 38.62 -41.10
N ARG B 895 0.97 38.71 -40.46
CA ARG B 895 0.88 39.17 -39.13
C ARG B 895 -0.19 38.37 -38.38
N GLY B 896 0.22 37.73 -37.27
CA GLY B 896 -0.70 37.08 -36.37
C GLY B 896 -0.61 37.70 -34.98
N THR B 897 -1.76 38.06 -34.42
CA THR B 897 -1.86 38.38 -33.00
C THR B 897 -2.70 37.31 -32.26
N GLY B 898 -2.42 37.16 -30.97
CA GLY B 898 -3.22 36.31 -30.08
C GLY B 898 -3.44 36.96 -28.73
N ARG B 899 -4.69 36.90 -28.27
CA ARG B 899 -5.04 37.39 -26.96
C ARG B 899 -5.81 36.26 -26.26
N ILE B 900 -5.46 36.01 -24.99
CA ILE B 900 -6.11 35.01 -24.18
C ILE B 900 -7.09 35.69 -23.23
N CYS B 901 -8.38 35.34 -23.38
CA CYS B 901 -9.45 35.93 -22.60
C CYS B 901 -9.51 35.28 -21.21
N LYS B 902 -9.66 36.13 -20.19
CA LYS B 902 -9.85 35.74 -18.82
C LYS B 902 -11.33 35.84 -18.48
N THR B 903 -11.95 34.71 -18.17
CA THR B 903 -13.40 34.60 -18.06
C THR B 903 -13.79 33.78 -16.82
N ASN B 904 -15.08 33.90 -16.48
CA ASN B 904 -15.67 33.17 -15.36
C ASN B 904 -16.18 31.80 -15.87
N LEU B 905 -15.27 31.01 -16.44
CA LEU B 905 -15.54 29.60 -16.83
C LEU B 905 -14.44 28.74 -16.24
N PRO B 906 -14.67 27.42 -16.11
CA PRO B 906 -13.62 26.50 -15.73
C PRO B 906 -12.41 26.75 -16.63
N SER B 907 -11.21 26.70 -16.04
CA SER B 907 -9.92 26.90 -16.72
C SER B 907 -9.72 25.83 -17.81
N ASN B 908 -9.51 26.32 -19.03
CA ASN B 908 -9.17 25.47 -20.17
C ASN B 908 -7.66 25.22 -20.17
N THR B 909 -7.25 24.11 -20.80
CA THR B 909 -5.96 23.52 -20.58
C THR B 909 -5.46 22.87 -21.86
N ALA B 910 -4.41 22.05 -21.70
CA ALA B 910 -3.87 21.24 -22.78
C ALA B 910 -4.90 20.24 -23.26
N PHE B 911 -5.01 20.12 -24.59
CA PHE B 911 -5.66 19.04 -25.27
C PHE B 911 -4.86 18.75 -26.56
N ARG B 912 -4.37 17.52 -26.66
CA ARG B 912 -3.71 16.96 -27.83
C ARG B 912 -3.83 17.90 -29.04
N GLY B 913 -2.71 18.59 -29.33
CA GLY B 913 -2.62 19.55 -30.42
C GLY B 913 -2.22 20.92 -29.90
N PHE B 914 -2.83 21.31 -28.76
CA PHE B 914 -2.33 22.39 -27.89
C PHE B 914 -2.27 23.70 -28.69
N GLY B 915 -3.42 24.07 -29.31
CA GLY B 915 -3.52 25.31 -30.02
C GLY B 915 -3.19 25.16 -31.49
N GLY B 916 -2.42 24.14 -31.84
CA GLY B 916 -2.08 23.79 -33.22
C GLY B 916 -3.33 23.63 -34.09
N PRO B 917 -4.27 22.74 -33.74
CA PRO B 917 -5.41 22.49 -34.61
C PRO B 917 -6.27 23.73 -34.84
N GLN B 918 -6.44 24.56 -33.80
CA GLN B 918 -7.22 25.81 -33.93
C GLN B 918 -6.50 26.74 -34.92
N GLY B 919 -5.21 26.92 -34.72
CA GLY B 919 -4.38 27.77 -35.62
C GLY B 919 -4.50 27.33 -37.08
N MET B 920 -4.36 26.02 -37.29
CA MET B 920 -4.31 25.45 -38.61
C MET B 920 -5.70 25.40 -39.28
N LEU B 921 -6.77 25.23 -38.50
CA LEU B 921 -8.11 25.24 -39.12
C LEU B 921 -8.41 26.63 -39.71
N ILE B 922 -8.05 27.69 -38.98
CA ILE B 922 -8.22 29.03 -39.44
C ILE B 922 -7.46 29.22 -40.78
N ALA B 923 -6.20 28.77 -40.83
CA ALA B 923 -5.43 28.83 -42.06
C ALA B 923 -6.20 28.12 -43.18
N GLU B 924 -6.65 26.90 -42.91
CA GLU B 924 -7.30 26.11 -43.96
C GLU B 924 -8.65 26.72 -44.35
N TYR B 925 -9.28 27.43 -43.41
CA TYR B 925 -10.53 28.06 -43.68
C TYR B 925 -10.37 29.20 -44.70
N TRP B 926 -9.47 30.15 -44.44
CA TRP B 926 -9.28 31.23 -45.41
C TRP B 926 -8.70 30.65 -46.71
N MET B 927 -7.89 29.58 -46.63
CA MET B 927 -7.33 28.98 -47.81
C MET B 927 -8.43 28.40 -48.71
N SER B 928 -9.44 27.78 -48.07
CA SER B 928 -10.58 27.25 -48.80
C SER B 928 -11.28 28.40 -49.57
N GLU B 929 -11.30 29.58 -48.99
CA GLU B 929 -11.97 30.73 -49.59
C GLU B 929 -11.12 31.33 -50.70
N VAL B 930 -9.80 31.15 -50.62
CA VAL B 930 -8.90 31.65 -51.67
C VAL B 930 -9.18 30.85 -52.94
N ALA B 931 -9.23 29.52 -52.78
CA ALA B 931 -9.42 28.62 -53.91
C ALA B 931 -10.76 28.93 -54.59
N ILE B 932 -11.81 29.07 -53.77
CA ILE B 932 -13.16 29.33 -54.28
C ILE B 932 -13.17 30.67 -55.01
N THR B 933 -12.60 31.71 -54.40
CA THR B 933 -12.61 33.03 -54.99
C THR B 933 -11.89 33.00 -56.35
N CYS B 934 -10.78 32.27 -56.47
CA CYS B 934 -10.02 32.21 -57.70
C CYS B 934 -10.64 31.29 -58.75
N GLY B 935 -11.54 30.40 -58.31
CA GLY B 935 -12.15 29.45 -59.20
C GLY B 935 -11.16 28.41 -59.69
N LEU B 936 -10.16 28.10 -58.85
CA LEU B 936 -9.17 27.07 -59.16
C LEU B 936 -9.32 25.88 -58.20
N PRO B 937 -8.88 24.67 -58.61
CA PRO B 937 -8.95 23.51 -57.75
C PRO B 937 -8.17 23.75 -56.45
N ALA B 938 -8.82 23.43 -55.33
CA ALA B 938 -8.29 23.68 -53.98
C ALA B 938 -6.91 23.03 -53.86
N GLU B 939 -6.78 21.82 -54.40
CA GLU B 939 -5.56 21.02 -54.23
C GLU B 939 -4.39 21.70 -54.98
N GLU B 940 -4.70 22.46 -56.02
CA GLU B 940 -3.64 23.14 -56.75
C GLU B 940 -3.26 24.43 -56.03
N VAL B 941 -4.26 25.08 -55.46
CA VAL B 941 -4.03 26.30 -54.74
C VAL B 941 -3.19 25.98 -53.49
N ARG B 942 -3.52 24.91 -52.80
CA ARG B 942 -2.76 24.47 -51.61
C ARG B 942 -1.30 24.14 -52.02
N ARG B 943 -1.17 23.35 -53.08
CA ARG B 943 0.15 22.89 -53.50
C ARG B 943 1.03 24.08 -53.88
N LYS B 944 0.50 25.09 -54.56
CA LYS B 944 1.36 26.15 -55.10
C LYS B 944 1.72 27.16 -53.99
N ASN B 945 1.02 27.13 -52.84
CA ASN B 945 1.36 27.97 -51.72
C ASN B 945 2.25 27.28 -50.69
N MET B 946 2.50 25.99 -50.88
CA MET B 946 3.20 25.14 -49.91
C MET B 946 4.66 25.58 -49.82
N TYR B 947 5.22 25.59 -48.61
CA TYR B 947 6.65 25.75 -48.40
C TYR B 947 7.41 24.79 -49.32
N LYS B 948 8.67 25.13 -49.60
CA LYS B 948 9.63 24.14 -50.11
C LYS B 948 10.81 23.98 -49.13
N GLU B 949 11.53 22.89 -49.29
CA GLU B 949 12.74 22.59 -48.54
C GLU B 949 13.61 23.84 -48.40
N GLY B 950 14.04 24.09 -47.17
CA GLY B 950 14.93 25.18 -46.91
C GLY B 950 14.24 26.51 -46.71
N ASP B 951 12.91 26.61 -46.96
CA ASP B 951 12.21 27.85 -46.63
C ASP B 951 12.28 28.11 -45.12
N LEU B 952 12.21 29.40 -44.76
CA LEU B 952 11.97 29.87 -43.42
C LEU B 952 10.46 29.97 -43.18
N THR B 953 10.02 29.65 -41.95
CA THR B 953 8.64 29.94 -41.48
C THR B 953 8.52 31.43 -41.17
N HIS B 954 7.29 31.84 -40.82
CA HIS B 954 6.98 33.18 -40.44
C HIS B 954 7.73 33.53 -39.15
N PHE B 955 8.17 32.48 -38.41
CA PHE B 955 8.92 32.67 -37.15
C PHE B 955 10.42 32.36 -37.41
N ASN B 956 10.79 32.24 -38.70
CA ASN B 956 12.17 32.23 -39.20
C ASN B 956 12.92 30.95 -38.81
N GLN B 957 12.21 29.83 -38.72
CA GLN B 957 12.87 28.57 -38.54
C GLN B 957 12.93 27.91 -39.91
N LYS B 958 14.08 27.30 -40.21
CA LYS B 958 14.31 26.71 -41.51
C LYS B 958 13.74 25.29 -41.52
N LEU B 959 13.04 24.92 -42.61
CA LEU B 959 12.46 23.58 -42.77
C LEU B 959 13.42 22.69 -43.56
N GLU B 960 14.17 21.86 -42.83
CA GLU B 960 15.04 20.88 -43.42
C GLU B 960 14.36 19.54 -43.26
N GLY B 961 14.70 18.60 -44.12
CA GLY B 961 14.06 17.29 -44.12
C GLY B 961 12.55 17.43 -44.30
N PHE B 962 12.18 18.27 -45.28
CA PHE B 962 10.78 18.61 -45.58
C PHE B 962 10.13 17.51 -46.43
N THR B 963 9.46 16.56 -45.80
CA THR B 963 8.91 15.40 -46.43
C THR B 963 7.46 15.67 -46.90
N LEU B 964 6.91 16.85 -46.59
CA LEU B 964 5.48 17.14 -46.84
C LEU B 964 5.13 16.95 -48.32
N PRO B 965 5.92 17.41 -49.30
CA PRO B 965 5.61 17.13 -50.71
C PRO B 965 5.55 15.64 -51.05
N ARG B 966 6.37 14.80 -50.43
CA ARG B 966 6.31 13.38 -50.67
C ARG B 966 5.00 12.86 -50.06
N CYS B 967 4.62 13.35 -48.88
CA CYS B 967 3.37 12.89 -48.24
C CYS B 967 2.18 13.23 -49.16
N TRP B 968 2.21 14.45 -49.70
CA TRP B 968 1.19 14.99 -50.57
C TRP B 968 1.10 14.14 -51.85
N ASP B 969 2.23 13.96 -52.57
CA ASP B 969 2.18 13.22 -53.82
C ASP B 969 1.75 11.78 -53.57
N GLU B 970 2.26 11.11 -52.53
CA GLU B 970 1.88 9.72 -52.31
C GLU B 970 0.37 9.63 -52.00
N CYS B 971 -0.14 10.63 -51.28
CA CYS B 971 -1.53 10.60 -50.84
C CYS B 971 -2.45 10.87 -52.05
N ILE B 972 -2.06 11.84 -52.89
CA ILE B 972 -2.76 12.13 -54.17
C ILE B 972 -2.91 10.83 -54.96
N ALA B 973 -1.83 10.06 -55.03
CA ALA B 973 -1.78 8.86 -55.87
C ALA B 973 -2.57 7.73 -55.20
N SER B 974 -2.31 7.44 -53.91
CA SER B 974 -2.96 6.27 -53.28
C SER B 974 -4.46 6.56 -53.04
N SER B 975 -4.86 7.82 -52.88
CA SER B 975 -6.27 8.18 -52.68
C SER B 975 -7.05 8.21 -54.01
N GLN B 976 -6.32 8.15 -55.13
CA GLN B 976 -6.86 8.35 -56.50
C GLN B 976 -7.69 9.62 -56.56
N TYR B 977 -7.10 10.72 -56.09
CA TYR B 977 -7.82 11.93 -55.76
C TYR B 977 -8.56 12.51 -56.99
N LEU B 978 -7.86 12.62 -58.13
CA LEU B 978 -8.43 13.29 -59.31
C LEU B 978 -9.56 12.44 -59.91
N ALA B 979 -9.43 11.10 -59.91
CA ALA B 979 -10.51 10.17 -60.38
C ALA B 979 -11.74 10.30 -59.46
N ARG B 980 -11.51 10.33 -58.16
CA ARG B 980 -12.59 10.44 -57.20
C ARG B 980 -13.24 11.83 -57.25
N LYS B 981 -12.50 12.88 -57.57
CA LYS B 981 -13.13 14.21 -57.74
C LYS B 981 -14.26 14.11 -58.79
N ARG B 982 -14.00 13.35 -59.86
CA ARG B 982 -14.94 13.21 -60.98
C ARG B 982 -16.18 12.41 -60.55
N GLU B 983 -15.95 11.35 -59.77
CA GLU B 983 -17.00 10.52 -59.24
C GLU B 983 -17.87 11.33 -58.27
N VAL B 984 -17.25 12.20 -57.46
CA VAL B 984 -18.01 13.11 -56.61
C VAL B 984 -18.86 14.03 -57.49
N GLU B 985 -18.25 14.64 -58.50
CA GLU B 985 -19.00 15.56 -59.36
C GLU B 985 -20.22 14.84 -59.96
N LYS B 986 -20.01 13.62 -60.41
CA LYS B 986 -21.05 12.85 -61.01
C LYS B 986 -22.18 12.57 -60.01
N PHE B 987 -21.82 12.08 -58.81
CA PHE B 987 -22.80 11.77 -57.81
C PHE B 987 -23.68 13.00 -57.56
N ASN B 988 -23.04 14.17 -57.53
CA ASN B 988 -23.69 15.38 -57.19
C ASN B 988 -24.68 15.79 -58.28
N ARG B 989 -24.38 15.57 -59.56
CA ARG B 989 -25.35 15.82 -60.64
C ARG B 989 -26.53 14.86 -60.53
N GLU B 990 -26.30 13.62 -60.05
CA GLU B 990 -27.35 12.59 -60.03
C GLU B 990 -28.21 12.63 -58.76
N ASN B 991 -27.88 13.48 -57.79
CA ASN B 991 -28.56 13.44 -56.47
C ASN B 991 -28.85 14.83 -55.97
N CYS B 992 -30.11 15.09 -55.70
CA CYS B 992 -30.54 16.39 -55.35
C CYS B 992 -30.50 16.60 -53.82
N TRP B 993 -30.77 15.57 -53.01
CA TRP B 993 -30.92 15.73 -51.53
C TRP B 993 -29.83 15.03 -50.72
N LYS B 994 -28.82 14.47 -51.40
CA LYS B 994 -27.55 13.95 -50.84
C LYS B 994 -26.42 14.53 -51.70
N LYS B 995 -25.30 14.89 -51.09
CA LYS B 995 -24.18 15.48 -51.83
C LYS B 995 -22.91 14.95 -51.21
N ARG B 996 -21.92 14.77 -52.07
CA ARG B 996 -20.65 14.32 -51.64
C ARG B 996 -19.63 15.44 -51.75
N GLY B 997 -18.58 15.32 -50.94
CA GLY B 997 -17.50 16.27 -50.93
C GLY B 997 -16.18 15.55 -50.69
N LEU B 998 -15.10 16.13 -51.18
CA LEU B 998 -13.80 15.48 -51.16
C LEU B 998 -12.72 16.54 -50.96
N CYS B 999 -11.83 16.38 -49.99
CA CYS B 999 -10.82 17.40 -49.76
C CYS B 999 -9.52 16.75 -49.26
N ILE B 1000 -8.39 17.30 -49.73
CA ILE B 1000 -7.06 16.83 -49.29
C ILE B 1000 -6.35 17.99 -48.57
N ILE B 1001 -5.91 17.70 -47.32
CA ILE B 1001 -5.35 18.69 -46.39
C ILE B 1001 -3.97 18.22 -45.93
N PRO B 1002 -2.93 19.08 -45.99
CA PRO B 1002 -1.63 18.80 -45.42
C PRO B 1002 -1.51 19.37 -44.00
N THR B 1003 -0.44 19.00 -43.30
CA THR B 1003 -0.14 19.66 -42.04
C THR B 1003 1.37 19.62 -41.79
N LYS B 1004 1.83 20.66 -41.09
CA LYS B 1004 3.16 20.74 -40.49
C LYS B 1004 2.96 20.96 -38.99
N PHE B 1005 3.66 20.18 -38.17
CA PHE B 1005 3.48 20.32 -36.69
C PHE B 1005 4.89 20.29 -36.04
N GLY B 1006 5.20 21.40 -35.36
CA GLY B 1006 6.47 21.59 -34.63
C GLY B 1006 6.57 20.72 -33.39
N ILE B 1007 7.68 19.96 -33.27
CA ILE B 1007 7.88 19.06 -32.12
C ILE B 1007 8.89 19.65 -31.11
N SER B 1008 8.40 19.83 -29.88
CA SER B 1008 9.11 20.20 -28.65
C SER B 1008 8.18 21.13 -27.85
N PHE B 1009 8.28 21.06 -26.52
CA PHE B 1009 7.61 22.04 -25.67
C PHE B 1009 8.00 23.45 -26.10
N THR B 1010 7.01 24.36 -26.18
CA THR B 1010 7.22 25.81 -26.44
C THR B 1010 8.06 26.46 -25.34
N LEU B 1011 8.04 25.86 -24.15
CA LEU B 1011 8.93 26.26 -23.05
C LEU B 1011 10.19 25.38 -23.07
N PRO B 1012 11.36 25.92 -23.51
CA PRO B 1012 12.50 25.09 -23.88
C PRO B 1012 13.00 24.13 -22.79
N PHE B 1013 13.07 24.56 -21.52
CA PHE B 1013 13.64 23.69 -20.45
C PHE B 1013 12.79 22.45 -20.18
N LEU B 1014 11.53 22.38 -20.65
CA LEU B 1014 10.70 21.18 -20.44
C LEU B 1014 11.14 20.03 -21.35
N ASN B 1015 11.98 20.32 -22.35
CA ASN B 1015 12.49 19.32 -23.27
C ASN B 1015 13.68 18.61 -22.61
N GLN B 1016 13.40 17.82 -21.58
CA GLN B 1016 14.36 17.07 -20.85
C GLN B 1016 13.65 15.84 -20.30
N GLY B 1017 14.41 14.78 -20.06
CA GLY B 1017 13.89 13.57 -19.47
C GLY B 1017 14.98 12.72 -18.82
N GLY B 1018 14.54 11.81 -17.96
CA GLY B 1018 15.39 10.99 -17.12
C GLY B 1018 14.95 9.55 -17.10
N ALA B 1019 15.92 8.66 -16.85
CA ALA B 1019 15.67 7.24 -16.65
C ALA B 1019 16.56 6.72 -15.52
N LEU B 1020 16.16 5.56 -14.99
CA LEU B 1020 16.92 4.81 -14.03
C LEU B 1020 16.78 3.35 -14.40
N VAL B 1021 17.91 2.64 -14.45
CA VAL B 1021 17.91 1.25 -14.83
C VAL B 1021 18.72 0.45 -13.80
N HIS B 1022 18.16 -0.71 -13.43
CA HIS B 1022 18.79 -1.68 -12.57
C HIS B 1022 18.90 -3.02 -13.31
N VAL B 1023 20.08 -3.65 -13.24
CA VAL B 1023 20.21 -5.07 -13.62
C VAL B 1023 20.39 -5.90 -12.34
N TYR B 1024 19.41 -6.75 -12.03
CA TYR B 1024 19.52 -7.66 -10.92
C TYR B 1024 20.47 -8.81 -11.28
N THR B 1025 20.82 -9.62 -10.28
CA THR B 1025 21.91 -10.61 -10.49
C THR B 1025 21.42 -11.84 -11.27
N ASP B 1026 20.10 -11.99 -11.44
CA ASP B 1026 19.55 -12.97 -12.39
C ASP B 1026 19.58 -12.46 -13.83
N GLY B 1027 20.14 -11.27 -14.07
CA GLY B 1027 20.20 -10.69 -15.41
C GLY B 1027 18.93 -9.94 -15.86
N SER B 1028 17.83 -10.01 -15.09
CA SER B 1028 16.63 -9.28 -15.41
C SER B 1028 16.82 -7.80 -15.13
N VAL B 1029 16.17 -6.97 -15.95
CA VAL B 1029 16.35 -5.52 -15.94
C VAL B 1029 15.03 -4.85 -15.51
N LEU B 1030 15.11 -3.94 -14.53
CA LEU B 1030 14.02 -3.08 -14.13
C LEU B 1030 14.38 -1.67 -14.57
N LEU B 1031 13.50 -1.12 -15.41
CA LEU B 1031 13.64 0.14 -16.04
C LEU B 1031 12.49 1.03 -15.57
N THR B 1032 12.81 2.32 -15.43
CA THR B 1032 11.82 3.32 -15.21
C THR B 1032 12.32 4.61 -15.85
N HIS B 1033 11.36 5.43 -16.24
CA HIS B 1033 11.62 6.72 -16.83
C HIS B 1033 10.53 7.69 -16.36
N GLY B 1034 10.70 8.95 -16.69
CA GLY B 1034 9.76 10.00 -16.30
C GLY B 1034 8.41 9.93 -16.99
N GLY B 1035 8.36 9.26 -18.14
CA GLY B 1035 7.10 9.14 -18.91
C GLY B 1035 6.04 8.31 -18.20
N THR B 1036 4.78 8.69 -18.41
CA THR B 1036 3.63 7.98 -17.93
C THR B 1036 2.92 7.32 -19.12
N GLU B 1037 2.38 6.13 -18.87
CA GLU B 1037 1.60 5.39 -19.86
C GLU B 1037 0.12 5.76 -19.71
N MET B 1038 -0.48 6.21 -20.82
CA MET B 1038 -1.87 6.61 -20.89
C MET B 1038 -2.56 5.94 -22.08
N GLY B 1039 -1.96 4.87 -22.60
CA GLY B 1039 -2.46 4.10 -23.75
C GLY B 1039 -1.69 4.34 -25.06
N GLN B 1040 -0.70 5.24 -25.04
CA GLN B 1040 0.11 5.58 -26.23
C GLN B 1040 1.25 4.58 -26.48
N GLY B 1041 1.42 3.60 -25.58
CA GLY B 1041 2.43 2.55 -25.74
C GLY B 1041 3.86 3.05 -25.53
N LEU B 1042 4.00 4.04 -24.64
CA LEU B 1042 5.28 4.62 -24.35
C LEU B 1042 6.18 3.58 -23.66
N HIS B 1043 5.68 2.89 -22.60
CA HIS B 1043 6.52 1.85 -21.95
C HIS B 1043 6.96 0.80 -22.98
N THR B 1044 6.03 0.38 -23.85
CA THR B 1044 6.32 -0.59 -24.94
C THR B 1044 7.51 -0.10 -25.78
N LYS B 1045 7.46 1.15 -26.24
CA LYS B 1045 8.54 1.77 -27.00
C LYS B 1045 9.84 1.82 -26.19
N MET B 1046 9.80 2.21 -24.90
CA MET B 1046 11.03 2.33 -24.10
C MET B 1046 11.68 0.96 -23.87
N VAL B 1047 10.88 -0.09 -23.74
CA VAL B 1047 11.38 -1.44 -23.60
C VAL B 1047 12.05 -1.85 -24.91
N GLN B 1048 11.39 -1.51 -26.03
CA GLN B 1048 11.96 -1.82 -27.35
C GLN B 1048 13.32 -1.14 -27.48
N VAL B 1049 13.39 0.13 -27.07
CA VAL B 1049 14.59 0.91 -27.13
C VAL B 1049 15.68 0.28 -26.27
N ALA B 1050 15.35 0.00 -25.00
CA ALA B 1050 16.30 -0.55 -24.05
C ALA B 1050 16.85 -1.89 -24.57
N SER B 1051 15.97 -2.72 -25.14
CA SER B 1051 16.32 -4.04 -25.65
C SER B 1051 17.34 -3.90 -26.80
N ARG B 1052 17.19 -2.89 -27.66
CA ARG B 1052 18.17 -2.65 -28.73
C ARG B 1052 19.49 -2.14 -28.13
N ALA B 1053 19.39 -1.13 -27.28
CA ALA B 1053 20.56 -0.54 -26.63
C ALA B 1053 21.40 -1.59 -25.89
N LEU B 1054 20.75 -2.50 -25.15
CA LEU B 1054 21.46 -3.48 -24.30
C LEU B 1054 21.79 -4.75 -25.08
N LYS B 1055 21.18 -4.93 -26.25
CA LYS B 1055 21.28 -6.15 -27.07
C LYS B 1055 20.89 -7.39 -26.25
N ILE B 1056 19.72 -7.31 -25.59
CA ILE B 1056 19.06 -8.45 -24.97
C ILE B 1056 17.58 -8.47 -25.38
N PRO B 1057 16.87 -9.61 -25.26
CA PRO B 1057 15.45 -9.64 -25.61
C PRO B 1057 14.60 -8.75 -24.69
N THR B 1058 13.48 -8.25 -25.24
CA THR B 1058 12.54 -7.43 -24.50
C THR B 1058 11.96 -8.20 -23.30
N SER B 1059 11.94 -9.52 -23.38
CA SER B 1059 11.39 -10.33 -22.33
C SER B 1059 12.15 -10.11 -21.01
N LYS B 1060 13.41 -9.68 -21.07
CA LYS B 1060 14.27 -9.60 -19.87
C LYS B 1060 14.23 -8.19 -19.26
N ILE B 1061 13.45 -7.28 -19.86
CA ILE B 1061 13.32 -5.93 -19.36
C ILE B 1061 11.87 -5.68 -18.95
N HIS B 1062 11.68 -5.06 -17.78
CA HIS B 1062 10.35 -4.76 -17.34
C HIS B 1062 10.28 -3.30 -16.86
N ILE B 1063 9.13 -2.64 -17.14
CA ILE B 1063 8.76 -1.38 -16.51
C ILE B 1063 7.50 -1.63 -15.70
N SER B 1064 7.54 -1.26 -14.40
CA SER B 1064 6.38 -1.44 -13.49
C SER B 1064 5.57 -0.15 -13.36
N GLU B 1065 6.24 1.00 -13.31
CA GLU B 1065 5.56 2.23 -12.95
C GLU B 1065 6.46 3.44 -13.17
N THR B 1066 5.85 4.62 -13.02
CA THR B 1066 6.51 5.91 -13.02
C THR B 1066 6.42 6.50 -11.59
N SER B 1067 7.51 7.04 -11.04
CA SER B 1067 7.47 7.47 -9.69
C SER B 1067 8.49 8.60 -9.46
N THR B 1068 8.09 9.63 -8.70
CA THR B 1068 8.93 10.79 -8.48
C THR B 1068 10.17 10.43 -7.63
N ASN B 1069 10.14 9.29 -6.91
CA ASN B 1069 11.28 8.87 -6.08
C ASN B 1069 12.20 7.91 -6.83
N THR B 1070 11.96 7.69 -8.14
CA THR B 1070 12.95 6.98 -8.98
C THR B 1070 13.51 7.93 -10.05
N VAL B 1071 12.68 8.79 -10.66
CA VAL B 1071 13.16 9.81 -11.53
C VAL B 1071 12.51 11.12 -11.12
N PRO B 1072 13.31 12.11 -10.66
CA PRO B 1072 12.78 13.36 -10.17
C PRO B 1072 12.65 14.41 -11.25
N ASN B 1073 11.88 15.46 -10.97
CA ASN B 1073 11.91 16.70 -11.82
C ASN B 1073 11.52 16.42 -13.30
N THR B 1074 10.51 15.56 -13.51
CA THR B 1074 10.15 15.14 -14.85
C THR B 1074 9.18 16.13 -15.46
N SER B 1075 9.31 16.32 -16.77
CA SER B 1075 8.34 17.09 -17.52
C SER B 1075 7.08 16.24 -17.64
N PRO B 1076 5.89 16.83 -17.81
CA PRO B 1076 4.69 16.04 -18.05
C PRO B 1076 4.88 15.19 -19.32
N THR B 1077 4.14 14.09 -19.39
CA THR B 1077 4.04 13.29 -20.57
C THR B 1077 3.09 14.04 -21.50
N ALA B 1078 3.68 14.79 -22.44
CA ALA B 1078 2.96 15.82 -23.20
C ALA B 1078 3.83 16.23 -24.39
N ALA B 1079 3.24 17.06 -25.25
CA ALA B 1079 3.91 17.68 -26.42
C ALA B 1079 4.43 16.60 -27.37
N SER B 1080 3.79 15.42 -27.35
CA SER B 1080 4.11 14.32 -28.24
C SER B 1080 5.54 13.79 -28.04
N ALA B 1081 6.29 14.36 -27.10
CA ALA B 1081 7.73 14.23 -27.19
C ALA B 1081 8.28 13.20 -26.20
N SER B 1082 7.40 12.49 -25.51
CA SER B 1082 7.84 11.66 -24.39
C SER B 1082 8.71 10.48 -24.86
N ALA B 1083 8.44 9.89 -26.03
CA ALA B 1083 9.32 8.81 -26.52
C ALA B 1083 10.66 9.42 -26.92
N ASP B 1084 10.64 10.61 -27.52
CA ASP B 1084 11.90 11.25 -27.90
C ASP B 1084 12.77 11.46 -26.64
N LEU B 1085 12.21 12.02 -25.56
CA LEU B 1085 13.03 12.48 -24.44
C LEU B 1085 13.46 11.29 -23.59
N ASN B 1086 12.48 10.43 -23.26
CA ASN B 1086 12.72 9.28 -22.38
C ASN B 1086 13.50 8.21 -23.14
N GLY B 1087 13.30 8.08 -24.46
CA GLY B 1087 14.09 7.12 -25.22
C GLY B 1087 15.59 7.41 -25.20
N GLN B 1088 15.97 8.70 -25.27
CA GLN B 1088 17.38 9.10 -25.17
C GLN B 1088 17.90 8.83 -23.76
N GLY B 1089 17.11 9.19 -22.77
CA GLY B 1089 17.47 8.94 -21.39
C GLY B 1089 17.71 7.46 -21.14
N VAL B 1090 16.75 6.63 -21.57
CA VAL B 1090 16.86 5.18 -21.42
C VAL B 1090 18.13 4.68 -22.11
N TYR B 1091 18.35 5.20 -23.34
CA TYR B 1091 19.51 4.81 -24.18
C TYR B 1091 20.81 5.09 -23.41
N GLU B 1092 20.91 6.28 -22.82
CA GLU B 1092 22.13 6.68 -22.08
C GLU B 1092 22.32 5.80 -20.84
N ALA B 1093 21.25 5.49 -20.12
CA ALA B 1093 21.39 4.65 -18.94
C ALA B 1093 21.88 3.26 -19.38
N CYS B 1094 21.40 2.81 -20.54
CA CYS B 1094 21.79 1.53 -21.06
C CYS B 1094 23.27 1.52 -21.47
N GLN B 1095 23.75 2.62 -22.07
CA GLN B 1095 25.11 2.73 -22.55
C GLN B 1095 26.07 2.68 -21.35
N THR B 1096 25.69 3.33 -20.25
CA THR B 1096 26.51 3.28 -19.03
C THR B 1096 26.67 1.82 -18.55
N ILE B 1097 25.56 1.09 -18.48
CA ILE B 1097 25.59 -0.29 -18.05
C ILE B 1097 26.52 -1.09 -18.98
N LEU B 1098 26.31 -0.96 -20.31
CA LEU B 1098 27.17 -1.65 -21.32
C LEU B 1098 28.66 -1.38 -21.05
N LYS B 1099 29.02 -0.11 -20.87
CA LYS B 1099 30.40 0.31 -20.66
C LYS B 1099 30.97 -0.39 -19.42
N ARG B 1100 30.16 -0.53 -18.38
CA ARG B 1100 30.54 -1.21 -17.18
C ARG B 1100 30.70 -2.71 -17.43
N LEU B 1101 29.93 -3.28 -18.36
CA LEU B 1101 29.99 -4.74 -18.61
C LEU B 1101 31.08 -5.09 -19.64
N GLU B 1102 31.65 -4.12 -20.35
CA GLU B 1102 32.48 -4.52 -21.50
C GLU B 1102 33.75 -5.28 -21.07
N PRO B 1103 34.41 -5.04 -19.92
CA PRO B 1103 35.51 -5.92 -19.52
C PRO B 1103 35.09 -7.39 -19.37
N PHE B 1104 33.84 -7.63 -18.95
CA PHE B 1104 33.33 -8.98 -18.70
C PHE B 1104 32.95 -9.65 -20.01
N LYS B 1105 32.51 -8.83 -20.97
CA LYS B 1105 32.17 -9.22 -22.34
C LYS B 1105 33.45 -9.68 -23.06
N LYS B 1106 34.50 -8.85 -22.98
CA LYS B 1106 35.78 -9.17 -23.62
C LYS B 1106 36.30 -10.52 -23.09
N LYS B 1107 36.25 -10.73 -21.77
CA LYS B 1107 36.78 -11.94 -21.13
C LYS B 1107 35.96 -13.16 -21.52
N LYS B 1108 34.67 -12.99 -21.83
CA LYS B 1108 33.81 -14.09 -22.28
C LYS B 1108 32.86 -13.63 -23.39
N PRO B 1109 33.32 -13.43 -24.65
CA PRO B 1109 32.44 -12.85 -25.68
C PRO B 1109 31.28 -13.76 -26.10
N THR B 1110 31.34 -15.05 -25.76
CA THR B 1110 30.27 -15.99 -26.09
C THR B 1110 29.34 -16.15 -24.89
N GLY B 1111 29.91 -16.56 -23.73
CA GLY B 1111 29.21 -16.76 -22.44
C GLY B 1111 28.03 -15.80 -22.34
N PRO B 1112 26.87 -16.22 -21.79
CA PRO B 1112 25.63 -15.45 -21.93
C PRO B 1112 25.60 -14.16 -21.09
N TRP B 1113 24.61 -13.30 -21.39
CA TRP B 1113 24.29 -12.09 -20.63
C TRP B 1113 24.37 -12.37 -19.11
N GLU B 1114 23.78 -13.48 -18.66
CA GLU B 1114 23.63 -13.76 -17.25
C GLU B 1114 25.01 -13.89 -16.58
N ALA B 1115 26.00 -14.40 -17.34
CA ALA B 1115 27.33 -14.63 -16.82
C ALA B 1115 28.07 -13.30 -16.72
N TRP B 1116 27.89 -12.41 -17.71
CA TRP B 1116 28.52 -11.10 -17.63
C TRP B 1116 28.05 -10.36 -16.37
N VAL B 1117 26.74 -10.44 -16.11
CA VAL B 1117 26.09 -9.71 -15.04
C VAL B 1117 26.57 -10.25 -13.68
N MET B 1118 26.51 -11.56 -13.49
CA MET B 1118 26.94 -12.18 -12.28
C MET B 1118 28.43 -11.89 -12.06
N ASP B 1119 29.23 -12.00 -13.12
CA ASP B 1119 30.65 -11.66 -13.04
C ASP B 1119 30.83 -10.21 -12.57
N ALA B 1120 30.06 -9.28 -13.14
CA ALA B 1120 30.18 -7.90 -12.72
C ALA B 1120 29.80 -7.77 -11.24
N TYR B 1121 28.71 -8.42 -10.83
CA TYR B 1121 28.24 -8.33 -9.46
C TYR B 1121 29.33 -8.82 -8.48
N THR B 1122 29.94 -9.96 -8.78
CA THR B 1122 30.89 -10.57 -7.84
C THR B 1122 32.27 -9.91 -7.93
N SER B 1123 32.51 -9.06 -8.93
CA SER B 1123 33.64 -8.12 -8.95
C SER B 1123 33.28 -6.74 -8.36
N ALA B 1124 32.09 -6.61 -7.76
CA ALA B 1124 31.61 -5.35 -7.14
C ALA B 1124 31.67 -4.17 -8.11
N VAL B 1125 30.97 -4.34 -9.24
CA VAL B 1125 30.72 -3.29 -10.21
C VAL B 1125 29.24 -2.93 -10.12
N SER B 1126 28.93 -1.63 -10.10
CA SER B 1126 27.54 -1.14 -9.98
C SER B 1126 26.71 -1.56 -11.21
N LEU B 1127 25.52 -2.11 -10.95
CA LEU B 1127 24.57 -2.48 -11.99
C LEU B 1127 23.33 -1.57 -11.95
N SER B 1128 23.53 -0.31 -11.52
CA SER B 1128 22.48 0.71 -11.50
C SER B 1128 23.03 1.97 -12.17
N ALA B 1129 22.22 2.61 -13.01
CA ALA B 1129 22.64 3.84 -13.69
C ALA B 1129 21.43 4.75 -13.93
N THR B 1130 21.67 6.06 -13.82
CA THR B 1130 20.71 7.02 -14.36
C THR B 1130 21.08 7.31 -15.82
N GLY B 1131 20.08 7.83 -16.55
CA GLY B 1131 20.27 8.43 -17.89
C GLY B 1131 19.47 9.71 -17.97
N PHE B 1132 19.89 10.63 -18.81
CA PHE B 1132 19.29 11.92 -18.92
C PHE B 1132 19.52 12.42 -20.33
N TYR B 1133 18.63 13.31 -20.79
CA TYR B 1133 18.72 13.92 -22.11
C TYR B 1133 18.01 15.27 -22.05
N LYS B 1134 18.60 16.25 -22.75
CA LYS B 1134 17.94 17.54 -23.00
C LYS B 1134 18.01 17.83 -24.49
N THR B 1135 16.90 18.30 -25.07
CA THR B 1135 16.87 18.62 -26.47
C THR B 1135 17.73 19.87 -26.68
N PRO B 1136 18.74 19.82 -27.55
CA PRO B 1136 19.65 20.96 -27.68
C PRO B 1136 19.13 22.10 -28.57
N ASN B 1137 19.69 23.31 -28.35
CA ASN B 1137 19.61 24.43 -29.30
C ASN B 1137 18.17 24.90 -29.51
N LEU B 1138 17.30 24.78 -28.51
CA LEU B 1138 15.95 25.34 -28.64
C LEU B 1138 15.94 26.71 -27.96
N GLY B 1139 15.09 27.61 -28.44
CA GLY B 1139 14.75 28.83 -27.73
C GLY B 1139 14.41 29.95 -28.69
N TYR B 1140 13.12 30.29 -28.75
CA TYR B 1140 12.59 31.34 -29.62
C TYR B 1140 12.32 32.61 -28.82
N SER B 1141 12.57 33.75 -29.44
CA SER B 1141 12.23 35.02 -28.84
C SER B 1141 11.14 35.68 -29.69
N PHE B 1142 10.03 36.08 -29.06
CA PHE B 1142 8.98 36.85 -29.75
C PHE B 1142 9.52 38.24 -30.08
N GLU B 1143 10.45 38.75 -29.26
CA GLU B 1143 10.99 40.10 -29.42
C GLU B 1143 11.82 40.21 -30.72
N THR B 1144 12.65 39.22 -31.03
CA THR B 1144 13.51 39.30 -32.21
C THR B 1144 13.07 38.40 -33.35
N ASN B 1145 12.00 37.61 -33.16
CA ASN B 1145 11.56 36.65 -34.17
C ASN B 1145 12.74 35.79 -34.65
N SER B 1146 13.50 35.24 -33.71
CA SER B 1146 14.68 34.41 -33.98
C SER B 1146 14.80 33.34 -32.90
N GLY B 1147 15.56 32.28 -33.23
CA GLY B 1147 15.68 31.12 -32.40
C GLY B 1147 14.69 30.05 -32.83
N ASN B 1148 15.05 28.79 -32.63
CA ASN B 1148 14.25 27.67 -33.05
C ASN B 1148 13.37 27.22 -31.89
N PRO B 1149 12.02 27.37 -31.95
CA PRO B 1149 11.18 26.75 -30.93
C PRO B 1149 11.14 25.21 -31.04
N PHE B 1150 11.37 24.64 -32.23
CA PHE B 1150 11.13 23.20 -32.48
C PHE B 1150 12.43 22.50 -32.84
N HIS B 1151 12.52 21.22 -32.44
CA HIS B 1151 13.64 20.37 -32.74
C HIS B 1151 13.53 19.85 -34.18
N TYR B 1152 12.31 19.57 -34.63
CA TYR B 1152 12.03 19.13 -35.98
C TYR B 1152 10.52 19.29 -36.19
N PHE B 1153 10.03 18.95 -37.38
CA PHE B 1153 8.62 19.01 -37.66
C PHE B 1153 8.11 17.63 -38.08
N SER B 1154 6.85 17.35 -37.73
CA SER B 1154 6.05 16.26 -38.24
C SER B 1154 5.25 16.78 -39.43
N TYR B 1155 5.07 15.91 -40.43
CA TYR B 1155 4.36 16.20 -41.64
C TYR B 1155 3.38 15.07 -41.93
N GLY B 1156 2.24 15.42 -42.53
CA GLY B 1156 1.32 14.41 -43.00
C GLY B 1156 0.25 15.03 -43.88
N VAL B 1157 -0.47 14.16 -44.58
CA VAL B 1157 -1.54 14.58 -45.47
C VAL B 1157 -2.69 13.60 -45.34
N ALA B 1158 -3.91 14.14 -45.32
CA ALA B 1158 -5.13 13.33 -45.37
C ALA B 1158 -6.09 13.82 -46.47
N CYS B 1159 -6.62 12.84 -47.21
CA CYS B 1159 -7.73 13.00 -48.16
C CYS B 1159 -8.98 12.33 -47.59
N SER B 1160 -10.09 13.08 -47.50
CA SER B 1160 -11.30 12.50 -46.97
C SER B 1160 -12.47 12.82 -47.90
N GLU B 1161 -13.36 11.83 -48.02
CA GLU B 1161 -14.63 11.96 -48.77
C GLU B 1161 -15.82 11.71 -47.83
N VAL B 1162 -16.85 12.54 -47.98
CA VAL B 1162 -18.07 12.50 -47.19
C VAL B 1162 -19.29 12.46 -48.10
N GLU B 1163 -20.42 12.01 -47.54
CA GLU B 1163 -21.71 12.16 -48.18
C GLU B 1163 -22.67 12.75 -47.16
N ILE B 1164 -23.20 13.95 -47.42
CA ILE B 1164 -24.13 14.57 -46.50
C ILE B 1164 -25.57 14.28 -46.93
N ASP B 1165 -26.45 14.20 -45.92
CA ASP B 1165 -27.89 14.17 -46.11
C ASP B 1165 -28.35 15.63 -46.01
N CYS B 1166 -28.70 16.24 -47.14
CA CYS B 1166 -29.02 17.66 -47.22
C CYS B 1166 -30.31 18.00 -46.47
N LEU B 1167 -31.14 17.00 -46.23
CA LEU B 1167 -32.42 17.16 -45.55
C LEU B 1167 -32.31 17.05 -44.01
N THR B 1168 -31.26 16.41 -43.47
CA THR B 1168 -31.19 16.16 -42.00
C THR B 1168 -29.92 16.74 -41.37
N GLY B 1169 -28.87 16.97 -42.16
CA GLY B 1169 -27.56 17.40 -41.65
C GLY B 1169 -26.65 16.26 -41.24
N ASP B 1170 -27.15 15.01 -41.28
CA ASP B 1170 -26.35 13.81 -41.03
C ASP B 1170 -25.36 13.69 -42.18
N HIS B 1171 -24.31 12.89 -41.98
CA HIS B 1171 -23.38 12.55 -43.04
C HIS B 1171 -22.66 11.24 -42.77
N LYS B 1172 -22.14 10.65 -43.86
CA LYS B 1172 -21.25 9.51 -43.79
C LYS B 1172 -19.83 9.92 -44.13
N ASN B 1173 -18.84 9.37 -43.41
CA ASN B 1173 -17.43 9.50 -43.75
C ASN B 1173 -17.09 8.28 -44.60
N LEU B 1174 -17.02 8.46 -45.92
CA LEU B 1174 -16.93 7.31 -46.87
C LEU B 1174 -15.52 6.75 -46.90
N ARG B 1175 -14.51 7.62 -46.90
CA ARG B 1175 -13.17 7.18 -47.05
C ARG B 1175 -12.21 8.29 -46.66
N THR B 1176 -11.13 7.86 -46.02
CA THR B 1176 -10.05 8.73 -45.59
C THR B 1176 -8.74 8.02 -45.93
N ASP B 1177 -7.82 8.73 -46.59
CA ASP B 1177 -6.45 8.25 -46.92
C ASP B 1177 -5.45 9.17 -46.23
N ILE B 1178 -4.61 8.60 -45.36
CA ILE B 1178 -3.60 9.36 -44.59
C ILE B 1178 -2.21 8.81 -44.98
N VAL B 1179 -1.31 9.71 -45.30
CA VAL B 1179 0.13 9.40 -45.38
C VAL B 1179 0.82 10.26 -44.33
N MET B 1180 1.47 9.62 -43.35
CA MET B 1180 2.10 10.32 -42.20
C MET B 1180 3.61 10.00 -42.13
N ASP B 1181 4.41 11.04 -41.91
CA ASP B 1181 5.83 10.87 -41.67
C ASP B 1181 6.04 10.71 -40.15
N VAL B 1182 6.38 9.48 -39.73
CA VAL B 1182 6.76 9.25 -38.35
C VAL B 1182 8.23 8.85 -38.29
N GLY B 1183 9.04 9.43 -39.19
CA GLY B 1183 10.44 9.02 -39.34
C GLY B 1183 10.54 7.51 -39.49
N SER B 1184 11.59 6.89 -38.95
CA SER B 1184 11.66 5.42 -38.85
C SER B 1184 10.89 5.06 -37.57
N SER B 1185 9.63 4.70 -37.73
CA SER B 1185 8.76 4.33 -36.61
C SER B 1185 9.50 3.39 -35.65
N LEU B 1186 9.47 3.71 -34.35
CA LEU B 1186 9.86 2.78 -33.25
C LEU B 1186 8.93 1.56 -33.20
N ASN B 1187 7.69 1.72 -33.67
CA ASN B 1187 6.68 0.66 -33.54
C ASN B 1187 5.51 1.04 -34.41
N PRO B 1188 5.46 0.49 -35.65
CA PRO B 1188 4.48 0.92 -36.62
C PRO B 1188 3.05 0.56 -36.21
N ALA B 1189 2.88 -0.48 -35.38
CA ALA B 1189 1.57 -0.83 -34.87
C ALA B 1189 1.06 0.30 -33.97
N ILE B 1190 1.90 0.68 -33.02
CA ILE B 1190 1.54 1.69 -32.10
C ILE B 1190 1.36 3.03 -32.83
N ASP B 1191 2.22 3.30 -33.81
CA ASP B 1191 2.19 4.60 -34.47
C ASP B 1191 0.96 4.70 -35.39
N ILE B 1192 0.58 3.61 -36.06
CA ILE B 1192 -0.65 3.62 -36.83
C ILE B 1192 -1.85 3.82 -35.89
N GLY B 1193 -1.83 3.13 -34.72
CA GLY B 1193 -2.83 3.35 -33.65
C GLY B 1193 -2.94 4.82 -33.28
N GLN B 1194 -1.81 5.54 -33.17
CA GLN B 1194 -1.81 6.93 -32.74
C GLN B 1194 -2.36 7.83 -33.85
N VAL B 1195 -1.96 7.55 -35.10
CA VAL B 1195 -2.55 8.30 -36.21
C VAL B 1195 -4.09 8.17 -36.20
N GLU B 1196 -4.58 6.94 -36.10
CA GLU B 1196 -6.02 6.68 -36.18
C GLU B 1196 -6.74 7.33 -35.00
N GLY B 1197 -6.20 7.12 -33.78
CA GLY B 1197 -6.74 7.66 -32.55
C GLY B 1197 -6.79 9.17 -32.57
N ALA B 1198 -5.66 9.78 -32.92
CA ALA B 1198 -5.54 11.26 -33.11
C ALA B 1198 -6.55 11.78 -34.14
N PHE B 1199 -6.60 11.10 -35.28
CA PHE B 1199 -7.49 11.49 -36.37
C PHE B 1199 -8.96 11.47 -35.89
N VAL B 1200 -9.35 10.40 -35.21
CA VAL B 1200 -10.73 10.28 -34.78
C VAL B 1200 -11.08 11.31 -33.70
N GLN B 1201 -10.17 11.66 -32.78
CA GLN B 1201 -10.43 12.77 -31.87
C GLN B 1201 -10.64 14.08 -32.62
N GLY B 1202 -9.85 14.31 -33.69
CA GLY B 1202 -10.00 15.51 -34.48
C GLY B 1202 -11.32 15.52 -35.27
N LEU B 1203 -11.73 14.34 -35.75
CA LEU B 1203 -13.02 14.09 -36.39
C LEU B 1203 -14.11 14.57 -35.42
N GLY B 1204 -13.97 14.16 -34.15
CA GLY B 1204 -14.84 14.65 -33.05
C GLY B 1204 -14.86 16.17 -32.91
N LEU B 1205 -13.66 16.77 -32.85
CA LEU B 1205 -13.50 18.20 -32.61
C LEU B 1205 -14.20 18.99 -33.71
N PHE B 1206 -14.03 18.55 -34.95
CA PHE B 1206 -14.44 19.37 -36.08
C PHE B 1206 -15.87 19.03 -36.55
N THR B 1207 -16.47 17.93 -36.09
CA THR B 1207 -17.78 17.54 -36.66
C THR B 1207 -18.85 17.06 -35.66
N MET B 1208 -18.50 16.73 -34.40
CA MET B 1208 -19.49 16.07 -33.55
C MET B 1208 -19.59 16.72 -32.17
N GLU B 1209 -18.44 17.10 -31.62
CA GLU B 1209 -18.34 17.36 -30.22
C GLU B 1209 -18.63 18.82 -29.95
N GLU B 1210 -19.62 19.05 -29.09
CA GLU B 1210 -20.05 20.39 -28.81
C GLU B 1210 -20.40 20.53 -27.32
N LEU B 1211 -19.88 21.59 -26.69
CA LEU B 1211 -20.20 21.92 -25.33
C LEU B 1211 -21.21 23.06 -25.32
N HIS B 1212 -22.24 22.95 -24.47
CA HIS B 1212 -23.27 24.00 -24.35
C HIS B 1212 -23.24 24.55 -22.93
N TYR B 1213 -23.28 25.89 -22.79
CA TYR B 1213 -23.34 26.59 -21.49
C TYR B 1213 -24.65 27.40 -21.41
N SER B 1214 -25.21 27.51 -20.21
CA SER B 1214 -26.27 28.49 -19.92
C SER B 1214 -25.75 29.91 -20.15
N PRO B 1215 -26.66 30.91 -20.28
CA PRO B 1215 -26.23 32.29 -20.42
C PRO B 1215 -25.36 32.74 -19.24
N GLU B 1216 -25.57 32.19 -18.04
CA GLU B 1216 -24.78 32.62 -16.88
C GLU B 1216 -23.58 31.68 -16.62
N GLY B 1217 -23.24 30.81 -17.57
CA GLY B 1217 -21.92 30.18 -17.63
C GLY B 1217 -21.83 28.80 -16.98
N SER B 1218 -22.97 28.15 -16.77
CA SER B 1218 -23.03 26.77 -16.25
C SER B 1218 -22.97 25.75 -17.39
N LEU B 1219 -21.94 24.88 -17.36
CA LEU B 1219 -21.81 23.85 -18.39
C LEU B 1219 -23.05 22.95 -18.34
N HIS B 1220 -23.75 22.78 -19.48
CA HIS B 1220 -24.92 21.89 -19.55
C HIS B 1220 -24.50 20.48 -19.96
N THR B 1221 -23.42 20.38 -20.72
CA THR B 1221 -22.97 19.16 -21.38
C THR B 1221 -22.00 18.41 -20.44
N ARG B 1222 -22.51 17.46 -19.65
CA ARG B 1222 -21.72 16.89 -18.55
C ARG B 1222 -21.65 15.35 -18.60
N GLY B 1223 -22.03 14.76 -19.73
CA GLY B 1223 -21.92 13.33 -19.86
C GLY B 1223 -22.13 12.89 -21.31
N PRO B 1224 -21.93 11.59 -21.60
CA PRO B 1224 -22.02 11.08 -22.98
C PRO B 1224 -23.43 11.13 -23.58
N SER B 1225 -24.48 11.28 -22.76
CA SER B 1225 -25.83 11.48 -23.29
C SER B 1225 -25.89 12.79 -24.12
N THR B 1226 -25.20 13.86 -23.68
CA THR B 1226 -25.22 15.18 -24.34
C THR B 1226 -23.89 15.51 -25.04
N TYR B 1227 -22.79 14.88 -24.65
CA TYR B 1227 -21.48 15.11 -25.29
C TYR B 1227 -21.14 13.88 -26.15
N LYS B 1228 -21.18 14.04 -27.48
CA LYS B 1228 -21.17 12.91 -28.39
C LYS B 1228 -19.79 12.76 -29.02
N ILE B 1229 -18.95 11.89 -28.43
CA ILE B 1229 -17.69 11.64 -29.05
C ILE B 1229 -17.92 10.61 -30.16
N PRO B 1230 -16.94 10.43 -31.08
CA PRO B 1230 -17.07 9.43 -32.13
C PRO B 1230 -17.38 8.03 -31.55
N ALA B 1231 -18.31 7.35 -32.22
CA ALA B 1231 -18.69 5.99 -31.96
C ALA B 1231 -18.05 5.08 -33.02
N PHE B 1232 -18.20 3.78 -32.81
CA PHE B 1232 -17.76 2.77 -33.77
C PHE B 1232 -18.29 3.09 -35.17
N GLY B 1233 -19.52 3.64 -35.29
CA GLY B 1233 -20.16 3.88 -36.61
C GLY B 1233 -19.78 5.24 -37.21
N SER B 1234 -18.93 6.00 -36.51
CA SER B 1234 -18.55 7.38 -36.89
C SER B 1234 -17.36 7.39 -37.84
N ILE B 1235 -16.55 6.32 -37.87
CA ILE B 1235 -15.20 6.38 -38.50
C ILE B 1235 -15.32 6.18 -40.01
N PRO B 1236 -14.32 6.62 -40.79
CA PRO B 1236 -14.39 6.45 -42.24
C PRO B 1236 -14.56 4.97 -42.62
N ILE B 1237 -15.48 4.71 -43.56
CA ILE B 1237 -15.81 3.35 -43.92
C ILE B 1237 -14.59 2.66 -44.53
N GLU B 1238 -13.92 3.37 -45.43
CA GLU B 1238 -12.66 2.93 -45.96
C GLU B 1238 -11.58 3.83 -45.33
N PHE B 1239 -10.73 3.21 -44.49
CA PHE B 1239 -9.80 3.91 -43.63
C PHE B 1239 -8.40 3.38 -43.94
N ARG B 1240 -7.63 4.20 -44.64
CA ARG B 1240 -6.33 3.83 -45.15
C ARG B 1240 -5.27 4.74 -44.51
N VAL B 1241 -4.27 4.10 -43.90
CA VAL B 1241 -3.18 4.80 -43.23
C VAL B 1241 -1.86 4.24 -43.72
N SER B 1242 -0.96 5.14 -44.13
CA SER B 1242 0.40 4.76 -44.61
C SER B 1242 1.44 5.55 -43.82
N LEU B 1243 2.46 4.85 -43.32
CA LEU B 1243 3.61 5.50 -42.73
C LEU B 1243 4.65 5.71 -43.83
N LEU B 1244 5.14 6.95 -43.96
CA LEU B 1244 6.07 7.30 -45.05
C LEU B 1244 7.30 6.41 -44.97
N ARG B 1245 7.69 5.83 -46.12
CA ARG B 1245 8.91 4.97 -46.27
C ARG B 1245 10.16 5.83 -46.38
N ASP B 1246 11.28 5.33 -45.85
CA ASP B 1246 12.60 5.84 -46.17
C ASP B 1246 12.71 7.32 -45.78
N CYS B 1247 12.50 7.62 -44.50
CA CYS B 1247 12.59 8.99 -44.06
C CYS B 1247 13.16 9.02 -42.64
N PRO B 1248 14.39 8.54 -42.41
CA PRO B 1248 14.97 8.55 -41.05
C PRO B 1248 15.11 10.00 -40.57
N ASN B 1249 14.83 10.20 -39.27
CA ASN B 1249 14.94 11.47 -38.62
C ASN B 1249 16.11 11.40 -37.64
N LYS B 1250 17.31 11.75 -38.12
CA LYS B 1250 18.61 11.85 -37.42
C LYS B 1250 18.48 12.21 -35.93
N ARG B 1251 17.81 13.33 -35.69
CA ARG B 1251 17.89 14.04 -34.40
C ARG B 1251 16.85 13.56 -33.37
N ALA B 1252 16.18 12.43 -33.60
CA ALA B 1252 15.41 11.79 -32.51
C ALA B 1252 15.77 10.32 -32.41
N ILE B 1253 15.40 9.69 -31.28
CA ILE B 1253 15.82 8.35 -30.94
C ILE B 1253 15.60 7.36 -32.09
N TYR B 1254 16.70 6.68 -32.49
CA TYR B 1254 16.76 5.67 -33.53
C TYR B 1254 15.99 6.14 -34.78
N ALA B 1255 16.08 7.45 -35.03
CA ALA B 1255 15.65 8.08 -36.29
C ALA B 1255 14.12 8.17 -36.41
N SER B 1256 13.42 8.03 -35.28
CA SER B 1256 11.97 8.09 -35.20
C SER B 1256 11.50 9.54 -35.20
N LYS B 1257 10.18 9.72 -35.28
CA LYS B 1257 9.58 10.96 -35.00
C LYS B 1257 8.40 10.74 -34.05
N ALA B 1258 8.12 11.79 -33.27
CA ALA B 1258 6.93 11.90 -32.47
C ALA B 1258 5.67 11.80 -33.36
N VAL B 1259 4.59 11.27 -32.77
CA VAL B 1259 3.38 10.94 -33.55
C VAL B 1259 2.08 11.38 -32.85
N GLY B 1260 2.09 11.62 -31.52
CA GLY B 1260 0.84 11.76 -30.72
C GLY B 1260 -0.16 12.79 -31.27
N GLU B 1261 0.30 14.02 -31.45
CA GLU B 1261 -0.59 15.16 -31.74
C GLU B 1261 -0.72 15.47 -33.24
N PRO B 1262 0.39 15.45 -34.02
CA PRO B 1262 0.35 15.94 -35.41
C PRO B 1262 -0.79 15.43 -36.27
N PRO B 1263 -1.26 14.16 -36.14
CA PRO B 1263 -2.31 13.67 -37.03
C PRO B 1263 -3.71 14.23 -36.75
N LEU B 1264 -3.93 14.83 -35.59
CA LEU B 1264 -5.27 15.17 -35.16
C LEU B 1264 -5.89 16.15 -36.16
N PHE B 1265 -5.11 17.17 -36.50
CA PHE B 1265 -5.59 18.25 -37.36
C PHE B 1265 -6.00 17.71 -38.73
N LEU B 1266 -5.44 16.58 -39.18
CA LEU B 1266 -5.76 16.06 -40.52
C LEU B 1266 -7.24 15.64 -40.68
N ALA B 1267 -7.96 15.47 -39.57
CA ALA B 1267 -9.44 15.25 -39.63
C ALA B 1267 -10.15 16.50 -40.16
N SER B 1268 -9.45 17.63 -40.27
CA SER B 1268 -9.99 18.83 -40.91
C SER B 1268 -10.37 18.51 -42.36
N SER B 1269 -9.76 17.48 -42.94
CA SER B 1269 -10.14 17.03 -44.28
C SER B 1269 -11.63 16.64 -44.34
N ILE B 1270 -12.19 16.08 -43.27
CA ILE B 1270 -13.62 15.77 -43.20
C ILE B 1270 -14.40 17.08 -43.13
N PHE B 1271 -13.96 18.01 -42.27
CA PHE B 1271 -14.59 19.31 -42.16
C PHE B 1271 -14.68 20.01 -43.53
N PHE B 1272 -13.58 19.99 -44.30
CA PHE B 1272 -13.60 20.75 -45.57
C PHE B 1272 -14.29 19.95 -46.69
N ALA B 1273 -14.27 18.63 -46.60
CA ALA B 1273 -15.12 17.79 -47.48
C ALA B 1273 -16.61 18.13 -47.26
N ILE B 1274 -17.03 18.25 -46.00
CA ILE B 1274 -18.38 18.65 -45.68
C ILE B 1274 -18.70 20.03 -46.27
N LYS B 1275 -17.76 20.96 -46.12
CA LYS B 1275 -17.92 22.31 -46.65
C LYS B 1275 -18.11 22.24 -48.17
N ASP B 1276 -17.31 21.39 -48.85
CA ASP B 1276 -17.39 21.12 -50.32
C ASP B 1276 -18.81 20.59 -50.66
N ALA B 1277 -19.25 19.58 -49.92
CA ALA B 1277 -20.64 19.02 -50.12
C ALA B 1277 -21.75 20.06 -49.90
N ILE B 1278 -21.60 20.91 -48.86
CA ILE B 1278 -22.58 21.95 -48.60
C ILE B 1278 -22.67 22.91 -49.77
N ARG B 1279 -21.51 23.31 -50.29
CA ARG B 1279 -21.44 24.18 -51.45
C ARG B 1279 -22.30 23.59 -52.58
N ALA B 1280 -22.10 22.30 -52.88
CA ALA B 1280 -22.82 21.60 -53.94
C ALA B 1280 -24.33 21.64 -53.69
N ALA B 1281 -24.72 21.47 -52.43
CA ALA B 1281 -26.16 21.51 -52.05
C ALA B 1281 -26.69 22.93 -52.23
N ARG B 1282 -25.89 23.93 -51.88
CA ARG B 1282 -26.29 25.31 -52.04
C ARG B 1282 -26.42 25.64 -53.54
N ALA B 1283 -25.46 25.18 -54.35
CA ALA B 1283 -25.47 25.45 -55.80
C ALA B 1283 -26.72 24.82 -56.42
N GLN B 1284 -27.14 23.67 -55.87
CA GLN B 1284 -28.33 22.96 -56.33
C GLN B 1284 -29.59 23.82 -56.12
N HIS B 1285 -29.60 24.75 -55.14
CA HIS B 1285 -30.74 25.70 -54.98
C HIS B 1285 -30.35 27.14 -55.41
N GLY B 1286 -29.56 27.27 -56.48
CA GLY B 1286 -29.35 28.53 -57.21
C GLY B 1286 -28.30 29.45 -56.59
N ASP B 1287 -27.63 29.02 -55.50
CA ASP B 1287 -26.58 29.79 -54.79
C ASP B 1287 -25.41 30.04 -55.76
N ASN B 1288 -24.77 31.21 -55.64
CA ASN B 1288 -23.46 31.40 -56.26
C ASN B 1288 -22.51 30.37 -55.64
N ALA B 1289 -21.58 29.82 -56.43
CA ALA B 1289 -20.60 28.87 -55.91
C ALA B 1289 -19.21 29.53 -55.89
N LYS B 1290 -19.20 30.88 -55.87
CA LYS B 1290 -18.11 31.69 -55.31
C LYS B 1290 -18.58 32.40 -54.03
N GLN B 1291 -19.79 32.07 -53.56
CA GLN B 1291 -20.35 32.56 -52.33
C GLN B 1291 -19.62 31.92 -51.15
N LEU B 1292 -19.19 32.76 -50.20
CA LEU B 1292 -18.37 32.34 -49.09
C LEU B 1292 -19.23 32.17 -47.84
N PHE B 1293 -20.02 31.10 -47.79
CA PHE B 1293 -20.98 30.96 -46.72
C PHE B 1293 -20.19 30.59 -45.47
N GLN B 1294 -20.82 30.74 -44.30
CA GLN B 1294 -20.20 30.49 -43.02
C GLN B 1294 -20.34 29.02 -42.65
N LEU B 1295 -19.24 28.44 -42.13
CA LEU B 1295 -19.30 27.16 -41.46
C LEU B 1295 -18.35 27.19 -40.26
N ASP B 1296 -18.87 27.52 -39.06
CA ASP B 1296 -18.07 27.45 -37.83
C ASP B 1296 -17.80 25.99 -37.48
N SER B 1297 -16.85 25.76 -36.56
CA SER B 1297 -16.54 24.45 -36.06
C SER B 1297 -17.08 24.36 -34.64
N PRO B 1298 -17.67 23.22 -34.29
CA PRO B 1298 -17.78 22.04 -35.10
C PRO B 1298 -18.91 22.11 -36.16
N ALA B 1299 -18.71 21.41 -37.28
CA ALA B 1299 -19.73 21.26 -38.35
C ALA B 1299 -20.65 20.08 -37.98
N THR B 1300 -21.59 20.39 -37.10
CA THR B 1300 -22.56 19.48 -36.57
C THR B 1300 -23.72 19.32 -37.55
N PRO B 1301 -24.61 18.32 -37.36
CA PRO B 1301 -25.83 18.24 -38.17
C PRO B 1301 -26.61 19.58 -38.19
N GLU B 1302 -26.68 20.30 -37.05
CA GLU B 1302 -27.36 21.60 -37.00
C GLU B 1302 -26.77 22.55 -38.04
N LYS B 1303 -25.44 22.70 -38.01
CA LYS B 1303 -24.75 23.68 -38.87
C LYS B 1303 -24.84 23.25 -40.34
N ILE B 1304 -24.71 21.94 -40.60
CA ILE B 1304 -24.74 21.42 -41.97
C ILE B 1304 -26.15 21.62 -42.54
N ARG B 1305 -27.18 21.23 -41.77
CA ARG B 1305 -28.52 21.34 -42.26
C ARG B 1305 -28.87 22.80 -42.54
N ASN B 1306 -28.49 23.70 -41.62
CA ASN B 1306 -28.92 25.08 -41.71
C ASN B 1306 -28.25 25.76 -42.93
N ALA B 1307 -27.05 25.28 -43.28
CA ALA B 1307 -26.28 25.83 -44.37
C ALA B 1307 -26.78 25.31 -45.73
N CYS B 1308 -27.56 24.22 -45.72
CA CYS B 1308 -28.15 23.66 -46.93
C CYS B 1308 -29.47 24.38 -47.22
N VAL B 1309 -29.35 25.66 -47.55
CA VAL B 1309 -30.49 26.56 -47.78
C VAL B 1309 -31.35 25.95 -48.90
N ASP B 1310 -32.66 25.90 -48.64
CA ASP B 1310 -33.63 25.35 -49.57
C ASP B 1310 -35.02 25.93 -49.26
N GLN B 1311 -36.06 25.38 -49.88
CA GLN B 1311 -37.47 25.85 -49.73
C GLN B 1311 -37.95 25.62 -48.29
N PHE B 1312 -37.40 24.60 -47.61
CA PHE B 1312 -37.77 24.26 -46.24
C PHE B 1312 -37.13 25.21 -45.24
N THR B 1313 -35.81 25.44 -45.33
CA THR B 1313 -35.16 26.41 -44.46
C THR B 1313 -35.76 27.82 -44.66
N THR B 1314 -36.00 28.18 -45.93
CA THR B 1314 -36.50 29.50 -46.28
C THR B 1314 -37.86 29.72 -45.62
N LEU B 1315 -38.73 28.71 -45.68
CA LEU B 1315 -40.07 28.84 -45.11
C LEU B 1315 -39.99 28.93 -43.57
N CYS B 1316 -39.14 28.10 -42.97
CA CYS B 1316 -39.06 28.07 -41.52
C CYS B 1316 -38.51 29.39 -40.94
N VAL B 1317 -37.55 30.03 -41.63
CA VAL B 1317 -36.86 31.21 -41.09
C VAL B 1317 -37.66 32.47 -41.46
N THR B 1318 -38.10 32.49 -42.71
CA THR B 1318 -38.46 33.69 -43.40
C THR B 1318 -39.97 33.85 -43.39
N GLY B 1319 -40.67 32.71 -43.35
CA GLY B 1319 -42.11 32.65 -43.52
C GLY B 1319 -42.54 32.57 -44.98
N VAL B 1320 -41.58 32.47 -45.92
CA VAL B 1320 -41.83 32.39 -47.38
C VAL B 1320 -41.51 30.98 -47.91
PA NAD C . 5.03 -25.02 35.53
O1A NAD C . 5.23 -25.23 34.04
O2A NAD C . 3.73 -25.43 36.19
O5B NAD C . 6.23 -25.82 36.28
C5B NAD C . 7.60 -25.56 35.93
C4B NAD C . 8.51 -25.59 37.16
O4B NAD C . 7.81 -26.13 38.28
C3B NAD C . 9.73 -26.49 36.98
O3B NAD C . 10.88 -25.83 36.47
C2B NAD C . 10.02 -26.97 38.38
O2B NAD C . 10.75 -26.07 39.18
C1B NAD C . 8.67 -27.07 38.99
N9A NAD C . 8.27 -28.50 38.94
C8A NAD C . 7.21 -29.01 38.27
N7A NAD C . 7.14 -30.35 38.44
C5A NAD C . 8.16 -30.72 39.22
C6A NAD C . 8.65 -32.00 39.79
N6A NAD C . 7.97 -33.13 39.49
N1A NAD C . 9.77 -32.00 40.57
C2A NAD C . 10.42 -30.86 40.84
N3A NAD C . 10.00 -29.66 40.35
C4A NAD C . 8.91 -29.52 39.56
O3 NAD C . 5.33 -23.44 35.89
PN NAD C . 4.64 -22.13 35.17
O1N NAD C . 5.69 -20.88 35.05
O2N NAD C . 4.31 -22.62 33.76
O5D NAD C . 3.57 -21.60 36.13
N1 URC D . 29.99 -11.51 7.50
C2 URC D . 30.89 -11.08 8.45
C6 URC D . 28.64 -11.49 7.67
N3 URC D . 30.47 -10.59 9.63
O11 URC D . 32.11 -11.13 8.17
C4 URC D . 29.16 -10.51 9.95
C5 URC D . 28.11 -10.95 8.96
N9 URC D . 28.45 -10.08 11.01
O13 URC D . 27.83 -11.93 6.76
N7 URC D . 26.88 -10.79 9.56
C8 URC D . 27.16 -10.29 10.76
O24 URC D . 26.26 -10.03 11.64
C BCT E . 27.28 -16.45 15.44
O1 BCT E . 28.13 -15.87 16.28
O2 BCT E . 27.00 -17.65 15.62
O3 BCT E . 26.74 -15.79 14.51
FE1 FES F . 5.45 -8.42 26.01
FE2 FES F . 2.81 -7.65 26.51
S1 FES F . 3.78 -7.95 24.55
S2 FES F . 4.47 -7.96 27.95
FE1 FES G . 14.74 -0.79 23.07
FE2 FES G . 15.23 -1.47 20.56
S1 FES G . 14.34 -2.78 22.08
S2 FES G . 15.55 0.55 21.44
PA FAD H . -5.99 -15.17 37.17
O1A FAD H . -5.06 -15.60 36.06
O2A FAD H . -7.14 -14.26 36.95
O5B FAD H . -6.50 -16.53 37.89
C5B FAD H . -5.59 -17.58 38.20
C4B FAD H . -6.24 -18.80 38.87
O4B FAD H . -6.82 -18.44 40.11
C3B FAD H . -7.42 -19.33 38.06
O3B FAD H . -7.52 -20.74 38.14
C2B FAD H . -8.65 -18.72 38.67
O2B FAD H . -9.82 -19.48 38.34
C1B FAD H . -8.25 -18.70 40.12
N9A FAD H . -8.81 -17.66 41.03
C8A FAD H . -8.51 -16.36 41.07
N7A FAD H . -9.12 -15.76 42.10
C5A FAD H . -9.80 -16.72 42.77
C6A FAD H . -10.64 -16.82 43.98
N6A FAD H . -10.93 -15.73 44.71
N1A FAD H . -11.15 -18.04 44.32
C2A FAD H . -10.87 -19.14 43.58
N3A FAD H . -10.10 -19.13 42.48
C4A FAD H . -9.57 -17.97 42.07
N1 FAD H . 3.94 -15.79 40.06
C2 FAD H . 4.81 -15.90 41.10
O2 FAD H . 4.53 -16.56 42.15
N3 FAD H . 6.00 -15.27 41.07
C4 FAD H . 6.42 -14.51 40.07
O4 FAD H . 7.57 -13.96 40.10
C4X FAD H . 5.52 -14.37 38.90
N5 FAD H . 5.90 -13.64 37.82
C5X FAD H . 5.09 -13.52 36.77
C6 FAD H . 5.52 -12.76 35.67
C7 FAD H . 4.74 -12.60 34.54
C7M FAD H . 5.22 -11.76 33.36
C8 FAD H . 3.42 -13.24 34.55
C8M FAD H . 2.49 -13.08 33.36
C9 FAD H . 2.98 -14.01 35.64
C9A FAD H . 3.78 -14.19 36.75
N10 FAD H . 3.36 -14.95 37.89
C10 FAD H . 4.26 -15.09 38.96
C1' FAD H . 2.06 -15.65 37.92
C2' FAD H . 0.85 -14.74 38.12
O2' FAD H . 1.21 -13.38 37.90
C3' FAD H . 0.35 -14.80 39.54
O3' FAD H . 0.12 -16.17 39.92
C4' FAD H . -0.85 -13.91 39.78
O4' FAD H . -0.97 -13.76 41.20
C5' FAD H . -2.12 -14.56 39.27
O5' FAD H . -3.19 -13.73 39.70
P FAD H . -4.35 -13.27 38.66
O1P FAD H . -5.28 -12.45 39.48
O2P FAD H . -3.71 -12.72 37.38
O3P FAD H . -4.98 -14.69 38.36
FE1 FES I . -8.67 3.87 -24.18
FE2 FES I . -10.44 2.45 -25.50
S1 FES I . -10.85 4.26 -24.19
S2 FES I . -8.23 2.03 -25.41
FE1 FES J . -21.97 2.19 -17.29
FE2 FES J . -20.66 4.23 -18.71
S1 FES J . -20.10 3.32 -16.70
S2 FES J . -22.39 2.89 -19.36
PA NAD K . -35.90 16.48 -20.95
O1A NAD K . -34.45 16.10 -20.65
O2A NAD K . -36.55 17.67 -20.26
O5B NAD K . -36.01 16.78 -22.55
C5B NAD K . -35.54 18.07 -22.99
C4B NAD K . -35.86 18.24 -24.45
O4B NAD K . -37.30 18.31 -24.60
C3B NAD K . -35.31 19.50 -25.07
O3B NAD K . -34.06 19.28 -25.70
C2B NAD K . -36.38 19.84 -26.11
O2B NAD K . -36.25 19.04 -27.26
C1B NAD K . -37.68 19.37 -25.51
N9A NAD K . -38.48 20.40 -24.78
C8A NAD K . -38.75 20.42 -23.45
N7A NAD K . -39.54 21.48 -23.13
C5A NAD K . -39.79 22.14 -24.27
C6A NAD K . -40.57 23.31 -24.64
N6A NAD K . -41.23 24.06 -23.74
N1A NAD K . -40.56 23.69 -25.91
C2A NAD K . -39.89 23.00 -26.83
N3A NAD K . -39.16 21.90 -26.60
C4A NAD K . -39.09 21.43 -25.34
O3 NAD K . -36.78 15.14 -20.69
N1 URC L . 3.67 22.30 -24.62
C2 URC L . 3.59 22.12 -25.98
C6 URC L . 2.88 21.59 -23.76
N3 URC L . 2.72 21.22 -26.56
O11 URC L . 4.31 22.80 -26.78
C4 URC L . 1.88 20.44 -25.82
C5 URC L . 1.90 20.61 -24.31
N9 URC L . 0.95 19.51 -26.09
O13 URC L . 2.95 21.76 -22.51
N7 URC L . 0.97 19.71 -23.81
C8 URC L . 0.44 19.13 -24.89
O24 URC L . -0.53 18.28 -24.81
C BCT M . -5.81 23.40 -26.58
O1 BCT M . -5.09 22.89 -25.65
O2 BCT M . -5.71 23.15 -27.82
O3 BCT M . -6.73 24.25 -26.22
PA FAD N . -37.55 2.45 -15.58
O1A FAD N . -36.36 3.39 -15.50
O2A FAD N . -37.50 1.15 -14.85
O5B FAD N . -38.93 3.18 -15.31
C5B FAD N . -39.30 4.29 -16.14
C4B FAD N . -40.59 4.90 -15.70
O4B FAD N . -41.74 4.09 -16.12
C3B FAD N . -40.75 5.04 -14.20
O3B FAD N . -41.44 6.28 -13.90
C2B FAD N . -41.55 3.86 -13.77
O2B FAD N . -42.31 4.05 -12.59
C1B FAD N . -42.49 3.70 -14.92
N9A FAD N . -42.96 2.39 -15.28
C8A FAD N . -42.29 1.35 -15.79
N7A FAD N . -43.16 0.33 -16.11
C5A FAD N . -44.38 0.79 -15.84
C6A FAD N . -45.70 0.24 -16.01
N6A FAD N . -45.80 -0.99 -16.49
N1A FAD N . -46.75 0.98 -15.62
C2A FAD N . -46.57 2.23 -15.16
N3A FAD N . -45.38 2.81 -14.93
C4A FAD N . -44.26 2.12 -15.31
N1 FAD N . -35.17 6.74 -24.72
C2 FAD N . -35.58 6.96 -25.97
O2 FAD N . -36.80 7.22 -26.21
N3 FAD N . -34.70 6.95 -26.99
C4 FAD N . -33.39 6.69 -26.83
O4 FAD N . -32.62 6.70 -27.81
C4X FAD N . -32.89 6.43 -25.48
N5 FAD N . -31.57 6.20 -25.28
C5X FAD N . -31.12 6.00 -24.05
C6 FAD N . -29.79 5.76 -23.86
C7 FAD N . -29.29 5.52 -22.56
C7M FAD N . -27.81 5.27 -22.32
C8 FAD N . -30.21 5.52 -21.41
C8M FAD N . -29.73 5.27 -19.99
C9 FAD N . -31.55 5.79 -21.62
C9A FAD N . -32.04 6.02 -22.90
N10 FAD N . -33.44 6.23 -23.09
C10 FAD N . -33.86 6.47 -24.42
C1' FAD N . -34.46 6.29 -22.00
C2' FAD N . -34.80 4.91 -21.38
O2' FAD N . -33.85 3.93 -21.77
C3' FAD N . -36.12 4.42 -21.86
O3' FAD N . -37.09 5.43 -21.56
C4' FAD N . -36.46 3.06 -21.26
O4' FAD N . -37.45 2.52 -22.13
C5' FAD N . -37.06 3.10 -19.87
O5' FAD N . -37.40 1.77 -19.56
P FAD N . -37.05 1.09 -18.16
O1P FAD N . -37.79 -0.19 -18.07
O2P FAD N . -35.57 1.10 -17.92
O3P FAD N . -37.76 2.16 -17.21
#